data_6H78
#
_entry.id   6H78
#
_cell.length_a   143.860
_cell.length_b   151.933
_cell.length_c   153.543
_cell.angle_alpha   90.00
_cell.angle_beta   93.07
_cell.angle_gamma   90.00
#
_symmetry.space_group_name_H-M   'P 1 21 1'
#
loop_
_entity.id
_entity.type
_entity.pdbx_description
1 polymer 'Ubiquitin-like modifier-activating enzyme 5'
2 non-polymer "ADENOSINE-5'-TRIPHOSPHATE"
3 non-polymer 'MAGNESIUM ION'
4 non-polymer 'ZINC ION'
5 non-polymer 1,2-ETHANEDIOL
6 non-polymer 'CHLORIDE ION'
7 water water
#
_entity_poly.entity_id   1
_entity_poly.type   'polypeptide(L)'
_entity_poly.pdbx_seq_one_letter_code
;GRVRIEKMSSEVVDSNPYSRLMALKRMGIVSDYEKIRTFAVAIVGVGGVGSVTAEMLTRCGIGKLLLFDYDKVELANMNR
LFFQPHQAGLSKVQAAEHTLRNINPDVLFEVHNYNITTVENFQHFMDRISNGGLEEGKPVDLVLSCVDNFEARMTINTAC
NELGQTWMESGVSENAVSGHIQLIIPGESACFACAPPLVVAANIDEKTLKREGVCAASLPTTMGVVAGILVQNVLKFLLN
FGTVSFYLGYNAMQDFFPTMSMKPNPQCDDRNCRKQQEEYKKKVAALPKQEVIQEEEEII
;
_entity_poly.pdbx_strand_id   A,B,C,D,E,F,G,H,I,J,K,L,M,N,O,P
#
# COMPACT_ATOMS: atom_id res chain seq x y z
N GLY A 1 -31.74 23.95 7.42
CA GLY A 1 -32.75 22.84 7.47
C GLY A 1 -32.44 21.72 6.46
N ARG A 2 -33.21 20.63 6.54
CA ARG A 2 -32.98 19.47 5.70
C ARG A 2 -34.07 19.32 4.64
N VAL A 3 -33.67 19.15 3.39
CA VAL A 3 -34.63 19.00 2.30
C VAL A 3 -34.97 17.53 2.09
N ARG A 4 -36.24 17.28 1.66
CA ARG A 4 -36.70 15.95 1.29
C ARG A 4 -35.77 15.37 0.22
N ILE A 5 -35.43 14.08 0.35
CA ILE A 5 -34.68 13.40 -0.69
C ILE A 5 -35.56 12.30 -1.27
N GLU A 6 -35.73 12.31 -2.60
CA GLU A 6 -36.59 11.32 -3.23
C GLU A 6 -35.87 9.97 -3.29
N LYS A 7 -34.60 9.98 -3.73
CA LYS A 7 -33.83 8.75 -3.90
C LYS A 7 -32.53 8.88 -3.11
N MET A 8 -32.31 7.96 -2.16
CA MET A 8 -31.11 7.97 -1.33
C MET A 8 -29.88 7.88 -2.23
N SER A 9 -28.79 8.51 -1.78
CA SER A 9 -27.61 8.59 -2.61
C SER A 9 -26.35 8.28 -1.79
N SER A 10 -25.40 7.62 -2.47
CA SER A 10 -24.08 7.27 -1.97
C SER A 10 -23.14 8.46 -2.03
N GLU A 11 -23.56 9.53 -2.72
CA GLU A 11 -22.68 10.64 -3.04
C GLU A 11 -22.13 11.19 -1.74
N VAL A 12 -20.80 11.22 -1.64
CA VAL A 12 -20.17 11.62 -0.40
C VAL A 12 -20.00 13.13 -0.42
N VAL A 13 -21.01 13.84 0.07
CA VAL A 13 -20.98 15.30 0.16
C VAL A 13 -21.61 15.70 1.50
N ASP A 14 -21.19 16.87 1.99
CA ASP A 14 -21.55 17.39 3.31
C ASP A 14 -23.05 17.67 3.43
N SER A 15 -23.75 17.76 2.28
CA SER A 15 -25.17 18.08 2.24
C SER A 15 -26.03 16.82 2.19
N ASN A 16 -25.38 15.67 2.01
CA ASN A 16 -26.06 14.39 1.94
C ASN A 16 -26.17 13.76 3.33
N PRO A 17 -27.34 13.74 3.98
CA PRO A 17 -27.49 13.23 5.33
C PRO A 17 -27.55 11.70 5.34
N TYR A 18 -27.40 11.09 4.16
CA TYR A 18 -27.47 9.66 3.97
C TYR A 18 -26.11 9.09 3.55
N SER A 19 -25.16 9.97 3.26
CA SER A 19 -23.86 9.55 2.75
C SER A 19 -23.21 8.48 3.65
N ARG A 20 -23.18 8.72 4.96
CA ARG A 20 -22.48 7.84 5.90
C ARG A 20 -23.29 6.56 6.17
N LEU A 21 -24.56 6.56 5.80
CA LEU A 21 -25.34 5.35 5.94
C LEU A 21 -25.14 4.47 4.71
N MET A 22 -25.10 5.09 3.52
CA MET A 22 -25.00 4.36 2.27
C MET A 22 -23.56 3.90 2.08
N ALA A 23 -22.69 4.37 2.96
CA ALA A 23 -21.31 3.91 2.96
C ALA A 23 -21.28 2.42 3.31
N LEU A 24 -22.30 1.95 4.06
CA LEU A 24 -22.38 0.55 4.44
C LEU A 24 -22.42 -0.33 3.20
N LYS A 25 -22.89 0.22 2.06
CA LYS A 25 -23.09 -0.53 0.83
C LYS A 25 -21.76 -0.84 0.17
N ARG A 26 -20.91 0.16 0.02
CA ARG A 26 -19.65 -0.01 -0.69
C ARG A 26 -18.60 -0.58 0.25
N MET A 27 -19.03 -0.95 1.46
CA MET A 27 -18.14 -1.60 2.40
C MET A 27 -18.66 -3.00 2.74
N GLY A 28 -19.67 -3.46 1.99
CA GLY A 28 -20.16 -4.83 2.06
C GLY A 28 -20.61 -5.25 3.45
N ILE A 29 -21.06 -4.27 4.24
CA ILE A 29 -21.85 -4.54 5.43
C ILE A 29 -23.30 -4.77 5.02
N VAL A 30 -23.90 -3.81 4.31
CA VAL A 30 -25.29 -3.94 3.92
C VAL A 30 -25.36 -3.68 2.41
N SER A 31 -25.79 -4.68 1.64
CA SER A 31 -25.76 -4.59 0.18
C SER A 31 -26.92 -3.77 -0.37
N ASP A 32 -28.03 -3.70 0.38
CA ASP A 32 -29.26 -3.06 -0.07
C ASP A 32 -29.77 -2.09 1.01
N TYR A 33 -29.00 -1.05 1.33
CA TYR A 33 -29.33 -0.18 2.45
C TYR A 33 -30.65 0.58 2.24
N GLU A 34 -30.90 1.00 0.99
CA GLU A 34 -32.02 1.87 0.64
C GLU A 34 -33.35 1.21 0.96
N LYS A 35 -33.34 -0.12 1.14
CA LYS A 35 -34.56 -0.89 1.41
C LYS A 35 -35.18 -0.45 2.73
N ILE A 36 -34.40 0.26 3.57
CA ILE A 36 -34.89 0.73 4.86
C ILE A 36 -36.13 1.61 4.67
N ARG A 37 -36.18 2.30 3.52
CA ARG A 37 -37.24 3.23 3.19
CA ARG A 37 -37.23 3.23 3.15
C ARG A 37 -38.57 2.51 2.99
N THR A 38 -38.52 1.21 2.75
CA THR A 38 -39.72 0.45 2.44
C THR A 38 -40.36 -0.17 3.68
N PHE A 39 -39.83 0.09 4.88
CA PHE A 39 -40.39 -0.55 6.05
C PHE A 39 -41.18 0.42 6.95
N ALA A 40 -42.18 -0.13 7.65
CA ALA A 40 -42.93 0.53 8.70
C ALA A 40 -42.68 -0.16 10.05
N VAL A 41 -42.42 0.63 11.08
CA VAL A 41 -42.26 0.09 12.43
C VAL A 41 -43.15 0.85 13.40
N ALA A 42 -43.85 0.09 14.25
CA ALA A 42 -44.70 0.66 15.26
C ALA A 42 -43.97 0.60 16.60
N ILE A 43 -44.01 1.70 17.37
CA ILE A 43 -43.33 1.82 18.65
C ILE A 43 -44.35 2.18 19.72
N VAL A 44 -44.59 1.24 20.65
CA VAL A 44 -45.47 1.41 21.80
C VAL A 44 -44.60 1.78 22.99
N GLY A 45 -44.89 2.96 23.57
CA GLY A 45 -44.12 3.57 24.62
C GLY A 45 -43.04 4.47 24.03
N VAL A 46 -43.24 5.78 24.16
CA VAL A 46 -42.27 6.68 23.58
C VAL A 46 -41.54 7.40 24.71
N GLY A 47 -41.10 6.61 25.70
CA GLY A 47 -40.35 7.12 26.84
C GLY A 47 -38.85 7.05 26.59
N GLY A 48 -38.10 6.65 27.63
CA GLY A 48 -36.65 6.62 27.60
C GLY A 48 -36.13 5.81 26.41
N VAL A 49 -36.55 4.55 26.35
CA VAL A 49 -36.14 3.66 25.27
C VAL A 49 -36.81 4.11 23.96
N GLY A 50 -38.14 4.27 24.00
CA GLY A 50 -38.89 4.50 22.77
C GLY A 50 -38.41 5.73 21.99
N SER A 51 -38.27 6.85 22.69
CA SER A 51 -37.92 8.10 22.06
C SER A 51 -36.59 7.96 21.32
N VAL A 52 -35.55 7.43 22.00
CA VAL A 52 -34.26 7.22 21.36
C VAL A 52 -34.38 6.22 20.20
N THR A 53 -35.16 5.15 20.39
CA THR A 53 -35.41 4.14 19.37
C THR A 53 -35.96 4.81 18.12
N ALA A 54 -36.98 5.66 18.33
CA ALA A 54 -37.64 6.42 17.29
C ALA A 54 -36.64 7.32 16.54
N GLU A 55 -35.81 8.01 17.32
CA GLU A 55 -34.80 8.88 16.77
C GLU A 55 -33.83 8.08 15.91
N MET A 56 -33.45 6.89 16.39
CA MET A 56 -32.46 6.07 15.72
C MET A 56 -33.02 5.61 14.38
N LEU A 57 -34.27 5.18 14.40
CA LEU A 57 -34.87 4.71 13.15
C LEU A 57 -35.09 5.86 12.18
N THR A 58 -35.44 7.04 12.74
CA THR A 58 -35.70 8.22 11.94
C THR A 58 -34.46 8.62 11.16
N ARG A 59 -33.33 8.70 11.87
CA ARG A 59 -32.06 9.11 11.27
C ARG A 59 -31.60 8.04 10.28
N CYS A 60 -32.03 6.80 10.49
CA CYS A 60 -31.62 5.72 9.61
C CYS A 60 -32.35 5.83 8.28
N GLY A 61 -33.56 6.38 8.33
CA GLY A 61 -34.37 6.57 7.14
C GLY A 61 -35.49 5.53 7.01
N ILE A 62 -35.99 5.09 8.17
CA ILE A 62 -37.13 4.20 8.18
C ILE A 62 -38.24 4.82 7.33
N GLY A 63 -39.01 3.97 6.65
CA GLY A 63 -40.14 4.39 5.83
C GLY A 63 -41.25 5.09 6.62
N LYS A 64 -41.70 4.48 7.72
CA LYS A 64 -42.82 4.97 8.51
C LYS A 64 -42.73 4.47 9.96
N LEU A 65 -43.07 5.38 10.88
CA LEU A 65 -43.13 5.06 12.30
C LEU A 65 -44.55 5.31 12.78
N LEU A 66 -45.05 4.39 13.59
CA LEU A 66 -46.31 4.58 14.31
C LEU A 66 -45.97 4.66 15.79
N LEU A 67 -46.27 5.82 16.39
CA LEU A 67 -45.94 6.08 17.78
C LEU A 67 -47.22 6.02 18.61
N PHE A 68 -47.20 5.21 19.67
CA PHE A 68 -48.29 5.03 20.61
C PHE A 68 -47.78 5.32 22.01
N ASP A 69 -48.48 6.19 22.74
CA ASP A 69 -48.13 6.59 24.09
C ASP A 69 -49.25 7.47 24.62
N TYR A 70 -49.57 7.32 25.91
CA TYR A 70 -50.70 8.01 26.50
C TYR A 70 -50.25 9.17 27.40
N ASP A 71 -48.94 9.42 27.51
CA ASP A 71 -48.41 10.31 28.54
C ASP A 71 -47.89 11.63 27.93
N LYS A 72 -47.85 12.66 28.77
CA LYS A 72 -47.21 13.94 28.48
C LYS A 72 -45.75 13.88 28.95
N VAL A 73 -44.89 14.61 28.26
CA VAL A 73 -43.54 14.91 28.71
C VAL A 73 -43.59 15.67 30.05
N GLU A 74 -42.71 15.28 30.99
CA GLU A 74 -42.59 15.94 32.28
C GLU A 74 -41.12 16.27 32.54
N LEU A 75 -40.85 17.23 33.42
CA LEU A 75 -39.47 17.63 33.72
C LEU A 75 -38.71 16.44 34.31
N ALA A 76 -39.45 15.56 35.00
CA ALA A 76 -38.96 14.33 35.59
C ALA A 76 -38.46 13.35 34.50
N ASN A 77 -38.73 13.65 33.23
CA ASN A 77 -38.23 12.80 32.17
C ASN A 77 -36.88 13.33 31.67
N MET A 78 -36.43 14.45 32.22
CA MET A 78 -35.29 15.15 31.63
C MET A 78 -33.97 14.46 31.98
N ASN A 79 -34.06 13.42 32.80
CA ASN A 79 -32.89 12.62 33.10
C ASN A 79 -32.61 11.69 31.91
N ARG A 80 -33.62 11.39 31.11
CA ARG A 80 -33.45 10.56 29.92
C ARG A 80 -33.31 11.43 28.67
N LEU A 81 -32.86 10.82 27.56
CA LEU A 81 -32.50 11.54 26.33
C LEU A 81 -33.74 11.96 25.54
N PHE A 82 -33.47 12.72 24.46
CA PHE A 82 -34.41 13.17 23.44
C PHE A 82 -35.25 14.38 23.86
N PHE A 83 -36.24 14.20 24.75
CA PHE A 83 -37.13 15.28 25.11
C PHE A 83 -36.37 16.36 25.87
N GLN A 84 -36.70 17.60 25.50
CA GLN A 84 -36.12 18.81 26.08
C GLN A 84 -37.17 19.50 26.95
N PRO A 85 -36.75 20.32 27.95
CA PRO A 85 -37.68 20.82 28.98
C PRO A 85 -38.81 21.68 28.45
N HIS A 86 -38.58 22.35 27.33
CA HIS A 86 -39.62 23.18 26.73
C HIS A 86 -40.73 22.30 26.17
N GLN A 87 -40.47 21.01 26.03
CA GLN A 87 -41.51 20.13 25.53
C GLN A 87 -42.38 19.66 26.69
N ALA A 88 -42.03 20.02 27.94
CA ALA A 88 -42.85 19.63 29.07
C ALA A 88 -44.28 20.12 28.87
N GLY A 89 -45.21 19.17 29.07
CA GLY A 89 -46.64 19.37 29.00
C GLY A 89 -47.25 18.86 27.69
N LEU A 90 -46.41 18.76 26.64
CA LEU A 90 -46.84 18.18 25.37
C LEU A 90 -47.06 16.68 25.55
N SER A 91 -47.93 16.10 24.72
CA SER A 91 -47.95 14.65 24.66
C SER A 91 -46.62 14.17 24.07
N LYS A 92 -46.20 13.00 24.55
CA LYS A 92 -44.95 12.39 24.10
C LYS A 92 -45.01 12.19 22.59
N VAL A 93 -46.13 11.65 22.07
CA VAL A 93 -46.22 11.33 20.65
C VAL A 93 -46.19 12.61 19.80
N GLN A 94 -46.69 13.70 20.39
CA GLN A 94 -46.80 14.97 19.71
C GLN A 94 -45.41 15.60 19.68
N ALA A 95 -44.75 15.62 20.84
CA ALA A 95 -43.42 16.17 20.94
C ALA A 95 -42.46 15.38 20.04
N ALA A 96 -42.57 14.06 20.10
CA ALA A 96 -41.69 13.18 19.35
C ALA A 96 -41.84 13.47 17.85
N GLU A 97 -43.11 13.43 17.39
CA GLU A 97 -43.43 13.59 15.98
C GLU A 97 -42.86 14.90 15.44
N HIS A 98 -43.11 15.98 16.20
CA HIS A 98 -42.63 17.27 15.77
C HIS A 98 -41.12 17.25 15.55
N THR A 99 -40.36 16.90 16.60
CA THR A 99 -38.91 16.78 16.59
C THR A 99 -38.44 15.83 15.47
N LEU A 100 -39.05 14.64 15.37
CA LEU A 100 -38.60 13.68 14.37
C LEU A 100 -38.80 14.19 12.94
N ARG A 101 -39.95 14.84 12.69
CA ARG A 101 -40.25 15.42 11.38
CA ARG A 101 -40.25 15.43 11.39
C ARG A 101 -39.15 16.43 11.04
N ASN A 102 -38.66 17.14 12.06
CA ASN A 102 -37.60 18.10 11.85
C ASN A 102 -36.30 17.41 11.44
N ILE A 103 -35.98 16.31 12.13
CA ILE A 103 -34.76 15.56 11.96
C ILE A 103 -34.72 14.87 10.58
N ASN A 104 -35.83 14.28 10.15
CA ASN A 104 -35.83 13.66 8.85
C ASN A 104 -37.21 13.84 8.22
N PRO A 105 -37.34 14.80 7.27
CA PRO A 105 -38.62 15.01 6.57
C PRO A 105 -39.08 13.87 5.68
N ASP A 106 -38.20 12.92 5.34
CA ASP A 106 -38.52 11.79 4.48
C ASP A 106 -39.39 10.74 5.19
N VAL A 107 -39.44 10.75 6.53
CA VAL A 107 -40.09 9.69 7.27
C VAL A 107 -41.57 10.03 7.48
N LEU A 108 -42.47 9.05 7.26
CA LEU A 108 -43.90 9.17 7.52
C LEU A 108 -44.20 8.81 8.97
N PHE A 109 -45.17 9.53 9.55
CA PHE A 109 -45.52 9.32 10.95
C PHE A 109 -47.03 9.19 11.07
N GLU A 110 -47.42 8.38 12.04
CA GLU A 110 -48.79 8.19 12.44
C GLU A 110 -48.73 8.10 13.96
N VAL A 111 -49.31 9.07 14.65
CA VAL A 111 -49.13 9.14 16.09
C VAL A 111 -50.47 8.93 16.77
N HIS A 112 -50.41 8.33 17.97
CA HIS A 112 -51.60 7.93 18.68
C HIS A 112 -51.41 8.20 20.16
N ASN A 113 -52.19 9.15 20.69
CA ASN A 113 -52.10 9.59 22.07
C ASN A 113 -53.14 8.84 22.90
N TYR A 114 -53.01 7.52 23.00
CA TYR A 114 -53.93 6.79 23.86
C TYR A 114 -53.29 5.59 24.57
N ASN A 115 -54.06 4.98 25.46
CA ASN A 115 -53.70 3.81 26.25
C ASN A 115 -54.10 2.53 25.53
N ILE A 116 -53.10 1.78 25.07
CA ILE A 116 -53.23 0.56 24.27
C ILE A 116 -54.10 -0.46 24.99
N THR A 117 -54.31 -0.30 26.30
CA THR A 117 -54.84 -1.43 27.05
C THR A 117 -56.37 -1.43 27.13
N THR A 118 -57.02 -0.26 26.97
CA THR A 118 -58.47 -0.16 27.06
C THR A 118 -59.13 -0.88 25.87
N VAL A 119 -60.33 -1.40 26.10
CA VAL A 119 -61.04 -2.26 25.16
C VAL A 119 -61.15 -1.65 23.75
N GLU A 120 -61.55 -0.38 23.66
CA GLU A 120 -61.78 0.21 22.34
C GLU A 120 -60.46 0.58 21.69
N ASN A 121 -59.51 1.03 22.51
CA ASN A 121 -58.19 1.41 22.03
C ASN A 121 -57.44 0.19 21.51
N PHE A 122 -57.69 -0.98 22.13
CA PHE A 122 -57.01 -2.20 21.75
C PHE A 122 -57.38 -2.60 20.32
N GLN A 123 -58.69 -2.47 20.01
CA GLN A 123 -59.21 -2.81 18.69
C GLN A 123 -58.54 -1.93 17.64
N HIS A 124 -58.43 -0.64 17.96
CA HIS A 124 -57.86 0.33 17.04
C HIS A 124 -56.40 -0.03 16.80
N PHE A 125 -55.72 -0.34 17.90
CA PHE A 125 -54.31 -0.67 17.93
C PHE A 125 -54.03 -1.86 17.03
N MET A 126 -54.87 -2.91 17.14
CA MET A 126 -54.74 -4.07 16.28
C MET A 126 -54.98 -3.71 14.82
N ASP A 127 -55.96 -2.84 14.55
CA ASP A 127 -56.26 -2.37 13.20
C ASP A 127 -55.01 -1.70 12.62
N ARG A 128 -54.36 -0.87 13.43
CA ARG A 128 -53.20 -0.14 12.95
C ARG A 128 -52.02 -1.08 12.70
N ILE A 129 -51.91 -2.18 13.48
CA ILE A 129 -50.83 -3.14 13.32
C ILE A 129 -51.01 -3.84 11.98
N SER A 130 -52.28 -4.13 11.65
CA SER A 130 -52.63 -4.92 10.47
C SER A 130 -52.61 -4.08 9.19
N ASN A 131 -52.83 -2.77 9.32
CA ASN A 131 -53.20 -1.95 8.17
C ASN A 131 -52.32 -0.70 8.10
N GLY A 132 -51.63 -0.41 9.20
CA GLY A 132 -50.83 0.80 9.32
C GLY A 132 -49.47 0.69 8.64
N GLY A 133 -49.26 -0.36 7.83
CA GLY A 133 -48.04 -0.47 7.05
C GLY A 133 -47.79 0.73 6.13
N LEU A 134 -46.66 0.70 5.42
CA LEU A 134 -46.23 1.77 4.55
C LEU A 134 -47.32 2.03 3.49
N GLU A 135 -47.84 0.94 2.93
CA GLU A 135 -49.03 0.97 2.11
C GLU A 135 -50.23 0.65 3.01
N GLU A 136 -51.28 1.48 2.97
CA GLU A 136 -52.50 1.28 3.74
C GLU A 136 -53.10 -0.08 3.40
N GLY A 137 -53.56 -0.80 4.43
CA GLY A 137 -54.17 -2.11 4.25
C GLY A 137 -53.20 -3.28 4.47
N LYS A 138 -51.88 -3.01 4.31
CA LYS A 138 -50.79 -3.95 4.58
C LYS A 138 -50.26 -3.74 6.00
N PRO A 139 -49.78 -4.81 6.68
CA PRO A 139 -49.31 -4.69 8.07
C PRO A 139 -47.96 -4.00 8.26
N VAL A 140 -47.68 -3.60 9.51
CA VAL A 140 -46.36 -3.11 9.84
C VAL A 140 -45.37 -4.28 9.80
N ASP A 141 -44.09 -3.95 9.54
CA ASP A 141 -43.02 -4.94 9.42
C ASP A 141 -42.52 -5.41 10.79
N LEU A 142 -42.78 -4.61 11.82
CA LEU A 142 -42.20 -4.80 13.14
C LEU A 142 -42.95 -3.92 14.12
N VAL A 143 -43.30 -4.49 15.29
CA VAL A 143 -43.77 -3.71 16.43
C VAL A 143 -42.68 -3.73 17.48
N LEU A 144 -42.45 -2.60 18.16
CA LEU A 144 -41.44 -2.53 19.20
C LEU A 144 -42.11 -2.13 20.50
N SER A 145 -41.98 -3.01 21.50
CA SER A 145 -42.57 -2.71 22.79
C SER A 145 -41.48 -2.01 23.60
N CYS A 146 -41.73 -0.73 23.89
CA CYS A 146 -40.86 0.11 24.70
C CYS A 146 -41.66 0.66 25.89
N VAL A 147 -42.60 -0.16 26.40
CA VAL A 147 -43.43 0.20 27.52
C VAL A 147 -42.69 -0.24 28.78
N ASP A 148 -43.28 0.02 29.97
CA ASP A 148 -42.56 -0.05 31.23
C ASP A 148 -43.36 -0.88 32.24
N ASN A 149 -44.35 -1.61 31.76
CA ASN A 149 -45.23 -2.30 32.69
C ASN A 149 -45.69 -3.60 32.03
N PHE A 150 -46.02 -4.59 32.88
CA PHE A 150 -46.42 -5.93 32.45
C PHE A 150 -47.69 -5.87 31.60
N GLU A 151 -48.70 -5.09 32.04
CA GLU A 151 -50.02 -5.07 31.44
C GLU A 151 -49.87 -4.73 29.95
N ALA A 152 -49.13 -3.67 29.64
CA ALA A 152 -48.98 -3.26 28.24
C ALA A 152 -48.25 -4.33 27.43
N ARG A 153 -47.18 -4.88 28.01
CA ARG A 153 -46.37 -5.87 27.33
C ARG A 153 -47.25 -7.05 26.93
N MET A 154 -48.15 -7.45 27.85
CA MET A 154 -48.98 -8.64 27.67
C MET A 154 -50.07 -8.39 26.62
N THR A 155 -50.50 -7.13 26.52
CA THR A 155 -51.47 -6.70 25.55
C THR A 155 -50.87 -6.84 24.15
N ILE A 156 -49.62 -6.38 24.00
CA ILE A 156 -48.96 -6.42 22.71
C ILE A 156 -48.78 -7.87 22.30
N ASN A 157 -48.44 -8.68 23.31
CA ASN A 157 -48.22 -10.10 23.11
C ASN A 157 -49.46 -10.75 22.50
N THR A 158 -50.61 -10.52 23.17
CA THR A 158 -51.91 -11.04 22.78
C THR A 158 -52.20 -10.62 21.34
N ALA A 159 -51.96 -9.33 21.05
CA ALA A 159 -52.21 -8.77 19.74
C ALA A 159 -51.36 -9.49 18.70
N CYS A 160 -50.09 -9.71 19.05
CA CYS A 160 -49.14 -10.15 18.05
C CYS A 160 -49.21 -11.65 17.78
N ASN A 161 -49.63 -12.39 18.82
CA ASN A 161 -49.90 -13.81 18.63
C ASN A 161 -51.09 -14.02 17.72
N GLU A 162 -52.14 -13.19 17.84
CA GLU A 162 -53.34 -13.34 17.04
C GLU A 162 -53.06 -12.95 15.59
N LEU A 163 -52.21 -11.92 15.41
CA LEU A 163 -51.94 -11.36 14.10
C LEU A 163 -50.79 -12.09 13.43
N GLY A 164 -49.97 -12.80 14.22
CA GLY A 164 -48.79 -13.44 13.68
C GLY A 164 -47.74 -12.39 13.33
N GLN A 165 -47.64 -11.38 14.21
CA GLN A 165 -46.82 -10.21 14.00
C GLN A 165 -45.51 -10.34 14.78
N THR A 166 -44.39 -10.35 14.03
CA THR A 166 -43.07 -10.32 14.64
C THR A 166 -42.86 -9.01 15.38
N TRP A 167 -42.35 -9.08 16.62
CA TRP A 167 -42.08 -7.90 17.43
C TRP A 167 -40.87 -8.07 18.33
N MET A 168 -40.35 -6.95 18.83
CA MET A 168 -39.23 -6.95 19.77
C MET A 168 -39.69 -6.28 21.05
N GLU A 169 -39.35 -6.92 22.17
CA GLU A 169 -39.73 -6.41 23.47
C GLU A 169 -38.46 -5.91 24.14
N SER A 170 -38.54 -4.70 24.68
CA SER A 170 -37.41 -4.12 25.39
C SER A 170 -37.86 -3.61 26.75
N GLY A 171 -36.93 -3.64 27.69
CA GLY A 171 -37.23 -3.27 29.06
C GLY A 171 -35.98 -2.81 29.79
N VAL A 172 -36.17 -1.94 30.78
CA VAL A 172 -35.12 -1.49 31.67
C VAL A 172 -35.62 -1.72 33.09
N SER A 173 -34.73 -2.07 34.02
CA SER A 173 -35.18 -2.33 35.38
C SER A 173 -35.57 -1.03 36.08
N GLU A 174 -36.40 -1.19 37.12
CA GLU A 174 -36.78 -0.10 38.00
C GLU A 174 -35.56 0.49 38.71
N ASN A 175 -34.46 -0.26 38.76
CA ASN A 175 -33.27 0.22 39.47
C ASN A 175 -32.21 0.75 38.50
N ALA A 176 -32.50 0.75 37.20
CA ALA A 176 -31.79 1.54 36.19
C ALA A 176 -30.52 0.88 35.68
N VAL A 177 -30.09 -0.23 36.29
CA VAL A 177 -28.76 -0.72 35.96
C VAL A 177 -28.81 -2.04 35.19
N SER A 178 -29.94 -2.34 34.56
CA SER A 178 -30.03 -3.50 33.69
C SER A 178 -31.18 -3.36 32.70
N GLY A 179 -31.06 -4.07 31.58
CA GLY A 179 -32.13 -4.14 30.61
C GLY A 179 -31.81 -5.17 29.54
N HIS A 180 -32.75 -5.35 28.60
CA HIS A 180 -32.73 -6.45 27.64
C HIS A 180 -33.59 -6.13 26.43
N ILE A 181 -33.37 -6.89 25.35
CA ILE A 181 -34.20 -6.92 24.17
C ILE A 181 -34.53 -8.39 23.89
N GLN A 182 -35.70 -8.62 23.28
CA GLN A 182 -36.14 -9.95 22.94
C GLN A 182 -36.87 -9.89 21.59
N LEU A 183 -36.50 -10.80 20.68
CA LEU A 183 -37.18 -10.94 19.40
C LEU A 183 -38.22 -12.08 19.46
N ILE A 184 -39.49 -11.77 19.19
CA ILE A 184 -40.63 -12.69 19.23
C ILE A 184 -41.19 -12.86 17.82
N ILE A 185 -40.99 -14.06 17.26
CA ILE A 185 -41.61 -14.46 16.02
C ILE A 185 -42.66 -15.51 16.40
N PRO A 186 -43.95 -15.13 16.53
CA PRO A 186 -44.94 -16.03 17.11
C PRO A 186 -44.90 -17.40 16.46
N GLY A 187 -44.67 -18.45 17.26
CA GLY A 187 -44.64 -19.82 16.79
C GLY A 187 -43.23 -20.38 16.58
N GLU A 188 -42.27 -19.50 16.23
CA GLU A 188 -40.86 -19.80 16.00
C GLU A 188 -40.02 -19.51 17.26
N SER A 189 -40.28 -18.39 17.90
CA SER A 189 -39.58 -18.11 19.14
C SER A 189 -40.61 -17.95 20.26
N ALA A 190 -40.13 -18.04 21.50
CA ALA A 190 -40.95 -17.82 22.67
C ALA A 190 -41.69 -16.49 22.57
N CYS A 191 -42.99 -16.50 22.88
CA CYS A 191 -43.73 -15.26 23.05
C CYS A 191 -43.50 -14.77 24.48
N PHE A 192 -44.10 -13.64 24.82
CA PHE A 192 -43.94 -13.00 26.11
C PHE A 192 -44.58 -13.84 27.23
N ALA A 193 -45.53 -14.73 26.90
CA ALA A 193 -46.16 -15.52 27.94
C ALA A 193 -45.43 -16.84 28.19
N CYS A 194 -44.61 -17.25 27.22
CA CYS A 194 -43.88 -18.50 27.20
C CYS A 194 -43.03 -18.68 28.48
N ALA A 195 -42.46 -17.60 29.03
CA ALA A 195 -41.53 -17.69 30.17
C ALA A 195 -41.65 -16.53 31.14
N PRO A 196 -41.48 -16.75 32.47
CA PRO A 196 -41.57 -15.67 33.45
C PRO A 196 -40.43 -14.65 33.34
N PRO A 197 -40.69 -13.33 33.29
CA PRO A 197 -39.61 -12.32 33.25
C PRO A 197 -38.60 -12.36 34.40
N LEU A 198 -39.08 -12.65 35.62
CA LEU A 198 -38.18 -12.79 36.76
C LEU A 198 -37.13 -13.88 36.50
N VAL A 199 -37.55 -14.97 35.85
CA VAL A 199 -36.67 -16.08 35.52
C VAL A 199 -35.71 -15.63 34.42
N VAL A 200 -36.27 -15.03 33.36
CA VAL A 200 -35.54 -14.57 32.19
C VAL A 200 -34.42 -13.63 32.61
N ALA A 201 -34.63 -12.84 33.65
CA ALA A 201 -33.69 -11.77 33.98
C ALA A 201 -32.91 -12.06 35.27
N ALA A 202 -32.96 -13.32 35.72
CA ALA A 202 -32.39 -13.72 37.00
C ALA A 202 -30.89 -13.41 37.07
N ASN A 203 -30.21 -13.49 35.92
CA ASN A 203 -28.78 -13.25 35.83
C ASN A 203 -28.42 -11.79 35.50
N ILE A 204 -29.38 -10.87 35.36
CA ILE A 204 -29.02 -9.48 35.07
C ILE A 204 -29.60 -8.51 36.09
N ASP A 205 -30.70 -8.88 36.76
CA ASP A 205 -31.40 -7.98 37.65
C ASP A 205 -30.69 -7.83 39.00
N GLU A 206 -30.12 -6.66 39.26
CA GLU A 206 -29.63 -6.31 40.59
C GLU A 206 -30.84 -6.19 41.52
N LYS A 207 -30.71 -6.61 42.79
CA LYS A 207 -31.89 -6.65 43.65
C LYS A 207 -31.70 -5.70 44.84
N THR A 208 -32.65 -4.78 45.00
CA THR A 208 -32.58 -3.79 46.05
C THR A 208 -33.44 -4.26 47.24
N GLY A 213 -43.07 5.89 49.19
CA GLY A 213 -43.17 6.33 47.81
C GLY A 213 -41.79 6.42 47.14
N VAL A 214 -41.23 5.26 46.77
CA VAL A 214 -40.11 5.20 45.85
C VAL A 214 -40.69 5.29 44.44
N CYS A 215 -39.97 5.95 43.54
CA CYS A 215 -40.25 5.89 42.11
C CYS A 215 -39.06 5.21 41.42
N ALA A 216 -39.30 4.64 40.24
CA ALA A 216 -38.26 3.94 39.50
C ALA A 216 -37.10 4.89 39.24
N ALA A 217 -35.87 4.37 39.32
CA ALA A 217 -34.71 5.13 38.87
C ALA A 217 -34.53 4.89 37.38
N SER A 218 -33.88 5.82 36.69
CA SER A 218 -33.50 5.62 35.30
C SER A 218 -32.25 6.43 35.01
N LEU A 219 -31.54 5.95 33.99
CA LEU A 219 -30.25 6.50 33.61
C LEU A 219 -30.27 6.72 32.10
N PRO A 220 -29.70 7.85 31.63
CA PRO A 220 -29.64 8.13 30.20
C PRO A 220 -28.77 7.09 29.48
N THR A 221 -27.75 6.59 30.19
CA THR A 221 -26.75 5.67 29.70
C THR A 221 -27.40 4.33 29.36
N THR A 222 -28.22 3.83 30.28
CA THR A 222 -28.79 2.51 30.18
C THR A 222 -29.87 2.49 29.10
N MET A 223 -30.69 3.54 29.09
CA MET A 223 -31.66 3.71 28.03
C MET A 223 -30.97 3.83 26.68
N GLY A 224 -29.83 4.56 26.62
CA GLY A 224 -29.05 4.73 25.40
C GLY A 224 -28.52 3.40 24.87
N VAL A 225 -28.03 2.56 25.79
CA VAL A 225 -27.51 1.24 25.45
C VAL A 225 -28.65 0.33 24.96
N VAL A 226 -29.75 0.27 25.70
CA VAL A 226 -30.86 -0.61 25.36
C VAL A 226 -31.46 -0.21 24.02
N ALA A 227 -31.75 1.08 23.84
CA ALA A 227 -32.28 1.57 22.57
C ALA A 227 -31.29 1.27 21.44
N GLY A 228 -30.00 1.48 21.72
CA GLY A 228 -28.95 1.18 20.77
C GLY A 228 -29.01 -0.27 20.28
N ILE A 229 -28.99 -1.23 21.21
CA ILE A 229 -28.93 -2.63 20.83
C ILE A 229 -30.25 -3.04 20.19
N LEU A 230 -31.36 -2.47 20.69
CA LEU A 230 -32.69 -2.70 20.12
C LEU A 230 -32.74 -2.33 18.64
N VAL A 231 -32.28 -1.11 18.29
CA VAL A 231 -32.38 -0.66 16.91
C VAL A 231 -31.34 -1.39 16.07
N GLN A 232 -30.24 -1.76 16.70
CA GLN A 232 -29.21 -2.44 15.95
C GLN A 232 -29.80 -3.78 15.50
N ASN A 233 -30.63 -4.36 16.36
CA ASN A 233 -31.31 -5.62 16.11
C ASN A 233 -32.38 -5.48 15.02
N VAL A 234 -33.12 -4.38 15.07
CA VAL A 234 -34.10 -4.06 14.04
C VAL A 234 -33.41 -3.96 12.68
N LEU A 235 -32.25 -3.29 12.63
CA LEU A 235 -31.58 -3.08 11.37
C LEU A 235 -31.07 -4.41 10.81
N LYS A 236 -30.57 -5.27 11.70
CA LYS A 236 -30.00 -6.55 11.27
C LYS A 236 -31.11 -7.46 10.77
N PHE A 237 -32.29 -7.39 11.41
CA PHE A 237 -33.47 -8.17 11.05
C PHE A 237 -34.03 -7.75 9.69
N LEU A 238 -34.30 -6.45 9.49
CA LEU A 238 -34.94 -5.99 8.27
C LEU A 238 -33.98 -5.96 7.08
N LEU A 239 -32.70 -5.63 7.33
CA LEU A 239 -31.78 -5.39 6.22
C LEU A 239 -30.98 -6.64 5.88
N ASN A 240 -31.08 -7.66 6.75
CA ASN A 240 -30.51 -8.99 6.57
C ASN A 240 -28.99 -8.99 6.53
N PHE A 241 -28.37 -8.47 7.60
CA PHE A 241 -26.93 -8.54 7.82
C PHE A 241 -26.66 -8.92 9.27
N GLY A 242 -25.45 -9.41 9.57
CA GLY A 242 -25.06 -9.76 10.93
C GLY A 242 -25.91 -10.90 11.50
N THR A 243 -25.87 -11.08 12.82
CA THR A 243 -26.65 -12.11 13.47
C THR A 243 -27.70 -11.45 14.35
N VAL A 244 -28.96 -11.77 14.08
CA VAL A 244 -30.05 -11.34 14.93
C VAL A 244 -30.05 -12.12 16.26
N SER A 245 -30.21 -11.40 17.37
CA SER A 245 -30.30 -11.96 18.71
C SER A 245 -31.76 -12.19 19.06
N PHE A 246 -32.05 -13.29 19.74
CA PHE A 246 -33.43 -13.50 20.15
C PHE A 246 -33.58 -13.03 21.59
N TYR A 247 -32.44 -12.85 22.24
CA TYR A 247 -32.43 -12.26 23.56
C TYR A 247 -31.05 -11.72 23.81
N LEU A 248 -30.98 -10.50 24.33
CA LEU A 248 -29.73 -9.87 24.68
C LEU A 248 -29.97 -8.98 25.90
N GLY A 249 -29.30 -9.36 27.00
CA GLY A 249 -29.45 -8.68 28.26
C GLY A 249 -28.25 -7.76 28.49
N TYR A 250 -28.40 -6.89 29.48
CA TYR A 250 -27.37 -5.96 29.84
C TYR A 250 -27.39 -5.77 31.35
N ASN A 251 -26.25 -6.06 31.98
CA ASN A 251 -26.05 -5.67 33.36
C ASN A 251 -25.00 -4.59 33.40
N ALA A 252 -25.38 -3.42 33.89
CA ALA A 252 -24.52 -2.25 33.83
C ALA A 252 -23.47 -2.26 34.93
N MET A 253 -23.76 -2.93 36.06
CA MET A 253 -22.82 -2.92 37.17
C MET A 253 -21.58 -3.73 36.82
N GLN A 254 -21.76 -4.78 36.00
CA GLN A 254 -20.71 -5.75 35.75
C GLN A 254 -20.39 -5.88 34.28
N ASP A 255 -21.05 -5.08 33.40
CA ASP A 255 -20.75 -5.03 31.97
C ASP A 255 -20.93 -6.42 31.35
N PHE A 256 -22.05 -7.08 31.69
CA PHE A 256 -22.39 -8.42 31.27
C PHE A 256 -23.58 -8.39 30.28
N PHE A 257 -23.40 -9.04 29.14
CA PHE A 257 -24.36 -8.97 28.06
C PHE A 257 -24.76 -10.38 27.63
N PRO A 258 -25.51 -11.13 28.44
CA PRO A 258 -25.89 -12.50 28.06
C PRO A 258 -26.86 -12.55 26.86
N THR A 259 -26.60 -13.47 25.94
CA THR A 259 -27.55 -13.82 24.89
C THR A 259 -28.03 -15.24 25.13
N MET A 260 -29.29 -15.52 24.74
CA MET A 260 -29.80 -16.88 24.68
C MET A 260 -30.80 -16.95 23.55
N SER A 261 -30.95 -18.13 22.96
CA SER A 261 -32.15 -18.38 22.16
C SER A 261 -33.21 -18.98 23.06
N MET A 262 -34.48 -18.60 22.84
CA MET A 262 -35.60 -19.14 23.62
C MET A 262 -36.64 -19.72 22.66
N LYS A 263 -36.87 -21.02 22.84
CA LYS A 263 -37.82 -21.79 22.08
C LYS A 263 -39.20 -21.62 22.71
N PRO A 264 -40.27 -21.65 21.90
CA PRO A 264 -41.62 -21.55 22.44
C PRO A 264 -42.00 -22.68 23.41
N ASN A 265 -42.70 -22.31 24.48
CA ASN A 265 -43.29 -23.20 25.45
C ASN A 265 -44.57 -23.80 24.87
N PRO A 266 -44.66 -25.14 24.71
CA PRO A 266 -45.84 -25.78 24.15
C PRO A 266 -47.07 -25.80 25.06
N GLN A 267 -46.89 -25.41 26.32
CA GLN A 267 -48.01 -25.26 27.23
C GLN A 267 -48.27 -23.78 27.51
N CYS A 268 -47.92 -22.88 26.57
CA CYS A 268 -48.06 -21.44 26.76
C CYS A 268 -49.49 -21.05 27.17
N ASP A 269 -49.59 -20.04 28.03
CA ASP A 269 -50.89 -19.52 28.44
C ASP A 269 -51.71 -19.07 27.24
N ASP A 270 -51.02 -18.56 26.21
CA ASP A 270 -51.64 -17.98 25.03
C ASP A 270 -52.01 -19.08 24.02
N ARG A 271 -53.33 -19.25 23.82
CA ARG A 271 -53.86 -20.25 22.92
C ARG A 271 -53.35 -19.99 21.50
N ASN A 272 -53.13 -18.71 21.19
CA ASN A 272 -52.68 -18.32 19.86
C ASN A 272 -51.21 -18.67 19.67
N CYS A 273 -50.41 -18.51 20.74
CA CYS A 273 -49.00 -18.85 20.64
C CYS A 273 -48.93 -20.31 20.27
N ARG A 274 -49.74 -21.12 20.98
CA ARG A 274 -49.83 -22.56 20.82
C ARG A 274 -50.25 -22.88 19.39
N LYS A 275 -51.30 -22.20 18.89
CA LYS A 275 -51.79 -22.39 17.53
C LYS A 275 -50.70 -22.04 16.51
N GLN A 276 -49.97 -20.94 16.76
CA GLN A 276 -48.90 -20.48 15.88
C GLN A 276 -47.78 -21.50 15.82
N GLN A 277 -47.50 -22.15 16.97
CA GLN A 277 -46.41 -23.11 17.07
C GLN A 277 -46.73 -24.34 16.22
N GLU A 278 -48.00 -24.76 16.26
CA GLU A 278 -48.52 -25.81 15.40
C GLU A 278 -48.31 -25.40 13.95
N GLU A 279 -48.70 -24.16 13.62
CA GLU A 279 -48.67 -23.69 12.25
C GLU A 279 -47.24 -23.79 11.75
N TYR A 280 -46.32 -23.39 12.63
CA TYR A 280 -44.91 -23.34 12.29
C TYR A 280 -44.38 -24.74 12.04
N LYS A 281 -44.72 -25.68 12.94
CA LYS A 281 -44.23 -27.05 12.88
C LYS A 281 -44.70 -27.74 11.58
N LYS A 282 -45.91 -27.37 11.12
CA LYS A 282 -46.50 -27.88 9.89
C LYS A 282 -45.69 -27.38 8.69
N LYS A 283 -45.33 -26.09 8.72
CA LYS A 283 -44.61 -25.40 7.66
C LYS A 283 -43.18 -25.93 7.54
N VAL A 284 -42.58 -26.37 8.65
CA VAL A 284 -41.26 -27.01 8.62
C VAL A 284 -41.40 -28.45 8.10
N ALA A 285 -42.52 -29.12 8.41
CA ALA A 285 -42.77 -30.50 7.99
C ALA A 285 -43.06 -30.58 6.50
N ALA A 286 -43.44 -29.45 5.89
CA ALA A 286 -43.72 -29.41 4.46
C ALA A 286 -42.84 -28.35 3.77
N LEU A 287 -41.53 -28.39 4.04
CA LEU A 287 -40.58 -27.40 3.52
C LEU A 287 -39.86 -27.99 2.30
N GLY B 1 -39.97 24.32 30.73
CA GLY B 1 -38.89 25.29 31.08
C GLY B 1 -38.31 24.96 32.45
N ARG B 2 -36.98 25.09 32.59
CA ARG B 2 -36.27 24.64 33.79
C ARG B 2 -35.44 25.78 34.36
N VAL B 3 -35.64 26.06 35.67
CA VAL B 3 -34.85 27.04 36.42
C VAL B 3 -33.68 26.34 37.10
N ARG B 4 -32.66 27.13 37.47
CA ARG B 4 -31.38 26.67 38.00
C ARG B 4 -31.59 26.14 39.42
N ILE B 5 -31.05 24.94 39.70
CA ILE B 5 -31.23 24.25 40.97
C ILE B 5 -29.90 24.21 41.73
N GLU B 6 -29.96 24.62 43.01
CA GLU B 6 -28.82 24.92 43.87
C GLU B 6 -28.30 23.65 44.57
N LYS B 7 -29.22 22.77 44.98
CA LYS B 7 -28.91 21.50 45.63
C LYS B 7 -29.92 20.45 45.12
N MET B 8 -29.41 19.28 44.73
CA MET B 8 -30.21 18.20 44.15
C MET B 8 -31.19 17.63 45.18
N SER B 9 -32.43 17.44 44.73
CA SER B 9 -33.52 17.02 45.60
C SER B 9 -33.99 15.60 45.27
N SER B 10 -34.34 14.88 46.32
CA SER B 10 -34.84 13.51 46.21
C SER B 10 -36.33 13.52 45.86
N GLU B 11 -36.96 14.70 45.94
CA GLU B 11 -38.41 14.83 45.95
C GLU B 11 -39.01 14.26 44.66
N VAL B 12 -39.95 13.32 44.83
CA VAL B 12 -40.65 12.63 43.74
C VAL B 12 -41.81 13.49 43.24
N VAL B 13 -41.48 14.53 42.45
CA VAL B 13 -42.49 15.33 41.76
C VAL B 13 -42.16 15.40 40.26
N ASP B 14 -43.21 15.66 39.46
CA ASP B 14 -43.13 15.73 38.02
C ASP B 14 -42.20 16.87 37.60
N SER B 15 -42.02 17.85 38.49
CA SER B 15 -41.23 19.05 38.21
C SER B 15 -39.74 18.89 38.55
N ASN B 16 -39.32 17.72 39.08
CA ASN B 16 -37.95 17.53 39.52
C ASN B 16 -37.16 16.70 38.50
N PRO B 17 -36.24 17.32 37.73
CA PRO B 17 -35.56 16.60 36.64
C PRO B 17 -34.51 15.61 37.14
N TYR B 18 -34.34 15.58 38.48
CA TYR B 18 -33.31 14.83 39.17
C TYR B 18 -33.92 13.73 40.05
N SER B 19 -35.25 13.65 40.08
CA SER B 19 -35.95 12.72 40.96
C SER B 19 -35.60 11.26 40.62
N ARG B 20 -35.54 10.94 39.33
CA ARG B 20 -35.29 9.57 38.89
C ARG B 20 -33.80 9.22 38.94
N LEU B 21 -32.92 10.20 39.23
CA LEU B 21 -31.49 9.96 39.41
C LEU B 21 -31.19 9.81 40.88
N MET B 22 -31.73 10.74 41.68
CA MET B 22 -31.53 10.71 43.11
C MET B 22 -32.20 9.45 43.67
N ALA B 23 -33.03 8.80 42.85
CA ALA B 23 -33.70 7.57 43.24
C ALA B 23 -32.67 6.47 43.44
N LEU B 24 -31.54 6.57 42.72
CA LEU B 24 -30.45 5.60 42.87
C LEU B 24 -29.93 5.55 44.31
N LYS B 25 -30.01 6.67 45.05
CA LYS B 25 -29.62 6.70 46.45
C LYS B 25 -30.53 5.84 47.33
N ARG B 26 -31.85 6.08 47.27
CA ARG B 26 -32.78 5.38 48.14
C ARG B 26 -32.74 3.88 47.84
N MET B 27 -32.28 3.51 46.65
CA MET B 27 -32.26 2.12 46.22
C MET B 27 -30.87 1.49 46.46
N GLY B 28 -29.91 2.28 46.98
CA GLY B 28 -28.61 1.80 47.40
C GLY B 28 -27.67 1.41 46.25
N ILE B 29 -28.01 1.81 45.01
CA ILE B 29 -27.16 1.56 43.86
C ILE B 29 -26.00 2.55 43.88
N VAL B 30 -26.33 3.82 44.08
CA VAL B 30 -25.32 4.87 44.12
C VAL B 30 -25.61 5.74 45.35
N SER B 31 -24.78 5.59 46.38
CA SER B 31 -25.14 6.10 47.69
C SER B 31 -24.86 7.60 47.84
N ASP B 32 -23.99 8.16 46.99
CA ASP B 32 -23.68 9.59 47.04
C ASP B 32 -23.71 10.22 45.63
N TYR B 33 -24.88 10.17 44.98
CA TYR B 33 -25.05 10.59 43.60
C TYR B 33 -24.78 12.08 43.41
N GLU B 34 -25.25 12.92 44.34
CA GLU B 34 -25.09 14.36 44.22
C GLU B 34 -23.62 14.72 44.01
N LYS B 35 -22.72 13.76 44.21
CA LYS B 35 -21.30 13.99 44.04
C LYS B 35 -21.00 14.32 42.57
N ILE B 36 -21.85 13.84 41.65
CA ILE B 36 -21.74 14.08 40.23
C ILE B 36 -21.63 15.58 39.93
N ARG B 37 -22.26 16.43 40.76
CA ARG B 37 -22.18 17.88 40.64
C ARG B 37 -20.80 18.44 40.95
N THR B 38 -19.89 17.65 41.52
CA THR B 38 -18.60 18.16 41.97
C THR B 38 -17.47 17.87 40.96
N PHE B 39 -17.79 17.25 39.82
CA PHE B 39 -16.76 16.80 38.89
C PHE B 39 -16.83 17.59 37.59
N ALA B 40 -15.70 17.61 36.88
CA ALA B 40 -15.59 18.22 35.57
C ALA B 40 -14.97 17.20 34.62
N VAL B 41 -15.58 17.07 33.44
CA VAL B 41 -15.14 16.15 32.42
C VAL B 41 -14.88 16.94 31.14
N ALA B 42 -13.74 16.67 30.50
CA ALA B 42 -13.43 17.22 29.20
C ALA B 42 -13.69 16.16 28.14
N ILE B 43 -14.22 16.61 27.00
CA ILE B 43 -14.56 15.77 25.87
C ILE B 43 -13.89 16.35 24.62
N VAL B 44 -13.01 15.55 24.01
CA VAL B 44 -12.40 15.95 22.77
C VAL B 44 -13.05 15.15 21.64
N GLY B 45 -13.65 15.88 20.69
CA GLY B 45 -14.50 15.31 19.65
C GLY B 45 -15.99 15.33 20.02
N VAL B 46 -16.74 16.30 19.50
CA VAL B 46 -18.14 16.32 19.85
C VAL B 46 -18.93 15.93 18.61
N GLY B 47 -18.56 14.76 18.07
CA GLY B 47 -19.20 14.14 16.92
C GLY B 47 -20.21 13.08 17.38
N GLY B 48 -20.27 11.97 16.64
CA GLY B 48 -21.17 10.84 16.88
C GLY B 48 -21.19 10.39 18.34
N VAL B 49 -20.02 10.02 18.87
CA VAL B 49 -19.90 9.57 20.25
C VAL B 49 -19.88 10.75 21.20
N GLY B 50 -19.08 11.77 20.87
CA GLY B 50 -18.83 12.92 21.74
C GLY B 50 -20.11 13.62 22.17
N SER B 51 -20.99 13.86 21.20
CA SER B 51 -22.18 14.65 21.46
C SER B 51 -23.15 13.92 22.38
N VAL B 52 -23.34 12.62 22.14
CA VAL B 52 -24.26 11.86 22.96
C VAL B 52 -23.70 11.69 24.38
N THR B 53 -22.36 11.63 24.46
CA THR B 53 -21.65 11.52 25.72
C THR B 53 -21.91 12.78 26.53
N ALA B 54 -21.79 13.91 25.83
CA ALA B 54 -22.05 15.20 26.43
C ALA B 54 -23.51 15.30 26.88
N GLU B 55 -24.45 14.84 26.04
CA GLU B 55 -25.87 14.90 26.41
C GLU B 55 -26.07 14.10 27.68
N MET B 56 -25.50 12.88 27.71
CA MET B 56 -25.76 11.95 28.80
C MET B 56 -25.24 12.55 30.11
N LEU B 57 -24.01 13.08 30.06
CA LEU B 57 -23.42 13.68 31.25
C LEU B 57 -24.20 14.89 31.74
N THR B 58 -24.70 15.70 30.79
CA THR B 58 -25.46 16.90 31.09
C THR B 58 -26.76 16.48 31.78
N ARG B 59 -27.46 15.50 31.20
CA ARG B 59 -28.70 15.06 31.81
C ARG B 59 -28.47 14.43 33.18
N CYS B 60 -27.22 14.04 33.48
CA CYS B 60 -26.91 13.40 34.74
C CYS B 60 -26.60 14.43 35.82
N GLY B 61 -26.19 15.63 35.38
CA GLY B 61 -25.94 16.72 36.30
C GLY B 61 -24.46 16.81 36.63
N ILE B 62 -23.60 16.39 35.69
CA ILE B 62 -22.19 16.70 35.81
C ILE B 62 -22.04 18.19 36.18
N GLY B 63 -21.06 18.52 37.04
CA GLY B 63 -20.76 19.90 37.39
C GLY B 63 -20.31 20.78 36.21
N LYS B 64 -19.35 20.27 35.41
CA LYS B 64 -18.79 21.07 34.32
C LYS B 64 -18.35 20.18 33.15
N LEU B 65 -18.66 20.63 31.93
CA LEU B 65 -18.17 20.01 30.70
C LEU B 65 -17.27 20.98 29.95
N LEU B 66 -16.19 20.44 29.36
CA LEU B 66 -15.27 21.16 28.50
C LEU B 66 -15.29 20.47 27.14
N LEU B 67 -15.71 21.20 26.11
CA LEU B 67 -15.85 20.60 24.79
C LEU B 67 -14.81 21.16 23.83
N PHE B 68 -14.13 20.26 23.13
CA PHE B 68 -13.14 20.63 22.15
C PHE B 68 -13.49 19.98 20.83
N ASP B 69 -13.56 20.78 19.77
CA ASP B 69 -13.81 20.28 18.42
C ASP B 69 -13.55 21.44 17.46
N TYR B 70 -13.13 21.13 16.24
CA TYR B 70 -12.74 22.15 15.29
C TYR B 70 -13.75 22.23 14.13
N ASP B 71 -14.73 21.29 14.08
CA ASP B 71 -15.64 21.06 12.95
C ASP B 71 -17.01 21.72 13.16
N LYS B 72 -17.68 21.98 12.03
CA LYS B 72 -19.03 22.52 12.03
C LYS B 72 -19.98 21.35 11.82
N VAL B 73 -21.22 21.51 12.32
CA VAL B 73 -22.30 20.59 12.03
C VAL B 73 -22.63 20.63 10.54
N GLU B 74 -22.85 19.45 9.98
CA GLU B 74 -23.22 19.38 8.58
C GLU B 74 -24.38 18.42 8.46
N LEU B 75 -25.07 18.46 7.32
CA LEU B 75 -26.18 17.55 7.07
C LEU B 75 -25.71 16.09 7.04
N ALA B 76 -24.45 15.85 6.68
CA ALA B 76 -23.92 14.51 6.63
C ALA B 76 -23.80 13.89 8.04
N ASN B 77 -23.91 14.73 9.08
CA ASN B 77 -23.87 14.31 10.47
C ASN B 77 -25.23 13.87 11.00
N MET B 78 -26.30 14.04 10.20
CA MET B 78 -27.67 13.85 10.64
C MET B 78 -28.05 12.37 10.75
N ASN B 79 -27.14 11.49 10.29
CA ASN B 79 -27.32 10.06 10.47
C ASN B 79 -27.02 9.65 11.90
N ARG B 80 -26.30 10.53 12.64
CA ARG B 80 -25.94 10.33 14.04
C ARG B 80 -26.82 11.16 14.96
N LEU B 81 -26.83 10.83 16.27
CA LEU B 81 -27.75 11.45 17.21
C LEU B 81 -27.30 12.85 17.60
N PHE B 82 -28.18 13.55 18.32
CA PHE B 82 -27.94 14.85 18.95
C PHE B 82 -28.20 16.04 18.01
N PHE B 83 -27.29 16.32 17.07
CA PHE B 83 -27.41 17.45 16.16
C PHE B 83 -28.64 17.33 15.24
N GLN B 84 -29.36 18.44 15.10
CA GLN B 84 -30.54 18.54 14.26
C GLN B 84 -30.28 19.47 13.08
N PRO B 85 -31.04 19.33 11.97
CA PRO B 85 -30.73 20.04 10.71
C PRO B 85 -30.64 21.57 10.79
N HIS B 86 -31.42 22.19 11.68
CA HIS B 86 -31.35 23.62 11.90
C HIS B 86 -30.02 24.05 12.50
N GLN B 87 -29.22 23.10 13.02
CA GLN B 87 -27.93 23.46 13.60
C GLN B 87 -26.84 23.37 12.54
N ALA B 88 -27.21 22.93 11.32
CA ALA B 88 -26.23 22.79 10.26
C ALA B 88 -25.61 24.15 9.98
N GLY B 89 -24.27 24.21 9.93
CA GLY B 89 -23.53 25.43 9.72
C GLY B 89 -22.87 25.97 11.00
N LEU B 90 -23.46 25.70 12.17
CA LEU B 90 -22.82 26.14 13.41
C LEU B 90 -21.65 25.22 13.71
N SER B 91 -20.70 25.70 14.52
CA SER B 91 -19.63 24.86 15.02
C SER B 91 -20.20 23.83 16.00
N LYS B 92 -19.64 22.62 15.98
CA LYS B 92 -20.15 21.57 16.83
C LYS B 92 -20.18 21.98 18.30
N VAL B 93 -19.08 22.55 18.81
CA VAL B 93 -19.03 22.95 20.21
C VAL B 93 -20.12 23.99 20.53
N GLN B 94 -20.46 24.83 19.54
CA GLN B 94 -21.40 25.90 19.82
C GLN B 94 -22.83 25.35 19.81
N ALA B 95 -23.15 24.57 18.77
CA ALA B 95 -24.43 23.89 18.70
C ALA B 95 -24.66 23.10 19.98
N ALA B 96 -23.61 22.36 20.37
CA ALA B 96 -23.67 21.51 21.55
C ALA B 96 -23.96 22.33 22.80
N GLU B 97 -23.15 23.38 23.03
CA GLU B 97 -23.33 24.22 24.20
C GLU B 97 -24.78 24.72 24.25
N HIS B 98 -25.26 25.23 23.11
CA HIS B 98 -26.57 25.84 23.00
C HIS B 98 -27.68 24.89 23.48
N THR B 99 -27.72 23.68 22.91
CA THR B 99 -28.71 22.66 23.23
C THR B 99 -28.56 22.19 24.68
N LEU B 100 -27.31 21.91 25.08
CA LEU B 100 -27.06 21.28 26.36
C LEU B 100 -27.43 22.24 27.47
N ARG B 101 -27.13 23.52 27.28
CA ARG B 101 -27.49 24.58 28.23
C ARG B 101 -29.01 24.62 28.38
N ASN B 102 -29.69 24.43 27.26
CA ASN B 102 -31.13 24.39 27.30
C ASN B 102 -31.60 23.16 28.09
N ILE B 103 -30.95 22.01 27.88
CA ILE B 103 -31.33 20.77 28.55
C ILE B 103 -31.09 20.83 30.06
N ASN B 104 -29.95 21.36 30.50
CA ASN B 104 -29.66 21.43 31.92
C ASN B 104 -28.88 22.69 32.28
N PRO B 105 -29.56 23.76 32.74
CA PRO B 105 -28.90 24.99 33.11
C PRO B 105 -28.02 24.94 34.34
N ASP B 106 -28.01 23.81 35.06
CA ASP B 106 -27.12 23.69 36.21
C ASP B 106 -25.68 23.35 35.81
N VAL B 107 -25.45 22.92 34.56
CA VAL B 107 -24.14 22.47 34.12
C VAL B 107 -23.29 23.63 33.61
N LEU B 108 -22.04 23.71 34.08
CA LEU B 108 -21.12 24.71 33.58
C LEU B 108 -20.52 24.24 32.25
N PHE B 109 -20.28 25.18 31.35
CA PHE B 109 -19.71 24.84 30.06
C PHE B 109 -18.47 25.68 29.79
N GLU B 110 -17.55 25.06 29.05
CA GLU B 110 -16.40 25.73 28.47
C GLU B 110 -16.11 25.05 27.14
N VAL B 111 -16.11 25.83 26.05
CA VAL B 111 -16.03 25.21 24.74
C VAL B 111 -14.89 25.87 23.98
N HIS B 112 -14.32 25.13 23.04
CA HIS B 112 -13.14 25.58 22.35
C HIS B 112 -13.23 24.99 20.95
N ASN B 113 -13.18 25.90 19.97
CA ASN B 113 -13.41 25.56 18.58
C ASN B 113 -12.06 25.55 17.85
N TYR B 114 -11.20 24.59 18.22
CA TYR B 114 -9.90 24.46 17.56
C TYR B 114 -9.46 23.01 17.45
N ASN B 115 -8.49 22.78 16.57
CA ASN B 115 -7.80 21.51 16.45
C ASN B 115 -6.75 21.40 17.56
N ILE B 116 -6.75 20.28 18.31
CA ILE B 116 -5.87 20.17 19.48
C ILE B 116 -4.44 19.74 19.13
N THR B 117 -4.17 19.38 17.86
CA THR B 117 -2.86 18.86 17.48
C THR B 117 -1.89 19.93 16.98
N THR B 118 -2.33 21.17 16.76
CA THR B 118 -1.39 22.19 16.37
C THR B 118 -0.64 22.69 17.62
N VAL B 119 0.58 23.19 17.41
CA VAL B 119 1.51 23.58 18.47
C VAL B 119 0.88 24.53 19.49
N GLU B 120 0.30 25.65 19.04
CA GLU B 120 -0.21 26.67 19.95
C GLU B 120 -1.39 26.11 20.74
N ASN B 121 -2.27 25.40 20.02
CA ASN B 121 -3.50 24.90 20.61
C ASN B 121 -3.23 23.85 21.68
N PHE B 122 -2.13 23.11 21.51
CA PHE B 122 -1.79 22.02 22.40
C PHE B 122 -1.42 22.55 23.78
N GLN B 123 -0.59 23.60 23.82
CA GLN B 123 -0.23 24.23 25.08
C GLN B 123 -1.51 24.65 25.82
N HIS B 124 -2.46 25.27 25.08
CA HIS B 124 -3.71 25.72 25.66
C HIS B 124 -4.53 24.54 26.19
N PHE B 125 -4.64 23.49 25.37
CA PHE B 125 -5.39 22.27 25.67
C PHE B 125 -4.90 21.67 26.99
N MET B 126 -3.57 21.60 27.15
CA MET B 126 -2.96 21.08 28.35
C MET B 126 -3.30 21.96 29.55
N ASP B 127 -3.24 23.30 29.33
CA ASP B 127 -3.53 24.26 30.39
C ASP B 127 -4.97 24.04 30.91
N ARG B 128 -5.90 23.73 29.98
CA ARG B 128 -7.31 23.56 30.30
C ARG B 128 -7.61 22.20 30.95
N ILE B 129 -6.82 21.18 30.64
CA ILE B 129 -6.85 19.93 31.38
C ILE B 129 -6.39 20.17 32.82
N SER B 130 -5.38 21.03 33.02
CA SER B 130 -4.75 21.21 34.32
C SER B 130 -5.51 22.21 35.18
N ASN B 131 -6.15 23.19 34.52
CA ASN B 131 -6.70 24.31 35.27
C ASN B 131 -8.19 24.46 35.02
N GLY B 132 -8.72 23.74 34.02
CA GLY B 132 -10.12 23.89 33.63
C GLY B 132 -11.09 23.05 34.45
N GLY B 133 -10.67 22.64 35.65
CA GLY B 133 -11.53 21.90 36.56
C GLY B 133 -12.70 22.75 37.04
N LEU B 134 -13.57 22.16 37.85
CA LEU B 134 -14.72 22.83 38.42
C LEU B 134 -14.30 24.10 39.15
N GLU B 135 -13.29 23.99 40.03
CA GLU B 135 -12.58 25.12 40.61
C GLU B 135 -11.40 25.43 39.69
N GLU B 136 -11.30 26.69 39.27
CA GLU B 136 -10.26 27.12 38.35
C GLU B 136 -8.90 26.98 39.02
N GLY B 137 -7.95 26.36 38.31
CA GLY B 137 -6.63 26.12 38.87
C GLY B 137 -6.43 24.66 39.27
N LYS B 138 -7.56 23.96 39.53
CA LYS B 138 -7.57 22.53 39.77
C LYS B 138 -7.76 21.81 38.44
N PRO B 139 -7.24 20.57 38.24
CA PRO B 139 -7.42 19.85 36.97
C PRO B 139 -8.82 19.25 36.77
N VAL B 140 -9.16 18.91 35.52
CA VAL B 140 -10.39 18.19 35.22
C VAL B 140 -10.27 16.80 35.83
N ASP B 141 -11.40 16.20 36.18
CA ASP B 141 -11.37 14.88 36.81
C ASP B 141 -11.20 13.75 35.78
N LEU B 142 -11.49 14.01 34.50
CA LEU B 142 -11.50 12.97 33.49
C LEU B 142 -11.48 13.61 32.10
N VAL B 143 -10.73 13.00 31.19
CA VAL B 143 -10.70 13.42 29.80
C VAL B 143 -11.32 12.27 29.00
N LEU B 144 -12.07 12.64 27.96
CA LEU B 144 -12.74 11.65 27.14
C LEU B 144 -12.35 11.88 25.70
N SER B 145 -11.63 10.91 25.12
CA SER B 145 -11.29 10.97 23.72
C SER B 145 -12.46 10.37 22.92
N CYS B 146 -13.06 11.19 22.05
CA CYS B 146 -14.13 10.77 21.16
C CYS B 146 -13.82 11.31 19.78
N VAL B 147 -12.51 11.43 19.49
CA VAL B 147 -12.05 11.84 18.17
C VAL B 147 -11.98 10.61 17.27
N ASP B 148 -11.63 10.81 16.00
CA ASP B 148 -11.82 9.77 15.00
C ASP B 148 -10.51 9.42 14.26
N ASN B 149 -9.36 9.78 14.83
CA ASN B 149 -8.09 9.62 14.14
C ASN B 149 -6.95 9.37 15.12
N PHE B 150 -5.87 8.72 14.62
CA PHE B 150 -4.70 8.34 15.39
C PHE B 150 -4.01 9.56 16.02
N GLU B 151 -3.79 10.58 15.19
CA GLU B 151 -3.00 11.74 15.55
C GLU B 151 -3.57 12.39 16.80
N ALA B 152 -4.89 12.52 16.81
CA ALA B 152 -5.51 13.26 17.89
C ALA B 152 -5.46 12.42 19.16
N ARG B 153 -5.73 11.12 19.01
CA ARG B 153 -5.67 10.19 20.14
C ARG B 153 -4.27 10.23 20.77
N MET B 154 -3.25 10.26 19.91
CA MET B 154 -1.86 10.26 20.34
C MET B 154 -1.55 11.56 21.09
N THR B 155 -2.15 12.65 20.61
CA THR B 155 -1.98 13.96 21.22
C THR B 155 -2.52 13.93 22.65
N ILE B 156 -3.76 13.45 22.82
CA ILE B 156 -4.34 13.39 24.16
C ILE B 156 -3.40 12.57 25.02
N ASN B 157 -2.87 11.48 24.42
CA ASN B 157 -2.00 10.55 25.10
C ASN B 157 -0.77 11.27 25.68
N THR B 158 -0.06 12.00 24.80
CA THR B 158 1.11 12.79 25.16
C THR B 158 0.78 13.72 26.31
N ALA B 159 -0.38 14.39 26.22
CA ALA B 159 -0.72 15.38 27.21
C ALA B 159 -0.95 14.70 28.56
N CYS B 160 -1.61 13.54 28.53
CA CYS B 160 -2.12 12.96 29.75
C CYS B 160 -0.98 12.24 30.49
N ASN B 161 -0.01 11.72 29.70
CA ASN B 161 1.18 11.10 30.24
C ASN B 161 2.01 12.14 30.98
N GLU B 162 2.16 13.31 30.37
CA GLU B 162 2.88 14.41 30.99
C GLU B 162 2.15 14.89 32.25
N LEU B 163 0.81 14.96 32.23
CA LEU B 163 0.10 15.53 33.38
C LEU B 163 -0.22 14.47 34.41
N GLY B 164 -0.19 13.20 34.02
CA GLY B 164 -0.67 12.15 34.90
C GLY B 164 -2.18 12.24 35.07
N GLN B 165 -2.87 12.37 33.94
CA GLN B 165 -4.30 12.60 33.87
C GLN B 165 -5.02 11.32 33.43
N THR B 166 -5.92 10.79 34.29
CA THR B 166 -6.73 9.64 33.94
C THR B 166 -7.64 10.05 32.76
N TRP B 167 -7.75 9.18 31.75
CA TRP B 167 -8.69 9.42 30.66
C TRP B 167 -9.30 8.13 30.13
N MET B 168 -10.39 8.28 29.36
CA MET B 168 -10.99 7.19 28.62
C MET B 168 -10.98 7.49 27.14
N GLU B 169 -10.65 6.45 26.36
CA GLU B 169 -10.56 6.57 24.93
C GLU B 169 -11.70 5.75 24.34
N SER B 170 -12.40 6.30 23.37
CA SER B 170 -13.50 5.62 22.70
C SER B 170 -13.30 5.72 21.20
N GLY B 171 -13.75 4.68 20.51
CA GLY B 171 -13.58 4.58 19.08
C GLY B 171 -14.76 3.87 18.46
N VAL B 172 -14.94 4.08 17.15
CA VAL B 172 -15.93 3.35 16.38
C VAL B 172 -15.30 2.97 15.05
N SER B 173 -15.50 1.73 14.62
CA SER B 173 -14.97 1.20 13.38
C SER B 173 -15.39 2.04 12.17
N GLU B 174 -14.59 2.07 11.12
CA GLU B 174 -14.94 2.86 9.94
C GLU B 174 -16.07 2.17 9.20
N ASN B 175 -16.39 0.93 9.59
CA ASN B 175 -17.44 0.17 8.94
C ASN B 175 -18.71 0.19 9.80
N ALA B 176 -18.61 0.90 10.93
CA ALA B 176 -19.73 1.33 11.76
C ALA B 176 -20.22 0.23 12.70
N VAL B 177 -19.75 -1.02 12.55
CA VAL B 177 -20.38 -2.11 13.26
C VAL B 177 -19.55 -2.64 14.44
N SER B 178 -18.58 -1.84 14.92
CA SER B 178 -17.86 -2.16 16.14
C SER B 178 -17.26 -0.90 16.78
N GLY B 179 -17.04 -0.99 18.08
CA GLY B 179 -16.45 0.10 18.85
C GLY B 179 -16.00 -0.42 20.19
N HIS B 180 -15.45 0.48 21.01
CA HIS B 180 -14.87 0.12 22.28
C HIS B 180 -14.69 1.37 23.12
N ILE B 181 -14.47 1.12 24.40
CA ILE B 181 -14.02 2.13 25.34
C ILE B 181 -12.83 1.51 26.05
N GLN B 182 -11.95 2.37 26.56
CA GLN B 182 -10.73 1.94 27.17
C GLN B 182 -10.37 2.95 28.24
N LEU B 183 -9.90 2.42 29.38
CA LEU B 183 -9.53 3.26 30.51
C LEU B 183 -8.02 3.35 30.60
N ILE B 184 -7.53 4.59 30.68
CA ILE B 184 -6.11 4.88 30.75
C ILE B 184 -5.82 5.67 32.02
N ILE B 185 -5.24 4.97 32.99
CA ILE B 185 -4.61 5.60 34.13
C ILE B 185 -3.09 5.53 33.92
N PRO B 186 -2.42 6.62 33.48
CA PRO B 186 -1.00 6.57 33.11
C PRO B 186 -0.13 6.03 34.24
N GLY B 187 0.75 5.07 33.91
CA GLY B 187 1.57 4.39 34.90
C GLY B 187 0.94 3.08 35.42
N GLU B 188 -0.38 3.06 35.59
CA GLU B 188 -1.06 1.90 36.16
C GLU B 188 -1.61 1.01 35.04
N SER B 189 -2.16 1.61 33.99
CA SER B 189 -2.66 0.82 32.87
C SER B 189 -1.90 1.24 31.62
N ALA B 190 -1.96 0.40 30.58
CA ALA B 190 -1.39 0.68 29.27
C ALA B 190 -1.92 2.02 28.74
N CYS B 191 -0.99 2.90 28.37
CA CYS B 191 -1.33 4.13 27.69
C CYS B 191 -1.57 3.75 26.22
N PHE B 192 -1.96 4.74 25.41
CA PHE B 192 -2.35 4.51 24.04
C PHE B 192 -1.15 4.16 23.17
N ALA B 193 0.04 4.60 23.57
CA ALA B 193 1.27 4.30 22.83
C ALA B 193 1.85 2.94 23.23
N CYS B 194 1.43 2.39 24.40
CA CYS B 194 1.98 1.16 24.97
C CYS B 194 1.86 -0.05 24.04
N ALA B 195 0.77 -0.13 23.27
CA ALA B 195 0.51 -1.30 22.45
C ALA B 195 -0.23 -0.91 21.17
N PRO B 196 -0.31 -1.78 20.14
CA PRO B 196 -1.21 -1.56 19.01
C PRO B 196 -2.65 -1.46 19.51
N PRO B 197 -3.58 -0.83 18.74
CA PRO B 197 -5.00 -0.79 19.13
C PRO B 197 -5.57 -2.19 19.36
N LEU B 198 -6.49 -2.30 20.32
CA LEU B 198 -7.32 -3.50 20.43
C LEU B 198 -8.51 -3.38 19.47
N VAL B 199 -8.66 -4.38 18.60
CA VAL B 199 -9.81 -4.50 17.70
C VAL B 199 -10.76 -5.51 18.33
N VAL B 200 -12.01 -5.50 17.85
CA VAL B 200 -13.06 -6.39 18.32
C VAL B 200 -13.76 -7.00 17.13
N ALA B 201 -13.34 -6.63 15.92
CA ALA B 201 -13.83 -7.24 14.70
C ALA B 201 -12.67 -7.38 13.73
N ALA B 202 -12.80 -8.27 12.74
CA ALA B 202 -11.73 -8.50 11.79
C ALA B 202 -11.69 -7.34 10.79
N ASN B 203 -10.55 -7.20 10.10
CA ASN B 203 -10.32 -6.29 8.98
C ASN B 203 -10.75 -4.87 9.33
N GLU B 212 -9.58 7.27 -0.96
CA GLU B 212 -9.19 8.55 -0.35
C GLU B 212 -10.22 9.64 -0.62
N GLY B 213 -11.20 9.37 -1.50
CA GLY B 213 -12.21 10.34 -1.88
C GLY B 213 -13.56 10.13 -1.17
N VAL B 214 -13.60 9.20 -0.20
CA VAL B 214 -14.83 8.73 0.41
C VAL B 214 -14.75 8.86 1.92
N CYS B 215 -15.74 8.27 2.62
CA CYS B 215 -15.95 8.48 4.06
C CYS B 215 -16.22 7.16 4.76
N ALA B 216 -16.01 7.17 6.09
CA ALA B 216 -16.40 6.11 6.99
C ALA B 216 -17.92 6.06 7.09
N ALA B 217 -18.44 4.84 7.15
CA ALA B 217 -19.81 4.56 7.49
C ALA B 217 -20.02 4.79 8.98
N SER B 218 -21.22 5.23 9.37
CA SER B 218 -21.62 5.40 10.76
C SER B 218 -23.11 5.13 10.91
N LEU B 219 -23.48 4.59 12.07
CA LEU B 219 -24.85 4.28 12.39
C LEU B 219 -25.17 4.95 13.72
N PRO B 220 -26.42 5.41 13.91
CA PRO B 220 -26.78 6.05 15.18
C PRO B 220 -26.83 5.04 16.33
N THR B 221 -27.12 3.77 16.00
CA THR B 221 -27.16 2.65 16.90
C THR B 221 -25.80 2.47 17.60
N THR B 222 -24.74 2.29 16.82
CA THR B 222 -23.42 1.95 17.36
C THR B 222 -22.91 3.08 18.22
N MET B 223 -22.98 4.30 17.66
CA MET B 223 -22.65 5.50 18.39
C MET B 223 -23.40 5.60 19.71
N GLY B 224 -24.67 5.21 19.73
CA GLY B 224 -25.43 5.28 20.96
C GLY B 224 -24.98 4.21 21.96
N VAL B 225 -24.59 3.03 21.47
CA VAL B 225 -24.16 1.99 22.38
C VAL B 225 -22.83 2.41 23.02
N VAL B 226 -21.90 2.92 22.18
CA VAL B 226 -20.57 3.30 22.61
C VAL B 226 -20.64 4.45 23.60
N ALA B 227 -21.31 5.55 23.23
CA ALA B 227 -21.52 6.63 24.17
C ALA B 227 -22.12 6.11 25.48
N GLY B 228 -23.10 5.20 25.35
CA GLY B 228 -23.77 4.62 26.49
C GLY B 228 -22.81 3.96 27.48
N ILE B 229 -22.01 3.02 26.96
CA ILE B 229 -21.10 2.26 27.78
C ILE B 229 -19.99 3.20 28.29
N LEU B 230 -19.59 4.15 27.44
CA LEU B 230 -18.56 5.11 27.82
C LEU B 230 -19.00 5.89 29.07
N VAL B 231 -20.22 6.43 29.06
CA VAL B 231 -20.64 7.31 30.12
C VAL B 231 -20.95 6.46 31.34
N GLN B 232 -21.38 5.23 31.10
CA GLN B 232 -21.67 4.32 32.19
C GLN B 232 -20.37 4.06 32.94
N ASN B 233 -19.28 3.95 32.19
CA ASN B 233 -18.00 3.72 32.81
C ASN B 233 -17.59 4.94 33.62
N VAL B 234 -17.84 6.12 33.06
CA VAL B 234 -17.57 7.37 33.73
C VAL B 234 -18.30 7.42 35.07
N LEU B 235 -19.60 7.10 35.06
CA LEU B 235 -20.40 7.22 36.27
C LEU B 235 -19.84 6.27 37.33
N LYS B 236 -19.49 5.06 36.89
CA LYS B 236 -19.03 4.04 37.80
C LYS B 236 -17.70 4.46 38.43
N PHE B 237 -16.80 5.02 37.60
CA PHE B 237 -15.50 5.56 37.99
C PHE B 237 -15.65 6.71 38.99
N LEU B 238 -16.46 7.72 38.67
CA LEU B 238 -16.53 8.90 39.51
C LEU B 238 -17.40 8.64 40.74
N LEU B 239 -18.45 7.82 40.60
CA LEU B 239 -19.40 7.67 41.69
C LEU B 239 -19.19 6.39 42.51
N ASN B 240 -18.15 5.61 42.15
CA ASN B 240 -17.65 4.45 42.88
C ASN B 240 -18.77 3.44 43.15
N PHE B 241 -19.41 2.97 42.09
CA PHE B 241 -20.35 1.86 42.18
C PHE B 241 -20.02 0.90 41.05
N GLY B 242 -20.43 -0.36 41.18
CA GLY B 242 -20.22 -1.41 40.20
C GLY B 242 -18.73 -1.63 39.93
N THR B 243 -18.42 -2.17 38.75
CA THR B 243 -17.05 -2.46 38.36
C THR B 243 -16.71 -1.67 37.10
N VAL B 244 -15.66 -0.87 37.21
CA VAL B 244 -15.11 -0.15 36.07
C VAL B 244 -14.43 -1.13 35.13
N SER B 245 -14.69 -1.00 33.83
CA SER B 245 -13.93 -1.74 32.82
C SER B 245 -12.68 -0.97 32.42
N PHE B 246 -11.60 -1.69 32.10
CA PHE B 246 -10.42 -1.05 31.54
C PHE B 246 -10.50 -1.10 30.02
N TYR B 247 -11.37 -1.95 29.53
CA TYR B 247 -11.61 -2.13 28.12
C TYR B 247 -12.92 -2.90 27.99
N LEU B 248 -13.78 -2.37 27.13
CA LEU B 248 -15.05 -2.97 26.80
C LEU B 248 -15.29 -2.69 25.32
N GLY B 249 -15.40 -3.77 24.55
CA GLY B 249 -15.56 -3.69 23.11
C GLY B 249 -17.01 -3.99 22.79
N TYR B 250 -17.39 -3.71 21.55
CA TYR B 250 -18.73 -4.00 21.08
C TYR B 250 -18.62 -4.39 19.62
N ASN B 251 -19.06 -5.63 19.36
CA ASN B 251 -19.16 -6.14 18.02
C ASN B 251 -20.66 -6.24 17.73
N ALA B 252 -21.12 -5.41 16.79
CA ALA B 252 -22.53 -5.29 16.49
C ALA B 252 -23.00 -6.50 15.68
N MET B 253 -22.08 -7.10 14.93
CA MET B 253 -22.46 -8.18 14.05
C MET B 253 -22.79 -9.44 14.84
N GLN B 254 -22.05 -9.67 15.95
CA GLN B 254 -22.19 -10.90 16.72
C GLN B 254 -22.94 -10.68 18.03
N ASP B 255 -23.07 -9.43 18.48
CA ASP B 255 -23.71 -9.06 19.73
C ASP B 255 -22.81 -9.45 20.91
N PHE B 256 -21.56 -9.01 20.81
CA PHE B 256 -20.44 -9.52 21.59
C PHE B 256 -19.69 -8.34 22.22
N PHE B 257 -19.43 -8.47 23.52
CA PHE B 257 -18.94 -7.35 24.29
C PHE B 257 -17.71 -7.79 25.08
N PRO B 258 -16.56 -7.99 24.41
CA PRO B 258 -15.35 -8.47 25.10
C PRO B 258 -14.78 -7.42 26.05
N THR B 259 -14.33 -7.88 27.23
CA THR B 259 -13.61 -7.04 28.17
C THR B 259 -12.14 -7.44 28.18
N MET B 260 -11.29 -6.57 28.72
CA MET B 260 -9.85 -6.77 28.76
C MET B 260 -9.25 -5.80 29.75
N SER B 261 -7.97 -6.02 30.06
CA SER B 261 -7.25 -5.09 30.90
C SER B 261 -5.85 -5.00 30.31
N MET B 262 -5.44 -3.80 29.92
CA MET B 262 -4.21 -3.65 29.19
C MET B 262 -3.16 -3.12 30.15
N LYS B 263 -2.10 -3.91 30.29
CA LYS B 263 -1.07 -3.61 31.28
C LYS B 263 0.01 -2.81 30.55
N PRO B 264 0.71 -1.91 31.28
CA PRO B 264 1.71 -1.06 30.66
C PRO B 264 2.92 -1.79 30.05
N ASN B 265 3.39 -1.26 28.93
CA ASN B 265 4.62 -1.69 28.29
C ASN B 265 5.77 -0.91 28.89
N PRO B 266 6.77 -1.56 29.52
CA PRO B 266 7.89 -0.84 30.15
C PRO B 266 8.94 -0.25 29.20
N GLN B 267 8.88 -0.64 27.92
CA GLN B 267 9.64 -0.01 26.87
C GLN B 267 8.70 0.78 25.94
N CYS B 268 7.73 1.50 26.53
CA CYS B 268 6.78 2.31 25.79
C CYS B 268 7.53 3.48 25.16
N ASP B 269 7.18 3.80 23.92
CA ASP B 269 7.82 4.87 23.16
C ASP B 269 7.81 6.18 23.93
N ASP B 270 6.74 6.40 24.71
CA ASP B 270 6.49 7.62 25.45
C ASP B 270 7.26 7.59 26.75
N ARG B 271 8.27 8.46 26.84
CA ARG B 271 9.17 8.59 27.98
C ARG B 271 8.36 8.90 29.24
N ASN B 272 7.23 9.60 29.09
CA ASN B 272 6.48 10.02 30.26
C ASN B 272 5.68 8.84 30.81
N CYS B 273 5.25 7.94 29.91
CA CYS B 273 4.54 6.76 30.33
C CYS B 273 5.46 5.91 31.18
N ARG B 274 6.70 5.75 30.69
CA ARG B 274 7.80 5.09 31.39
C ARG B 274 7.98 5.68 32.79
N LYS B 275 8.07 7.01 32.88
CA LYS B 275 8.24 7.74 34.13
C LYS B 275 7.05 7.51 35.06
N GLN B 276 5.84 7.42 34.51
CA GLN B 276 4.62 7.31 35.31
C GLN B 276 4.54 5.90 35.89
N GLN B 277 4.99 4.91 35.11
CA GLN B 277 5.04 3.52 35.52
C GLN B 277 5.96 3.42 36.73
N GLU B 278 7.10 4.11 36.61
CA GLU B 278 8.12 4.15 37.63
C GLU B 278 7.50 4.66 38.91
N GLU B 279 6.80 5.80 38.79
CA GLU B 279 6.16 6.44 39.93
C GLU B 279 5.13 5.50 40.56
N TYR B 280 4.41 4.75 39.74
CA TYR B 280 3.35 3.89 40.24
C TYR B 280 3.93 2.75 41.07
N LYS B 281 5.04 2.14 40.60
CA LYS B 281 5.69 1.02 41.25
C LYS B 281 6.22 1.45 42.61
N LYS B 282 6.66 2.73 42.70
CA LYS B 282 7.18 3.32 43.93
C LYS B 282 6.08 3.45 44.97
N LYS B 283 4.95 4.04 44.54
CA LYS B 283 3.78 4.26 45.36
C LYS B 283 3.22 2.92 45.85
N VAL B 284 3.35 1.87 45.02
CA VAL B 284 2.79 0.54 45.28
C VAL B 284 3.44 -0.12 46.50
N ALA B 285 4.76 0.01 46.65
CA ALA B 285 5.43 -0.54 47.83
C ALA B 285 5.50 0.50 48.93
N ALA B 286 4.41 0.59 49.73
CA ALA B 286 4.31 1.49 50.87
C ALA B 286 4.25 0.68 52.18
N GLY C 1 -20.74 4.43 -45.84
CA GLY C 1 -20.51 5.83 -46.30
C GLY C 1 -20.97 6.02 -47.74
N ARG C 2 -21.55 7.19 -48.01
CA ARG C 2 -22.20 7.41 -49.29
C ARG C 2 -21.55 8.58 -50.04
N VAL C 3 -21.19 8.33 -51.31
CA VAL C 3 -20.57 9.30 -52.22
C VAL C 3 -21.65 10.16 -52.85
N ARG C 4 -21.31 11.43 -53.15
CA ARG C 4 -22.14 12.25 -54.05
C ARG C 4 -22.22 11.61 -55.45
N ILE C 5 -23.46 11.56 -55.98
CA ILE C 5 -23.78 11.06 -57.31
C ILE C 5 -24.29 12.20 -58.19
N GLU C 6 -23.66 12.41 -59.35
CA GLU C 6 -23.97 13.55 -60.20
C GLU C 6 -25.19 13.27 -61.08
N LYS C 7 -25.29 12.08 -61.70
CA LYS C 7 -26.50 11.63 -62.38
C LYS C 7 -26.91 10.23 -61.93
N MET C 8 -28.16 10.10 -61.46
CA MET C 8 -28.68 8.84 -60.94
C MET C 8 -28.49 7.72 -61.97
N SER C 9 -28.13 6.54 -61.49
CA SER C 9 -27.85 5.44 -62.39
C SER C 9 -28.82 4.29 -62.08
N SER C 10 -29.17 3.52 -63.12
CA SER C 10 -30.10 2.42 -62.97
C SER C 10 -29.35 1.10 -62.71
N GLU C 11 -28.02 1.16 -62.58
CA GLU C 11 -27.12 0.02 -62.50
C GLU C 11 -27.41 -0.77 -61.23
N VAL C 12 -27.59 -2.09 -61.36
CA VAL C 12 -27.98 -2.91 -60.21
C VAL C 12 -26.74 -3.47 -59.50
N VAL C 13 -26.15 -2.66 -58.61
CA VAL C 13 -24.96 -2.97 -57.81
C VAL C 13 -25.24 -2.52 -56.38
N ASP C 14 -24.59 -3.20 -55.43
CA ASP C 14 -24.74 -2.97 -54.01
C ASP C 14 -24.37 -1.53 -53.63
N SER C 15 -23.50 -0.91 -54.42
CA SER C 15 -22.96 0.38 -54.03
C SER C 15 -23.85 1.54 -54.50
N ASN C 16 -24.89 1.24 -55.27
CA ASN C 16 -25.75 2.25 -55.88
C ASN C 16 -27.01 2.50 -55.04
N PRO C 17 -27.10 3.62 -54.29
CA PRO C 17 -28.26 3.85 -53.43
C PRO C 17 -29.55 4.21 -54.18
N TYR C 18 -29.46 4.31 -55.50
CA TYR C 18 -30.59 4.74 -56.31
C TYR C 18 -31.10 3.60 -57.17
N SER C 19 -30.39 2.47 -57.17
CA SER C 19 -30.72 1.33 -58.02
C SER C 19 -32.18 0.88 -57.87
N ARG C 20 -32.68 0.76 -56.65
CA ARG C 20 -34.01 0.21 -56.40
C ARG C 20 -35.09 1.26 -56.66
N LEU C 21 -34.69 2.54 -56.77
CA LEU C 21 -35.63 3.60 -57.11
C LEU C 21 -35.74 3.70 -58.63
N MET C 22 -34.60 3.66 -59.32
CA MET C 22 -34.56 3.73 -60.77
C MET C 22 -35.06 2.43 -61.38
N ALA C 23 -35.32 1.43 -60.53
CA ALA C 23 -35.92 0.20 -61.01
C ALA C 23 -37.36 0.47 -61.45
N LEU C 24 -37.96 1.54 -60.89
CA LEU C 24 -39.31 1.94 -61.27
C LEU C 24 -39.37 2.28 -62.76
N LYS C 25 -38.22 2.61 -63.36
CA LYS C 25 -38.17 2.92 -64.78
C LYS C 25 -38.44 1.67 -65.60
N ARG C 26 -37.60 0.65 -65.47
CA ARG C 26 -37.73 -0.54 -66.29
C ARG C 26 -38.77 -1.47 -65.67
N MET C 27 -39.73 -0.87 -64.96
CA MET C 27 -40.87 -1.60 -64.47
C MET C 27 -42.14 -0.85 -64.87
N GLY C 28 -41.95 0.21 -65.68
CA GLY C 28 -43.01 1.00 -66.30
C GLY C 28 -43.93 1.68 -65.29
N ILE C 29 -43.44 1.92 -64.08
CA ILE C 29 -44.22 2.56 -63.04
C ILE C 29 -43.97 4.07 -63.08
N VAL C 30 -42.70 4.49 -63.16
CA VAL C 30 -42.35 5.90 -63.27
C VAL C 30 -41.37 6.01 -64.44
N SER C 31 -41.72 6.79 -65.46
CA SER C 31 -40.86 6.80 -66.64
C SER C 31 -39.63 7.68 -66.45
N ASP C 32 -39.75 8.71 -65.61
CA ASP C 32 -38.69 9.69 -65.48
C ASP C 32 -38.40 9.93 -64.00
N TYR C 33 -37.87 8.91 -63.32
CA TYR C 33 -37.65 9.00 -61.88
C TYR C 33 -36.68 10.13 -61.51
N GLU C 34 -35.59 10.27 -62.29
CA GLU C 34 -34.49 11.19 -61.99
C GLU C 34 -34.99 12.63 -61.86
N LYS C 35 -36.22 12.91 -62.28
CA LYS C 35 -36.65 14.29 -62.30
C LYS C 35 -37.03 14.71 -60.89
N ILE C 36 -37.01 13.74 -59.97
CA ILE C 36 -37.19 13.96 -58.54
C ILE C 36 -36.10 14.91 -58.03
N ARG C 37 -34.92 14.85 -58.64
CA ARG C 37 -33.77 15.68 -58.31
C ARG C 37 -33.99 17.13 -58.70
N THR C 38 -35.09 17.44 -59.41
CA THR C 38 -35.34 18.79 -59.90
C THR C 38 -36.32 19.55 -59.00
N PHE C 39 -37.01 18.84 -58.11
CA PHE C 39 -38.02 19.50 -57.28
C PHE C 39 -37.46 19.98 -55.93
N ALA C 40 -38.08 21.05 -55.39
CA ALA C 40 -37.86 21.50 -54.02
C ALA C 40 -39.16 21.45 -53.21
N VAL C 41 -39.05 20.99 -51.96
CA VAL C 41 -40.21 20.80 -51.12
C VAL C 41 -39.98 21.42 -49.74
N ALA C 42 -41.01 22.09 -49.22
CA ALA C 42 -40.89 22.76 -47.95
C ALA C 42 -41.76 22.03 -46.93
N ILE C 43 -41.18 21.76 -45.76
CA ILE C 43 -41.91 21.04 -44.73
C ILE C 43 -42.00 21.94 -43.52
N VAL C 44 -43.24 22.19 -43.09
CA VAL C 44 -43.49 22.95 -41.89
C VAL C 44 -44.00 21.97 -40.86
N GLY C 45 -43.23 21.90 -39.75
CA GLY C 45 -43.44 20.92 -38.69
C GLY C 45 -42.64 19.66 -38.95
N VAL C 46 -41.46 19.57 -38.33
CA VAL C 46 -40.60 18.40 -38.49
C VAL C 46 -40.73 17.55 -37.22
N GLY C 47 -41.97 17.35 -36.79
CA GLY C 47 -42.24 16.49 -35.65
C GLY C 47 -42.42 15.05 -36.09
N GLY C 48 -43.36 14.34 -35.45
CA GLY C 48 -43.73 12.98 -35.81
C GLY C 48 -43.84 12.78 -37.31
N VAL C 49 -44.76 13.51 -37.96
CA VAL C 49 -44.99 13.29 -39.38
C VAL C 49 -43.92 14.02 -40.19
N GLY C 50 -43.57 15.23 -39.77
CA GLY C 50 -42.68 16.03 -40.59
C GLY C 50 -41.32 15.36 -40.80
N SER C 51 -40.84 14.68 -39.76
CA SER C 51 -39.49 14.15 -39.78
C SER C 51 -39.41 12.90 -40.66
N VAL C 52 -40.44 12.06 -40.61
CA VAL C 52 -40.45 10.88 -41.47
C VAL C 52 -40.64 11.27 -42.93
N THR C 53 -41.44 12.33 -43.14
CA THR C 53 -41.71 12.85 -44.46
C THR C 53 -40.41 13.32 -45.08
N ALA C 54 -39.64 14.07 -44.28
CA ALA C 54 -38.32 14.57 -44.66
C ALA C 54 -37.39 13.40 -44.98
N GLU C 55 -37.45 12.34 -44.16
CA GLU C 55 -36.57 11.20 -44.33
C GLU C 55 -36.89 10.55 -45.67
N MET C 56 -38.19 10.30 -45.89
CA MET C 56 -38.65 9.58 -47.08
C MET C 56 -38.30 10.34 -48.36
N LEU C 57 -38.47 11.67 -48.35
CA LEU C 57 -38.15 12.47 -49.52
C LEU C 57 -36.65 12.51 -49.77
N THR C 58 -35.87 12.60 -48.68
CA THR C 58 -34.42 12.64 -48.72
C THR C 58 -33.87 11.35 -49.32
N ARG C 59 -34.43 10.22 -48.88
CA ARG C 59 -34.01 8.92 -49.38
C ARG C 59 -34.35 8.78 -50.87
N CYS C 60 -35.41 9.48 -51.30
CA CYS C 60 -35.87 9.38 -52.67
C CYS C 60 -34.96 10.18 -53.59
N GLY C 61 -34.28 11.16 -52.99
CA GLY C 61 -33.32 11.95 -53.73
C GLY C 61 -33.96 13.24 -54.25
N ILE C 62 -34.91 13.77 -53.48
CA ILE C 62 -35.50 15.07 -53.75
C ILE C 62 -34.37 16.08 -53.86
N GLY C 63 -34.54 17.10 -54.72
CA GLY C 63 -33.52 18.11 -54.98
C GLY C 63 -33.17 18.98 -53.77
N LYS C 64 -34.20 19.50 -53.08
CA LYS C 64 -33.95 20.39 -51.95
C LYS C 64 -35.09 20.28 -50.95
N LEU C 65 -34.75 20.25 -49.66
CA LEU C 65 -35.74 20.40 -48.61
C LEU C 65 -35.51 21.71 -47.87
N LEU C 66 -36.61 22.37 -47.48
CA LEU C 66 -36.62 23.57 -46.64
C LEU C 66 -37.38 23.21 -45.38
N LEU C 67 -36.69 23.26 -44.24
CA LEU C 67 -37.32 22.77 -43.03
C LEU C 67 -37.61 23.95 -42.11
N PHE C 68 -38.82 23.93 -41.54
CA PHE C 68 -39.30 24.96 -40.63
C PHE C 68 -39.89 24.27 -39.40
N ASP C 69 -39.39 24.70 -38.24
CA ASP C 69 -39.82 24.24 -36.94
C ASP C 69 -39.14 25.12 -35.88
N TYR C 70 -39.85 25.38 -34.76
CA TYR C 70 -39.31 26.19 -33.69
C TYR C 70 -38.88 25.33 -32.49
N ASP C 71 -39.30 24.05 -32.44
CA ASP C 71 -39.17 23.24 -31.23
C ASP C 71 -37.83 22.50 -31.20
N LYS C 72 -37.40 22.14 -29.97
CA LYS C 72 -36.20 21.33 -29.73
C LYS C 72 -36.61 19.87 -29.55
N VAL C 73 -35.69 18.94 -29.83
CA VAL C 73 -35.94 17.53 -29.60
C VAL C 73 -35.91 17.21 -28.10
N GLU C 74 -36.88 16.42 -27.66
CA GLU C 74 -37.04 16.10 -26.25
C GLU C 74 -37.27 14.59 -26.13
N LEU C 75 -36.94 14.02 -24.97
CA LEU C 75 -37.12 12.58 -24.79
C LEU C 75 -38.58 12.14 -25.00
N ALA C 76 -39.54 13.02 -24.71
CA ALA C 76 -40.96 12.72 -24.87
C ALA C 76 -41.30 12.46 -26.34
N ASN C 77 -40.43 12.89 -27.26
CA ASN C 77 -40.59 12.67 -28.69
C ASN C 77 -40.10 11.28 -29.10
N MET C 78 -39.53 10.52 -28.17
CA MET C 78 -38.84 9.32 -28.58
C MET C 78 -39.82 8.20 -28.91
N ASN C 79 -41.12 8.43 -28.62
CA ASN C 79 -42.17 7.48 -28.95
C ASN C 79 -42.41 7.52 -30.47
N ARG C 80 -41.85 8.54 -31.12
CA ARG C 80 -41.99 8.73 -32.55
C ARG C 80 -40.67 8.44 -33.25
N LEU C 81 -40.76 8.19 -34.56
CA LEU C 81 -39.61 7.80 -35.37
C LEU C 81 -38.64 8.96 -35.62
N PHE C 82 -37.46 8.58 -36.13
CA PHE C 82 -36.43 9.45 -36.67
C PHE C 82 -35.47 9.91 -35.57
N PHE C 83 -35.92 10.84 -34.72
CA PHE C 83 -35.03 11.40 -33.72
C PHE C 83 -34.59 10.37 -32.69
N GLN C 84 -33.32 10.48 -32.29
CA GLN C 84 -32.72 9.55 -31.35
C GLN C 84 -32.42 10.28 -30.05
N PRO C 85 -32.34 9.57 -28.91
CA PRO C 85 -32.20 10.23 -27.60
C PRO C 85 -31.01 11.18 -27.44
N HIS C 86 -29.90 10.88 -28.13
CA HIS C 86 -28.71 11.72 -28.07
C HIS C 86 -28.93 13.04 -28.81
N GLN C 87 -30.05 13.16 -29.53
CA GLN C 87 -30.33 14.42 -30.21
C GLN C 87 -31.15 15.35 -29.31
N ALA C 88 -31.55 14.83 -28.14
CA ALA C 88 -32.31 15.62 -27.18
C ALA C 88 -31.54 16.89 -26.87
N GLY C 89 -32.26 18.02 -26.89
CA GLY C 89 -31.66 19.32 -26.62
C GLY C 89 -31.53 20.15 -27.88
N LEU C 90 -31.16 19.52 -29.01
CA LEU C 90 -30.96 20.16 -30.30
C LEU C 90 -32.30 20.60 -30.87
N SER C 91 -32.28 21.65 -31.70
CA SER C 91 -33.48 22.00 -32.45
C SER C 91 -33.81 20.87 -33.41
N LYS C 92 -35.12 20.66 -33.67
CA LYS C 92 -35.56 19.63 -34.59
C LYS C 92 -34.94 19.85 -35.98
N VAL C 93 -34.93 21.09 -36.46
CA VAL C 93 -34.43 21.39 -37.80
C VAL C 93 -32.94 21.09 -37.87
N GLN C 94 -32.20 21.31 -36.78
CA GLN C 94 -30.76 21.15 -36.86
C GLN C 94 -30.42 19.66 -36.79
N ALA C 95 -31.17 18.93 -35.95
CA ALA C 95 -31.01 17.51 -35.78
C ALA C 95 -31.37 16.82 -37.08
N ALA C 96 -32.54 17.19 -37.60
CA ALA C 96 -33.01 16.61 -38.85
C ALA C 96 -31.98 16.83 -39.95
N GLU C 97 -31.60 18.10 -40.16
CA GLU C 97 -30.67 18.44 -41.21
C GLU C 97 -29.43 17.55 -41.12
N HIS C 98 -28.85 17.44 -39.90
CA HIS C 98 -27.59 16.72 -39.75
C HIS C 98 -27.74 15.25 -40.15
N THR C 99 -28.79 14.60 -39.63
CA THR C 99 -29.09 13.22 -39.95
C THR C 99 -29.34 13.07 -41.44
N LEU C 100 -30.15 13.97 -42.02
CA LEU C 100 -30.55 13.84 -43.40
C LEU C 100 -29.36 14.00 -44.36
N ARG C 101 -28.42 14.89 -44.02
CA ARG C 101 -27.22 15.09 -44.83
C ARG C 101 -26.37 13.82 -44.82
N ASN C 102 -26.38 13.12 -43.68
CA ASN C 102 -25.65 11.87 -43.55
C ASN C 102 -26.31 10.82 -44.45
N ILE C 103 -27.65 10.86 -44.50
CA ILE C 103 -28.43 9.89 -45.25
C ILE C 103 -28.27 10.09 -46.75
N ASN C 104 -28.27 11.35 -47.21
CA ASN C 104 -28.14 11.59 -48.64
C ASN C 104 -27.41 12.90 -48.91
N PRO C 105 -26.11 12.82 -49.27
CA PRO C 105 -25.29 14.01 -49.51
C PRO C 105 -25.64 14.85 -50.75
N ASP C 106 -26.52 14.33 -51.60
CA ASP C 106 -26.92 14.95 -52.85
C ASP C 106 -27.93 16.09 -52.60
N VAL C 107 -28.76 15.94 -51.56
CA VAL C 107 -29.90 16.79 -51.28
C VAL C 107 -29.44 18.11 -50.65
N LEU C 108 -29.99 19.22 -51.13
CA LEU C 108 -29.72 20.53 -50.56
C LEU C 108 -30.70 20.77 -49.44
N PHE C 109 -30.25 21.42 -48.37
CA PHE C 109 -31.18 21.72 -47.30
C PHE C 109 -31.13 23.21 -46.99
N GLU C 110 -32.21 23.66 -46.37
CA GLU C 110 -32.32 25.00 -45.83
C GLU C 110 -33.19 24.85 -44.60
N VAL C 111 -32.66 25.20 -43.44
CA VAL C 111 -33.48 25.02 -42.26
C VAL C 111 -33.69 26.36 -41.57
N HIS C 112 -34.86 26.48 -40.93
CA HIS C 112 -35.26 27.70 -40.27
C HIS C 112 -35.85 27.34 -38.92
N ASN C 113 -35.20 27.84 -37.87
CA ASN C 113 -35.61 27.45 -36.54
C ASN C 113 -36.51 28.53 -35.98
N TYR C 114 -37.72 28.68 -36.53
CA TYR C 114 -38.62 29.70 -36.02
C TYR C 114 -40.10 29.32 -36.10
N ASN C 115 -40.92 30.13 -35.41
CA ASN C 115 -42.36 30.06 -35.39
C ASN C 115 -42.94 30.87 -36.56
N ILE C 116 -43.65 30.22 -37.49
CA ILE C 116 -44.04 30.86 -38.76
C ILE C 116 -45.24 31.79 -38.56
N THR C 117 -45.88 31.77 -37.40
CA THR C 117 -47.08 32.56 -37.21
C THR C 117 -46.77 33.96 -36.68
N THR C 118 -45.53 34.26 -36.28
CA THR C 118 -45.23 35.64 -35.94
C THR C 118 -45.22 36.49 -37.21
N VAL C 119 -45.48 37.79 -37.04
CA VAL C 119 -45.66 38.71 -38.15
C VAL C 119 -44.34 38.83 -38.93
N GLU C 120 -43.22 38.93 -38.21
CA GLU C 120 -41.94 39.07 -38.88
C GLU C 120 -41.56 37.75 -39.56
N ASN C 121 -41.86 36.64 -38.89
CA ASN C 121 -41.45 35.33 -39.36
C ASN C 121 -42.18 34.98 -40.65
N PHE C 122 -43.48 35.31 -40.67
CA PHE C 122 -44.40 35.00 -41.77
C PHE C 122 -43.95 35.64 -43.07
N GLN C 123 -43.45 36.87 -42.98
CA GLN C 123 -42.93 37.58 -44.15
C GLN C 123 -41.74 36.80 -44.70
N HIS C 124 -40.82 36.39 -43.82
CA HIS C 124 -39.64 35.65 -44.25
C HIS C 124 -40.09 34.34 -44.89
N PHE C 125 -41.04 33.70 -44.21
CA PHE C 125 -41.51 32.39 -44.59
C PHE C 125 -42.02 32.45 -46.03
N MET C 126 -42.81 33.48 -46.30
CA MET C 126 -43.40 33.70 -47.62
C MET C 126 -42.32 34.00 -48.67
N ASP C 127 -41.26 34.70 -48.26
CA ASP C 127 -40.16 34.96 -49.17
C ASP C 127 -39.56 33.63 -49.62
N ARG C 128 -39.49 32.66 -48.70
CA ARG C 128 -38.75 31.44 -48.96
C ARG C 128 -39.58 30.46 -49.79
N ILE C 129 -40.91 30.55 -49.63
CA ILE C 129 -41.85 29.81 -50.47
C ILE C 129 -41.69 30.27 -51.92
N SER C 130 -41.50 31.59 -52.10
CA SER C 130 -41.52 32.25 -53.40
C SER C 130 -40.17 32.11 -54.10
N ASN C 131 -39.10 32.05 -53.30
CA ASN C 131 -37.74 32.18 -53.82
C ASN C 131 -36.86 31.01 -53.38
N GLY C 132 -37.41 30.12 -52.54
CA GLY C 132 -36.63 29.09 -51.87
C GLY C 132 -36.49 27.80 -52.69
N GLY C 133 -36.87 27.86 -53.97
CA GLY C 133 -36.84 26.70 -54.86
C GLY C 133 -35.41 26.25 -55.16
N LEU C 134 -35.30 25.23 -56.04
CA LEU C 134 -34.03 24.60 -56.39
C LEU C 134 -33.09 25.70 -56.88
N GLU C 135 -33.57 26.47 -57.86
CA GLU C 135 -32.87 27.67 -58.28
C GLU C 135 -33.37 28.86 -57.46
N GLU C 136 -32.44 29.70 -57.00
CA GLU C 136 -32.75 30.86 -56.17
C GLU C 136 -33.64 31.80 -56.98
N GLY C 137 -34.73 32.26 -56.34
CA GLY C 137 -35.66 33.17 -56.99
C GLY C 137 -36.92 32.51 -57.53
N LYS C 138 -36.81 31.22 -57.90
CA LYS C 138 -37.96 30.43 -58.33
C LYS C 138 -38.65 29.90 -57.08
N PRO C 139 -39.98 29.64 -57.10
CA PRO C 139 -40.68 29.16 -55.90
C PRO C 139 -40.47 27.66 -55.67
N VAL C 140 -40.82 27.19 -54.46
CA VAL C 140 -40.79 25.77 -54.13
C VAL C 140 -41.91 25.08 -54.88
N ASP C 141 -41.72 23.80 -55.23
CA ASP C 141 -42.70 23.03 -55.98
C ASP C 141 -43.86 22.57 -55.09
N LEU C 142 -43.64 22.42 -53.77
CA LEU C 142 -44.67 21.94 -52.87
C LEU C 142 -44.37 22.41 -51.46
N VAL C 143 -45.42 22.68 -50.71
CA VAL C 143 -45.28 22.91 -49.29
C VAL C 143 -46.01 21.80 -48.56
N LEU C 144 -45.43 21.33 -47.46
CA LEU C 144 -46.09 20.29 -46.70
C LEU C 144 -46.29 20.80 -45.28
N SER C 145 -47.55 20.83 -44.86
CA SER C 145 -47.86 21.22 -43.50
C SER C 145 -47.91 19.96 -42.66
N CYS C 146 -47.03 19.87 -41.66
CA CYS C 146 -47.06 18.74 -40.75
C CYS C 146 -47.03 19.27 -39.33
N VAL C 147 -47.70 20.39 -39.15
CA VAL C 147 -47.78 21.08 -37.87
C VAL C 147 -48.94 20.45 -37.10
N ASP C 148 -49.12 20.84 -35.84
CA ASP C 148 -50.06 20.13 -35.00
C ASP C 148 -51.20 21.04 -34.54
N ASN C 149 -51.25 22.28 -35.02
CA ASN C 149 -52.23 23.23 -34.50
C ASN C 149 -52.94 23.96 -35.65
N PHE C 150 -54.16 24.44 -35.38
CA PHE C 150 -55.01 25.09 -36.36
C PHE C 150 -54.42 26.43 -36.83
N GLU C 151 -53.98 27.26 -35.88
CA GLU C 151 -53.31 28.51 -36.15
C GLU C 151 -52.23 28.34 -37.22
N ALA C 152 -51.35 27.35 -37.05
CA ALA C 152 -50.22 27.23 -37.94
C ALA C 152 -50.71 26.84 -39.34
N ARG C 153 -51.71 25.96 -39.38
CA ARG C 153 -52.26 25.47 -40.63
C ARG C 153 -52.93 26.61 -41.40
N MET C 154 -53.65 27.45 -40.66
CA MET C 154 -54.38 28.56 -41.24
C MET C 154 -53.40 29.59 -41.81
N THR C 155 -52.26 29.73 -41.14
CA THR C 155 -51.20 30.62 -41.56
C THR C 155 -50.64 30.16 -42.90
N ILE C 156 -50.41 28.85 -43.03
CA ILE C 156 -49.90 28.30 -44.28
C ILE C 156 -50.95 28.53 -45.36
N ASN C 157 -52.23 28.40 -45.00
CA ASN C 157 -53.33 28.53 -45.94
C ASN C 157 -53.34 29.92 -46.58
N THR C 158 -53.17 30.96 -45.75
CA THR C 158 -53.16 32.36 -46.16
C THR C 158 -52.03 32.61 -47.13
N ALA C 159 -50.84 32.15 -46.77
CA ALA C 159 -49.69 32.35 -47.62
C ALA C 159 -49.94 31.70 -48.98
N CYS C 160 -50.63 30.55 -48.99
CA CYS C 160 -50.63 29.73 -50.18
C CYS C 160 -51.65 30.27 -51.16
N ASN C 161 -52.75 30.80 -50.62
CA ASN C 161 -53.80 31.41 -51.43
C ASN C 161 -53.29 32.70 -52.09
N GLU C 162 -52.52 33.48 -51.31
CA GLU C 162 -51.91 34.70 -51.81
C GLU C 162 -50.90 34.40 -52.92
N LEU C 163 -50.11 33.33 -52.76
CA LEU C 163 -49.01 33.10 -53.67
C LEU C 163 -49.46 32.15 -54.77
N GLY C 164 -50.69 31.61 -54.63
CA GLY C 164 -51.18 30.52 -55.47
C GLY C 164 -50.23 29.33 -55.47
N GLN C 165 -49.97 28.80 -54.27
CA GLN C 165 -48.98 27.77 -54.07
C GLN C 165 -49.66 26.47 -53.69
N THR C 166 -49.46 25.43 -54.51
CA THR C 166 -49.93 24.08 -54.24
C THR C 166 -49.24 23.54 -52.99
N TRP C 167 -50.04 22.99 -52.07
CA TRP C 167 -49.54 22.37 -50.85
C TRP C 167 -50.38 21.18 -50.38
N MET C 168 -49.80 20.40 -49.46
CA MET C 168 -50.50 19.28 -48.87
C MET C 168 -50.49 19.44 -47.36
N GLU C 169 -51.62 19.12 -46.76
CA GLU C 169 -51.77 19.30 -45.33
C GLU C 169 -51.99 17.93 -44.72
N SER C 170 -51.28 17.68 -43.62
CA SER C 170 -51.35 16.38 -42.99
C SER C 170 -51.53 16.61 -41.50
N GLY C 171 -52.27 15.70 -40.88
CA GLY C 171 -52.57 15.83 -39.47
C GLY C 171 -52.71 14.45 -38.84
N VAL C 172 -52.61 14.44 -37.51
CA VAL C 172 -52.83 13.25 -36.72
C VAL C 172 -53.71 13.65 -35.53
N SER C 173 -54.67 12.78 -35.17
CA SER C 173 -55.53 13.05 -34.03
C SER C 173 -54.78 13.04 -32.70
N GLU C 174 -55.30 13.81 -31.74
CA GLU C 174 -54.76 13.94 -30.40
C GLU C 174 -54.92 12.63 -29.63
N ASN C 175 -55.75 11.72 -30.13
CA ASN C 175 -55.85 10.41 -29.50
C ASN C 175 -55.08 9.34 -30.27
N ALA C 176 -54.30 9.76 -31.28
CA ALA C 176 -53.31 8.95 -31.99
C ALA C 176 -53.87 7.95 -33.01
N VAL C 177 -55.18 7.69 -33.06
CA VAL C 177 -55.67 6.56 -33.86
C VAL C 177 -56.32 6.97 -35.19
N SER C 178 -56.01 8.17 -35.70
CA SER C 178 -56.48 8.63 -36.99
C SER C 178 -55.62 9.80 -37.49
N GLY C 179 -55.67 10.00 -38.81
CA GLY C 179 -54.94 11.05 -39.47
C GLY C 179 -55.41 11.14 -40.91
N HIS C 180 -54.87 12.10 -41.67
CA HIS C 180 -55.26 12.30 -43.06
C HIS C 180 -54.20 13.12 -43.76
N ILE C 181 -54.34 13.19 -45.09
CA ILE C 181 -53.60 14.11 -45.93
C ILE C 181 -54.61 14.76 -46.86
N GLN C 182 -54.30 16.00 -47.28
CA GLN C 182 -55.18 16.85 -48.07
C GLN C 182 -54.35 17.56 -49.13
N LEU C 183 -54.78 17.51 -50.40
CA LEU C 183 -54.07 18.26 -51.42
C LEU C 183 -54.87 19.52 -51.74
N ILE C 184 -54.22 20.67 -51.62
CA ILE C 184 -54.80 21.97 -51.92
C ILE C 184 -54.05 22.64 -53.07
N ILE C 185 -54.68 22.69 -54.24
CA ILE C 185 -54.25 23.59 -55.31
C ILE C 185 -55.16 24.80 -55.32
N PRO C 186 -54.76 25.97 -54.77
CA PRO C 186 -55.68 27.08 -54.52
C PRO C 186 -56.38 27.52 -55.80
N GLY C 187 -57.72 27.54 -55.76
CA GLY C 187 -58.54 27.80 -56.93
C GLY C 187 -59.14 26.52 -57.51
N GLU C 188 -58.33 25.46 -57.60
CA GLU C 188 -58.75 24.23 -58.26
C GLU C 188 -59.40 23.28 -57.26
N SER C 189 -58.85 23.21 -56.04
CA SER C 189 -59.41 22.36 -55.00
C SER C 189 -59.71 23.22 -53.78
N ALA C 190 -60.43 22.64 -52.81
CA ALA C 190 -60.77 23.35 -51.59
C ALA C 190 -59.50 23.76 -50.88
N CYS C 191 -59.52 24.96 -50.29
CA CYS C 191 -58.45 25.40 -49.42
C CYS C 191 -58.82 24.99 -48.01
N PHE C 192 -57.95 25.33 -47.03
CA PHE C 192 -58.16 24.98 -45.64
C PHE C 192 -59.30 25.80 -45.02
N ALA C 193 -59.58 27.01 -45.54
CA ALA C 193 -60.62 27.82 -44.95
C ALA C 193 -62.00 27.46 -45.50
N CYS C 194 -62.05 26.84 -46.70
CA CYS C 194 -63.28 26.58 -47.44
C CYS C 194 -64.38 25.96 -46.57
N ALA C 195 -64.07 24.88 -45.86
CA ALA C 195 -65.05 24.26 -44.97
C ALA C 195 -64.40 24.03 -43.60
N PRO C 196 -65.16 23.85 -42.48
CA PRO C 196 -64.53 23.56 -41.18
C PRO C 196 -63.62 22.35 -41.31
N PRO C 197 -62.63 22.14 -40.41
CA PRO C 197 -61.71 21.00 -40.55
C PRO C 197 -62.42 19.64 -40.50
N LEU C 198 -62.16 18.82 -41.52
CA LEU C 198 -62.74 17.50 -41.75
C LEU C 198 -62.29 16.49 -40.70
N VAL C 199 -63.12 15.48 -40.45
CA VAL C 199 -62.77 14.41 -39.51
C VAL C 199 -62.92 13.08 -40.24
N VAL C 200 -62.19 12.04 -39.78
CA VAL C 200 -62.28 10.70 -40.33
C VAL C 200 -62.58 9.68 -39.22
N ALA C 201 -62.76 10.16 -37.98
CA ALA C 201 -63.18 9.33 -36.86
C ALA C 201 -63.27 10.20 -35.61
N ALA C 202 -63.85 9.62 -34.55
CA ALA C 202 -64.08 10.32 -33.30
C ALA C 202 -62.73 10.65 -32.68
N ASN C 203 -62.54 11.92 -32.34
CA ASN C 203 -61.31 12.41 -31.75
C ASN C 203 -61.59 12.90 -30.33
N ILE C 204 -60.53 13.25 -29.61
CA ILE C 204 -60.64 13.92 -28.31
C ILE C 204 -60.64 15.43 -28.55
N ASP C 205 -61.28 16.16 -27.63
CA ASP C 205 -61.27 17.62 -27.64
C ASP C 205 -59.85 18.13 -27.39
N GLU C 206 -59.18 18.52 -28.49
CA GLU C 206 -57.85 19.12 -28.52
C GLU C 206 -57.70 20.16 -27.42
N LYS C 207 -58.82 20.80 -27.04
CA LYS C 207 -58.80 22.00 -26.23
C LYS C 207 -58.87 21.65 -24.75
N THR C 208 -59.56 20.56 -24.41
CA THR C 208 -59.53 20.04 -23.05
C THR C 208 -58.09 19.66 -22.66
N LEU C 209 -57.30 19.26 -23.67
CA LEU C 209 -55.93 18.83 -23.43
C LEU C 209 -55.06 20.02 -23.10
N LYS C 210 -55.17 21.10 -23.90
CA LYS C 210 -54.45 22.33 -23.64
C LYS C 210 -54.82 22.88 -22.25
N ARG C 211 -56.07 22.68 -21.83
CA ARG C 211 -56.67 23.32 -20.67
C ARG C 211 -56.39 22.52 -19.41
N GLU C 212 -56.10 21.22 -19.54
CA GLU C 212 -55.76 20.40 -18.38
C GLU C 212 -54.24 20.32 -18.22
N GLY C 213 -53.52 20.80 -19.25
CA GLY C 213 -52.07 20.92 -19.25
C GLY C 213 -51.37 19.56 -19.38
N VAL C 214 -52.05 18.63 -20.07
CA VAL C 214 -51.54 17.29 -20.38
C VAL C 214 -51.20 17.27 -21.88
N CYS C 215 -50.80 16.11 -22.40
CA CYS C 215 -50.35 16.03 -23.79
C CYS C 215 -51.25 15.14 -24.65
N ALA C 216 -51.20 15.34 -25.97
CA ALA C 216 -51.78 14.44 -26.95
C ALA C 216 -51.12 13.06 -26.87
N ALA C 217 -51.86 11.99 -27.16
CA ALA C 217 -51.21 10.71 -27.42
C ALA C 217 -50.65 10.69 -28.84
N SER C 218 -49.55 9.97 -29.07
CA SER C 218 -49.10 9.73 -30.43
C SER C 218 -48.45 8.35 -30.52
N LEU C 219 -48.43 7.78 -31.74
CA LEU C 219 -47.89 6.45 -31.97
C LEU C 219 -46.97 6.49 -33.16
N PRO C 220 -45.89 5.69 -33.17
CA PRO C 220 -44.96 5.68 -34.30
C PRO C 220 -45.60 5.06 -35.54
N THR C 221 -46.64 4.25 -35.31
CA THR C 221 -47.42 3.56 -36.32
C THR C 221 -48.20 4.57 -37.15
N THR C 222 -49.06 5.33 -36.49
CA THR C 222 -49.93 6.26 -37.18
C THR C 222 -49.09 7.26 -37.96
N MET C 223 -48.02 7.74 -37.31
CA MET C 223 -47.20 8.77 -37.92
C MET C 223 -46.41 8.22 -39.11
N GLY C 224 -46.06 6.95 -39.03
CA GLY C 224 -45.44 6.29 -40.16
C GLY C 224 -46.41 6.17 -41.34
N VAL C 225 -47.66 5.77 -41.06
CA VAL C 225 -48.67 5.59 -42.10
C VAL C 225 -48.98 6.93 -42.77
N VAL C 226 -49.28 7.94 -41.95
CA VAL C 226 -49.61 9.25 -42.45
C VAL C 226 -48.45 9.80 -43.28
N ALA C 227 -47.23 9.79 -42.72
CA ALA C 227 -46.11 10.32 -43.49
C ALA C 227 -45.94 9.52 -44.78
N GLY C 228 -46.27 8.22 -44.70
CA GLY C 228 -46.15 7.32 -45.82
C GLY C 228 -47.06 7.72 -46.98
N ILE C 229 -48.34 7.90 -46.65
CA ILE C 229 -49.33 8.20 -47.66
C ILE C 229 -49.09 9.61 -48.21
N LEU C 230 -48.58 10.49 -47.33
CA LEU C 230 -48.31 11.87 -47.68
C LEU C 230 -47.22 11.96 -48.75
N VAL C 231 -46.07 11.37 -48.46
CA VAL C 231 -44.97 11.42 -49.41
C VAL C 231 -45.34 10.62 -50.67
N GLN C 232 -46.15 9.57 -50.50
CA GLN C 232 -46.53 8.80 -51.67
C GLN C 232 -47.31 9.71 -52.63
N ASN C 233 -48.22 10.50 -52.04
CA ASN C 233 -49.01 11.48 -52.77
C ASN C 233 -48.09 12.50 -53.44
N VAL C 234 -47.07 12.94 -52.68
CA VAL C 234 -46.07 13.85 -53.18
C VAL C 234 -45.39 13.28 -54.42
N LEU C 235 -45.02 11.99 -54.38
CA LEU C 235 -44.26 11.41 -55.48
C LEU C 235 -45.16 11.30 -56.71
N LYS C 236 -46.41 10.88 -56.50
CA LYS C 236 -47.37 10.70 -57.57
C LYS C 236 -47.68 12.04 -58.25
N PHE C 237 -47.80 13.10 -57.45
CA PHE C 237 -48.01 14.45 -57.94
C PHE C 237 -46.82 14.95 -58.76
N LEU C 238 -45.60 14.86 -58.23
CA LEU C 238 -44.42 15.46 -58.84
C LEU C 238 -43.93 14.63 -60.02
N LEU C 239 -44.08 13.30 -59.96
CA LEU C 239 -43.49 12.45 -60.99
C LEU C 239 -44.55 11.89 -61.94
N ASN C 240 -45.83 12.21 -61.67
CA ASN C 240 -46.95 11.99 -62.58
C ASN C 240 -47.12 10.51 -62.86
N PHE C 241 -47.41 9.75 -61.81
CA PHE C 241 -47.81 8.36 -61.95
C PHE C 241 -48.94 8.12 -60.95
N GLY C 242 -49.72 7.05 -61.18
CA GLY C 242 -50.91 6.69 -60.41
C GLY C 242 -51.95 7.82 -60.34
N THR C 243 -52.80 7.75 -59.32
CA THR C 243 -53.85 8.72 -59.09
C THR C 243 -53.58 9.49 -57.81
N VAL C 244 -53.44 10.80 -57.94
CA VAL C 244 -53.31 11.68 -56.80
C VAL C 244 -54.64 11.68 -56.04
N SER C 245 -54.58 11.70 -54.71
CA SER C 245 -55.78 11.87 -53.88
C SER C 245 -55.86 13.33 -53.44
N PHE C 246 -57.08 13.85 -53.33
CA PHE C 246 -57.25 15.22 -52.85
C PHE C 246 -57.46 15.22 -51.34
N TYR C 247 -57.90 14.07 -50.85
CA TYR C 247 -58.06 13.82 -49.44
C TYR C 247 -58.04 12.30 -49.22
N LEU C 248 -57.26 11.90 -48.23
CA LEU C 248 -57.17 10.50 -47.84
C LEU C 248 -57.04 10.47 -46.32
N GLY C 249 -58.03 9.81 -45.71
CA GLY C 249 -58.05 9.66 -44.28
C GLY C 249 -57.58 8.27 -43.87
N TYR C 250 -57.36 8.12 -42.57
CA TYR C 250 -56.88 6.87 -42.03
C TYR C 250 -57.46 6.74 -40.63
N ASN C 251 -58.24 5.67 -40.45
CA ASN C 251 -58.79 5.32 -39.16
C ASN C 251 -58.11 4.02 -38.74
N ALA C 252 -57.18 4.17 -37.79
CA ALA C 252 -56.34 3.09 -37.28
C ALA C 252 -57.17 2.06 -36.52
N MET C 253 -58.25 2.48 -35.90
CA MET C 253 -59.06 1.59 -35.09
C MET C 253 -59.77 0.56 -35.97
N GLN C 254 -60.23 0.95 -37.18
CA GLN C 254 -61.10 0.09 -37.97
C GLN C 254 -60.50 -0.18 -39.35
N ASP C 255 -59.26 0.29 -39.56
CA ASP C 255 -58.51 0.18 -40.82
C ASP C 255 -59.33 0.70 -42.00
N PHE C 256 -59.90 1.90 -41.84
CA PHE C 256 -60.69 2.55 -42.87
C PHE C 256 -59.91 3.73 -43.43
N PHE C 257 -59.94 3.84 -44.74
CA PHE C 257 -59.22 4.89 -45.43
C PHE C 257 -60.20 5.64 -46.34
N PRO C 258 -61.08 6.51 -45.80
CA PRO C 258 -62.08 7.17 -46.64
C PRO C 258 -61.38 8.18 -47.54
N THR C 259 -61.78 8.16 -48.81
CA THR C 259 -61.36 9.17 -49.78
C THR C 259 -62.56 10.09 -50.04
N MET C 260 -62.34 11.40 -49.88
CA MET C 260 -63.34 12.42 -50.15
C MET C 260 -62.86 13.33 -51.27
N SER C 261 -63.79 13.95 -52.01
CA SER C 261 -63.35 14.91 -53.00
C SER C 261 -63.65 16.33 -52.51
N MET C 262 -62.77 17.27 -52.91
CA MET C 262 -62.78 18.62 -52.35
C MET C 262 -62.96 19.66 -53.46
N LYS C 263 -64.23 19.96 -53.77
CA LYS C 263 -64.61 21.05 -54.66
C LYS C 263 -64.56 22.34 -53.85
N PRO C 264 -63.97 23.43 -54.39
CA PRO C 264 -63.86 24.69 -53.65
C PRO C 264 -65.21 25.33 -53.29
N ASN C 265 -65.27 25.93 -52.10
CA ASN C 265 -66.42 26.66 -51.59
C ASN C 265 -66.41 28.06 -52.18
N PRO C 266 -67.42 28.45 -53.00
CA PRO C 266 -67.42 29.78 -53.63
C PRO C 266 -67.55 30.95 -52.63
N GLN C 267 -68.00 30.65 -51.41
CA GLN C 267 -68.33 31.64 -50.40
C GLN C 267 -67.34 31.56 -49.22
N CYS C 268 -66.14 31.01 -49.47
CA CYS C 268 -65.07 30.84 -48.50
C CYS C 268 -64.66 32.20 -47.92
N ASP C 269 -64.36 32.21 -46.61
CA ASP C 269 -63.93 33.40 -45.89
C ASP C 269 -62.64 33.99 -46.48
N ASP C 270 -61.78 33.16 -47.10
CA ASP C 270 -60.52 33.65 -47.63
C ASP C 270 -60.81 34.33 -48.96
N ARG C 271 -60.48 35.63 -49.02
CA ARG C 271 -60.63 36.48 -50.20
C ARG C 271 -59.89 35.84 -51.37
N ASN C 272 -58.63 35.45 -51.13
CA ASN C 272 -57.72 35.01 -52.17
C ASN C 272 -58.15 33.66 -52.75
N CYS C 273 -58.86 32.86 -51.95
CA CYS C 273 -59.32 31.55 -52.41
C CYS C 273 -60.41 31.76 -53.46
N ARG C 274 -61.36 32.65 -53.14
CA ARG C 274 -62.39 33.11 -54.06
C ARG C 274 -61.72 33.64 -55.34
N LYS C 275 -60.73 34.53 -55.17
CA LYS C 275 -59.98 35.15 -56.27
C LYS C 275 -59.29 34.07 -57.10
N GLN C 276 -58.71 33.07 -56.42
CA GLN C 276 -58.00 32.03 -57.12
C GLN C 276 -59.01 31.15 -57.87
N GLN C 277 -60.22 30.98 -57.30
CA GLN C 277 -61.23 30.09 -57.85
C GLN C 277 -61.68 30.62 -59.21
N GLU C 278 -61.90 31.94 -59.24
CA GLU C 278 -62.40 32.62 -60.42
C GLU C 278 -61.31 32.69 -61.48
N GLU C 279 -60.04 32.85 -61.06
CA GLU C 279 -58.93 32.90 -62.00
C GLU C 279 -58.69 31.51 -62.58
N TYR C 280 -59.11 30.48 -61.84
CA TYR C 280 -59.04 29.12 -62.33
C TYR C 280 -60.12 28.87 -63.37
N LYS C 281 -61.32 29.41 -63.13
CA LYS C 281 -62.46 29.31 -64.05
C LYS C 281 -62.14 29.99 -65.38
N LYS C 282 -61.40 31.11 -65.32
CA LYS C 282 -60.98 31.89 -66.47
C LYS C 282 -60.06 31.07 -67.38
N LYS C 283 -59.06 30.43 -66.75
CA LYS C 283 -58.04 29.66 -67.46
C LYS C 283 -58.65 28.41 -68.09
N VAL C 284 -59.73 27.88 -67.49
CA VAL C 284 -60.39 26.66 -67.93
C VAL C 284 -61.20 26.94 -69.20
N ALA C 285 -61.78 28.13 -69.30
CA ALA C 285 -62.56 28.50 -70.47
C ALA C 285 -61.64 28.99 -71.59
N ALA C 286 -60.55 29.68 -71.24
CA ALA C 286 -59.61 30.23 -72.22
C ALA C 286 -58.43 29.28 -72.42
N GLY D 1 -28.09 10.01 -24.97
CA GLY D 1 -28.56 8.74 -24.34
C GLY D 1 -29.74 8.99 -23.40
N ARG D 2 -30.25 7.91 -22.82
CA ARG D 2 -31.24 7.95 -21.74
C ARG D 2 -31.01 6.77 -20.79
N VAL D 3 -31.46 6.93 -19.54
CA VAL D 3 -31.34 5.94 -18.49
C VAL D 3 -32.51 4.97 -18.58
N ARG D 4 -32.35 3.79 -17.95
CA ARG D 4 -33.36 2.74 -17.99
C ARG D 4 -34.56 3.15 -17.15
N ILE D 5 -35.77 2.77 -17.60
CA ILE D 5 -37.03 3.01 -16.89
C ILE D 5 -37.61 1.67 -16.46
N GLU D 6 -37.79 1.48 -15.14
CA GLU D 6 -38.25 0.19 -14.60
C GLU D 6 -39.77 0.09 -14.70
N LYS D 7 -40.46 1.19 -14.41
CA LYS D 7 -41.91 1.23 -14.45
C LYS D 7 -42.33 2.39 -15.37
N MET D 8 -43.05 2.07 -16.44
CA MET D 8 -43.53 3.06 -17.38
C MET D 8 -44.41 4.08 -16.67
N SER D 9 -44.21 5.38 -16.95
CA SER D 9 -44.91 6.42 -16.21
C SER D 9 -45.80 7.29 -17.11
N SER D 10 -46.91 7.77 -16.53
CA SER D 10 -47.81 8.61 -17.30
C SER D 10 -47.44 10.09 -17.17
N GLU D 11 -46.48 10.39 -16.29
CA GLU D 11 -46.14 11.77 -15.94
C GLU D 11 -45.79 12.57 -17.21
N VAL D 12 -46.44 13.72 -17.39
CA VAL D 12 -46.27 14.45 -18.62
C VAL D 12 -45.09 15.41 -18.46
N VAL D 13 -43.88 14.95 -18.76
CA VAL D 13 -42.69 15.78 -18.72
C VAL D 13 -41.88 15.54 -19.99
N ASP D 14 -41.04 16.52 -20.36
CA ASP D 14 -40.14 16.49 -21.51
C ASP D 14 -39.23 15.24 -21.53
N SER D 15 -38.86 14.73 -20.35
CA SER D 15 -37.85 13.69 -20.22
C SER D 15 -38.45 12.28 -20.22
N ASN D 16 -39.79 12.17 -20.27
CA ASN D 16 -40.46 10.88 -20.20
C ASN D 16 -40.82 10.39 -21.60
N PRO D 17 -40.12 9.39 -22.15
CA PRO D 17 -40.37 8.95 -23.53
C PRO D 17 -41.61 8.07 -23.67
N TYR D 18 -42.32 7.84 -22.57
CA TYR D 18 -43.50 7.00 -22.53
C TYR D 18 -44.77 7.84 -22.29
N SER D 19 -44.60 9.14 -22.02
CA SER D 19 -45.72 10.02 -21.70
C SER D 19 -46.81 10.01 -22.78
N ARG D 20 -46.43 10.20 -24.07
CA ARG D 20 -47.40 10.27 -25.15
C ARG D 20 -47.97 8.89 -25.49
N LEU D 21 -47.37 7.82 -25.00
CA LEU D 21 -47.92 6.51 -25.23
C LEU D 21 -48.93 6.19 -24.15
N MET D 22 -48.56 6.47 -22.90
CA MET D 22 -49.37 6.14 -21.74
C MET D 22 -50.60 7.04 -21.70
N ALA D 23 -50.54 8.17 -22.43
CA ALA D 23 -51.68 9.05 -22.66
C ALA D 23 -52.89 8.28 -23.21
N LEU D 24 -52.66 7.21 -24.02
CA LEU D 24 -53.71 6.36 -24.56
C LEU D 24 -54.68 5.87 -23.48
N LYS D 25 -54.20 5.78 -22.23
CA LYS D 25 -54.93 5.19 -21.12
C LYS D 25 -56.00 6.17 -20.61
N ARG D 26 -55.69 7.47 -20.71
CA ARG D 26 -56.56 8.52 -20.22
C ARG D 26 -57.26 9.17 -21.42
N MET D 27 -57.57 8.34 -22.42
CA MET D 27 -58.21 8.80 -23.65
C MET D 27 -59.12 7.71 -24.21
N GLY D 28 -59.41 6.71 -23.38
CA GLY D 28 -60.37 5.68 -23.74
C GLY D 28 -59.87 4.61 -24.70
N ILE D 29 -58.69 4.78 -25.35
CA ILE D 29 -58.17 3.88 -26.39
C ILE D 29 -57.79 2.48 -25.86
N VAL D 30 -56.94 2.41 -24.83
CA VAL D 30 -56.53 1.15 -24.20
C VAL D 30 -56.29 1.38 -22.69
N SER D 31 -56.86 0.51 -21.86
CA SER D 31 -56.81 0.68 -20.42
C SER D 31 -55.41 0.41 -19.86
N ASP D 32 -54.68 -0.52 -20.48
CA ASP D 32 -53.41 -0.96 -19.91
C ASP D 32 -52.29 -0.98 -20.94
N TYR D 33 -51.73 0.19 -21.28
CA TYR D 33 -50.68 0.32 -22.29
C TYR D 33 -49.35 -0.32 -21.86
N GLU D 34 -48.99 -0.17 -20.58
CA GLU D 34 -47.79 -0.78 -19.99
C GLU D 34 -47.64 -2.29 -20.28
N LYS D 35 -48.75 -3.00 -20.54
CA LYS D 35 -48.78 -4.43 -20.86
C LYS D 35 -47.89 -4.77 -22.06
N ILE D 36 -47.55 -3.76 -22.88
CA ILE D 36 -46.74 -3.94 -24.07
C ILE D 36 -45.34 -4.44 -23.69
N ARG D 37 -44.87 -4.04 -22.49
CA ARG D 37 -43.59 -4.44 -21.93
C ARG D 37 -43.52 -5.94 -21.63
N THR D 38 -44.67 -6.62 -21.61
CA THR D 38 -44.69 -8.01 -21.18
C THR D 38 -44.65 -8.93 -22.40
N PHE D 39 -44.58 -8.37 -23.61
CA PHE D 39 -44.64 -9.23 -24.79
C PHE D 39 -43.30 -9.31 -25.52
N ALA D 40 -43.15 -10.39 -26.30
CA ALA D 40 -41.96 -10.69 -27.10
C ALA D 40 -42.38 -10.96 -28.53
N VAL D 41 -41.71 -10.28 -29.47
CA VAL D 41 -42.03 -10.44 -30.87
C VAL D 41 -40.77 -10.78 -31.65
N ALA D 42 -40.86 -11.81 -32.49
CA ALA D 42 -39.79 -12.22 -33.38
C ALA D 42 -40.03 -11.63 -34.76
N ILE D 43 -38.97 -11.10 -35.37
CA ILE D 43 -38.99 -10.52 -36.70
C ILE D 43 -38.00 -11.24 -37.61
N VAL D 44 -38.52 -11.88 -38.64
CA VAL D 44 -37.64 -12.48 -39.61
C VAL D 44 -37.59 -11.55 -40.83
N GLY D 45 -36.39 -11.23 -41.29
CA GLY D 45 -36.20 -10.27 -42.35
C GLY D 45 -36.21 -8.86 -41.79
N VAL D 46 -35.01 -8.29 -41.65
CA VAL D 46 -34.87 -6.97 -41.08
C VAL D 46 -34.41 -5.99 -42.17
N GLY D 47 -35.14 -6.02 -43.29
CA GLY D 47 -34.92 -5.16 -44.45
C GLY D 47 -35.79 -3.91 -44.40
N GLY D 48 -36.43 -3.59 -45.54
CA GLY D 48 -37.22 -2.37 -45.70
C GLY D 48 -38.38 -2.27 -44.70
N VAL D 49 -39.24 -3.30 -44.66
CA VAL D 49 -40.37 -3.34 -43.75
C VAL D 49 -39.93 -3.67 -42.31
N GLY D 50 -39.12 -4.74 -42.18
CA GLY D 50 -38.68 -5.29 -40.91
C GLY D 50 -37.91 -4.30 -40.03
N SER D 51 -37.02 -3.52 -40.63
CA SER D 51 -36.27 -2.57 -39.83
C SER D 51 -37.18 -1.53 -39.18
N VAL D 52 -38.17 -1.04 -39.96
CA VAL D 52 -39.10 -0.04 -39.47
C VAL D 52 -40.08 -0.66 -38.47
N THR D 53 -40.49 -1.92 -38.74
CA THR D 53 -41.33 -2.66 -37.81
C THR D 53 -40.64 -2.75 -36.45
N ALA D 54 -39.33 -3.02 -36.48
CA ALA D 54 -38.52 -3.12 -35.29
C ALA D 54 -38.42 -1.78 -34.57
N GLU D 55 -38.17 -0.71 -35.34
CA GLU D 55 -38.01 0.63 -34.79
C GLU D 55 -39.29 1.04 -34.09
N MET D 56 -40.43 0.75 -34.75
CA MET D 56 -41.73 1.11 -34.25
C MET D 56 -42.02 0.36 -32.94
N LEU D 57 -41.79 -0.95 -32.91
CA LEU D 57 -42.10 -1.72 -31.71
C LEU D 57 -41.20 -1.29 -30.54
N THR D 58 -39.93 -1.00 -30.85
CA THR D 58 -38.95 -0.52 -29.88
C THR D 58 -39.43 0.76 -29.21
N ARG D 59 -39.83 1.75 -30.01
CA ARG D 59 -40.25 3.05 -29.51
C ARG D 59 -41.54 2.91 -28.70
N CYS D 60 -42.32 1.86 -29.00
CA CYS D 60 -43.55 1.60 -28.27
C CYS D 60 -43.24 0.96 -26.94
N GLY D 61 -42.02 0.44 -26.78
CA GLY D 61 -41.57 -0.20 -25.56
C GLY D 61 -41.93 -1.69 -25.47
N ILE D 62 -41.89 -2.40 -26.60
CA ILE D 62 -42.06 -3.84 -26.58
C ILE D 62 -41.05 -4.46 -25.61
N GLY D 63 -41.44 -5.53 -24.89
CA GLY D 63 -40.58 -6.14 -23.89
C GLY D 63 -39.30 -6.70 -24.49
N LYS D 64 -39.44 -7.47 -25.58
CA LYS D 64 -38.32 -8.09 -26.26
C LYS D 64 -38.54 -8.17 -27.77
N LEU D 65 -37.48 -7.95 -28.55
CA LEU D 65 -37.43 -8.25 -29.96
C LEU D 65 -36.38 -9.33 -30.23
N LEU D 66 -36.70 -10.24 -31.15
CA LEU D 66 -35.74 -11.20 -31.67
C LEU D 66 -35.64 -10.93 -33.17
N LEU D 67 -34.43 -10.66 -33.64
CA LEU D 67 -34.26 -10.26 -35.01
C LEU D 67 -33.51 -11.36 -35.70
N PHE D 68 -33.99 -11.77 -36.88
CA PHE D 68 -33.30 -12.73 -37.71
C PHE D 68 -33.07 -12.17 -39.11
N ASP D 69 -31.83 -12.21 -39.58
CA ASP D 69 -31.48 -11.85 -40.93
C ASP D 69 -30.04 -12.33 -41.17
N TYR D 70 -29.73 -12.74 -42.40
CA TYR D 70 -28.41 -13.20 -42.81
C TYR D 70 -27.67 -12.12 -43.60
N ASP D 71 -28.35 -11.06 -44.06
CA ASP D 71 -27.79 -10.09 -45.01
C ASP D 71 -27.06 -8.96 -44.27
N LYS D 72 -26.17 -8.30 -45.00
CA LYS D 72 -25.41 -7.14 -44.58
C LYS D 72 -26.09 -5.88 -45.12
N VAL D 73 -25.91 -4.77 -44.41
CA VAL D 73 -26.39 -3.48 -44.89
C VAL D 73 -25.53 -3.05 -46.08
N GLU D 74 -26.17 -2.56 -47.15
CA GLU D 74 -25.44 -2.09 -48.32
C GLU D 74 -26.00 -0.72 -48.73
N LEU D 75 -25.29 0.01 -49.58
CA LEU D 75 -25.77 1.33 -50.02
C LEU D 75 -27.06 1.24 -50.82
N ALA D 76 -27.28 0.12 -51.50
CA ALA D 76 -28.52 -0.11 -52.24
C ALA D 76 -29.75 -0.20 -51.33
N ASN D 77 -29.53 -0.28 -50.00
CA ASN D 77 -30.61 -0.32 -49.03
C ASN D 77 -31.00 1.09 -48.60
N MET D 78 -30.26 2.10 -49.07
CA MET D 78 -30.38 3.45 -48.53
C MET D 78 -31.63 4.17 -49.03
N ASN D 79 -32.27 3.61 -50.06
CA ASN D 79 -33.50 4.13 -50.61
C ASN D 79 -34.64 3.90 -49.61
N ARG D 80 -34.44 3.01 -48.66
CA ARG D 80 -35.45 2.69 -47.67
C ARG D 80 -35.02 3.25 -46.31
N LEU D 81 -35.96 3.23 -45.36
CA LEU D 81 -35.76 3.91 -44.09
C LEU D 81 -34.84 3.09 -43.17
N PHE D 82 -34.44 3.76 -42.07
CA PHE D 82 -33.81 3.20 -40.87
C PHE D 82 -32.28 3.21 -40.98
N PHE D 83 -31.71 2.24 -41.71
CA PHE D 83 -30.27 2.11 -41.88
C PHE D 83 -29.69 3.33 -42.56
N GLN D 84 -28.53 3.74 -42.06
CA GLN D 84 -27.81 4.90 -42.54
C GLN D 84 -26.52 4.43 -43.23
N PRO D 85 -25.91 5.23 -44.13
CA PRO D 85 -24.70 4.85 -44.88
C PRO D 85 -23.49 4.40 -44.08
N HIS D 86 -23.30 4.94 -42.88
CA HIS D 86 -22.17 4.55 -42.06
C HIS D 86 -22.32 3.14 -41.50
N GLN D 87 -23.49 2.52 -41.68
CA GLN D 87 -23.74 1.15 -41.24
C GLN D 87 -23.48 0.17 -42.40
N ALA D 88 -23.17 0.68 -43.59
CA ALA D 88 -22.87 -0.18 -44.73
C ALA D 88 -21.76 -1.14 -44.33
N GLY D 89 -21.99 -2.43 -44.58
CA GLY D 89 -21.03 -3.50 -44.33
C GLY D 89 -21.31 -4.24 -43.04
N LEU D 90 -21.98 -3.59 -42.07
CA LEU D 90 -22.42 -4.28 -40.86
C LEU D 90 -23.54 -5.24 -41.25
N SER D 91 -23.73 -6.27 -40.44
CA SER D 91 -24.89 -7.12 -40.64
C SER D 91 -26.13 -6.33 -40.23
N LYS D 92 -27.24 -6.54 -40.92
CA LYS D 92 -28.51 -5.91 -40.59
C LYS D 92 -28.88 -6.09 -39.13
N VAL D 93 -28.83 -7.32 -38.59
CA VAL D 93 -29.24 -7.57 -37.21
C VAL D 93 -28.36 -6.82 -36.21
N GLN D 94 -27.06 -6.70 -36.49
CA GLN D 94 -26.13 -6.02 -35.60
C GLN D 94 -26.39 -4.51 -35.65
N ALA D 95 -26.56 -3.97 -36.87
CA ALA D 95 -26.78 -2.53 -37.05
C ALA D 95 -28.09 -2.12 -36.39
N ALA D 96 -29.15 -2.87 -36.68
CA ALA D 96 -30.42 -2.69 -36.00
C ALA D 96 -30.21 -2.72 -34.50
N GLU D 97 -29.65 -3.82 -33.97
CA GLU D 97 -29.59 -3.98 -32.52
C GLU D 97 -28.90 -2.77 -31.92
N HIS D 98 -27.83 -2.34 -32.60
CA HIS D 98 -27.02 -1.25 -32.12
C HIS D 98 -27.87 0.03 -31.99
N THR D 99 -28.52 0.39 -33.09
CA THR D 99 -29.38 1.55 -33.15
C THR D 99 -30.51 1.44 -32.13
N LEU D 100 -31.21 0.30 -32.11
CA LEU D 100 -32.45 0.21 -31.36
C LEU D 100 -32.18 0.26 -29.87
N ARG D 101 -30.98 -0.23 -29.47
CA ARG D 101 -30.61 -0.25 -28.06
C ARG D 101 -30.39 1.18 -27.62
N ASN D 102 -29.87 2.00 -28.53
CA ASN D 102 -29.67 3.41 -28.27
C ASN D 102 -31.02 4.15 -28.22
N ILE D 103 -31.96 3.76 -29.10
CA ILE D 103 -33.29 4.35 -29.12
C ILE D 103 -34.07 4.01 -27.86
N ASN D 104 -34.04 2.75 -27.43
CA ASN D 104 -34.76 2.38 -26.22
C ASN D 104 -34.02 1.31 -25.43
N PRO D 105 -33.20 1.71 -24.42
CA PRO D 105 -32.47 0.74 -23.59
C PRO D 105 -33.30 -0.18 -22.70
N ASP D 106 -34.62 0.03 -22.66
CA ASP D 106 -35.49 -0.82 -21.86
C ASP D 106 -35.82 -2.13 -22.59
N VAL D 107 -35.62 -2.18 -23.91
CA VAL D 107 -36.09 -3.32 -24.68
C VAL D 107 -34.99 -4.38 -24.72
N LEU D 108 -35.36 -5.66 -24.53
CA LEU D 108 -34.43 -6.76 -24.69
C LEU D 108 -34.33 -7.16 -26.16
N PHE D 109 -33.12 -7.41 -26.62
CA PHE D 109 -32.91 -7.89 -27.97
C PHE D 109 -32.24 -9.25 -27.93
N GLU D 110 -32.36 -9.96 -29.04
CA GLU D 110 -31.73 -11.24 -29.27
C GLU D 110 -31.65 -11.36 -30.78
N VAL D 111 -30.45 -11.19 -31.34
CA VAL D 111 -30.33 -11.14 -32.78
C VAL D 111 -29.62 -12.40 -33.29
N HIS D 112 -30.03 -12.87 -34.47
CA HIS D 112 -29.40 -14.01 -35.10
C HIS D 112 -29.07 -13.68 -36.55
N ASN D 113 -27.78 -13.74 -36.85
CA ASN D 113 -27.30 -13.38 -38.17
C ASN D 113 -27.25 -14.65 -39.00
N TYR D 114 -28.41 -15.24 -39.29
CA TYR D 114 -28.37 -16.42 -40.15
C TYR D 114 -29.60 -16.55 -41.06
N ASN D 115 -29.47 -17.45 -42.05
CA ASN D 115 -30.52 -17.85 -42.97
C ASN D 115 -31.35 -18.95 -42.32
N ILE D 116 -32.65 -18.68 -42.15
CA ILE D 116 -33.50 -19.57 -41.38
C ILE D 116 -33.87 -20.84 -42.15
N THR D 117 -33.52 -20.92 -43.44
CA THR D 117 -33.92 -22.06 -44.26
C THR D 117 -32.95 -23.25 -44.21
N THR D 118 -31.72 -23.10 -43.68
CA THR D 118 -30.84 -24.25 -43.51
C THR D 118 -31.28 -25.11 -42.33
N VAL D 119 -30.94 -26.41 -42.36
CA VAL D 119 -31.46 -27.42 -41.44
C VAL D 119 -31.24 -27.03 -39.98
N GLU D 120 -30.00 -26.65 -39.67
CA GLU D 120 -29.56 -26.41 -38.30
C GLU D 120 -30.16 -25.11 -37.81
N ASN D 121 -30.15 -24.10 -38.69
CA ASN D 121 -30.69 -22.78 -38.42
C ASN D 121 -32.20 -22.83 -38.16
N PHE D 122 -32.92 -23.68 -38.92
CA PHE D 122 -34.36 -23.86 -38.81
C PHE D 122 -34.72 -24.45 -37.45
N GLN D 123 -33.86 -25.36 -36.98
CA GLN D 123 -34.06 -25.96 -35.67
C GLN D 123 -33.88 -24.88 -34.61
N HIS D 124 -32.83 -24.09 -34.79
CA HIS D 124 -32.58 -23.00 -33.87
C HIS D 124 -33.77 -22.05 -33.87
N PHE D 125 -34.20 -21.65 -35.07
CA PHE D 125 -35.27 -20.70 -35.23
C PHE D 125 -36.50 -21.19 -34.48
N MET D 126 -36.86 -22.45 -34.69
CA MET D 126 -38.04 -22.99 -34.04
C MET D 126 -37.88 -23.05 -32.51
N ASP D 127 -36.64 -23.28 -32.06
CA ASP D 127 -36.32 -23.35 -30.64
C ASP D 127 -36.59 -21.97 -30.01
N ARG D 128 -36.13 -20.93 -30.72
CA ARG D 128 -36.22 -19.57 -30.21
C ARG D 128 -37.67 -19.06 -30.26
N ILE D 129 -38.49 -19.60 -31.17
CA ILE D 129 -39.91 -19.30 -31.19
C ILE D 129 -40.58 -19.90 -29.95
N SER D 130 -40.18 -21.11 -29.56
CA SER D 130 -40.85 -21.83 -28.48
C SER D 130 -40.35 -21.39 -27.12
N ASN D 131 -39.12 -20.86 -27.06
CA ASN D 131 -38.45 -20.65 -25.79
C ASN D 131 -37.85 -19.25 -25.68
N GLY D 132 -37.89 -18.50 -26.79
CA GLY D 132 -37.26 -17.19 -26.86
C GLY D 132 -38.14 -16.05 -26.37
N GLY D 133 -39.23 -16.39 -25.66
CA GLY D 133 -40.09 -15.41 -25.00
C GLY D 133 -39.37 -14.57 -23.95
N LEU D 134 -40.12 -13.66 -23.32
CA LEU D 134 -39.58 -12.75 -22.32
C LEU D 134 -39.03 -13.55 -21.14
N GLU D 135 -39.80 -14.55 -20.68
CA GLU D 135 -39.31 -15.60 -19.80
C GLU D 135 -38.75 -16.72 -20.67
N GLU D 136 -37.49 -17.09 -20.44
CA GLU D 136 -36.87 -18.16 -21.20
C GLU D 136 -37.65 -19.46 -20.96
N GLY D 137 -37.99 -20.16 -22.05
CA GLY D 137 -38.81 -21.37 -21.94
C GLY D 137 -40.24 -21.17 -22.42
N LYS D 138 -40.75 -19.93 -22.30
CA LYS D 138 -42.06 -19.59 -22.85
C LYS D 138 -41.89 -19.15 -24.30
N PRO D 139 -42.92 -19.30 -25.15
CA PRO D 139 -42.81 -18.88 -26.55
C PRO D 139 -42.95 -17.37 -26.74
N VAL D 140 -42.48 -16.89 -27.90
CA VAL D 140 -42.75 -15.53 -28.30
C VAL D 140 -44.25 -15.38 -28.56
N ASP D 141 -44.77 -14.19 -28.26
CA ASP D 141 -46.19 -13.91 -28.40
C ASP D 141 -46.59 -13.82 -29.87
N LEU D 142 -45.62 -13.53 -30.75
CA LEU D 142 -45.91 -13.24 -32.14
C LEU D 142 -44.62 -13.33 -32.95
N VAL D 143 -44.72 -13.86 -34.18
CA VAL D 143 -43.65 -13.84 -35.17
C VAL D 143 -44.06 -12.93 -36.31
N LEU D 144 -43.11 -12.17 -36.87
CA LEU D 144 -43.43 -11.28 -38.00
C LEU D 144 -42.54 -11.62 -39.19
N SER D 145 -43.18 -11.91 -40.31
CA SER D 145 -42.43 -12.26 -41.48
C SER D 145 -42.28 -11.01 -42.32
N CYS D 146 -41.04 -10.56 -42.46
CA CYS D 146 -40.76 -9.40 -43.28
C CYS D 146 -39.69 -9.79 -44.27
N VAL D 147 -39.80 -11.03 -44.77
CA VAL D 147 -38.84 -11.55 -45.73
C VAL D 147 -39.35 -11.25 -47.13
N ASP D 148 -38.50 -11.47 -48.13
CA ASP D 148 -38.86 -11.08 -49.49
C ASP D 148 -38.97 -12.26 -50.43
N ASN D 149 -39.12 -13.50 -49.92
CA ASN D 149 -39.08 -14.64 -50.82
C ASN D 149 -40.03 -15.73 -50.36
N PHE D 150 -40.43 -16.57 -51.34
CA PHE D 150 -41.37 -17.66 -51.13
C PHE D 150 -40.80 -18.67 -50.12
N GLU D 151 -39.55 -19.09 -50.32
CA GLU D 151 -38.94 -20.18 -49.58
C GLU D 151 -38.99 -19.83 -48.10
N ALA D 152 -38.56 -18.59 -47.77
CA ALA D 152 -38.46 -18.10 -46.40
C ALA D 152 -39.83 -18.07 -45.75
N ARG D 153 -40.86 -17.67 -46.55
CA ARG D 153 -42.22 -17.51 -46.08
C ARG D 153 -42.83 -18.89 -45.79
N MET D 154 -42.56 -19.83 -46.69
CA MET D 154 -43.02 -21.20 -46.61
C MET D 154 -42.38 -21.87 -45.39
N THR D 155 -41.15 -21.43 -45.10
CA THR D 155 -40.39 -21.95 -43.97
C THR D 155 -41.05 -21.49 -42.68
N ILE D 156 -41.32 -20.18 -42.58
CA ILE D 156 -41.96 -19.64 -41.39
C ILE D 156 -43.31 -20.33 -41.24
N ASN D 157 -43.99 -20.52 -42.37
CA ASN D 157 -45.31 -21.13 -42.40
C ASN D 157 -45.30 -22.53 -41.77
N THR D 158 -44.30 -23.35 -42.17
CA THR D 158 -44.16 -24.71 -41.67
C THR D 158 -43.83 -24.69 -40.18
N ALA D 159 -42.93 -23.80 -39.78
CA ALA D 159 -42.56 -23.69 -38.38
C ALA D 159 -43.79 -23.38 -37.54
N CYS D 160 -44.59 -22.41 -38.00
CA CYS D 160 -45.71 -21.92 -37.21
C CYS D 160 -46.87 -22.92 -37.20
N ASN D 161 -47.07 -23.61 -38.32
CA ASN D 161 -48.05 -24.69 -38.38
C ASN D 161 -47.71 -25.85 -37.46
N GLU D 162 -46.41 -26.12 -37.30
CA GLU D 162 -45.92 -27.17 -36.42
C GLU D 162 -46.10 -26.76 -34.97
N LEU D 163 -45.78 -25.50 -34.65
CA LEU D 163 -45.80 -25.10 -33.26
C LEU D 163 -47.19 -24.63 -32.82
N GLY D 164 -48.08 -24.38 -33.79
CA GLY D 164 -49.30 -23.64 -33.52
C GLY D 164 -49.03 -22.20 -33.06
N GLN D 165 -48.26 -21.45 -33.87
CA GLN D 165 -47.78 -20.12 -33.50
C GLN D 165 -48.44 -19.06 -34.37
N THR D 166 -49.16 -18.14 -33.72
CA THR D 166 -49.76 -17.00 -34.39
C THR D 166 -48.66 -16.12 -34.98
N TRP D 167 -48.81 -15.70 -36.23
CA TRP D 167 -47.84 -14.80 -36.81
C TRP D 167 -48.48 -13.85 -37.81
N MET D 168 -47.71 -12.84 -38.21
CA MET D 168 -48.17 -11.89 -39.21
C MET D 168 -47.18 -11.88 -40.37
N GLU D 169 -47.73 -11.90 -41.57
CA GLU D 169 -46.90 -11.94 -42.76
C GLU D 169 -47.11 -10.63 -43.50
N SER D 170 -46.01 -10.04 -43.97
CA SER D 170 -46.09 -8.80 -44.70
C SER D 170 -45.25 -8.89 -45.96
N GLY D 171 -45.77 -8.30 -47.04
CA GLY D 171 -45.13 -8.34 -48.34
C GLY D 171 -45.26 -7.01 -49.07
N VAL D 172 -44.34 -6.77 -49.99
CA VAL D 172 -44.39 -5.62 -50.85
C VAL D 172 -44.09 -6.10 -52.27
N SER D 173 -44.94 -5.72 -53.22
CA SER D 173 -44.80 -5.98 -54.64
C SER D 173 -43.38 -5.66 -55.11
N GLU D 174 -42.89 -6.42 -56.09
CA GLU D 174 -41.60 -6.14 -56.71
C GLU D 174 -41.64 -4.80 -57.46
N ASN D 175 -42.84 -4.25 -57.72
CA ASN D 175 -42.98 -3.00 -58.46
C ASN D 175 -43.22 -1.83 -57.50
N ALA D 176 -43.15 -2.12 -56.19
CA ALA D 176 -42.99 -1.12 -55.14
C ALA D 176 -44.29 -0.42 -54.74
N VAL D 177 -45.39 -0.66 -55.45
CA VAL D 177 -46.55 0.21 -55.29
C VAL D 177 -47.73 -0.53 -54.67
N SER D 178 -47.47 -1.73 -54.13
CA SER D 178 -48.51 -2.39 -53.35
C SER D 178 -47.85 -3.28 -52.29
N GLY D 179 -48.65 -3.63 -51.29
CA GLY D 179 -48.25 -4.67 -50.38
C GLY D 179 -49.39 -4.96 -49.44
N HIS D 180 -49.14 -5.77 -48.42
CA HIS D 180 -50.22 -6.21 -47.57
C HIS D 180 -49.67 -6.68 -46.24
N ILE D 181 -50.58 -6.90 -45.31
CA ILE D 181 -50.30 -7.61 -44.09
C ILE D 181 -51.35 -8.70 -43.98
N GLN D 182 -50.99 -9.80 -43.30
CA GLN D 182 -51.89 -10.91 -43.13
C GLN D 182 -51.62 -11.55 -41.77
N LEU D 183 -52.68 -11.73 -40.97
CA LEU D 183 -52.56 -12.38 -39.66
C LEU D 183 -52.89 -13.87 -39.80
N ILE D 184 -51.96 -14.76 -39.38
CA ILE D 184 -52.18 -16.20 -39.45
C ILE D 184 -52.27 -16.79 -38.05
N ILE D 185 -53.48 -17.20 -37.64
CA ILE D 185 -53.65 -18.01 -36.46
C ILE D 185 -53.91 -19.43 -36.92
N PRO D 186 -52.88 -20.32 -36.93
CA PRO D 186 -52.99 -21.58 -37.67
C PRO D 186 -54.16 -22.40 -37.12
N GLY D 187 -54.99 -22.91 -38.04
CA GLY D 187 -56.22 -23.62 -37.69
C GLY D 187 -57.47 -22.73 -37.76
N GLU D 188 -57.35 -21.48 -37.28
CA GLU D 188 -58.45 -20.55 -37.20
C GLU D 188 -58.55 -19.70 -38.48
N SER D 189 -57.43 -19.16 -38.95
CA SER D 189 -57.40 -18.41 -40.20
C SER D 189 -56.49 -19.11 -41.19
N ALA D 190 -56.58 -18.73 -42.46
CA ALA D 190 -55.80 -19.32 -43.55
C ALA D 190 -54.32 -19.11 -43.27
N CYS D 191 -53.53 -20.17 -43.53
CA CYS D 191 -52.09 -20.13 -43.44
C CYS D 191 -51.54 -19.63 -44.79
N PHE D 192 -50.21 -19.51 -44.92
CA PHE D 192 -49.61 -18.96 -46.13
C PHE D 192 -49.78 -19.93 -47.30
N ALA D 193 -49.84 -21.23 -46.98
CA ALA D 193 -50.00 -22.24 -47.99
C ALA D 193 -51.43 -22.32 -48.51
N CYS D 194 -52.40 -21.89 -47.68
CA CYS D 194 -53.83 -22.10 -47.89
C CYS D 194 -54.34 -21.66 -49.27
N ALA D 195 -53.70 -20.64 -49.90
CA ALA D 195 -54.09 -20.19 -51.22
C ALA D 195 -52.88 -19.61 -51.94
N PRO D 196 -52.81 -19.66 -53.28
CA PRO D 196 -51.72 -18.99 -54.01
C PRO D 196 -51.85 -17.47 -53.95
N PRO D 197 -50.78 -16.71 -54.30
CA PRO D 197 -50.89 -15.27 -54.53
C PRO D 197 -52.07 -14.77 -55.40
N GLU D 212 -31.13 -13.14 -61.08
CA GLU D 212 -30.58 -12.06 -60.27
C GLU D 212 -29.70 -11.15 -61.13
N GLY D 213 -30.19 -10.82 -62.33
CA GLY D 213 -29.62 -9.83 -63.23
C GLY D 213 -29.98 -8.40 -62.81
N VAL D 214 -31.24 -8.20 -62.42
CA VAL D 214 -31.73 -6.93 -61.93
C VAL D 214 -32.43 -7.14 -60.58
N CYS D 215 -32.95 -6.05 -60.01
CA CYS D 215 -33.48 -6.00 -58.65
C CYS D 215 -34.91 -5.49 -58.69
N ALA D 216 -35.66 -5.79 -57.62
CA ALA D 216 -36.99 -5.21 -57.43
C ALA D 216 -36.89 -3.72 -57.09
N ALA D 217 -37.93 -2.96 -57.42
CA ALA D 217 -38.05 -1.59 -56.98
C ALA D 217 -38.52 -1.56 -55.53
N SER D 218 -38.15 -0.51 -54.81
CA SER D 218 -38.72 -0.32 -53.49
C SER D 218 -38.79 1.18 -53.21
N LEU D 219 -39.80 1.58 -52.42
CA LEU D 219 -39.97 2.97 -52.05
C LEU D 219 -40.02 3.05 -50.53
N PRO D 220 -39.47 4.13 -49.92
CA PRO D 220 -39.54 4.32 -48.47
C PRO D 220 -40.97 4.57 -48.02
N THR D 221 -41.77 5.14 -48.92
CA THR D 221 -43.18 5.38 -48.68
C THR D 221 -43.88 4.06 -48.40
N THR D 222 -43.82 3.14 -49.38
CA THR D 222 -44.56 1.90 -49.27
C THR D 222 -44.06 1.09 -48.08
N MET D 223 -42.75 1.17 -47.81
CA MET D 223 -42.08 0.54 -46.68
C MET D 223 -42.66 1.08 -45.38
N GLY D 224 -42.74 2.41 -45.29
CA GLY D 224 -43.27 3.09 -44.13
C GLY D 224 -44.74 2.73 -43.85
N VAL D 225 -45.52 2.61 -44.94
CA VAL D 225 -46.94 2.33 -44.81
C VAL D 225 -47.20 0.91 -44.33
N VAL D 226 -46.59 -0.08 -45.02
CA VAL D 226 -46.79 -1.47 -44.66
C VAL D 226 -46.30 -1.74 -43.23
N ALA D 227 -45.15 -1.17 -42.86
CA ALA D 227 -44.64 -1.40 -41.52
C ALA D 227 -45.63 -0.80 -40.54
N GLY D 228 -46.10 0.38 -40.91
CA GLY D 228 -47.06 1.14 -40.12
C GLY D 228 -48.31 0.33 -39.82
N ILE D 229 -48.91 -0.28 -40.85
CA ILE D 229 -50.18 -0.98 -40.64
C ILE D 229 -49.92 -2.32 -39.98
N LEU D 230 -48.75 -2.91 -40.28
CA LEU D 230 -48.33 -4.15 -39.65
C LEU D 230 -48.24 -3.96 -38.14
N VAL D 231 -47.50 -2.93 -37.69
CA VAL D 231 -47.29 -2.79 -36.26
C VAL D 231 -48.58 -2.34 -35.58
N GLN D 232 -49.43 -1.62 -36.30
CA GLN D 232 -50.72 -1.22 -35.75
C GLN D 232 -51.55 -2.46 -35.46
N ASN D 233 -51.51 -3.41 -36.40
CA ASN D 233 -52.20 -4.67 -36.21
C ASN D 233 -51.62 -5.42 -35.02
N VAL D 234 -50.29 -5.33 -34.83
CA VAL D 234 -49.64 -5.96 -33.71
C VAL D 234 -50.14 -5.34 -32.40
N LEU D 235 -50.14 -3.99 -32.32
CA LEU D 235 -50.51 -3.34 -31.06
C LEU D 235 -51.96 -3.68 -30.75
N LYS D 236 -52.80 -3.68 -31.79
CA LYS D 236 -54.21 -3.94 -31.61
C LYS D 236 -54.42 -5.39 -31.16
N PHE D 237 -53.63 -6.30 -31.74
CA PHE D 237 -53.74 -7.71 -31.40
C PHE D 237 -53.32 -7.98 -29.96
N LEU D 238 -52.18 -7.41 -29.54
CA LEU D 238 -51.59 -7.77 -28.26
C LEU D 238 -52.29 -7.01 -27.14
N LEU D 239 -52.62 -5.73 -27.38
CA LEU D 239 -53.19 -4.92 -26.31
C LEU D 239 -54.72 -4.90 -26.31
N ASN D 240 -55.36 -5.59 -27.28
CA ASN D 240 -56.81 -5.77 -27.32
C ASN D 240 -57.57 -4.44 -27.42
N PHE D 241 -57.23 -3.61 -28.41
CA PHE D 241 -58.01 -2.43 -28.75
C PHE D 241 -58.31 -2.42 -30.24
N GLY D 242 -59.35 -1.70 -30.66
CA GLY D 242 -59.69 -1.58 -32.07
C GLY D 242 -60.08 -2.92 -32.72
N THR D 243 -60.07 -2.95 -34.06
CA THR D 243 -60.45 -4.12 -34.82
C THR D 243 -59.19 -4.68 -35.48
N VAL D 244 -58.93 -5.96 -35.26
CA VAL D 244 -57.77 -6.59 -35.86
C VAL D 244 -58.15 -7.03 -37.27
N SER D 245 -57.32 -6.71 -38.24
CA SER D 245 -57.50 -7.22 -39.60
C SER D 245 -56.81 -8.57 -39.76
N PHE D 246 -57.46 -9.50 -40.47
CA PHE D 246 -56.84 -10.75 -40.86
C PHE D 246 -56.11 -10.56 -42.18
N TYR D 247 -56.45 -9.48 -42.89
CA TYR D 247 -55.81 -9.12 -44.14
C TYR D 247 -56.09 -7.65 -44.42
N LEU D 248 -55.07 -6.93 -44.85
CA LEU D 248 -55.26 -5.54 -45.20
C LEU D 248 -54.22 -5.27 -46.27
N GLY D 249 -54.72 -4.92 -47.45
CA GLY D 249 -53.85 -4.64 -48.57
C GLY D 249 -53.65 -3.15 -48.74
N TYR D 250 -52.75 -2.82 -49.68
CA TYR D 250 -52.43 -1.45 -49.96
C TYR D 250 -52.02 -1.34 -51.42
N ASN D 251 -52.86 -0.65 -52.19
CA ASN D 251 -52.53 -0.22 -53.53
C ASN D 251 -52.20 1.27 -53.52
N ALA D 252 -50.94 1.57 -53.81
CA ALA D 252 -50.43 2.93 -53.70
C ALA D 252 -50.86 3.78 -54.89
N MET D 253 -51.13 3.16 -56.03
CA MET D 253 -51.50 3.87 -57.25
C MET D 253 -52.88 4.50 -57.10
N GLN D 254 -53.84 3.72 -56.57
CA GLN D 254 -55.26 4.08 -56.44
C GLN D 254 -55.61 4.63 -55.06
N ASP D 255 -54.71 4.50 -54.08
CA ASP D 255 -55.04 4.80 -52.70
C ASP D 255 -56.16 3.87 -52.22
N PHE D 256 -55.97 2.55 -52.43
CA PHE D 256 -56.98 1.54 -52.15
C PHE D 256 -56.46 0.54 -51.12
N PHE D 257 -57.28 0.25 -50.10
CA PHE D 257 -56.86 -0.51 -48.93
C PHE D 257 -57.85 -1.62 -48.60
N PRO D 258 -57.94 -2.68 -49.43
CA PRO D 258 -58.91 -3.76 -49.19
C PRO D 258 -58.63 -4.56 -47.92
N THR D 259 -59.70 -4.89 -47.17
CA THR D 259 -59.62 -5.87 -46.09
C THR D 259 -60.41 -7.12 -46.47
N MET D 260 -60.05 -8.30 -45.92
CA MET D 260 -60.86 -9.50 -46.11
C MET D 260 -60.71 -10.49 -44.96
N SER D 261 -61.66 -11.43 -44.88
CA SER D 261 -61.53 -12.52 -43.95
C SER D 261 -60.79 -13.67 -44.64
N MET D 262 -60.08 -14.46 -43.84
CA MET D 262 -59.30 -15.52 -44.43
C MET D 262 -59.69 -16.84 -43.76
N LYS D 263 -60.53 -17.63 -44.41
CA LYS D 263 -60.95 -18.87 -43.77
C LYS D 263 -59.95 -19.94 -44.18
N PRO D 264 -59.58 -20.86 -43.27
CA PRO D 264 -58.67 -21.94 -43.62
C PRO D 264 -59.22 -22.72 -44.82
N ASN D 265 -58.32 -23.11 -45.71
CA ASN D 265 -58.56 -24.04 -46.79
C ASN D 265 -58.52 -25.49 -46.28
N PRO D 266 -59.63 -26.25 -46.28
CA PRO D 266 -59.61 -27.60 -45.71
C PRO D 266 -58.84 -28.63 -46.55
N GLN D 267 -58.54 -28.26 -47.79
CA GLN D 267 -57.72 -29.07 -48.68
C GLN D 267 -56.34 -28.42 -48.85
N CYS D 268 -55.80 -27.83 -47.77
CA CYS D 268 -54.54 -27.10 -47.82
C CYS D 268 -53.41 -28.11 -47.99
N ASP D 269 -52.41 -27.73 -48.80
CA ASP D 269 -51.24 -28.57 -49.07
C ASP D 269 -50.57 -29.00 -47.76
N ASP D 270 -50.36 -28.04 -46.86
CA ASP D 270 -49.73 -28.25 -45.57
C ASP D 270 -50.67 -29.09 -44.69
N ARG D 271 -50.26 -30.33 -44.39
CA ARG D 271 -51.13 -31.19 -43.60
C ARG D 271 -51.12 -30.77 -42.14
N ASN D 272 -50.12 -29.97 -41.78
CA ASN D 272 -50.03 -29.39 -40.44
C ASN D 272 -51.20 -28.43 -40.25
N CYS D 273 -51.53 -27.72 -41.33
CA CYS D 273 -52.60 -26.73 -41.37
C CYS D 273 -53.95 -27.45 -41.27
N ARG D 274 -54.08 -28.55 -42.04
CA ARG D 274 -55.21 -29.45 -41.93
C ARG D 274 -55.32 -29.96 -40.49
N LYS D 275 -54.18 -30.31 -39.90
CA LYS D 275 -54.21 -30.82 -38.53
C LYS D 275 -54.60 -29.69 -37.58
N GLN D 276 -54.13 -28.47 -37.88
CA GLN D 276 -54.41 -27.35 -36.99
C GLN D 276 -55.91 -27.02 -37.05
N GLN D 277 -56.48 -27.19 -38.26
CA GLN D 277 -57.88 -26.92 -38.54
C GLN D 277 -58.76 -27.88 -37.74
N GLU D 278 -58.36 -29.15 -37.72
CA GLU D 278 -59.06 -30.16 -36.94
C GLU D 278 -59.02 -29.77 -35.46
N GLU D 279 -57.84 -29.39 -34.98
CA GLU D 279 -57.66 -29.01 -33.59
C GLU D 279 -58.59 -27.84 -33.26
N TYR D 280 -58.71 -26.88 -34.20
CA TYR D 280 -59.51 -25.70 -33.95
C TYR D 280 -61.00 -26.07 -33.84
N LYS D 281 -61.48 -26.91 -34.78
CA LYS D 281 -62.88 -27.32 -34.82
C LYS D 281 -63.28 -28.10 -33.57
N LYS D 282 -62.32 -28.84 -32.97
CA LYS D 282 -62.55 -29.63 -31.77
C LYS D 282 -62.77 -28.72 -30.57
N LYS D 283 -61.93 -27.69 -30.44
CA LYS D 283 -61.98 -26.80 -29.28
C LYS D 283 -63.23 -25.92 -29.38
N VAL D 284 -63.79 -25.81 -30.60
CA VAL D 284 -65.04 -25.11 -30.85
C VAL D 284 -66.22 -25.96 -30.36
N ALA D 285 -66.11 -27.28 -30.50
CA ALA D 285 -67.14 -28.20 -30.05
C ALA D 285 -67.14 -28.38 -28.52
N ALA D 286 -66.02 -28.02 -27.86
CA ALA D 286 -65.84 -28.24 -26.43
C ALA D 286 -66.35 -27.06 -25.60
N GLY E 1 -36.14 26.39 23.59
CA GLY E 1 -37.46 26.42 22.89
C GLY E 1 -38.54 27.06 23.76
N ARG E 2 -39.80 26.85 23.36
CA ARG E 2 -40.94 27.52 23.96
C ARG E 2 -41.85 26.50 24.63
N VAL E 3 -42.15 26.75 25.90
CA VAL E 3 -43.03 25.91 26.69
C VAL E 3 -44.46 26.31 26.42
N ARG E 4 -45.34 25.30 26.45
CA ARG E 4 -46.78 25.48 26.50
C ARG E 4 -47.09 26.43 27.64
N ILE E 5 -48.02 27.34 27.39
CA ILE E 5 -48.52 28.19 28.47
C ILE E 5 -50.02 27.95 28.62
N GLU E 6 -50.44 27.58 29.83
CA GLU E 6 -51.84 27.37 30.18
C GLU E 6 -52.61 28.68 30.08
N LYS E 7 -52.20 29.67 30.89
CA LYS E 7 -52.82 30.97 31.03
C LYS E 7 -51.78 32.04 30.71
N MET E 8 -52.00 32.83 29.64
CA MET E 8 -51.12 33.93 29.27
C MET E 8 -50.91 34.86 30.47
N SER E 9 -49.67 35.35 30.64
CA SER E 9 -49.35 36.21 31.75
C SER E 9 -48.83 37.55 31.27
N SER E 10 -49.05 38.59 32.08
CA SER E 10 -48.58 39.92 31.75
C SER E 10 -47.17 40.13 32.30
N GLU E 11 -46.70 39.20 33.13
CA GLU E 11 -45.40 39.23 33.80
C GLU E 11 -44.28 39.57 32.80
N VAL E 12 -43.58 40.67 33.08
CA VAL E 12 -42.56 41.19 32.16
C VAL E 12 -41.22 40.50 32.44
N VAL E 13 -41.02 39.31 31.85
CA VAL E 13 -39.79 38.54 31.93
C VAL E 13 -39.47 37.98 30.55
N ASP E 14 -38.17 37.85 30.28
CA ASP E 14 -37.60 37.46 29.00
C ASP E 14 -38.09 36.08 28.55
N SER E 15 -38.56 35.30 29.51
CA SER E 15 -39.03 33.96 29.24
C SER E 15 -40.52 33.92 28.87
N ASN E 16 -41.21 35.08 28.89
CA ASN E 16 -42.64 35.14 28.60
C ASN E 16 -42.91 35.60 27.16
N PRO E 17 -43.36 34.71 26.24
CA PRO E 17 -43.56 35.08 24.84
C PRO E 17 -44.82 35.91 24.64
N TYR E 18 -45.60 36.06 25.73
CA TYR E 18 -46.87 36.75 25.65
C TYR E 18 -46.80 38.15 26.27
N SER E 19 -45.67 38.47 26.92
CA SER E 19 -45.49 39.67 27.73
C SER E 19 -45.69 40.96 26.92
N ARG E 20 -45.16 41.04 25.69
CA ARG E 20 -45.29 42.25 24.90
C ARG E 20 -46.66 42.36 24.24
N LEU E 21 -47.41 41.24 24.20
CA LEU E 21 -48.79 41.22 23.72
C LEU E 21 -49.77 41.57 24.84
N MET E 22 -49.56 41.03 26.04
CA MET E 22 -50.40 41.32 27.18
C MET E 22 -50.15 42.73 27.71
N ALA E 23 -49.01 43.33 27.34
CA ALA E 23 -48.70 44.72 27.61
C ALA E 23 -49.81 45.65 27.10
N LEU E 24 -50.48 45.26 26.01
CA LEU E 24 -51.60 46.01 25.44
C LEU E 24 -52.73 46.20 26.46
N LYS E 25 -52.86 45.32 27.45
CA LYS E 25 -53.92 45.42 28.44
C LYS E 25 -53.65 46.60 29.38
N ARG E 26 -52.44 46.67 29.92
CA ARG E 26 -52.11 47.68 30.91
C ARG E 26 -51.95 49.03 30.22
N MET E 27 -52.09 49.04 28.90
CA MET E 27 -51.94 50.26 28.13
C MET E 27 -53.29 50.67 27.52
N GLY E 28 -54.35 49.98 27.96
CA GLY E 28 -55.73 50.27 27.58
C GLY E 28 -56.01 50.24 26.08
N ILE E 29 -55.14 49.58 25.30
CA ILE E 29 -55.34 49.35 23.88
C ILE E 29 -56.29 48.18 23.67
N VAL E 30 -56.10 47.08 24.42
CA VAL E 30 -56.97 45.92 24.33
C VAL E 30 -57.19 45.43 25.76
N SER E 31 -58.45 45.42 26.19
CA SER E 31 -58.76 45.18 27.59
C SER E 31 -58.73 43.69 27.92
N ASP E 32 -59.06 42.86 26.92
CA ASP E 32 -59.25 41.43 27.12
C ASP E 32 -58.48 40.64 26.05
N TYR E 33 -57.15 40.85 25.97
CA TYR E 33 -56.32 40.25 24.93
C TYR E 33 -56.38 38.72 24.93
N GLU E 34 -56.34 38.10 26.12
CA GLU E 34 -56.29 36.65 26.25
C GLU E 34 -57.44 35.98 25.49
N LYS E 35 -58.47 36.75 25.12
CA LYS E 35 -59.60 36.15 24.43
C LYS E 35 -59.19 35.63 23.06
N ILE E 36 -57.96 35.98 22.62
CA ILE E 36 -57.45 35.59 21.32
C ILE E 36 -57.30 34.06 21.28
N ARG E 37 -57.09 33.45 22.45
CA ARG E 37 -56.99 32.01 22.68
C ARG E 37 -58.30 31.30 22.35
N THR E 38 -59.42 32.04 22.21
CA THR E 38 -60.75 31.44 22.12
C THR E 38 -61.25 31.37 20.68
N PHE E 39 -60.49 31.89 19.71
CA PHE E 39 -61.01 32.00 18.36
C PHE E 39 -60.34 30.98 17.45
N ALA E 40 -61.10 30.53 16.43
CA ALA E 40 -60.57 29.73 15.33
C ALA E 40 -60.74 30.48 14.01
N VAL E 41 -59.67 30.47 13.21
CA VAL E 41 -59.62 31.12 11.92
C VAL E 41 -59.18 30.09 10.87
N ALA E 42 -59.89 30.08 9.75
CA ALA E 42 -59.52 29.32 8.58
C ALA E 42 -58.80 30.23 7.59
N ILE E 43 -57.75 29.69 6.97
CA ILE E 43 -57.02 30.41 5.93
C ILE E 43 -56.98 29.55 4.68
N VAL E 44 -57.55 30.07 3.60
CA VAL E 44 -57.47 29.43 2.31
C VAL E 44 -56.40 30.13 1.50
N GLY E 45 -55.39 29.35 1.07
CA GLY E 45 -54.20 29.83 0.38
C GLY E 45 -53.11 30.25 1.37
N VAL E 46 -52.10 29.39 1.53
CA VAL E 46 -51.05 29.67 2.49
C VAL E 46 -49.77 29.94 1.72
N GLY E 47 -49.96 30.74 0.65
CA GLY E 47 -48.86 31.26 -0.14
C GLY E 47 -48.35 32.55 0.48
N GLY E 48 -48.16 33.56 -0.39
CA GLY E 48 -47.47 34.80 -0.06
C GLY E 48 -48.13 35.52 1.11
N VAL E 49 -49.43 35.74 0.97
CA VAL E 49 -50.17 36.44 2.01
C VAL E 49 -50.57 35.47 3.11
N GLY E 50 -50.96 34.25 2.71
CA GLY E 50 -51.53 33.28 3.64
C GLY E 50 -50.55 32.88 4.74
N SER E 51 -49.31 32.58 4.33
CA SER E 51 -48.32 32.05 5.25
C SER E 51 -47.99 33.08 6.33
N VAL E 52 -47.74 34.32 5.90
CA VAL E 52 -47.38 35.40 6.78
C VAL E 52 -48.54 35.74 7.73
N THR E 53 -49.75 35.72 7.17
CA THR E 53 -50.99 35.84 7.90
C THR E 53 -51.10 34.76 8.98
N ALA E 54 -50.78 33.52 8.61
CA ALA E 54 -50.78 32.42 9.57
C ALA E 54 -49.70 32.63 10.64
N GLU E 55 -48.50 33.07 10.23
CA GLU E 55 -47.44 33.32 11.20
C GLU E 55 -47.89 34.37 12.20
N MET E 56 -48.55 35.43 11.70
CA MET E 56 -48.87 36.56 12.55
C MET E 56 -49.90 36.11 13.58
N LEU E 57 -50.90 35.34 13.14
CA LEU E 57 -51.96 34.92 14.05
C LEU E 57 -51.41 33.95 15.08
N THR E 58 -50.45 33.11 14.64
CA THR E 58 -49.84 32.10 15.48
C THR E 58 -49.02 32.80 16.55
N ARG E 59 -48.26 33.83 16.13
CA ARG E 59 -47.46 34.55 17.12
C ARG E 59 -48.33 35.33 18.09
N CYS E 60 -49.53 35.68 17.65
CA CYS E 60 -50.47 36.43 18.47
C CYS E 60 -51.11 35.53 19.51
N GLY E 61 -51.23 34.24 19.18
CA GLY E 61 -51.65 33.23 20.15
C GLY E 61 -53.11 32.85 19.93
N ILE E 62 -53.50 32.88 18.65
CA ILE E 62 -54.81 32.48 18.18
C ILE E 62 -55.09 31.05 18.66
N GLY E 63 -56.37 30.77 18.93
CA GLY E 63 -56.77 29.49 19.50
C GLY E 63 -56.53 28.33 18.55
N LYS E 64 -56.85 28.53 17.26
CA LYS E 64 -56.80 27.46 16.27
C LYS E 64 -56.77 28.01 14.84
N LEU E 65 -55.92 27.41 14.00
CA LEU E 65 -55.87 27.72 12.58
C LEU E 65 -56.23 26.48 11.78
N LEU E 66 -56.97 26.72 10.68
CA LEU E 66 -57.26 25.75 9.64
C LEU E 66 -56.61 26.24 8.37
N LEU E 67 -55.72 25.41 7.82
CA LEU E 67 -55.00 25.79 6.61
C LEU E 67 -55.51 24.94 5.44
N PHE E 68 -55.80 25.63 4.33
CA PHE E 68 -56.21 25.02 3.08
C PHE E 68 -55.32 25.53 1.96
N ASP E 69 -54.81 24.60 1.15
CA ASP E 69 -53.94 24.88 0.01
C ASP E 69 -53.57 23.55 -0.62
N TYR E 70 -53.44 23.54 -1.95
CA TYR E 70 -53.26 22.30 -2.71
C TYR E 70 -51.84 22.19 -3.29
N ASP E 71 -50.99 23.24 -3.17
CA ASP E 71 -49.69 23.22 -3.84
C ASP E 71 -48.50 23.05 -2.88
N LYS E 72 -47.37 22.69 -3.51
CA LYS E 72 -46.12 22.39 -2.84
C LYS E 72 -45.29 23.66 -2.85
N VAL E 73 -44.32 23.74 -1.93
CA VAL E 73 -43.40 24.84 -1.80
C VAL E 73 -42.36 24.67 -2.90
N GLU E 74 -42.04 25.76 -3.61
CA GLU E 74 -41.07 25.77 -4.69
C GLU E 74 -40.07 26.90 -4.46
N LEU E 75 -38.89 26.76 -5.08
CA LEU E 75 -37.83 27.74 -4.91
C LEU E 75 -38.28 29.10 -5.47
N ALA E 76 -39.23 29.07 -6.41
CA ALA E 76 -39.74 30.29 -6.99
C ALA E 76 -40.59 31.05 -5.97
N ASN E 77 -40.99 30.38 -4.89
CA ASN E 77 -41.71 31.03 -3.81
C ASN E 77 -40.76 31.70 -2.82
N MET E 78 -39.45 31.57 -3.04
CA MET E 78 -38.47 32.05 -2.08
C MET E 78 -38.30 33.57 -2.16
N ASN E 79 -38.99 34.22 -3.11
CA ASN E 79 -39.02 35.68 -3.15
C ASN E 79 -40.00 36.20 -2.09
N ARG E 80 -40.91 35.34 -1.63
CA ARG E 80 -41.87 35.74 -0.61
C ARG E 80 -41.50 35.13 0.74
N LEU E 81 -42.06 35.73 1.81
CA LEU E 81 -41.64 35.47 3.17
C LEU E 81 -42.08 34.08 3.61
N PHE E 82 -41.54 33.67 4.77
CA PHE E 82 -41.95 32.53 5.59
C PHE E 82 -41.22 31.23 5.20
N PHE E 83 -41.62 30.59 4.09
CA PHE E 83 -41.04 29.36 3.60
C PHE E 83 -39.54 29.50 3.30
N GLN E 84 -38.78 28.46 3.66
CA GLN E 84 -37.34 28.44 3.44
C GLN E 84 -36.98 27.38 2.40
N PRO E 85 -35.79 27.48 1.76
CA PRO E 85 -35.46 26.62 0.60
C PRO E 85 -35.43 25.13 0.91
N HIS E 86 -35.08 24.76 2.14
CA HIS E 86 -35.13 23.36 2.55
C HIS E 86 -36.55 22.79 2.58
N GLN E 87 -37.58 23.64 2.54
CA GLN E 87 -38.94 23.14 2.61
C GLN E 87 -39.47 22.92 1.21
N ALA E 88 -38.64 23.19 0.19
CA ALA E 88 -39.03 23.01 -1.20
C ALA E 88 -39.45 21.57 -1.43
N GLY E 89 -40.60 21.36 -2.06
CA GLY E 89 -41.07 20.00 -2.27
C GLY E 89 -42.17 19.61 -1.29
N LEU E 90 -42.08 20.04 -0.02
CA LEU E 90 -43.18 19.82 0.92
C LEU E 90 -44.45 20.53 0.45
N SER E 91 -45.61 19.99 0.82
CA SER E 91 -46.87 20.72 0.67
C SER E 91 -46.85 21.96 1.55
N LYS E 92 -47.50 23.03 1.09
CA LYS E 92 -47.43 24.30 1.82
C LYS E 92 -48.10 24.17 3.17
N VAL E 93 -49.24 23.48 3.23
CA VAL E 93 -49.92 23.35 4.51
C VAL E 93 -49.03 22.60 5.49
N GLN E 94 -48.26 21.63 4.99
CA GLN E 94 -47.56 20.79 5.95
C GLN E 94 -46.29 21.51 6.45
N ALA E 95 -45.63 22.22 5.53
CA ALA E 95 -44.46 23.01 5.87
C ALA E 95 -44.83 24.09 6.89
N ALA E 96 -45.92 24.78 6.59
CA ALA E 96 -46.46 25.81 7.47
C ALA E 96 -46.76 25.24 8.86
N GLU E 97 -47.51 24.13 8.89
CA GLU E 97 -47.93 23.50 10.13
C GLU E 97 -46.72 23.25 11.02
N HIS E 98 -45.69 22.64 10.42
CA HIS E 98 -44.46 22.34 11.14
C HIS E 98 -43.81 23.60 11.73
N THR E 99 -43.56 24.59 10.89
CA THR E 99 -42.91 25.81 11.34
C THR E 99 -43.77 26.48 12.41
N LEU E 100 -45.08 26.58 12.19
CA LEU E 100 -45.92 27.31 13.13
C LEU E 100 -46.06 26.58 14.47
N ARG E 101 -46.11 25.23 14.45
CA ARG E 101 -46.17 24.46 15.68
CA ARG E 101 -46.16 24.43 15.66
C ARG E 101 -44.94 24.77 16.52
N ASN E 102 -43.80 24.94 15.84
CA ASN E 102 -42.53 25.25 16.45
C ASN E 102 -42.59 26.65 17.06
N ILE E 103 -43.20 27.59 16.32
CA ILE E 103 -43.31 28.97 16.73
C ILE E 103 -44.24 29.11 17.94
N ASN E 104 -45.36 28.37 18.00
CA ASN E 104 -46.22 28.45 19.16
C ASN E 104 -46.88 27.10 19.41
N PRO E 105 -46.48 26.38 20.48
CA PRO E 105 -47.08 25.10 20.82
C PRO E 105 -48.52 25.23 21.28
N ASP E 106 -48.94 26.42 21.71
CA ASP E 106 -50.28 26.59 22.26
C ASP E 106 -51.37 26.60 21.18
N VAL E 107 -51.01 26.83 19.91
CA VAL E 107 -51.95 26.98 18.82
C VAL E 107 -52.33 25.60 18.29
N LEU E 108 -53.64 25.34 18.15
CA LEU E 108 -54.16 24.13 17.50
C LEU E 108 -54.23 24.34 15.99
N PHE E 109 -53.94 23.26 15.24
CA PHE E 109 -53.89 23.35 13.79
C PHE E 109 -54.68 22.21 13.17
N GLU E 110 -55.12 22.47 11.96
CA GLU E 110 -55.81 21.49 11.14
C GLU E 110 -55.43 21.84 9.71
N VAL E 111 -54.84 20.89 8.98
CA VAL E 111 -54.35 21.23 7.65
C VAL E 111 -55.04 20.36 6.60
N HIS E 112 -55.27 20.94 5.43
CA HIS E 112 -55.96 20.27 4.34
C HIS E 112 -55.27 20.60 3.02
N ASN E 113 -54.76 19.56 2.37
CA ASN E 113 -53.94 19.71 1.18
C ASN E 113 -54.77 19.48 -0.07
N TYR E 114 -55.90 20.18 -0.19
CA TYR E 114 -56.72 20.03 -1.38
C TYR E 114 -57.12 21.39 -1.96
N ASN E 115 -57.61 21.34 -3.20
CA ASN E 115 -58.16 22.48 -3.91
C ASN E 115 -59.63 22.63 -3.52
N ILE E 116 -60.05 23.82 -3.07
CA ILE E 116 -61.36 23.97 -2.45
C ILE E 116 -62.50 24.01 -3.49
N THR E 117 -62.17 24.06 -4.78
CA THR E 117 -63.18 24.32 -5.78
C THR E 117 -63.75 23.06 -6.43
N THR E 118 -63.14 21.89 -6.23
CA THR E 118 -63.77 20.66 -6.71
C THR E 118 -64.98 20.31 -5.85
N VAL E 119 -65.89 19.51 -6.43
CA VAL E 119 -67.21 19.26 -5.88
C VAL E 119 -67.11 18.62 -4.50
N GLU E 120 -66.31 17.55 -4.38
CA GLU E 120 -66.21 16.78 -3.16
C GLU E 120 -65.52 17.62 -2.06
N ASN E 121 -64.45 18.31 -2.47
CA ASN E 121 -63.61 19.08 -1.57
C ASN E 121 -64.39 20.25 -0.98
N PHE E 122 -65.19 20.89 -1.84
CA PHE E 122 -66.01 22.03 -1.46
C PHE E 122 -66.96 21.66 -0.32
N GLN E 123 -67.57 20.47 -0.40
CA GLN E 123 -68.51 19.98 0.60
CA GLN E 123 -68.52 20.03 0.61
C GLN E 123 -67.77 19.83 1.92
N HIS E 124 -66.57 19.25 1.81
CA HIS E 124 -65.73 19.03 2.98
C HIS E 124 -65.40 20.37 3.62
N PHE E 125 -64.93 21.30 2.77
CA PHE E 125 -64.51 22.63 3.17
C PHE E 125 -65.62 23.34 3.93
N MET E 126 -66.85 23.21 3.42
CA MET E 126 -68.01 23.83 4.05
C MET E 126 -68.28 23.20 5.41
N ASP E 127 -68.13 21.89 5.50
CA ASP E 127 -68.34 21.20 6.76
C ASP E 127 -67.34 21.73 7.79
N ARG E 128 -66.12 22.03 7.32
CA ARG E 128 -65.04 22.40 8.21
C ARG E 128 -65.25 23.81 8.74
N ILE E 129 -65.81 24.67 7.89
CA ILE E 129 -66.20 26.01 8.27
C ILE E 129 -67.29 25.96 9.34
N SER E 130 -68.22 25.01 9.19
CA SER E 130 -69.38 24.98 10.07
C SER E 130 -69.02 24.36 11.41
N ASN E 131 -68.01 23.46 11.40
CA ASN E 131 -67.80 22.56 12.51
C ASN E 131 -66.35 22.57 12.99
N GLY E 132 -65.46 23.22 12.24
CA GLY E 132 -64.04 23.14 12.53
C GLY E 132 -63.57 24.14 13.60
N GLY E 133 -64.50 24.77 14.32
CA GLY E 133 -64.17 25.77 15.34
C GLY E 133 -63.32 25.17 16.47
N LEU E 134 -63.12 25.94 17.54
CA LEU E 134 -62.25 25.51 18.62
C LEU E 134 -62.86 24.27 19.26
N GLU E 135 -64.15 24.39 19.59
CA GLU E 135 -64.97 23.25 19.98
C GLU E 135 -65.53 22.65 18.69
N GLU E 136 -65.40 21.32 18.53
CA GLU E 136 -65.85 20.64 17.32
C GLU E 136 -67.37 20.75 17.24
N GLY E 137 -67.88 21.02 16.04
CA GLY E 137 -69.31 21.22 15.84
C GLY E 137 -69.70 22.70 15.76
N LYS E 138 -68.93 23.56 16.44
CA LYS E 138 -69.12 25.01 16.41
C LYS E 138 -68.42 25.58 15.18
N PRO E 139 -68.90 26.70 14.59
CA PRO E 139 -68.26 27.24 13.39
C PRO E 139 -66.99 28.03 13.72
N VAL E 140 -66.11 28.18 12.72
CA VAL E 140 -64.94 29.05 12.80
C VAL E 140 -65.39 30.51 12.88
N ASP E 141 -64.61 31.33 13.58
CA ASP E 141 -64.97 32.70 13.85
C ASP E 141 -64.70 33.61 12.64
N LEU E 142 -63.77 33.20 11.77
CA LEU E 142 -63.41 33.95 10.57
C LEU E 142 -62.86 33.00 9.52
N VAL E 143 -63.08 33.33 8.25
CA VAL E 143 -62.40 32.70 7.13
C VAL E 143 -61.61 33.78 6.42
N LEU E 144 -60.36 33.46 6.05
CA LEU E 144 -59.55 34.41 5.32
C LEU E 144 -59.23 33.85 3.95
N SER E 145 -59.62 34.59 2.90
CA SER E 145 -59.22 34.30 1.54
C SER E 145 -57.85 34.92 1.27
N CYS E 146 -56.89 34.07 0.92
CA CYS E 146 -55.57 34.56 0.55
C CYS E 146 -55.15 33.83 -0.70
N VAL E 147 -56.15 33.49 -1.53
CA VAL E 147 -55.96 32.84 -2.82
C VAL E 147 -55.65 33.88 -3.89
N ASP E 148 -55.34 33.42 -5.12
CA ASP E 148 -54.79 34.30 -6.13
C ASP E 148 -55.65 34.30 -7.40
N ASN E 149 -56.88 33.78 -7.31
CA ASN E 149 -57.68 33.63 -8.51
C ASN E 149 -59.15 33.94 -8.20
N PHE E 150 -59.85 34.39 -9.25
CA PHE E 150 -61.27 34.72 -9.21
C PHE E 150 -62.07 33.49 -8.76
N GLU E 151 -61.86 32.34 -9.42
CA GLU E 151 -62.70 31.18 -9.20
C GLU E 151 -62.75 30.78 -7.72
N ALA E 152 -61.59 30.81 -7.05
CA ALA E 152 -61.47 30.35 -5.68
C ALA E 152 -62.14 31.33 -4.73
N ARG E 153 -61.95 32.62 -5.01
CA ARG E 153 -62.56 33.71 -4.27
C ARG E 153 -64.09 33.59 -4.31
N MET E 154 -64.63 33.25 -5.48
CA MET E 154 -66.07 33.13 -5.72
C MET E 154 -66.62 31.95 -4.93
N THR E 155 -65.83 30.88 -4.94
CA THR E 155 -66.17 29.66 -4.20
C THR E 155 -66.32 29.99 -2.73
N ILE E 156 -65.35 30.73 -2.17
CA ILE E 156 -65.40 31.04 -0.75
C ILE E 156 -66.69 31.83 -0.49
N ASN E 157 -66.98 32.73 -1.45
CA ASN E 157 -68.10 33.64 -1.39
C ASN E 157 -69.43 32.89 -1.31
N THR E 158 -69.58 31.87 -2.19
CA THR E 158 -70.77 31.04 -2.27
C THR E 158 -70.99 30.33 -0.95
N ALA E 159 -69.93 29.75 -0.42
CA ALA E 159 -69.97 28.99 0.81
C ALA E 159 -70.43 29.89 1.94
N CYS E 160 -69.84 31.09 2.02
CA CYS E 160 -70.01 31.95 3.18
C CYS E 160 -71.38 32.62 3.14
N ASN E 161 -71.91 32.82 1.94
CA ASN E 161 -73.24 33.37 1.78
C ASN E 161 -74.29 32.35 2.19
N GLU E 162 -74.05 31.07 1.88
CA GLU E 162 -74.91 29.99 2.31
C GLU E 162 -74.88 29.87 3.83
N LEU E 163 -73.71 30.05 4.42
CA LEU E 163 -73.56 29.77 5.85
C LEU E 163 -73.76 31.03 6.67
N GLY E 164 -73.65 32.20 6.04
CA GLY E 164 -73.70 33.44 6.79
C GLY E 164 -72.49 33.52 7.72
N GLN E 165 -71.33 33.31 7.08
CA GLN E 165 -70.01 33.28 7.68
C GLN E 165 -69.26 34.54 7.31
N THR E 166 -68.91 35.36 8.32
CA THR E 166 -68.06 36.52 8.17
C THR E 166 -66.64 36.11 7.74
N TRP E 167 -66.14 36.77 6.71
CA TRP E 167 -64.83 36.46 6.16
C TRP E 167 -64.13 37.71 5.65
N MET E 168 -62.83 37.57 5.40
CA MET E 168 -62.03 38.64 4.87
C MET E 168 -61.35 38.12 3.63
N GLU E 169 -61.35 38.96 2.59
CA GLU E 169 -60.70 38.63 1.34
C GLU E 169 -59.48 39.53 1.21
N SER E 170 -58.39 38.99 0.65
CA SER E 170 -57.17 39.74 0.47
C SER E 170 -56.56 39.33 -0.85
N GLY E 171 -55.93 40.29 -1.51
CA GLY E 171 -55.33 39.92 -2.77
C GLY E 171 -54.13 40.82 -3.03
N VAL E 172 -53.31 40.39 -3.99
CA VAL E 172 -52.20 41.20 -4.44
C VAL E 172 -52.21 41.18 -5.97
N SER E 173 -51.89 42.32 -6.56
CA SER E 173 -51.92 42.45 -8.00
C SER E 173 -50.87 41.53 -8.63
N GLU E 174 -51.09 41.17 -9.89
CA GLU E 174 -50.16 40.32 -10.63
C GLU E 174 -48.89 41.12 -10.94
N ASN E 175 -48.89 42.44 -10.68
CA ASN E 175 -47.69 43.24 -10.95
C ASN E 175 -46.98 43.64 -9.66
N ALA E 176 -47.47 43.11 -8.53
CA ALA E 176 -46.81 43.13 -7.23
C ALA E 176 -46.89 44.47 -6.51
N VAL E 177 -47.40 45.52 -7.15
CA VAL E 177 -47.25 46.82 -6.52
C VAL E 177 -48.56 47.35 -5.94
N SER E 178 -49.56 46.49 -5.74
CA SER E 178 -50.78 46.87 -5.03
C SER E 178 -51.50 45.65 -4.48
N GLY E 179 -52.31 45.90 -3.44
CA GLY E 179 -53.17 44.87 -2.88
C GLY E 179 -54.26 45.49 -2.03
N HIS E 180 -55.09 44.65 -1.41
CA HIS E 180 -56.21 45.14 -0.62
C HIS E 180 -56.69 44.06 0.35
N ILE E 181 -57.47 44.49 1.35
CA ILE E 181 -58.26 43.61 2.20
C ILE E 181 -59.70 44.10 2.13
N GLN E 182 -60.64 43.19 2.42
CA GLN E 182 -62.06 43.45 2.37
C GLN E 182 -62.76 42.62 3.46
N LEU E 183 -63.64 43.26 4.25
CA LEU E 183 -64.44 42.53 5.22
C LEU E 183 -65.83 42.26 4.66
N ILE E 184 -66.22 41.00 4.66
CA ILE E 184 -67.53 40.61 4.15
C ILE E 184 -68.32 39.99 5.29
N ILE E 185 -69.29 40.75 5.82
CA ILE E 185 -70.32 40.20 6.68
C ILE E 185 -71.59 40.01 5.84
N PRO E 186 -71.93 38.78 5.37
CA PRO E 186 -72.98 38.60 4.37
C PRO E 186 -74.30 39.20 4.87
N GLY E 187 -74.89 40.07 4.03
CA GLY E 187 -76.12 40.77 4.38
C GLY E 187 -75.88 42.20 4.87
N GLU E 188 -74.84 42.37 5.67
CA GLU E 188 -74.54 43.65 6.27
C GLU E 188 -73.58 44.46 5.39
N SER E 189 -72.58 43.80 4.80
CA SER E 189 -71.66 44.44 3.86
C SER E 189 -71.70 43.72 2.51
N ALA E 190 -71.19 44.39 1.48
CA ALA E 190 -71.11 43.79 0.15
C ALA E 190 -70.35 42.46 0.20
N CYS E 191 -70.84 41.47 -0.53
CA CYS E 191 -70.17 40.21 -0.77
C CYS E 191 -69.31 40.34 -2.01
N PHE E 192 -68.65 39.24 -2.39
CA PHE E 192 -67.70 39.27 -3.48
C PHE E 192 -68.41 39.36 -4.82
N ALA E 193 -69.62 38.80 -4.94
CA ALA E 193 -70.40 38.82 -6.19
C ALA E 193 -71.14 40.15 -6.40
N CYS E 194 -71.37 40.91 -5.32
CA CYS E 194 -72.20 42.12 -5.30
C CYS E 194 -71.78 43.13 -6.36
N ALA E 195 -70.48 43.21 -6.62
CA ALA E 195 -69.95 44.21 -7.52
C ALA E 195 -68.74 43.60 -8.23
N PRO E 196 -68.39 44.03 -9.46
CA PRO E 196 -67.19 43.51 -10.13
C PRO E 196 -65.96 43.74 -9.27
N PRO E 197 -64.86 42.95 -9.42
CA PRO E 197 -63.70 43.07 -8.53
C PRO E 197 -63.16 44.50 -8.47
N LEU E 198 -63.03 45.01 -7.24
CA LEU E 198 -62.48 46.32 -6.96
C LEU E 198 -60.95 46.37 -7.18
N VAL E 199 -60.47 47.44 -7.83
CA VAL E 199 -59.05 47.68 -8.03
C VAL E 199 -58.63 48.88 -7.21
N VAL E 200 -57.33 48.97 -6.92
CA VAL E 200 -56.82 50.14 -6.21
C VAL E 200 -55.67 50.74 -7.00
N ALA E 201 -55.36 50.15 -8.16
CA ALA E 201 -54.29 50.65 -9.01
C ALA E 201 -54.36 49.97 -10.37
N ALA E 202 -53.63 50.55 -11.33
CA ALA E 202 -53.44 49.96 -12.64
C ALA E 202 -52.72 48.63 -12.44
N ASN E 203 -53.37 47.55 -12.87
CA ASN E 203 -52.84 46.20 -12.76
C ASN E 203 -52.55 45.65 -14.17
N ILE E 204 -51.90 44.47 -14.24
CA ILE E 204 -51.59 43.79 -15.49
C ILE E 204 -52.72 42.81 -15.82
N ASP E 205 -52.92 42.58 -17.13
CA ASP E 205 -53.89 41.62 -17.64
C ASP E 205 -53.48 40.21 -17.23
N GLU E 206 -54.11 39.68 -16.15
CA GLU E 206 -53.83 38.33 -15.65
C GLU E 206 -54.20 37.27 -16.70
N LYS E 207 -54.84 37.72 -17.79
CA LYS E 207 -55.27 36.87 -18.88
C LYS E 207 -54.08 36.57 -19.78
N THR E 208 -53.24 37.60 -19.99
CA THR E 208 -52.10 37.51 -20.89
C THR E 208 -51.01 36.68 -20.24
N LEU E 209 -51.06 36.59 -18.90
CA LEU E 209 -50.09 35.82 -18.14
C LEU E 209 -50.34 34.32 -18.33
N LYS E 210 -51.59 33.88 -18.10
CA LYS E 210 -52.04 32.54 -18.44
C LYS E 210 -51.54 32.15 -19.84
N ARG E 211 -51.86 32.98 -20.84
CA ARG E 211 -51.75 32.62 -22.26
C ARG E 211 -50.29 32.44 -22.66
N GLU E 212 -49.38 33.27 -22.14
CA GLU E 212 -48.00 33.23 -22.60
C GLU E 212 -47.17 32.19 -21.84
N GLY E 213 -47.64 31.78 -20.65
CA GLY E 213 -46.90 30.84 -19.83
C GLY E 213 -45.78 31.52 -19.03
N VAL E 214 -46.00 32.79 -18.69
CA VAL E 214 -45.12 33.56 -17.83
C VAL E 214 -45.82 33.69 -16.48
N CYS E 215 -45.11 34.21 -15.47
CA CYS E 215 -45.69 34.24 -14.13
C CYS E 215 -45.99 35.67 -13.69
N ALA E 216 -46.83 35.79 -12.65
CA ALA E 216 -47.09 37.04 -11.96
C ALA E 216 -45.84 37.47 -11.20
N ALA E 217 -45.65 38.79 -11.08
CA ALA E 217 -44.62 39.33 -10.20
C ALA E 217 -45.12 39.33 -8.76
N SER E 218 -44.18 39.25 -7.81
CA SER E 218 -44.49 39.36 -6.39
C SER E 218 -43.29 39.89 -5.60
N LEU E 219 -43.58 40.59 -4.52
CA LEU E 219 -42.54 41.21 -3.72
C LEU E 219 -42.81 40.86 -2.26
N PRO E 220 -41.75 40.60 -1.48
CA PRO E 220 -41.94 40.23 -0.08
C PRO E 220 -42.53 41.41 0.69
N THR E 221 -42.19 42.63 0.23
CA THR E 221 -42.68 43.88 0.78
C THR E 221 -44.21 43.97 0.74
N THR E 222 -44.79 43.81 -0.46
CA THR E 222 -46.20 44.02 -0.65
C THR E 222 -46.99 42.99 0.16
N MET E 223 -46.52 41.74 0.09
CA MET E 223 -47.15 40.67 0.83
C MET E 223 -47.07 40.93 2.33
N GLY E 224 -45.94 41.47 2.79
CA GLY E 224 -45.80 41.75 4.20
C GLY E 224 -46.85 42.77 4.64
N VAL E 225 -47.12 43.74 3.77
CA VAL E 225 -47.95 44.87 4.15
C VAL E 225 -49.39 44.40 4.21
N VAL E 226 -49.76 43.66 3.17
CA VAL E 226 -51.12 43.21 2.99
C VAL E 226 -51.49 42.24 4.13
N ALA E 227 -50.60 41.28 4.44
CA ALA E 227 -50.85 40.35 5.54
C ALA E 227 -50.93 41.11 6.86
N GLY E 228 -50.06 42.12 7.01
CA GLY E 228 -50.04 42.99 8.18
C GLY E 228 -51.39 43.66 8.43
N ILE E 229 -51.95 44.30 7.38
CA ILE E 229 -53.18 45.06 7.55
C ILE E 229 -54.32 44.06 7.70
N LEU E 230 -54.23 42.93 7.00
CA LEU E 230 -55.20 41.85 7.11
C LEU E 230 -55.34 41.38 8.55
N VAL E 231 -54.22 41.05 9.19
CA VAL E 231 -54.28 40.44 10.50
C VAL E 231 -54.61 41.51 11.53
N GLN E 232 -54.19 42.74 11.25
CA GLN E 232 -54.50 43.84 12.15
C GLN E 232 -56.02 44.02 12.19
N ASN E 233 -56.64 43.95 11.02
CA ASN E 233 -58.08 44.01 10.91
C ASN E 233 -58.74 42.85 11.65
N VAL E 234 -58.16 41.66 11.51
CA VAL E 234 -58.68 40.48 12.19
C VAL E 234 -58.65 40.74 13.70
N LEU E 235 -57.53 41.28 14.19
CA LEU E 235 -57.35 41.50 15.61
C LEU E 235 -58.42 42.49 16.08
N LYS E 236 -58.64 43.55 15.29
CA LYS E 236 -59.52 44.65 15.68
C LYS E 236 -60.95 44.13 15.78
N PHE E 237 -61.32 43.30 14.79
CA PHE E 237 -62.59 42.61 14.71
C PHE E 237 -62.82 41.70 15.93
N LEU E 238 -61.86 40.82 16.25
CA LEU E 238 -62.15 39.76 17.22
C LEU E 238 -61.96 40.27 18.64
N LEU E 239 -61.04 41.22 18.83
CA LEU E 239 -60.70 41.73 20.15
C LEU E 239 -61.38 43.06 20.49
N ASN E 240 -62.16 43.62 19.55
CA ASN E 240 -63.03 44.79 19.73
C ASN E 240 -62.24 46.00 20.23
N PHE E 241 -61.26 46.40 19.44
CA PHE E 241 -60.56 47.66 19.65
C PHE E 241 -60.42 48.34 18.29
N GLY E 242 -60.15 49.65 18.28
CA GLY E 242 -59.91 50.41 17.06
C GLY E 242 -61.11 50.38 16.11
N THR E 243 -60.87 50.81 14.87
CA THR E 243 -61.88 50.82 13.83
C THR E 243 -61.54 49.76 12.79
N VAL E 244 -62.49 48.84 12.58
CA VAL E 244 -62.40 47.87 11.51
C VAL E 244 -62.68 48.54 10.17
N SER E 245 -61.85 48.28 9.15
CA SER E 245 -62.07 48.75 7.79
C SER E 245 -62.83 47.67 7.03
N PHE E 246 -63.82 48.07 6.23
CA PHE E 246 -64.53 47.12 5.38
C PHE E 246 -63.78 46.95 4.06
N TYR E 247 -62.97 47.96 3.72
CA TYR E 247 -62.10 47.87 2.57
C TYR E 247 -60.90 48.79 2.82
N LEU E 248 -59.70 48.28 2.51
CA LEU E 248 -58.48 49.05 2.65
C LEU E 248 -57.50 48.55 1.59
N GLY E 249 -57.12 49.48 0.72
CA GLY E 249 -56.26 49.17 -0.42
C GLY E 249 -54.84 49.60 -0.13
N TYR E 250 -53.91 49.14 -0.97
CA TYR E 250 -52.54 49.59 -0.85
C TYR E 250 -51.98 49.76 -2.26
N ASN E 251 -51.60 50.98 -2.56
CA ASN E 251 -50.83 51.27 -3.75
C ASN E 251 -49.40 51.53 -3.29
N ALA E 252 -48.51 50.58 -3.61
CA ALA E 252 -47.11 50.64 -3.24
C ALA E 252 -46.35 51.68 -4.08
N MET E 253 -46.80 51.91 -5.30
CA MET E 253 -46.07 52.84 -6.15
C MET E 253 -46.10 54.25 -5.55
N GLN E 254 -47.24 54.67 -4.98
CA GLN E 254 -47.35 56.08 -4.62
C GLN E 254 -47.79 56.27 -3.17
N ASP E 255 -47.80 55.17 -2.41
CA ASP E 255 -47.98 55.15 -0.95
C ASP E 255 -49.37 55.65 -0.58
N PHE E 256 -50.37 55.16 -1.31
CA PHE E 256 -51.78 55.49 -1.14
C PHE E 256 -52.48 54.28 -0.56
N PHE E 257 -53.41 54.54 0.37
CA PHE E 257 -54.11 53.49 1.08
C PHE E 257 -55.62 53.77 1.06
N PRO E 258 -56.31 53.70 -0.10
CA PRO E 258 -57.73 54.05 -0.16
C PRO E 258 -58.58 53.21 0.78
N THR E 259 -59.53 53.90 1.43
CA THR E 259 -60.63 53.28 2.14
C THR E 259 -61.86 53.40 1.24
N MET E 260 -62.78 52.44 1.36
CA MET E 260 -64.08 52.52 0.73
C MET E 260 -65.07 51.90 1.70
N SER E 261 -66.35 52.22 1.49
CA SER E 261 -67.40 51.53 2.23
C SER E 261 -68.15 50.61 1.28
N MET E 262 -68.67 49.52 1.86
CA MET E 262 -69.19 48.40 1.09
C MET E 262 -70.65 48.15 1.46
N LYS E 263 -71.56 48.81 0.74
CA LYS E 263 -72.99 48.61 0.87
C LYS E 263 -73.39 47.45 -0.03
N PRO E 264 -74.16 46.47 0.48
CA PRO E 264 -74.63 45.37 -0.35
C PRO E 264 -75.39 45.90 -1.55
N ASN E 265 -75.27 45.17 -2.67
CA ASN E 265 -76.08 45.36 -3.86
C ASN E 265 -77.33 44.51 -3.69
N PRO E 266 -78.56 45.08 -3.66
CA PRO E 266 -79.80 44.29 -3.58
C PRO E 266 -80.11 43.46 -4.83
N GLN E 267 -79.42 43.75 -5.93
CA GLN E 267 -79.56 43.05 -7.20
C GLN E 267 -78.39 42.09 -7.42
N CYS E 268 -77.74 41.63 -6.33
CA CYS E 268 -76.59 40.73 -6.43
C CYS E 268 -76.99 39.43 -7.10
N ASP E 269 -76.08 38.91 -7.95
CA ASP E 269 -76.25 37.65 -8.68
C ASP E 269 -76.51 36.48 -7.74
N ASP E 270 -76.03 36.60 -6.48
CA ASP E 270 -76.04 35.54 -5.49
C ASP E 270 -77.36 35.63 -4.71
N ARG E 271 -78.16 34.56 -4.84
CA ARG E 271 -79.46 34.48 -4.19
C ARG E 271 -79.28 34.59 -2.68
N ASN E 272 -78.18 34.04 -2.18
CA ASN E 272 -78.01 33.94 -0.73
C ASN E 272 -77.62 35.30 -0.14
N CYS E 273 -76.95 36.12 -0.94
CA CYS E 273 -76.55 37.44 -0.49
C CYS E 273 -77.83 38.23 -0.28
N ARG E 274 -78.73 38.12 -1.26
CA ARG E 274 -80.00 38.83 -1.26
C ARG E 274 -80.81 38.38 -0.06
N LYS E 275 -80.84 37.06 0.17
CA LYS E 275 -81.56 36.49 1.29
C LYS E 275 -80.95 37.02 2.59
N GLN E 276 -79.62 37.10 2.63
CA GLN E 276 -78.92 37.58 3.81
C GLN E 276 -79.25 39.04 4.08
N GLN E 277 -79.42 39.83 2.99
CA GLN E 277 -79.66 41.25 3.14
C GLN E 277 -81.00 41.46 3.83
N GLU E 278 -82.00 40.67 3.41
CA GLU E 278 -83.34 40.75 3.95
C GLU E 278 -83.32 40.33 5.42
N GLU E 279 -82.65 39.21 5.73
CA GLU E 279 -82.54 38.73 7.10
C GLU E 279 -81.94 39.84 7.97
N TYR E 280 -81.06 40.62 7.36
CA TYR E 280 -80.33 41.65 8.10
C TYR E 280 -81.22 42.86 8.37
N LYS E 281 -82.07 43.26 7.40
CA LYS E 281 -82.94 44.41 7.58
C LYS E 281 -84.00 44.11 8.66
N LYS E 282 -84.42 42.84 8.73
CA LYS E 282 -85.33 42.35 9.75
C LYS E 282 -84.74 42.49 11.15
N LYS E 283 -83.51 41.98 11.34
CA LYS E 283 -82.88 41.93 12.66
C LYS E 283 -82.56 43.33 13.18
N VAL E 284 -82.37 44.30 12.26
CA VAL E 284 -82.13 45.69 12.63
C VAL E 284 -83.41 46.26 13.23
N ALA E 285 -84.55 45.99 12.56
CA ALA E 285 -85.85 46.51 12.94
C ALA E 285 -86.34 45.86 14.23
N ALA E 286 -86.10 44.55 14.41
CA ALA E 286 -86.52 43.80 15.59
C ALA E 286 -85.36 43.66 16.58
N GLY F 1 -33.08 22.96 -0.64
CA GLY F 1 -31.65 23.34 -0.84
C GLY F 1 -31.50 24.24 -2.06
N ARG F 2 -30.78 25.37 -1.89
CA ARG F 2 -30.63 26.39 -2.92
C ARG F 2 -29.16 26.54 -3.30
N VAL F 3 -28.88 26.50 -4.62
CA VAL F 3 -27.54 26.67 -5.18
C VAL F 3 -27.29 28.15 -5.47
N ARG F 4 -26.01 28.53 -5.56
CA ARG F 4 -25.59 29.90 -5.82
C ARG F 4 -25.84 30.28 -7.28
N ILE F 5 -26.35 31.50 -7.52
CA ILE F 5 -26.72 32.01 -8.84
C ILE F 5 -25.85 33.22 -9.19
N GLU F 6 -25.13 33.14 -10.32
CA GLU F 6 -24.20 34.18 -10.75
C GLU F 6 -24.95 35.34 -11.42
N LYS F 7 -25.81 35.01 -12.40
CA LYS F 7 -26.64 35.97 -13.11
C LYS F 7 -28.11 35.70 -12.81
N MET F 8 -28.78 36.69 -12.20
CA MET F 8 -30.21 36.67 -11.96
C MET F 8 -30.94 36.42 -13.27
N SER F 9 -31.83 35.44 -13.26
CA SER F 9 -32.41 34.98 -14.50
C SER F 9 -33.88 35.41 -14.59
N SER F 10 -34.29 35.71 -15.81
CA SER F 10 -35.69 35.97 -16.11
C SER F 10 -36.49 34.67 -16.15
N GLU F 11 -35.82 33.54 -16.39
CA GLU F 11 -36.48 32.29 -16.78
C GLU F 11 -37.54 31.89 -15.75
N VAL F 12 -38.73 31.55 -16.26
CA VAL F 12 -39.85 31.24 -15.39
C VAL F 12 -39.86 29.73 -15.17
N VAL F 13 -39.24 29.28 -14.07
CA VAL F 13 -39.17 27.88 -13.67
C VAL F 13 -39.27 27.78 -12.16
N ASP F 14 -39.68 26.60 -11.68
CA ASP F 14 -39.93 26.36 -10.27
C ASP F 14 -38.66 26.50 -9.45
N SER F 15 -37.49 26.36 -10.08
CA SER F 15 -36.23 26.35 -9.35
C SER F 15 -35.60 27.74 -9.24
N ASN F 16 -36.08 28.70 -10.04
CA ASN F 16 -35.56 30.06 -10.05
C ASN F 16 -36.22 30.93 -8.96
N PRO F 17 -35.51 31.27 -7.88
CA PRO F 17 -36.11 32.06 -6.80
C PRO F 17 -36.20 33.57 -7.12
N TYR F 18 -35.84 33.93 -8.35
CA TYR F 18 -35.77 35.32 -8.77
C TYR F 18 -36.78 35.57 -9.90
N SER F 19 -37.35 34.49 -10.46
CA SER F 19 -38.35 34.56 -11.52
C SER F 19 -39.46 35.60 -11.25
N ARG F 20 -40.05 35.63 -10.04
CA ARG F 20 -41.19 36.51 -9.77
C ARG F 20 -40.72 37.94 -9.44
N LEU F 21 -39.42 38.10 -9.21
CA LEU F 21 -38.88 39.43 -8.99
C LEU F 21 -38.52 40.05 -10.33
N MET F 22 -37.90 39.24 -11.20
CA MET F 22 -37.42 39.68 -12.49
C MET F 22 -38.59 39.84 -13.45
N ALA F 23 -39.76 39.35 -13.02
CA ALA F 23 -41.02 39.56 -13.70
C ALA F 23 -41.33 41.05 -13.83
N LEU F 24 -40.90 41.86 -12.84
CA LEU F 24 -41.13 43.30 -12.82
C LEU F 24 -40.54 43.99 -14.05
N LYS F 25 -39.54 43.38 -14.71
CA LYS F 25 -38.88 43.98 -15.86
C LYS F 25 -39.80 43.95 -17.08
N ARG F 26 -40.58 42.87 -17.21
CA ARG F 26 -41.46 42.64 -18.35
C ARG F 26 -42.89 43.11 -18.01
N MET F 27 -43.00 43.99 -17.00
CA MET F 27 -44.29 44.49 -16.58
C MET F 27 -44.24 46.01 -16.41
N GLY F 28 -43.21 46.61 -17.02
CA GLY F 28 -43.10 48.06 -16.99
C GLY F 28 -42.88 48.69 -15.62
N ILE F 29 -42.67 47.87 -14.55
CA ILE F 29 -42.50 48.38 -13.19
C ILE F 29 -41.07 48.88 -12.97
N VAL F 30 -40.06 48.06 -13.29
CA VAL F 30 -38.70 48.54 -13.24
C VAL F 30 -37.88 47.80 -14.29
N SER F 31 -37.09 48.57 -15.03
CA SER F 31 -36.42 48.11 -16.23
C SER F 31 -35.19 47.25 -15.88
N ASP F 32 -34.52 47.56 -14.77
CA ASP F 32 -33.23 46.96 -14.43
C ASP F 32 -33.20 46.41 -12.99
N TYR F 33 -34.08 45.46 -12.64
CA TYR F 33 -34.23 44.92 -11.29
C TYR F 33 -32.93 44.33 -10.75
N GLU F 34 -32.20 43.58 -11.60
CA GLU F 34 -30.96 42.91 -11.26
C GLU F 34 -29.95 43.84 -10.57
N LYS F 35 -30.05 45.16 -10.79
CA LYS F 35 -29.19 46.13 -10.14
C LYS F 35 -29.24 46.01 -8.62
N ILE F 36 -30.30 45.38 -8.08
CA ILE F 36 -30.43 45.22 -6.64
C ILE F 36 -29.19 44.52 -6.08
N ARG F 37 -28.57 43.62 -6.86
CA ARG F 37 -27.41 42.85 -6.43
CA ARG F 37 -27.41 42.85 -6.41
C ARG F 37 -26.22 43.78 -6.19
N THR F 38 -26.30 45.01 -6.71
CA THR F 38 -25.14 45.88 -6.63
C THR F 38 -25.15 46.74 -5.37
N PHE F 39 -26.14 46.59 -4.48
CA PHE F 39 -26.25 47.51 -3.37
C PHE F 39 -25.92 46.84 -2.03
N ALA F 40 -25.38 47.63 -1.08
CA ALA F 40 -25.15 47.25 0.31
C ALA F 40 -25.96 48.13 1.27
N VAL F 41 -26.62 47.49 2.23
CA VAL F 41 -27.48 48.18 3.17
C VAL F 41 -27.14 47.73 4.58
N ALA F 42 -26.89 48.72 5.44
CA ALA F 42 -26.63 48.49 6.85
C ALA F 42 -27.93 48.60 7.61
N ILE F 43 -28.16 47.68 8.57
CA ILE F 43 -29.35 47.69 9.41
C ILE F 43 -28.89 47.71 10.86
N VAL F 44 -29.28 48.77 11.59
CA VAL F 44 -29.00 48.89 13.01
C VAL F 44 -30.27 48.56 13.80
N GLY F 45 -30.15 47.54 14.66
CA GLY F 45 -31.28 46.96 15.36
C GLY F 45 -31.89 45.85 14.52
N VAL F 46 -31.79 44.63 15.04
CA VAL F 46 -32.32 43.50 14.31
C VAL F 46 -33.38 42.88 15.22
N GLY F 47 -34.32 43.74 15.63
CA GLY F 47 -35.48 43.35 16.41
C GLY F 47 -36.71 43.16 15.52
N GLY F 48 -37.88 43.60 16.01
CA GLY F 48 -39.15 43.39 15.34
C GLY F 48 -39.18 43.88 13.89
N VAL F 49 -38.71 45.12 13.68
CA VAL F 49 -38.70 45.70 12.35
C VAL F 49 -37.47 45.19 11.59
N GLY F 50 -36.29 45.34 12.21
CA GLY F 50 -35.04 45.14 11.50
C GLY F 50 -34.92 43.72 10.94
N SER F 51 -35.35 42.74 11.71
CA SER F 51 -35.26 41.36 11.26
C SER F 51 -36.08 41.15 9.99
N VAL F 52 -37.35 41.60 10.00
CA VAL F 52 -38.19 41.42 8.83
C VAL F 52 -37.63 42.20 7.65
N THR F 53 -37.15 43.42 7.95
CA THR F 53 -36.48 44.26 6.98
C THR F 53 -35.37 43.46 6.31
N ALA F 54 -34.52 42.81 7.14
CA ALA F 54 -33.44 41.94 6.72
C ALA F 54 -33.93 40.81 5.84
N GLU F 55 -34.97 40.11 6.30
CA GLU F 55 -35.52 38.99 5.55
C GLU F 55 -36.05 39.48 4.21
N MET F 56 -36.71 40.65 4.22
CA MET F 56 -37.31 41.20 3.02
C MET F 56 -36.24 41.50 1.97
N LEU F 57 -35.20 42.24 2.38
CA LEU F 57 -34.12 42.58 1.47
C LEU F 57 -33.40 41.32 0.99
N THR F 58 -33.25 40.35 1.91
CA THR F 58 -32.53 39.13 1.60
C THR F 58 -33.20 38.48 0.41
N ARG F 59 -34.52 38.29 0.55
CA ARG F 59 -35.33 37.62 -0.46
C ARG F 59 -35.38 38.38 -1.78
N CYS F 60 -35.16 39.70 -1.75
CA CYS F 60 -35.17 40.49 -2.97
C CYS F 60 -33.86 40.35 -3.72
N GLY F 61 -32.83 39.87 -3.01
CA GLY F 61 -31.56 39.61 -3.67
C GLY F 61 -30.60 40.77 -3.52
N ILE F 62 -30.79 41.54 -2.45
CA ILE F 62 -29.87 42.61 -2.10
C ILE F 62 -28.44 42.07 -2.11
N GLY F 63 -27.49 42.90 -2.54
CA GLY F 63 -26.09 42.58 -2.74
C GLY F 63 -25.38 42.17 -1.45
N LYS F 64 -25.48 43.03 -0.42
CA LYS F 64 -24.85 42.86 0.88
C LYS F 64 -25.67 43.51 1.99
N LEU F 65 -25.76 42.81 3.14
CA LEU F 65 -26.35 43.33 4.37
C LEU F 65 -25.28 43.43 5.44
N LEU F 66 -25.35 44.53 6.18
CA LEU F 66 -24.55 44.72 7.39
C LEU F 66 -25.53 44.78 8.55
N LEU F 67 -25.43 43.80 9.48
CA LEU F 67 -26.34 43.72 10.62
C LEU F 67 -25.62 44.12 11.91
N PHE F 68 -26.20 45.06 12.65
CA PHE F 68 -25.67 45.52 13.94
C PHE F 68 -26.76 45.42 15.00
N ASP F 69 -26.43 44.82 16.14
CA ASP F 69 -27.30 44.56 17.29
C ASP F 69 -26.48 43.82 18.34
N TYR F 70 -26.67 44.20 19.62
CA TYR F 70 -25.89 43.76 20.76
C TYR F 70 -26.68 42.72 21.58
N ASP F 71 -27.99 42.58 21.36
CA ASP F 71 -28.89 41.77 22.18
C ASP F 71 -29.00 40.33 21.65
N LYS F 72 -29.47 39.43 22.54
CA LYS F 72 -29.71 38.04 22.26
C LYS F 72 -31.20 37.80 21.97
N VAL F 73 -31.49 36.77 21.19
CA VAL F 73 -32.88 36.39 21.02
C VAL F 73 -33.43 35.90 22.36
N GLU F 74 -34.61 36.38 22.75
CA GLU F 74 -35.28 35.87 23.92
C GLU F 74 -36.68 35.35 23.54
N LEU F 75 -37.29 34.54 24.42
CA LEU F 75 -38.63 34.02 24.14
C LEU F 75 -39.64 35.16 24.08
N ALA F 76 -39.40 36.22 24.87
CA ALA F 76 -40.20 37.42 24.83
C ALA F 76 -40.28 38.07 23.43
N ASN F 77 -39.36 37.73 22.53
CA ASN F 77 -39.34 38.25 21.17
C ASN F 77 -40.28 37.45 20.25
N MET F 78 -40.92 36.41 20.78
CA MET F 78 -41.62 35.45 19.94
C MET F 78 -43.00 35.94 19.53
N ASN F 79 -43.38 37.12 20.04
CA ASN F 79 -44.60 37.78 19.64
C ASN F 79 -44.39 38.45 18.28
N ARG F 80 -43.14 38.74 17.92
CA ARG F 80 -42.82 39.37 16.65
C ARG F 80 -42.23 38.32 15.71
N LEU F 81 -42.32 38.57 14.38
CA LEU F 81 -41.91 37.67 13.29
C LEU F 81 -40.41 37.35 13.25
N PHE F 82 -40.06 36.41 12.34
CA PHE F 82 -38.72 35.98 11.97
C PHE F 82 -38.09 34.97 12.94
N PHE F 83 -37.56 35.45 14.08
CA PHE F 83 -36.90 34.60 15.07
C PHE F 83 -37.82 33.51 15.60
N GLN F 84 -37.32 32.28 15.66
CA GLN F 84 -38.04 31.10 16.14
C GLN F 84 -37.49 30.68 17.50
N PRO F 85 -38.29 29.99 18.35
CA PRO F 85 -37.87 29.67 19.71
C PRO F 85 -36.54 28.93 19.89
N HIS F 86 -36.15 28.11 18.91
CA HIS F 86 -34.87 27.42 18.99
C HIS F 86 -33.71 28.40 18.84
N GLN F 87 -33.97 29.66 18.47
CA GLN F 87 -32.85 30.57 18.36
C GLN F 87 -32.69 31.37 19.66
N ALA F 88 -33.58 31.16 20.64
CA ALA F 88 -33.47 31.84 21.92
C ALA F 88 -32.13 31.52 22.53
N GLY F 89 -31.38 32.56 22.87
CA GLY F 89 -30.09 32.39 23.48
C GLY F 89 -28.96 32.82 22.54
N LEU F 90 -29.17 32.63 21.24
CA LEU F 90 -28.23 33.13 20.26
C LEU F 90 -28.37 34.65 20.17
N SER F 91 -27.28 35.31 19.76
CA SER F 91 -27.29 36.73 19.48
C SER F 91 -28.17 36.95 18.25
N LYS F 92 -28.83 38.10 18.22
CA LYS F 92 -29.74 38.38 17.12
C LYS F 92 -29.00 38.38 15.78
N VAL F 93 -27.83 39.05 15.71
CA VAL F 93 -27.08 39.12 14.46
C VAL F 93 -26.64 37.74 13.98
N GLN F 94 -26.26 36.83 14.89
CA GLN F 94 -25.85 35.49 14.48
C GLN F 94 -27.05 34.68 14.03
N ALA F 95 -28.17 34.77 14.75
CA ALA F 95 -29.36 34.02 14.41
C ALA F 95 -29.86 34.46 13.05
N ALA F 96 -29.96 35.77 12.88
CA ALA F 96 -30.38 36.36 11.63
C ALA F 96 -29.48 35.87 10.49
N GLU F 97 -28.16 36.08 10.63
CA GLU F 97 -27.23 35.74 9.56
C GLU F 97 -27.41 34.27 9.16
N HIS F 98 -27.56 33.43 10.18
CA HIS F 98 -27.68 31.99 10.00
C HIS F 98 -28.90 31.64 9.14
N THR F 99 -30.09 32.13 9.52
CA THR F 99 -31.30 31.88 8.77
C THR F 99 -31.20 32.51 7.38
N LEU F 100 -30.72 33.77 7.30
CA LEU F 100 -30.77 34.50 6.04
C LEU F 100 -29.81 33.87 5.03
N ARG F 101 -28.64 33.43 5.51
CA ARG F 101 -27.67 32.79 4.62
C ARG F 101 -28.31 31.55 4.03
N ASN F 102 -29.17 30.90 4.83
CA ASN F 102 -29.89 29.73 4.38
C ASN F 102 -30.94 30.10 3.34
N ILE F 103 -31.66 31.21 3.59
CA ILE F 103 -32.74 31.70 2.74
C ILE F 103 -32.20 32.14 1.37
N ASN F 104 -31.08 32.87 1.35
CA ASN F 104 -30.51 33.32 0.09
C ASN F 104 -29.00 33.33 0.18
N PRO F 105 -28.32 32.28 -0.33
CA PRO F 105 -26.87 32.20 -0.25
C PRO F 105 -26.12 33.16 -1.18
N ASP F 106 -26.85 33.89 -2.02
CA ASP F 106 -26.18 34.85 -2.90
C ASP F 106 -25.82 36.13 -2.16
N VAL F 107 -26.42 36.35 -0.99
CA VAL F 107 -26.33 37.65 -0.33
C VAL F 107 -25.10 37.62 0.58
N LEU F 108 -24.26 38.65 0.51
CA LEU F 108 -23.11 38.78 1.39
C LEU F 108 -23.57 39.36 2.73
N PHE F 109 -23.00 38.86 3.82
CA PHE F 109 -23.34 39.34 5.15
C PHE F 109 -22.09 39.78 5.86
N GLU F 110 -22.28 40.80 6.69
CA GLU F 110 -21.32 41.25 7.67
C GLU F 110 -22.15 41.61 8.90
N VAL F 111 -21.88 40.93 10.00
CA VAL F 111 -22.68 41.14 11.20
C VAL F 111 -21.77 41.58 12.34
N HIS F 112 -22.32 42.33 13.28
CA HIS F 112 -21.56 42.95 14.35
C HIS F 112 -22.38 42.90 15.62
N ASN F 113 -21.94 42.06 16.58
CA ASN F 113 -22.66 41.82 17.81
C ASN F 113 -22.23 42.86 18.84
N TYR F 114 -22.55 44.14 18.59
CA TYR F 114 -22.20 45.15 19.57
C TYR F 114 -23.23 46.27 19.62
N ASN F 115 -23.11 47.06 20.69
CA ASN F 115 -23.82 48.30 20.91
C ASN F 115 -23.07 49.47 20.28
N ILE F 116 -23.68 50.11 19.26
CA ILE F 116 -23.01 51.11 18.42
C ILE F 116 -22.78 52.44 19.13
N THR F 117 -23.27 52.62 20.37
CA THR F 117 -23.11 53.89 21.08
C THR F 117 -21.83 54.01 21.93
N THR F 118 -20.97 52.98 21.98
CA THR F 118 -19.72 53.10 22.72
C THR F 118 -18.67 53.78 21.87
N VAL F 119 -17.65 54.33 22.51
CA VAL F 119 -16.62 55.06 21.80
C VAL F 119 -16.02 54.20 20.69
N GLU F 120 -15.61 52.99 21.04
CA GLU F 120 -14.85 52.14 20.14
C GLU F 120 -15.78 51.57 19.06
N ASN F 121 -17.03 51.28 19.45
CA ASN F 121 -17.99 50.71 18.52
C ASN F 121 -18.47 51.75 17.50
N PHE F 122 -18.64 52.99 17.97
CA PHE F 122 -19.09 54.07 17.10
C PHE F 122 -18.09 54.30 15.98
N GLN F 123 -16.79 54.30 16.33
CA GLN F 123 -15.73 54.48 15.37
C GLN F 123 -15.79 53.33 14.36
N HIS F 124 -15.98 52.11 14.89
CA HIS F 124 -16.08 50.95 14.04
C HIS F 124 -17.26 51.14 13.09
N PHE F 125 -18.39 51.57 13.66
CA PHE F 125 -19.64 51.70 12.94
C PHE F 125 -19.45 52.64 11.74
N MET F 126 -18.85 53.80 11.99
CA MET F 126 -18.61 54.75 10.93
C MET F 126 -17.62 54.21 9.90
N ASP F 127 -16.66 53.39 10.35
CA ASP F 127 -15.69 52.83 9.43
C ASP F 127 -16.44 51.94 8.43
N ARG F 128 -17.40 51.17 8.98
CA ARG F 128 -18.13 50.19 8.20
C ARG F 128 -19.20 50.86 7.33
N ILE F 129 -19.68 52.06 7.72
CA ILE F 129 -20.57 52.83 6.86
C ILE F 129 -19.77 53.33 5.65
N SER F 130 -18.54 53.80 5.91
CA SER F 130 -17.71 54.44 4.89
C SER F 130 -17.08 53.40 3.97
N ASN F 131 -16.89 52.16 4.47
CA ASN F 131 -16.00 51.22 3.81
C ASN F 131 -16.62 49.85 3.65
N GLY F 132 -17.77 49.62 4.29
CA GLY F 132 -18.37 48.29 4.26
C GLY F 132 -19.36 48.10 3.11
N GLY F 133 -19.26 48.95 2.08
CA GLY F 133 -19.94 48.74 0.81
C GLY F 133 -19.59 47.39 0.17
N LEU F 134 -20.27 47.08 -0.94
CA LEU F 134 -20.10 45.86 -1.70
C LEU F 134 -18.64 45.69 -2.12
N GLU F 135 -18.02 46.73 -2.67
CA GLU F 135 -16.58 46.75 -2.75
C GLU F 135 -16.07 47.35 -1.44
N GLU F 136 -15.05 46.70 -0.85
CA GLU F 136 -14.43 47.21 0.36
C GLU F 136 -13.74 48.54 0.04
N GLY F 137 -13.99 49.55 0.89
CA GLY F 137 -13.40 50.87 0.72
C GLY F 137 -14.42 51.92 0.26
N LYS F 138 -15.47 51.46 -0.40
CA LYS F 138 -16.60 52.26 -0.86
C LYS F 138 -17.73 52.19 0.17
N PRO F 139 -18.58 53.23 0.31
CA PRO F 139 -19.56 53.28 1.40
C PRO F 139 -20.84 52.50 1.14
N VAL F 140 -21.63 52.26 2.20
CA VAL F 140 -22.88 51.56 2.04
C VAL F 140 -23.85 52.50 1.35
N ASP F 141 -24.75 51.93 0.54
CA ASP F 141 -25.72 52.70 -0.22
C ASP F 141 -26.79 53.30 0.70
N LEU F 142 -27.00 52.71 1.86
CA LEU F 142 -28.10 53.10 2.72
C LEU F 142 -27.89 52.54 4.11
N VAL F 143 -28.23 53.36 5.12
CA VAL F 143 -28.35 52.85 6.48
C VAL F 143 -29.82 52.81 6.88
N LEU F 144 -30.20 51.76 7.61
CA LEU F 144 -31.56 51.58 8.10
C LEU F 144 -31.55 51.52 9.61
N SER F 145 -32.23 52.47 10.25
CA SER F 145 -32.32 52.52 11.69
C SER F 145 -33.60 51.82 12.13
N CYS F 146 -33.44 50.72 12.85
CA CYS F 146 -34.55 49.92 13.32
C CYS F 146 -34.37 49.70 14.81
N VAL F 147 -33.84 50.73 15.48
CA VAL F 147 -33.59 50.66 16.90
C VAL F 147 -34.84 51.12 17.61
N ASP F 148 -34.83 51.07 18.95
CA ASP F 148 -36.06 51.25 19.72
C ASP F 148 -35.90 52.36 20.77
N ASN F 149 -34.86 53.18 20.66
CA ASN F 149 -34.53 54.13 21.71
C ASN F 149 -33.84 55.37 21.12
N PHE F 150 -33.92 56.49 21.86
CA PHE F 150 -33.50 57.82 21.44
C PHE F 150 -31.98 57.89 21.18
N GLU F 151 -31.20 57.36 22.12
CA GLU F 151 -29.75 57.49 22.12
C GLU F 151 -29.19 56.84 20.85
N ALA F 152 -29.69 55.65 20.49
CA ALA F 152 -29.13 54.98 19.32
C ALA F 152 -29.51 55.78 18.07
N ARG F 153 -30.72 56.36 18.09
CA ARG F 153 -31.23 57.04 16.92
C ARG F 153 -30.37 58.28 16.70
N MET F 154 -30.04 58.91 17.83
CA MET F 154 -29.29 60.15 17.87
C MET F 154 -27.84 59.89 17.44
N THR F 155 -27.37 58.66 17.70
CA THR F 155 -26.03 58.21 17.36
C THR F 155 -25.92 57.98 15.85
N ILE F 156 -26.95 57.34 15.28
CA ILE F 156 -26.96 57.14 13.84
C ILE F 156 -27.00 58.50 13.14
N ASN F 157 -27.81 59.41 13.72
CA ASN F 157 -28.02 60.73 13.19
C ASN F 157 -26.69 61.47 13.05
N THR F 158 -25.85 61.38 14.10
CA THR F 158 -24.56 62.05 14.15
C THR F 158 -23.61 61.48 13.09
N ALA F 159 -23.60 60.16 12.96
CA ALA F 159 -22.68 59.49 12.05
C ALA F 159 -23.05 59.86 10.63
N CYS F 160 -24.36 59.93 10.37
CA CYS F 160 -24.82 60.13 9.02
C CYS F 160 -24.67 61.60 8.61
N ASN F 161 -24.83 62.51 9.59
CA ASN F 161 -24.65 63.92 9.31
C ASN F 161 -23.17 64.21 9.07
N GLU F 162 -22.28 63.53 9.81
CA GLU F 162 -20.85 63.70 9.65
C GLU F 162 -20.39 63.23 8.27
N LEU F 163 -20.85 62.04 7.87
CA LEU F 163 -20.36 61.40 6.66
C LEU F 163 -21.17 61.83 5.45
N GLY F 164 -22.34 62.45 5.68
CA GLY F 164 -23.26 62.74 4.60
C GLY F 164 -23.78 61.45 3.98
N GLN F 165 -24.37 60.60 4.83
CA GLN F 165 -24.90 59.31 4.47
C GLN F 165 -26.43 59.37 4.47
N THR F 166 -27.06 58.97 3.35
CA THR F 166 -28.50 58.79 3.33
C THR F 166 -28.92 57.59 4.19
N TRP F 167 -30.00 57.80 4.94
CA TRP F 167 -30.52 56.74 5.77
C TRP F 167 -32.02 56.88 5.93
N MET F 168 -32.64 55.79 6.38
CA MET F 168 -34.05 55.79 6.70
C MET F 168 -34.18 55.38 8.15
N GLU F 169 -35.11 56.05 8.84
CA GLU F 169 -35.38 55.84 10.24
C GLU F 169 -36.78 55.28 10.33
N SER F 170 -36.95 54.25 11.14
CA SER F 170 -38.24 53.66 11.40
C SER F 170 -38.44 53.52 12.91
N GLY F 171 -39.69 53.70 13.33
CA GLY F 171 -40.03 53.54 14.73
C GLY F 171 -41.42 52.95 14.87
N VAL F 172 -41.65 52.27 15.99
CA VAL F 172 -42.97 51.78 16.33
C VAL F 172 -43.28 52.25 17.75
N SER F 173 -44.55 52.59 17.96
CA SER F 173 -45.07 53.17 19.18
C SER F 173 -44.89 52.16 20.31
N GLU F 174 -44.58 52.69 21.50
CA GLU F 174 -44.64 51.99 22.77
C GLU F 174 -45.95 51.18 22.90
N ASN F 175 -47.02 51.59 22.21
CA ASN F 175 -48.32 50.98 22.44
C ASN F 175 -48.73 50.12 21.24
N ALA F 176 -47.77 49.91 20.32
CA ALA F 176 -47.81 48.85 19.32
C ALA F 176 -48.72 49.16 18.12
N VAL F 177 -49.46 50.29 18.16
CA VAL F 177 -50.52 50.46 17.18
C VAL F 177 -50.25 51.64 16.25
N SER F 178 -48.98 52.06 16.16
CA SER F 178 -48.61 53.05 15.17
C SER F 178 -47.11 53.02 14.96
N GLY F 179 -46.69 53.45 13.76
CA GLY F 179 -45.30 53.62 13.46
C GLY F 179 -45.14 54.51 12.24
N HIS F 180 -43.89 54.66 11.78
CA HIS F 180 -43.59 55.51 10.66
C HIS F 180 -42.28 55.06 10.03
N ILE F 181 -42.02 55.53 8.82
CA ILE F 181 -40.69 55.51 8.28
C ILE F 181 -40.33 56.93 7.85
N GLN F 182 -39.04 57.22 7.82
CA GLN F 182 -38.56 58.53 7.42
C GLN F 182 -37.25 58.40 6.66
N LEU F 183 -37.16 59.07 5.50
CA LEU F 183 -35.94 59.13 4.72
C LEU F 183 -35.18 60.41 5.04
N ILE F 184 -33.92 60.26 5.47
CA ILE F 184 -33.03 61.38 5.69
C ILE F 184 -31.90 61.42 4.64
N ILE F 185 -31.90 62.49 3.83
CA ILE F 185 -30.77 62.85 2.99
C ILE F 185 -30.19 64.12 3.58
N PRO F 186 -29.14 64.04 4.42
CA PRO F 186 -28.75 65.16 5.27
C PRO F 186 -28.44 66.44 4.48
N GLY F 187 -29.00 67.57 4.94
CA GLY F 187 -28.95 68.86 4.25
C GLY F 187 -30.11 69.12 3.28
N GLU F 188 -30.63 68.04 2.66
CA GLU F 188 -31.70 68.10 1.69
C GLU F 188 -33.05 67.85 2.35
N SER F 189 -33.11 66.87 3.25
CA SER F 189 -34.32 66.66 4.03
C SER F 189 -34.00 66.84 5.51
N ALA F 190 -35.04 66.98 6.34
CA ALA F 190 -34.89 67.01 7.78
C ALA F 190 -34.20 65.74 8.27
N CYS F 191 -33.20 65.96 9.14
CA CYS F 191 -32.47 64.96 9.92
C CYS F 191 -33.26 64.66 11.20
N PHE F 192 -32.75 63.74 12.02
CA PHE F 192 -33.50 63.22 13.16
C PHE F 192 -33.63 64.27 14.26
N ALA F 193 -32.66 65.18 14.34
CA ALA F 193 -32.67 66.24 15.34
C ALA F 193 -33.56 67.43 14.94
N CYS F 194 -33.83 67.59 13.63
CA CYS F 194 -34.49 68.75 13.06
C CYS F 194 -35.79 69.12 13.77
N ALA F 195 -36.67 68.15 14.03
CA ALA F 195 -37.93 68.39 14.72
C ALA F 195 -38.05 67.51 15.96
N PRO F 196 -38.63 67.98 17.09
CA PRO F 196 -38.73 67.19 18.32
C PRO F 196 -39.55 65.91 18.13
N PRO F 197 -39.24 64.81 18.88
CA PRO F 197 -40.03 63.58 18.80
C PRO F 197 -41.51 63.73 19.24
N GLY F 213 -39.56 48.89 34.77
CA GLY F 213 -40.01 47.58 35.24
C GLY F 213 -40.93 46.89 34.22
N VAL F 214 -41.51 47.67 33.30
CA VAL F 214 -42.38 47.14 32.26
C VAL F 214 -41.68 47.19 30.90
N CYS F 215 -42.43 46.81 29.86
CA CYS F 215 -41.95 46.71 28.49
C CYS F 215 -42.97 47.40 27.60
N ALA F 216 -42.53 47.82 26.40
CA ALA F 216 -43.42 48.28 25.35
C ALA F 216 -44.26 47.10 24.84
N ALA F 217 -45.52 47.39 24.48
CA ALA F 217 -46.33 46.44 23.73
C ALA F 217 -45.78 46.35 22.31
N SER F 218 -45.83 45.17 21.70
CA SER F 218 -45.52 45.05 20.28
C SER F 218 -46.43 44.01 19.65
N LEU F 219 -46.65 44.17 18.35
CA LEU F 219 -47.53 43.29 17.60
C LEU F 219 -46.80 42.89 16.32
N PRO F 220 -46.98 41.64 15.85
CA PRO F 220 -46.29 41.17 14.65
C PRO F 220 -46.86 41.87 13.41
N THR F 221 -48.15 42.19 13.46
CA THR F 221 -48.90 42.95 12.47
C THR F 221 -48.20 44.26 12.12
N THR F 222 -47.97 45.11 13.14
CA THR F 222 -47.46 46.46 12.98
C THR F 222 -46.02 46.40 12.52
N MET F 223 -45.26 45.51 13.14
CA MET F 223 -43.88 45.31 12.74
C MET F 223 -43.82 44.86 11.27
N GLY F 224 -44.75 43.99 10.86
CA GLY F 224 -44.84 43.51 9.49
C GLY F 224 -45.13 44.64 8.49
N VAL F 225 -46.02 45.54 8.91
CA VAL F 225 -46.43 46.65 8.07
C VAL F 225 -45.30 47.67 7.95
N VAL F 226 -44.68 48.02 9.08
CA VAL F 226 -43.62 49.03 9.07
C VAL F 226 -42.41 48.54 8.26
N ALA F 227 -42.01 47.28 8.43
CA ALA F 227 -40.89 46.75 7.67
C ALA F 227 -41.27 46.69 6.19
N GLY F 228 -42.52 46.26 5.95
CA GLY F 228 -43.11 46.24 4.62
C GLY F 228 -42.97 47.57 3.88
N ILE F 229 -43.35 48.67 4.53
CA ILE F 229 -43.30 49.96 3.86
C ILE F 229 -41.85 50.48 3.85
N LEU F 230 -41.09 50.16 4.90
CA LEU F 230 -39.69 50.57 4.95
C LEU F 230 -38.93 50.01 3.74
N VAL F 231 -39.12 48.72 3.45
CA VAL F 231 -38.29 48.10 2.42
C VAL F 231 -38.78 48.54 1.04
N GLN F 232 -40.10 48.75 0.95
CA GLN F 232 -40.68 49.20 -0.30
C GLN F 232 -40.07 50.56 -0.64
N ASN F 233 -39.85 51.36 0.41
CA ASN F 233 -39.24 52.66 0.22
C ASN F 233 -37.81 52.49 -0.27
N VAL F 234 -37.09 51.55 0.34
CA VAL F 234 -35.73 51.22 -0.03
C VAL F 234 -35.67 50.76 -1.48
N LEU F 235 -36.60 49.89 -1.87
CA LEU F 235 -36.55 49.39 -3.23
C LEU F 235 -36.79 50.53 -4.21
N LYS F 236 -37.73 51.40 -3.83
CA LYS F 236 -38.16 52.47 -4.73
C LYS F 236 -37.02 53.46 -4.92
N PHE F 237 -36.31 53.74 -3.82
CA PHE F 237 -35.18 54.66 -3.76
C PHE F 237 -33.99 54.13 -4.56
N LEU F 238 -33.57 52.87 -4.33
CA LEU F 238 -32.37 52.32 -4.95
C LEU F 238 -32.61 52.02 -6.42
N LEU F 239 -33.80 51.52 -6.77
CA LEU F 239 -34.04 51.06 -8.13
C LEU F 239 -34.72 52.11 -9.02
N ASN F 240 -34.98 53.31 -8.46
CA ASN F 240 -35.63 54.45 -9.12
C ASN F 240 -36.94 54.07 -9.82
N PHE F 241 -37.93 53.54 -9.09
CA PHE F 241 -39.28 53.39 -9.62
C PHE F 241 -40.26 53.87 -8.54
N GLY F 242 -41.48 54.25 -8.95
CA GLY F 242 -42.47 54.70 -7.98
C GLY F 242 -42.12 56.05 -7.35
N THR F 243 -42.82 56.37 -6.26
CA THR F 243 -42.60 57.61 -5.53
C THR F 243 -41.97 57.27 -4.18
N VAL F 244 -40.79 57.82 -3.93
CA VAL F 244 -40.17 57.74 -2.63
C VAL F 244 -40.85 58.70 -1.64
N SER F 245 -41.29 58.18 -0.50
CA SER F 245 -41.84 58.98 0.58
C SER F 245 -40.73 59.45 1.51
N PHE F 246 -40.75 60.73 1.90
CA PHE F 246 -39.79 61.21 2.88
C PHE F 246 -40.30 60.94 4.30
N TYR F 247 -41.60 60.76 4.43
CA TYR F 247 -42.21 60.39 5.70
C TYR F 247 -43.51 59.68 5.38
N LEU F 248 -43.73 58.57 6.08
CA LEU F 248 -44.95 57.80 5.91
C LEU F 248 -45.26 57.14 7.23
N GLY F 249 -46.45 57.46 7.73
CA GLY F 249 -46.87 57.01 9.04
C GLY F 249 -47.90 55.90 8.90
N TYR F 250 -48.17 55.26 10.04
CA TYR F 250 -49.14 54.20 10.09
C TYR F 250 -49.84 54.23 11.43
N ASN F 251 -51.13 54.49 11.35
CA ASN F 251 -52.02 54.40 12.49
C ASN F 251 -52.87 53.15 12.30
N ALA F 252 -52.67 52.15 13.18
CA ALA F 252 -53.35 50.88 13.05
C ALA F 252 -54.79 50.94 13.56
N MET F 253 -55.08 51.86 14.50
CA MET F 253 -56.42 51.99 15.05
C MET F 253 -57.42 52.45 13.98
N GLN F 254 -56.99 53.36 13.10
CA GLN F 254 -57.88 54.11 12.23
C GLN F 254 -57.62 53.81 10.77
N ASP F 255 -56.57 53.03 10.46
CA ASP F 255 -56.18 52.68 9.10
C ASP F 255 -55.77 53.93 8.31
N PHE F 256 -54.85 54.70 8.90
CA PHE F 256 -54.47 56.03 8.46
C PHE F 256 -52.95 56.05 8.20
N PHE F 257 -52.57 56.60 7.04
CA PHE F 257 -51.21 56.51 6.56
C PHE F 257 -50.74 57.85 6.04
N PRO F 258 -50.55 58.85 6.92
CA PRO F 258 -50.16 60.18 6.49
C PRO F 258 -48.76 60.23 5.90
N THR F 259 -48.59 61.03 4.83
CA THR F 259 -47.29 61.38 4.29
C THR F 259 -47.06 62.87 4.50
N MET F 260 -45.80 63.29 4.51
CA MET F 260 -45.49 64.71 4.49
C MET F 260 -44.09 64.95 3.95
N SER F 261 -43.86 66.18 3.45
CA SER F 261 -42.53 66.62 3.10
C SER F 261 -41.80 67.01 4.38
N MET F 262 -40.48 66.84 4.34
CA MET F 262 -39.68 67.02 5.54
C MET F 262 -38.57 67.96 5.12
N LYS F 263 -38.76 69.24 5.48
CA LYS F 263 -37.75 70.22 5.16
C LYS F 263 -36.79 70.30 6.35
N PRO F 264 -35.49 70.46 6.09
CA PRO F 264 -34.54 70.65 7.18
C PRO F 264 -34.80 71.99 7.89
N ASN F 265 -34.59 71.97 9.21
CA ASN F 265 -34.66 73.10 10.12
C ASN F 265 -33.28 73.78 10.13
N PRO F 266 -33.14 75.05 9.70
CA PRO F 266 -31.82 75.70 9.62
C PRO F 266 -31.23 76.10 10.96
N GLN F 267 -32.05 76.04 12.01
CA GLN F 267 -31.61 76.26 13.38
C GLN F 267 -31.57 74.93 14.15
N CYS F 268 -31.34 73.83 13.42
CA CYS F 268 -31.27 72.49 14.02
C CYS F 268 -30.08 72.40 14.98
N ASP F 269 -30.31 71.68 16.09
CA ASP F 269 -29.34 71.56 17.16
C ASP F 269 -28.03 71.01 16.61
N ASP F 270 -28.13 69.97 15.78
CA ASP F 270 -26.99 69.35 15.13
C ASP F 270 -26.33 70.33 14.14
N ARG F 271 -25.07 70.67 14.42
CA ARG F 271 -24.31 71.63 13.62
C ARG F 271 -23.84 70.99 12.33
N ASN F 272 -23.81 69.65 12.31
CA ASN F 272 -23.47 68.88 11.11
C ASN F 272 -24.64 68.97 10.14
N CYS F 273 -25.85 69.00 10.71
CA CYS F 273 -27.06 69.10 9.92
C CYS F 273 -27.05 70.43 9.18
N ARG F 274 -26.75 71.51 9.93
CA ARG F 274 -26.58 72.86 9.42
C ARG F 274 -25.55 72.83 8.28
N LYS F 275 -24.35 72.33 8.58
CA LYS F 275 -23.29 72.24 7.60
C LYS F 275 -23.82 71.61 6.32
N GLN F 276 -24.61 70.54 6.46
CA GLN F 276 -25.01 69.75 5.30
C GLN F 276 -26.00 70.55 4.45
N GLN F 277 -26.89 71.28 5.12
CA GLN F 277 -27.82 72.22 4.51
C GLN F 277 -27.09 73.27 3.68
N GLU F 278 -26.04 73.90 4.25
CA GLU F 278 -25.26 74.95 3.62
C GLU F 278 -24.55 74.40 2.39
N GLU F 279 -24.09 73.15 2.51
CA GLU F 279 -23.41 72.50 1.41
C GLU F 279 -24.44 72.21 0.32
N TYR F 280 -25.64 71.81 0.75
CA TYR F 280 -26.69 71.50 -0.22
C TYR F 280 -27.07 72.75 -1.00
N LYS F 281 -27.25 73.87 -0.28
CA LYS F 281 -27.65 75.14 -0.89
C LYS F 281 -26.66 75.57 -1.97
N LYS F 282 -25.35 75.34 -1.71
CA LYS F 282 -24.26 75.64 -2.64
C LYS F 282 -24.38 74.76 -3.87
N LYS F 283 -24.48 73.44 -3.67
CA LYS F 283 -24.67 72.46 -4.73
C LYS F 283 -25.77 72.93 -5.70
N VAL F 284 -26.86 73.50 -5.15
CA VAL F 284 -28.07 73.75 -5.92
C VAL F 284 -27.88 74.93 -6.87
N ALA F 285 -27.33 76.03 -6.35
CA ALA F 285 -27.05 77.19 -7.18
C ALA F 285 -25.60 77.16 -7.66
N ALA F 286 -25.25 76.11 -8.41
CA ALA F 286 -23.94 75.94 -9.03
C ALA F 286 -24.06 75.09 -10.30
N GLY G 1 46.76 14.99 6.80
CA GLY G 1 48.05 14.24 6.57
C GLY G 1 49.24 15.04 7.08
N ARG G 2 50.44 14.50 6.85
CA ARG G 2 51.64 15.12 7.40
C ARG G 2 52.57 15.57 6.26
N VAL G 3 53.16 16.75 6.42
CA VAL G 3 54.16 17.21 5.45
C VAL G 3 55.54 16.77 5.92
N ARG G 4 56.41 16.49 4.94
CA ARG G 4 57.80 16.20 5.20
C ARG G 4 58.48 17.39 5.89
N ILE G 5 59.34 17.07 6.86
CA ILE G 5 60.13 18.04 7.60
C ILE G 5 61.59 17.73 7.27
N GLU G 6 62.35 18.72 6.81
CA GLU G 6 63.73 18.47 6.46
C GLU G 6 64.61 18.34 7.71
N LYS G 7 64.39 19.21 8.71
CA LYS G 7 65.20 19.21 9.93
C LYS G 7 64.29 19.34 11.15
N MET G 8 64.45 18.41 12.10
CA MET G 8 63.60 18.31 13.28
C MET G 8 63.68 19.59 14.10
N SER G 9 62.53 20.11 14.52
CA SER G 9 62.48 21.38 15.21
C SER G 9 61.99 21.20 16.65
N SER G 10 62.43 22.10 17.54
CA SER G 10 61.97 22.09 18.92
C SER G 10 60.72 22.93 19.13
N GLU G 11 60.17 23.50 18.05
CA GLU G 11 59.12 24.51 18.14
C GLU G 11 57.85 23.86 18.67
N VAL G 12 57.29 24.47 19.73
CA VAL G 12 56.16 23.89 20.42
C VAL G 12 54.88 24.41 19.79
N VAL G 13 54.44 23.76 18.71
CA VAL G 13 53.20 24.08 18.02
C VAL G 13 52.45 22.79 17.72
N ASP G 14 51.13 22.88 17.63
CA ASP G 14 50.21 21.79 17.34
C ASP G 14 50.57 21.05 16.04
N SER G 15 51.31 21.72 15.14
CA SER G 15 51.57 21.20 13.82
C SER G 15 52.91 20.47 13.70
N ASN G 16 53.72 20.47 14.77
CA ASN G 16 55.05 19.85 14.75
C ASN G 16 54.97 18.45 15.37
N PRO G 17 55.10 17.37 14.57
CA PRO G 17 54.97 16.02 15.10
C PRO G 17 56.20 15.57 15.88
N TYR G 18 57.23 16.42 15.91
CA TYR G 18 58.48 16.13 16.62
C TYR G 18 58.63 16.93 17.91
N SER G 19 57.68 17.83 18.20
CA SER G 19 57.80 18.76 19.32
C SER G 19 57.99 18.05 20.65
N ARG G 20 57.18 17.01 20.88
CA ARG G 20 57.13 16.28 22.13
C ARG G 20 58.31 15.32 22.26
N LEU G 21 58.98 15.02 21.14
CA LEU G 21 60.20 14.21 21.18
C LEU G 21 61.42 15.10 21.42
N MET G 22 61.47 16.24 20.72
CA MET G 22 62.57 17.19 20.87
C MET G 22 62.52 17.87 22.25
N ALA G 23 61.38 17.76 22.94
CA ALA G 23 61.23 18.28 24.28
C ALA G 23 62.15 17.53 25.24
N LEU G 24 62.53 16.30 24.86
CA LEU G 24 63.51 15.52 25.57
C LEU G 24 64.87 16.23 25.64
N LYS G 25 65.20 17.04 24.61
CA LYS G 25 66.48 17.76 24.57
C LYS G 25 66.55 18.85 25.64
N ARG G 26 65.53 19.70 25.73
CA ARG G 26 65.53 20.83 26.66
C ARG G 26 65.34 20.33 28.10
N MET G 27 64.86 19.09 28.25
CA MET G 27 64.62 18.50 29.55
C MET G 27 65.83 17.70 30.05
N GLY G 28 66.93 17.72 29.28
CA GLY G 28 68.20 17.11 29.66
C GLY G 28 68.14 15.59 29.76
N ILE G 29 67.21 14.95 29.03
CA ILE G 29 67.12 13.51 28.98
C ILE G 29 67.94 13.00 27.81
N VAL G 30 67.68 13.55 26.63
CA VAL G 30 68.44 13.14 25.46
C VAL G 30 69.03 14.40 24.84
N SER G 31 70.36 14.54 24.98
CA SER G 31 71.11 15.73 24.60
C SER G 31 70.98 15.98 23.10
N ASP G 32 70.99 14.90 22.32
CA ASP G 32 71.11 14.97 20.87
C ASP G 32 70.03 14.10 20.21
N TYR G 33 68.76 14.45 20.43
CA TYR G 33 67.66 13.59 20.01
C TYR G 33 67.66 13.43 18.50
N GLU G 34 67.92 14.53 17.76
CA GLU G 34 67.80 14.54 16.31
C GLU G 34 68.72 13.53 15.64
N LYS G 35 69.69 12.98 16.37
CA LYS G 35 70.62 12.02 15.81
C LYS G 35 69.88 10.76 15.35
N ILE G 36 68.68 10.52 15.92
CA ILE G 36 67.80 9.41 15.56
C ILE G 36 67.66 9.33 14.03
N ARG G 37 67.71 10.49 13.37
CA ARG G 37 67.53 10.61 11.93
C ARG G 37 68.72 10.00 11.18
N THR G 38 69.86 9.83 11.86
CA THR G 38 71.05 9.32 11.21
C THR G 38 71.17 7.79 11.25
N PHE G 39 70.24 7.09 11.92
CA PHE G 39 70.43 5.66 12.13
C PHE G 39 69.55 4.85 11.19
N ALA G 40 70.06 3.64 10.83
CA ALA G 40 69.32 2.62 10.11
C ALA G 40 69.14 1.40 11.00
N VAL G 41 67.90 0.89 11.10
CA VAL G 41 67.63 -0.32 11.86
C VAL G 41 66.93 -1.33 10.95
N ALA G 42 67.40 -2.58 10.96
CA ALA G 42 66.73 -3.70 10.28
C ALA G 42 65.84 -4.47 11.26
N ILE G 43 64.67 -4.93 10.77
CA ILE G 43 63.70 -5.65 11.57
C ILE G 43 63.31 -6.93 10.84
N VAL G 44 63.53 -8.07 11.52
CA VAL G 44 63.20 -9.35 10.94
C VAL G 44 62.03 -9.90 11.74
N GLY G 45 60.91 -10.12 11.05
CA GLY G 45 59.65 -10.47 11.68
C GLY G 45 58.80 -9.23 11.93
N VAL G 46 57.77 -9.05 11.11
CA VAL G 46 56.94 -7.88 11.22
C VAL G 46 55.56 -8.40 11.59
N GLY G 47 55.53 -9.19 12.67
CA GLY G 47 54.29 -9.68 13.23
C GLY G 47 53.92 -8.91 14.51
N GLY G 48 53.58 -9.63 15.57
CA GLY G 48 53.14 -9.04 16.82
C GLY G 48 54.10 -7.96 17.33
N VAL G 49 55.34 -8.37 17.63
CA VAL G 49 56.35 -7.49 18.19
C VAL G 49 56.93 -6.58 17.09
N GLY G 50 57.18 -7.15 15.91
CA GLY G 50 57.97 -6.50 14.88
C GLY G 50 57.27 -5.29 14.25
N SER G 51 55.94 -5.38 14.18
CA SER G 51 55.16 -4.31 13.59
C SER G 51 55.06 -3.14 14.57
N VAL G 52 54.80 -3.44 15.84
CA VAL G 52 54.70 -2.37 16.80
C VAL G 52 56.09 -1.72 16.95
N THR G 53 57.13 -2.53 16.84
CA THR G 53 58.50 -2.07 16.92
C THR G 53 58.79 -1.06 15.81
N ALA G 54 58.48 -1.47 14.58
CA ALA G 54 58.47 -0.59 13.42
C ALA G 54 57.68 0.70 13.66
N GLU G 55 56.41 0.59 14.10
CA GLU G 55 55.58 1.74 14.36
C GLU G 55 56.26 2.70 15.34
N MET G 56 56.79 2.18 16.45
CA MET G 56 57.42 3.01 17.47
C MET G 56 58.63 3.76 16.91
N LEU G 57 59.50 3.07 16.17
CA LEU G 57 60.70 3.69 15.66
C LEU G 57 60.36 4.73 14.58
N THR G 58 59.29 4.46 13.84
CA THR G 58 58.86 5.35 12.78
C THR G 58 58.41 6.66 13.39
N ARG G 59 57.61 6.56 14.45
CA ARG G 59 57.08 7.72 15.15
C ARG G 59 58.20 8.50 15.83
N CYS G 60 59.30 7.80 16.14
CA CYS G 60 60.43 8.43 16.82
C CYS G 60 61.28 9.22 15.83
N GLY G 61 61.21 8.81 14.56
CA GLY G 61 61.88 9.56 13.52
C GLY G 61 63.18 8.88 13.13
N ILE G 62 63.18 7.55 13.18
CA ILE G 62 64.33 6.79 12.73
C ILE G 62 64.59 7.12 11.27
N GLY G 63 65.87 7.09 10.89
CA GLY G 63 66.32 7.44 9.55
C GLY G 63 65.77 6.48 8.48
N LYS G 64 65.96 5.17 8.72
CA LYS G 64 65.63 4.11 7.79
C LYS G 64 65.29 2.83 8.54
N LEU G 65 64.30 2.11 7.99
CA LEU G 65 63.92 0.79 8.45
C LEU G 65 64.08 -0.19 7.29
N LEU G 66 64.70 -1.34 7.57
CA LEU G 66 64.64 -2.50 6.69
C LEU G 66 63.72 -3.55 7.28
N LEU G 67 62.69 -3.91 6.53
CA LEU G 67 61.72 -4.86 7.03
C LEU G 67 61.84 -6.16 6.24
N PHE G 68 61.83 -7.29 6.97
CA PHE G 68 61.96 -8.64 6.44
C PHE G 68 60.84 -9.53 7.00
N ASP G 69 60.08 -10.15 6.10
CA ASP G 69 59.03 -11.03 6.54
C ASP G 69 58.52 -11.76 5.30
N TYR G 70 58.15 -13.04 5.44
CA TYR G 70 57.71 -13.85 4.31
C TYR G 70 56.19 -14.03 4.30
N ASP G 71 55.49 -13.52 5.33
CA ASP G 71 54.10 -13.89 5.57
C ASP G 71 53.12 -12.79 5.14
N LYS G 72 51.87 -13.21 4.86
CA LYS G 72 50.74 -12.33 4.57
C LYS G 72 49.93 -12.06 5.83
N VAL G 73 49.35 -10.86 5.89
CA VAL G 73 48.46 -10.44 6.96
C VAL G 73 47.18 -11.24 6.84
N GLU G 74 46.73 -11.81 7.96
CA GLU G 74 45.50 -12.57 7.99
C GLU G 74 44.66 -12.03 9.13
N LEU G 75 43.36 -12.39 9.16
CA LEU G 75 42.46 -11.93 10.20
C LEU G 75 42.89 -12.48 11.58
N ALA G 76 43.53 -13.65 11.56
CA ALA G 76 44.05 -14.31 12.74
C ALA G 76 45.06 -13.41 13.45
N ASN G 77 45.58 -12.41 12.73
CA ASN G 77 46.57 -11.49 13.25
C ASN G 77 45.92 -10.29 13.93
N MET G 78 44.58 -10.25 13.98
CA MET G 78 43.86 -9.05 14.37
C MET G 78 43.79 -8.93 15.89
N ASN G 79 44.24 -9.98 16.57
CA ASN G 79 44.29 -9.93 18.03
C ASN G 79 45.46 -9.04 18.47
N ARG G 80 46.46 -8.83 17.61
CA ARG G 80 47.63 -8.02 17.91
C ARG G 80 47.53 -6.66 17.22
N LEU G 81 48.28 -5.67 17.72
CA LEU G 81 48.19 -4.30 17.21
C LEU G 81 48.65 -4.15 15.75
N PHE G 82 48.55 -2.91 15.25
CA PHE G 82 49.04 -2.41 13.96
C PHE G 82 48.13 -2.72 12.76
N PHE G 83 48.15 -3.97 12.27
CA PHE G 83 47.47 -4.37 11.05
C PHE G 83 45.95 -4.25 11.19
N GLN G 84 45.29 -3.88 10.09
CA GLN G 84 43.86 -3.68 10.08
C GLN G 84 43.23 -4.71 9.16
N PRO G 85 41.94 -5.06 9.37
CA PRO G 85 41.30 -6.12 8.62
C PRO G 85 41.29 -5.94 7.10
N HIS G 86 41.26 -4.69 6.64
CA HIS G 86 41.26 -4.44 5.20
C HIS G 86 42.66 -4.68 4.58
N GLN G 87 43.65 -5.00 5.41
CA GLN G 87 44.99 -5.30 4.92
C GLN G 87 45.16 -6.82 4.76
N ALA G 88 44.09 -7.59 5.06
CA ALA G 88 44.13 -9.04 4.96
C ALA G 88 44.45 -9.45 3.54
N GLY G 89 45.51 -10.24 3.37
CA GLY G 89 45.90 -10.69 2.05
C GLY G 89 47.18 -10.01 1.56
N LEU G 90 47.46 -8.80 2.08
CA LEU G 90 48.69 -8.14 1.73
C LEU G 90 49.81 -8.83 2.48
N SER G 91 51.03 -8.79 1.94
CA SER G 91 52.20 -9.19 2.68
C SER G 91 52.39 -8.18 3.82
N LYS G 92 52.85 -8.72 4.96
CA LYS G 92 53.11 -7.92 6.13
C LYS G 92 54.01 -6.73 5.79
N VAL G 93 55.15 -6.98 5.10
CA VAL G 93 56.15 -5.95 4.78
C VAL G 93 55.53 -4.81 3.97
N GLN G 94 54.62 -5.19 3.06
CA GLN G 94 54.00 -4.25 2.15
C GLN G 94 52.92 -3.46 2.90
N ALA G 95 52.12 -4.14 3.72
CA ALA G 95 51.11 -3.47 4.52
C ALA G 95 51.76 -2.52 5.50
N ALA G 96 52.87 -2.96 6.10
CA ALA G 96 53.61 -2.18 7.06
C ALA G 96 54.13 -0.89 6.43
N GLU G 97 54.85 -1.04 5.31
CA GLU G 97 55.41 0.10 4.62
C GLU G 97 54.32 1.13 4.28
N HIS G 98 53.16 0.63 3.81
CA HIS G 98 52.05 1.49 3.47
C HIS G 98 51.61 2.29 4.70
N THR G 99 51.34 1.61 5.82
CA THR G 99 50.90 2.33 7.01
C THR G 99 51.99 3.26 7.52
N LEU G 100 53.25 2.78 7.59
CA LEU G 100 54.31 3.52 8.25
C LEU G 100 54.68 4.77 7.45
N ARG G 101 54.61 4.69 6.11
CA ARG G 101 54.90 5.83 5.24
C ARG G 101 53.88 6.94 5.45
N ASN G 102 52.64 6.54 5.74
CA ASN G 102 51.58 7.46 6.04
C ASN G 102 51.85 8.11 7.41
N ILE G 103 52.33 7.29 8.36
CA ILE G 103 52.55 7.74 9.72
C ILE G 103 53.66 8.79 9.77
N ASN G 104 54.75 8.53 9.06
CA ASN G 104 55.87 9.45 9.08
C ASN G 104 56.54 9.42 7.73
N PRO G 105 56.25 10.41 6.86
CA PRO G 105 56.82 10.44 5.51
C PRO G 105 58.33 10.70 5.47
N ASP G 106 58.94 11.01 6.62
CA ASP G 106 60.37 11.28 6.66
C ASP G 106 61.20 9.99 6.62
N VAL G 107 60.61 8.85 6.99
CA VAL G 107 61.35 7.63 7.22
C VAL G 107 61.60 6.92 5.89
N LEU G 108 62.85 6.49 5.64
CA LEU G 108 63.14 5.66 4.47
C LEU G 108 62.84 4.21 4.78
N PHE G 109 62.38 3.50 3.75
CA PHE G 109 61.97 2.12 3.89
C PHE G 109 62.55 1.27 2.79
N GLU G 110 62.88 0.05 3.18
CA GLU G 110 63.34 -1.00 2.30
C GLU G 110 62.76 -2.30 2.85
N VAL G 111 61.92 -2.96 2.06
CA VAL G 111 61.23 -4.14 2.55
C VAL G 111 61.55 -5.32 1.64
N HIS G 112 61.47 -6.53 2.19
CA HIS G 112 61.85 -7.77 1.52
C HIS G 112 60.89 -8.87 1.94
N ASN G 113 60.16 -9.40 0.96
CA ASN G 113 59.11 -10.35 1.26
C ASN G 113 59.68 -11.74 1.01
N TYR G 114 60.62 -12.15 1.87
CA TYR G 114 61.21 -13.48 1.75
C TYR G 114 61.59 -14.08 3.11
N ASN G 115 61.82 -15.39 3.08
CA ASN G 115 62.23 -16.20 4.21
C ASN G 115 63.75 -16.17 4.24
N ILE G 116 64.31 -15.66 5.34
CA ILE G 116 65.73 -15.39 5.44
C ILE G 116 66.57 -16.67 5.59
N THR G 117 65.94 -17.84 5.77
CA THR G 117 66.69 -19.03 6.13
C THR G 117 67.19 -19.77 4.90
N THR G 118 66.51 -19.61 3.76
CA THR G 118 66.88 -20.27 2.51
C THR G 118 68.25 -19.76 2.07
N VAL G 119 69.01 -20.62 1.36
CA VAL G 119 70.44 -20.43 1.11
C VAL G 119 70.69 -19.15 0.28
N GLU G 120 69.90 -18.94 -0.77
CA GLU G 120 70.16 -17.83 -1.68
C GLU G 120 69.67 -16.53 -1.04
N ASN G 121 68.57 -16.63 -0.27
CA ASN G 121 68.01 -15.50 0.45
C ASN G 121 68.97 -14.99 1.53
N PHE G 122 69.57 -15.91 2.30
CA PHE G 122 70.47 -15.58 3.40
C PHE G 122 71.64 -14.71 2.93
N GLN G 123 72.11 -14.98 1.70
CA GLN G 123 73.21 -14.25 1.09
C GLN G 123 72.80 -12.79 0.88
N HIS G 124 71.56 -12.60 0.41
CA HIS G 124 70.99 -11.28 0.19
C HIS G 124 70.80 -10.59 1.54
N PHE G 125 70.31 -11.36 2.52
CA PHE G 125 70.04 -10.84 3.85
C PHE G 125 71.31 -10.17 4.40
N MET G 126 72.44 -10.90 4.28
CA MET G 126 73.75 -10.45 4.72
C MET G 126 74.23 -9.22 3.97
N ASP G 127 74.01 -9.19 2.65
CA ASP G 127 74.30 -8.01 1.85
C ASP G 127 73.62 -6.78 2.48
N ARG G 128 72.34 -6.90 2.87
CA ARG G 128 71.56 -5.74 3.31
C ARG G 128 71.99 -5.26 4.71
N ILE G 129 72.36 -6.19 5.59
CA ILE G 129 72.89 -5.84 6.89
C ILE G 129 74.18 -5.02 6.72
N SER G 130 75.07 -5.43 5.80
CA SER G 130 76.40 -4.84 5.62
C SER G 130 76.38 -3.54 4.81
N ASN G 131 75.35 -3.37 3.97
CA ASN G 131 75.39 -2.31 2.98
C ASN G 131 74.12 -1.48 2.99
N GLY G 132 73.08 -1.97 3.67
CA GLY G 132 71.74 -1.38 3.59
C GLY G 132 71.50 -0.31 4.65
N GLY G 133 72.59 0.27 5.19
CA GLY G 133 72.55 1.44 6.04
C GLY G 133 71.98 2.67 5.34
N LEU G 134 71.89 3.76 6.12
CA LEU G 134 71.31 5.04 5.71
C LEU G 134 72.02 5.53 4.44
N GLU G 135 73.35 5.50 4.47
CA GLU G 135 74.19 5.67 3.29
C GLU G 135 74.49 4.27 2.73
N GLU G 136 74.18 4.06 1.43
CA GLU G 136 74.43 2.78 0.79
C GLU G 136 75.91 2.41 0.93
N GLY G 137 76.18 1.15 1.26
CA GLY G 137 77.54 0.64 1.35
C GLY G 137 78.03 0.54 2.79
N LYS G 138 77.44 1.36 3.68
CA LYS G 138 77.66 1.32 5.12
C LYS G 138 76.65 0.36 5.74
N PRO G 139 76.96 -0.29 6.87
CA PRO G 139 76.05 -1.28 7.45
C PRO G 139 74.97 -0.61 8.31
N VAL G 140 73.87 -1.35 8.56
CA VAL G 140 72.83 -0.93 9.48
C VAL G 140 73.44 -0.83 10.87
N ASP G 141 72.82 0.03 11.69
CA ASP G 141 73.33 0.33 13.02
C ASP G 141 72.90 -0.77 14.01
N LEU G 142 71.80 -1.46 13.68
CA LEU G 142 71.17 -2.40 14.60
C LEU G 142 70.29 -3.35 13.80
N VAL G 143 70.30 -4.63 14.19
CA VAL G 143 69.34 -5.61 13.68
C VAL G 143 68.41 -5.98 14.84
N LEU G 144 67.11 -6.08 14.56
CA LEU G 144 66.17 -6.45 15.61
C LEU G 144 65.48 -7.74 15.19
N SER G 145 65.64 -8.77 16.04
CA SER G 145 65.05 -10.07 15.82
C SER G 145 63.69 -10.12 16.49
N CYS G 146 62.66 -10.23 15.64
CA CYS G 146 61.29 -10.30 16.10
C CYS G 146 60.60 -11.49 15.42
N VAL G 147 61.36 -12.55 15.13
CA VAL G 147 60.79 -13.74 14.52
C VAL G 147 60.25 -14.65 15.62
N ASP G 148 59.70 -15.80 15.26
CA ASP G 148 58.94 -16.57 16.23
C ASP G 148 59.49 -18.00 16.39
N ASN G 149 60.63 -18.31 15.76
CA ASN G 149 61.15 -19.66 15.66
C ASN G 149 62.68 -19.67 15.84
N PHE G 150 63.19 -20.79 16.37
CA PHE G 150 64.60 -20.92 16.71
C PHE G 150 65.45 -20.87 15.44
N GLU G 151 64.97 -21.47 14.35
CA GLU G 151 65.74 -21.55 13.13
C GLU G 151 66.11 -20.15 12.64
N ALA G 152 65.12 -19.26 12.61
CA ALA G 152 65.34 -17.91 12.10
C ALA G 152 66.27 -17.15 13.03
N ARG G 153 66.05 -17.33 14.33
CA ARG G 153 66.87 -16.66 15.33
C ARG G 153 68.34 -17.04 15.12
N MET G 154 68.57 -18.33 14.91
CA MET G 154 69.90 -18.90 14.76
C MET G 154 70.54 -18.41 13.45
N THR G 155 69.72 -18.19 12.42
CA THR G 155 70.18 -17.65 11.15
C THR G 155 70.71 -16.24 11.33
N ILE G 156 69.95 -15.39 12.05
CA ILE G 156 70.38 -14.02 12.30
C ILE G 156 71.69 -14.05 13.09
N ASN G 157 71.76 -14.97 14.06
CA ASN G 157 72.94 -15.13 14.88
C ASN G 157 74.18 -15.42 14.01
N THR G 158 74.01 -16.33 13.04
CA THR G 158 75.10 -16.75 12.18
C THR G 158 75.60 -15.55 11.38
N ALA G 159 74.64 -14.73 10.91
CA ALA G 159 75.00 -13.62 10.06
C ALA G 159 75.72 -12.55 10.88
N CYS G 160 75.23 -12.32 12.10
CA CYS G 160 75.75 -11.23 12.91
C CYS G 160 77.12 -11.57 13.50
N ASN G 161 77.38 -12.86 13.74
CA ASN G 161 78.69 -13.26 14.20
C ASN G 161 79.72 -13.11 13.08
N GLU G 162 79.33 -13.43 11.84
CA GLU G 162 80.22 -13.30 10.70
C GLU G 162 80.50 -11.81 10.41
N LEU G 163 79.54 -10.94 10.67
CA LEU G 163 79.72 -9.55 10.29
C LEU G 163 80.26 -8.72 11.45
N GLY G 164 80.11 -9.22 12.68
CA GLY G 164 80.38 -8.41 13.86
C GLY G 164 79.32 -7.31 14.05
N GLN G 165 78.05 -7.70 13.90
CA GLN G 165 76.89 -6.81 13.90
C GLN G 165 76.17 -6.88 15.24
N THR G 166 76.12 -5.73 15.97
CA THR G 166 75.33 -5.67 17.18
C THR G 166 73.86 -5.87 16.83
N TRP G 167 73.13 -6.67 17.63
CA TRP G 167 71.70 -6.88 17.39
C TRP G 167 70.95 -7.14 18.70
N MET G 168 69.62 -6.97 18.67
CA MET G 168 68.73 -7.28 19.78
C MET G 168 67.75 -8.38 19.39
N GLU G 169 67.59 -9.32 20.31
CA GLU G 169 66.72 -10.45 20.05
C GLU G 169 65.51 -10.30 20.97
N SER G 170 64.32 -10.52 20.43
CA SER G 170 63.16 -10.40 21.30
C SER G 170 62.29 -11.61 21.03
N GLY G 171 61.46 -11.97 22.01
CA GLY G 171 60.53 -13.06 21.79
C GLY G 171 59.43 -13.02 22.83
N VAL G 172 58.43 -13.86 22.58
CA VAL G 172 57.23 -13.92 23.39
C VAL G 172 56.86 -15.39 23.46
N SER G 173 56.48 -15.85 24.66
CA SER G 173 56.18 -17.25 24.86
C SER G 173 54.93 -17.63 24.06
N GLU G 174 54.79 -18.92 23.75
CA GLU G 174 53.69 -19.42 22.94
C GLU G 174 52.39 -19.47 23.77
N ASN G 175 52.51 -19.26 25.10
CA ASN G 175 51.34 -19.12 25.94
C ASN G 175 51.06 -17.65 26.27
N ALA G 176 51.82 -16.75 25.65
CA ALA G 176 51.45 -15.35 25.48
C ALA G 176 51.70 -14.49 26.73
N VAL G 177 52.06 -15.08 27.88
CA VAL G 177 52.11 -14.30 29.11
C VAL G 177 53.54 -14.03 29.58
N SER G 178 54.52 -14.14 28.68
CA SER G 178 55.90 -13.85 29.00
C SER G 178 56.66 -13.50 27.73
N GLY G 179 57.73 -12.73 27.90
CA GLY G 179 58.58 -12.32 26.79
C GLY G 179 59.86 -11.69 27.31
N HIS G 180 60.77 -11.35 26.39
CA HIS G 180 62.04 -10.76 26.79
C HIS G 180 62.68 -10.06 25.60
N ILE G 181 63.75 -9.35 25.93
CA ILE G 181 64.66 -8.78 24.96
C ILE G 181 66.07 -9.12 25.42
N GLN G 182 67.00 -9.15 24.47
CA GLN G 182 68.38 -9.52 24.73
C GLN G 182 69.29 -8.79 23.76
N LEU G 183 70.31 -8.12 24.30
CA LEU G 183 71.27 -7.42 23.47
C LEU G 183 72.49 -8.30 23.22
N ILE G 184 72.75 -8.57 21.93
CA ILE G 184 73.87 -9.40 21.52
C ILE G 184 74.92 -8.54 20.82
N ILE G 185 76.05 -8.32 21.52
CA ILE G 185 77.23 -7.73 20.92
C ILE G 185 78.25 -8.85 20.67
N PRO G 186 78.35 -9.40 19.43
CA PRO G 186 79.29 -10.49 19.15
C PRO G 186 80.71 -10.24 19.65
N GLY G 187 81.22 -11.19 20.44
CA GLY G 187 82.53 -11.05 21.04
C GLY G 187 82.43 -10.58 22.49
N GLU G 188 81.49 -9.67 22.74
CA GLU G 188 81.40 -9.01 24.03
C GLU G 188 80.39 -9.71 24.95
N SER G 189 79.25 -10.10 24.40
CA SER G 189 78.25 -10.78 25.19
C SER G 189 77.99 -12.14 24.55
N ALA G 190 77.23 -12.97 25.27
CA ALA G 190 76.74 -14.23 24.73
C ALA G 190 75.99 -13.97 23.44
N CYS G 191 76.31 -14.76 22.42
CA CYS G 191 75.50 -14.82 21.22
C CYS G 191 74.36 -15.79 21.49
N PHE G 192 73.50 -15.98 20.48
CA PHE G 192 72.34 -16.83 20.60
C PHE G 192 72.75 -18.30 20.70
N ALA G 193 73.94 -18.65 20.19
CA ALA G 193 74.37 -20.03 20.24
C ALA G 193 75.12 -20.37 21.54
N CYS G 194 75.74 -19.37 22.19
CA CYS G 194 76.56 -19.52 23.40
C CYS G 194 75.87 -20.35 24.49
N ALA G 195 74.57 -20.16 24.71
CA ALA G 195 73.92 -20.84 25.81
C ALA G 195 72.51 -21.21 25.36
N PRO G 196 71.76 -22.04 26.12
CA PRO G 196 70.38 -22.35 25.76
C PRO G 196 69.56 -21.05 25.90
N PRO G 197 68.38 -20.96 25.24
CA PRO G 197 67.48 -19.83 25.46
C PRO G 197 67.18 -19.54 26.94
N LEU G 198 67.35 -18.26 27.31
CA LEU G 198 67.00 -17.76 28.62
C LEU G 198 65.50 -17.42 28.66
N VAL G 199 64.79 -18.10 29.56
CA VAL G 199 63.36 -17.94 29.70
C VAL G 199 63.09 -17.22 31.02
N VAL G 200 61.82 -16.87 31.25
CA VAL G 200 61.43 -16.02 32.38
C VAL G 200 60.06 -16.47 32.90
N ALA G 201 59.58 -17.62 32.40
CA ALA G 201 58.43 -18.32 32.97
C ALA G 201 58.63 -19.81 32.82
N ALA G 202 58.10 -20.60 33.76
CA ALA G 202 58.01 -22.02 33.53
C ALA G 202 56.71 -22.30 32.77
N ASN G 203 55.59 -22.05 33.45
CA ASN G 203 54.24 -22.02 32.89
C ASN G 203 53.85 -23.36 32.28
N VAL G 214 47.59 -26.50 14.89
CA VAL G 214 47.25 -25.58 15.99
C VAL G 214 48.24 -24.41 16.02
N CYS G 215 47.90 -23.41 16.84
CA CYS G 215 48.61 -22.13 16.89
C CYS G 215 48.91 -21.76 18.35
N ALA G 216 49.92 -20.89 18.50
CA ALA G 216 50.28 -20.33 19.78
C ALA G 216 49.25 -19.28 20.17
N ALA G 217 49.12 -19.04 21.48
CA ALA G 217 48.33 -17.93 21.96
C ALA G 217 49.17 -16.65 21.81
N SER G 218 48.49 -15.52 21.58
CA SER G 218 49.10 -14.20 21.60
C SER G 218 48.12 -13.19 22.20
N LEU G 219 48.66 -12.14 22.81
CA LEU G 219 47.85 -11.08 23.38
C LEU G 219 48.40 -9.73 22.91
N PRO G 220 47.54 -8.72 22.66
CA PRO G 220 48.01 -7.42 22.21
C PRO G 220 48.81 -6.71 23.32
N THR G 221 48.50 -7.07 24.56
CA THR G 221 49.14 -6.52 25.75
C THR G 221 50.63 -6.88 25.80
N THR G 222 50.89 -8.17 25.68
CA THR G 222 52.22 -8.71 25.89
C THR G 222 53.12 -8.15 24.79
N MET G 223 52.59 -8.17 23.57
CA MET G 223 53.36 -7.76 22.42
C MET G 223 53.63 -6.26 22.48
N GLY G 224 52.66 -5.51 23.04
CA GLY G 224 52.84 -4.09 23.28
C GLY G 224 53.97 -3.83 24.28
N VAL G 225 53.95 -4.54 25.41
CA VAL G 225 54.98 -4.37 26.42
C VAL G 225 56.37 -4.68 25.88
N VAL G 226 56.50 -5.84 25.22
CA VAL G 226 57.77 -6.33 24.69
C VAL G 226 58.33 -5.38 23.63
N ALA G 227 57.55 -5.03 22.60
CA ALA G 227 57.99 -4.06 21.60
C ALA G 227 58.42 -2.78 22.29
N GLY G 228 57.60 -2.33 23.25
CA GLY G 228 57.90 -1.17 24.07
C GLY G 228 59.30 -1.19 24.68
N ILE G 229 59.64 -2.26 25.42
CA ILE G 229 60.91 -2.27 26.12
C ILE G 229 62.06 -2.47 25.12
N LEU G 230 61.77 -3.19 24.01
CA LEU G 230 62.71 -3.40 22.94
C LEU G 230 63.12 -2.05 22.34
N VAL G 231 62.14 -1.24 21.95
CA VAL G 231 62.50 0.01 21.30
C VAL G 231 63.11 0.98 22.31
N GLN G 232 62.69 0.87 23.60
CA GLN G 232 63.31 1.66 24.64
C GLN G 232 64.80 1.35 24.74
N ASN G 233 65.16 0.06 24.65
CA ASN G 233 66.55 -0.36 24.61
C ASN G 233 67.28 0.23 23.41
N VAL G 234 66.60 0.19 22.27
CA VAL G 234 67.16 0.69 21.02
C VAL G 234 67.50 2.16 21.20
N LEU G 235 66.56 2.93 21.78
CA LEU G 235 66.72 4.37 21.87
C LEU G 235 67.89 4.68 22.80
N LYS G 236 67.93 3.94 23.91
CA LYS G 236 68.97 4.17 24.90
C LYS G 236 70.34 3.84 24.32
N PHE G 237 70.39 2.77 23.51
CA PHE G 237 71.59 2.27 22.85
C PHE G 237 72.12 3.27 21.82
N LEU G 238 71.27 3.73 20.89
CA LEU G 238 71.67 4.61 19.80
C LEU G 238 71.91 6.05 20.27
N LEU G 239 71.13 6.54 21.25
CA LEU G 239 71.20 7.94 21.63
C LEU G 239 71.92 8.18 22.97
N ASN G 240 72.52 7.14 23.55
CA ASN G 240 73.38 7.23 24.72
C ASN G 240 72.72 7.95 25.87
N PHE G 241 71.58 7.46 26.33
CA PHE G 241 71.03 7.95 27.58
C PHE G 241 70.56 6.75 28.39
N GLY G 242 70.43 6.92 29.72
CA GLY G 242 70.03 5.84 30.60
C GLY G 242 71.02 4.67 30.55
N THR G 243 70.59 3.50 31.03
CA THR G 243 71.36 2.27 31.12
C THR G 243 70.77 1.24 30.16
N VAL G 244 71.58 0.74 29.24
CA VAL G 244 71.15 -0.31 28.33
C VAL G 244 71.07 -1.64 29.09
N SER G 245 70.00 -2.44 28.87
CA SER G 245 69.85 -3.82 29.36
C SER G 245 70.41 -4.86 28.38
N PHE G 246 71.09 -5.88 28.90
CA PHE G 246 71.63 -6.93 28.05
C PHE G 246 70.59 -8.02 27.91
N TYR G 247 69.73 -8.08 28.93
CA TYR G 247 68.57 -8.95 28.99
C TYR G 247 67.55 -8.32 29.94
N LEU G 248 66.29 -8.33 29.50
CA LEU G 248 65.14 -7.88 30.25
C LEU G 248 63.95 -8.74 29.85
N GLY G 249 63.45 -9.48 30.83
CA GLY G 249 62.27 -10.32 30.64
C GLY G 249 61.02 -9.65 31.20
N TYR G 250 59.87 -10.20 30.84
CA TYR G 250 58.57 -9.78 31.35
C TYR G 250 57.73 -11.01 31.64
N ASN G 251 57.36 -11.18 32.90
CA ASN G 251 56.41 -12.19 33.28
C ASN G 251 55.10 -11.48 33.58
N ALA G 252 54.07 -11.75 32.76
CA ALA G 252 52.79 -11.05 32.84
C ALA G 252 51.93 -11.57 33.98
N MET G 253 52.09 -12.86 34.33
CA MET G 253 51.34 -13.48 35.43
C MET G 253 51.72 -12.88 36.78
N GLN G 254 53.02 -12.64 37.05
CA GLN G 254 53.46 -12.14 38.35
C GLN G 254 53.89 -10.67 38.31
N ASP G 255 53.88 -10.05 37.12
CA ASP G 255 54.28 -8.67 36.91
C ASP G 255 55.74 -8.48 37.30
N PHE G 256 56.60 -9.32 36.72
CA PHE G 256 57.98 -9.38 37.17
C PHE G 256 58.89 -9.16 35.96
N PHE G 257 59.92 -8.34 36.14
CA PHE G 257 60.75 -7.95 35.01
C PHE G 257 62.23 -8.24 35.30
N PRO G 258 62.66 -9.51 35.26
CA PRO G 258 64.05 -9.83 35.59
C PRO G 258 65.04 -9.33 34.55
N THR G 259 66.21 -8.88 35.01
CA THR G 259 67.33 -8.59 34.13
C THR G 259 68.48 -9.56 34.37
N MET G 260 69.49 -9.44 33.50
CA MET G 260 70.59 -10.37 33.40
C MET G 260 71.58 -9.86 32.37
N SER G 261 72.80 -10.40 32.42
CA SER G 261 73.80 -10.13 31.41
C SER G 261 74.50 -11.42 30.98
N MET G 262 74.08 -12.01 29.85
CA MET G 262 74.60 -13.27 29.35
C MET G 262 76.00 -13.09 28.77
N LYS G 263 76.95 -13.85 29.34
CA LYS G 263 78.37 -13.76 29.05
C LYS G 263 78.77 -14.80 27.99
N PRO G 264 79.75 -14.50 27.11
CA PRO G 264 80.21 -15.48 26.12
C PRO G 264 80.77 -16.80 26.66
N ASN G 265 80.37 -17.87 25.96
CA ASN G 265 80.89 -19.23 26.08
C ASN G 265 82.12 -19.38 25.19
N PRO G 266 83.32 -19.66 25.75
CA PRO G 266 84.53 -19.78 24.93
C PRO G 266 84.60 -21.04 24.08
N GLN G 267 83.67 -21.99 24.32
CA GLN G 267 83.52 -23.22 23.56
C GLN G 267 82.22 -23.22 22.74
N CYS G 268 81.73 -22.02 22.37
CA CYS G 268 80.51 -21.84 21.61
C CYS G 268 80.68 -22.52 20.25
N ASP G 269 79.64 -23.29 19.84
CA ASP G 269 79.53 -23.94 18.55
C ASP G 269 79.93 -23.00 17.41
N ASP G 270 79.40 -21.78 17.44
CA ASP G 270 79.65 -20.76 16.43
C ASP G 270 81.12 -20.33 16.42
N ARG G 271 81.87 -20.83 15.44
CA ARG G 271 83.27 -20.51 15.22
C ARG G 271 83.50 -18.99 15.26
N ASN G 272 82.64 -18.22 14.59
CA ASN G 272 82.82 -16.79 14.44
C ASN G 272 82.55 -16.07 15.76
N CYS G 273 81.71 -16.65 16.61
CA CYS G 273 81.53 -16.07 17.94
C CYS G 273 82.83 -16.24 18.73
N ARG G 274 83.42 -17.44 18.66
CA ARG G 274 84.74 -17.74 19.21
C ARG G 274 85.78 -16.72 18.71
N LYS G 275 85.82 -16.53 17.39
CA LYS G 275 86.70 -15.56 16.75
C LYS G 275 86.44 -14.15 17.29
N GLN G 276 85.16 -13.77 17.40
CA GLN G 276 84.81 -12.41 17.81
C GLN G 276 85.24 -12.21 19.27
N GLN G 277 85.15 -13.29 20.06
CA GLN G 277 85.57 -13.27 21.45
C GLN G 277 87.05 -12.95 21.55
N GLU G 278 87.83 -13.60 20.67
CA GLU G 278 89.28 -13.44 20.59
C GLU G 278 89.62 -12.00 20.26
N GLU G 279 88.97 -11.48 19.21
CA GLU G 279 89.15 -10.10 18.76
C GLU G 279 88.88 -9.14 19.91
N TYR G 280 87.85 -9.43 20.72
CA TYR G 280 87.42 -8.55 21.78
C TYR G 280 88.44 -8.53 22.92
N LYS G 281 88.95 -9.71 23.29
CA LYS G 281 89.96 -9.82 24.35
C LYS G 281 91.22 -9.05 23.94
N LYS G 282 91.55 -9.06 22.64
CA LYS G 282 92.69 -8.34 22.08
C LYS G 282 92.50 -6.82 22.23
N LYS G 283 91.30 -6.34 21.89
CA LYS G 283 90.96 -4.92 21.93
C LYS G 283 91.05 -4.39 23.36
N VAL G 284 90.66 -5.20 24.36
CA VAL G 284 90.74 -4.80 25.75
C VAL G 284 92.20 -4.63 26.15
N ALA G 285 93.07 -5.58 25.77
CA ALA G 285 94.49 -5.56 26.11
C ALA G 285 95.18 -4.35 25.49
N ALA G 286 94.77 -3.94 24.28
CA ALA G 286 95.29 -2.74 23.64
C ALA G 286 94.29 -1.60 23.81
N GLY H 1 37.22 -5.34 6.06
CA GLY H 1 36.57 -6.61 5.65
C GLY H 1 36.57 -7.66 6.76
N ARG H 2 35.99 -7.31 7.92
CA ARG H 2 35.76 -8.23 9.02
C ARG H 2 34.28 -8.24 9.37
N VAL H 3 33.67 -9.44 9.40
CA VAL H 3 32.25 -9.54 9.65
C VAL H 3 32.03 -9.90 11.13
N ARG H 4 30.80 -9.69 11.63
CA ARG H 4 30.51 -9.88 13.04
C ARG H 4 30.54 -11.37 13.41
N ILE H 5 30.74 -11.62 14.70
CA ILE H 5 30.87 -12.96 15.24
C ILE H 5 30.00 -13.07 16.49
N GLU H 6 29.05 -14.00 16.47
CA GLU H 6 28.07 -14.13 17.54
C GLU H 6 28.71 -14.87 18.71
N LYS H 7 29.42 -15.98 18.42
CA LYS H 7 30.12 -16.72 19.45
C LYS H 7 31.58 -16.97 19.06
N MET H 8 32.51 -16.59 19.95
CA MET H 8 33.94 -16.69 19.69
C MET H 8 34.31 -18.15 19.49
N SER H 9 35.18 -18.42 18.52
CA SER H 9 35.52 -19.80 18.22
C SER H 9 37.01 -20.07 18.47
N SER H 10 37.32 -21.31 18.86
CA SER H 10 38.70 -21.66 19.11
C SER H 10 39.34 -22.15 17.81
N GLU H 11 38.50 -22.25 16.77
CA GLU H 11 38.90 -22.78 15.47
C GLU H 11 40.15 -22.08 14.93
N VAL H 12 41.20 -22.87 14.71
CA VAL H 12 42.47 -22.36 14.23
C VAL H 12 42.45 -22.30 12.71
N VAL H 13 41.91 -21.20 12.19
CA VAL H 13 41.90 -20.94 10.76
C VAL H 13 42.26 -19.49 10.57
N ASP H 14 42.69 -19.16 9.34
CA ASP H 14 43.24 -17.87 9.00
C ASP H 14 42.16 -16.79 9.14
N SER H 15 40.88 -17.19 9.02
CA SER H 15 39.75 -16.28 8.97
C SER H 15 39.19 -15.91 10.36
N ASN H 16 39.66 -16.58 11.42
CA ASN H 16 39.16 -16.41 12.77
C ASN H 16 40.04 -15.46 13.58
N PRO H 17 39.57 -14.23 13.89
CA PRO H 17 40.40 -13.23 14.58
C PRO H 17 40.46 -13.43 16.09
N TYR H 18 39.84 -14.50 16.56
CA TYR H 18 39.80 -14.84 17.97
C TYR H 18 40.60 -16.13 18.25
N SER H 19 41.06 -16.79 17.20
CA SER H 19 41.77 -18.05 17.32
C SER H 19 42.93 -17.98 18.33
N ARG H 20 43.78 -16.95 18.23
CA ARG H 20 44.98 -16.88 19.06
C ARG H 20 44.65 -16.38 20.46
N LEU H 21 43.46 -15.80 20.65
CA LEU H 21 43.04 -15.41 21.98
C LEU H 21 42.42 -16.62 22.69
N MET H 22 41.60 -17.37 21.97
CA MET H 22 40.88 -18.50 22.53
C MET H 22 41.87 -19.64 22.79
N ALA H 23 43.03 -19.58 22.14
CA ALA H 23 44.15 -20.47 22.42
C ALA H 23 44.57 -20.41 23.90
N LEU H 24 44.25 -19.29 24.58
CA LEU H 24 44.57 -19.18 25.99
C LEU H 24 43.80 -20.22 26.80
N LYS H 25 42.61 -20.64 26.33
CA LYS H 25 41.77 -21.59 27.05
C LYS H 25 42.41 -22.97 27.02
N ARG H 26 42.76 -23.43 25.81
CA ARG H 26 43.28 -24.76 25.60
C ARG H 26 44.73 -24.91 26.08
N MET H 27 45.28 -23.86 26.68
CA MET H 27 46.63 -23.90 27.23
C MET H 27 46.54 -23.60 28.72
N GLY H 28 45.28 -23.62 29.21
CA GLY H 28 44.92 -23.39 30.61
C GLY H 28 45.56 -22.17 31.24
N ILE H 29 45.67 -21.08 30.48
CA ILE H 29 46.08 -19.81 31.04
C ILE H 29 44.84 -19.07 31.52
N VAL H 30 43.84 -18.97 30.63
CA VAL H 30 42.60 -18.31 30.96
C VAL H 30 41.49 -19.32 30.72
N SER H 31 40.84 -19.71 31.83
CA SER H 31 39.77 -20.68 31.83
C SER H 31 38.61 -20.26 30.93
N ASP H 32 38.17 -19.01 31.04
CA ASP H 32 36.89 -18.58 30.47
C ASP H 32 37.04 -17.31 29.64
N TYR H 33 37.80 -17.39 28.54
CA TYR H 33 38.20 -16.20 27.80
C TYR H 33 37.01 -15.42 27.23
N GLU H 34 36.00 -16.13 26.70
CA GLU H 34 34.84 -15.51 26.07
C GLU H 34 34.12 -14.55 27.03
N LYS H 35 34.43 -14.63 28.32
CA LYS H 35 33.77 -13.79 29.32
C LYS H 35 34.14 -12.34 29.07
N ILE H 36 35.17 -12.12 28.25
CA ILE H 36 35.62 -10.78 27.92
C ILE H 36 34.49 -9.97 27.28
N ARG H 37 33.63 -10.66 26.51
CA ARG H 37 32.53 -10.09 25.75
CA ARG H 37 32.54 -10.08 25.75
C ARG H 37 31.45 -9.54 26.68
N THR H 38 31.53 -9.88 27.97
CA THR H 38 30.46 -9.52 28.91
C THR H 38 30.80 -8.27 29.73
N PHE H 39 31.96 -7.66 29.49
CA PHE H 39 32.36 -6.55 30.33
C PHE H 39 32.32 -5.25 29.54
N ALA H 40 32.11 -4.15 30.26
CA ALA H 40 32.14 -2.79 29.75
C ALA H 40 33.19 -2.00 30.53
N VAL H 41 34.04 -1.28 29.79
CA VAL H 41 35.13 -0.52 30.38
C VAL H 41 35.04 0.93 29.90
N ALA H 42 35.05 1.86 30.86
CA ALA H 42 35.10 3.28 30.57
C ALA H 42 36.55 3.76 30.58
N ILE H 43 36.94 4.52 29.55
CA ILE H 43 38.28 5.06 29.42
C ILE H 43 38.20 6.59 29.36
N VAL H 44 38.65 7.26 30.43
CA VAL H 44 38.80 8.71 30.43
C VAL H 44 40.22 9.08 30.01
N GLY H 45 40.32 9.89 28.95
CA GLY H 45 41.58 10.27 28.33
C GLY H 45 42.00 9.30 27.23
N VAL H 46 41.70 9.65 25.97
CA VAL H 46 42.03 8.82 24.82
C VAL H 46 43.19 9.45 24.04
N GLY H 47 44.33 9.56 24.72
CA GLY H 47 45.57 10.04 24.12
C GLY H 47 46.58 8.91 23.96
N GLY H 48 47.80 9.14 24.42
CA GLY H 48 48.88 8.20 24.26
C GLY H 48 48.51 6.86 24.88
N VAL H 49 48.31 6.87 26.19
CA VAL H 49 48.04 5.64 26.89
C VAL H 49 46.64 5.19 26.51
N GLY H 50 45.67 6.12 26.63
CA GLY H 50 44.26 5.82 26.45
C GLY H 50 43.90 5.21 25.09
N SER H 51 44.45 5.79 24.01
CA SER H 51 44.17 5.30 22.66
C SER H 51 44.61 3.85 22.54
N VAL H 52 45.85 3.56 22.99
CA VAL H 52 46.44 2.25 22.86
C VAL H 52 45.73 1.25 23.78
N THR H 53 45.34 1.72 24.98
CA THR H 53 44.51 0.98 25.90
C THR H 53 43.24 0.51 25.21
N ALA H 54 42.54 1.45 24.55
CA ALA H 54 41.34 1.14 23.80
C ALA H 54 41.62 0.14 22.68
N GLU H 55 42.71 0.33 21.92
CA GLU H 55 43.00 -0.56 20.79
C GLU H 55 43.18 -1.98 21.33
N MET H 56 43.83 -2.08 22.49
CA MET H 56 44.18 -3.37 23.04
C MET H 56 42.91 -4.10 23.48
N LEU H 57 42.00 -3.38 24.16
CA LEU H 57 40.79 -4.00 24.66
C LEU H 57 39.87 -4.37 23.49
N THR H 58 39.93 -3.57 22.41
CA THR H 58 39.07 -3.79 21.25
C THR H 58 39.45 -5.12 20.62
N ARG H 59 40.74 -5.27 20.34
CA ARG H 59 41.27 -6.45 19.69
C ARG H 59 41.09 -7.67 20.59
N CYS H 60 40.97 -7.43 21.90
CA CYS H 60 40.69 -8.51 22.84
C CYS H 60 39.25 -8.98 22.74
N GLY H 61 38.35 -8.09 22.30
CA GLY H 61 36.96 -8.46 22.16
C GLY H 61 36.13 -8.14 23.40
N ILE H 62 36.48 -7.06 24.11
CA ILE H 62 35.67 -6.46 25.16
C ILE H 62 34.23 -6.20 24.67
N GLY H 63 33.24 -6.43 25.54
CA GLY H 63 31.85 -6.14 25.23
C GLY H 63 31.60 -4.69 24.77
N LYS H 64 32.05 -3.70 25.55
CA LYS H 64 31.73 -2.28 25.36
C LYS H 64 32.84 -1.37 25.91
N LEU H 65 33.16 -0.32 25.14
CA LEU H 65 34.04 0.75 25.59
C LEU H 65 33.26 2.07 25.62
N LEU H 66 33.48 2.87 26.68
CA LEU H 66 33.00 4.23 26.80
C LEU H 66 34.22 5.13 26.78
N LEU H 67 34.32 6.01 25.76
CA LEU H 67 35.48 6.86 25.62
C LEU H 67 35.09 8.30 25.98
N PHE H 68 35.94 8.98 26.76
CA PHE H 68 35.73 10.35 27.19
C PHE H 68 36.99 11.14 26.90
N ASP H 69 36.85 12.28 26.20
CA ASP H 69 37.97 13.16 25.92
C ASP H 69 37.42 14.42 25.29
N TYR H 70 38.04 15.56 25.58
CA TYR H 70 37.58 16.84 25.04
C TYR H 70 38.43 17.32 23.86
N ASP H 71 39.66 16.81 23.71
CA ASP H 71 40.66 17.31 22.76
C ASP H 71 40.45 16.71 21.36
N LYS H 72 41.01 17.38 20.35
CA LYS H 72 41.06 16.87 18.99
C LYS H 72 42.44 16.26 18.75
N VAL H 73 42.51 15.39 17.73
CA VAL H 73 43.78 14.87 17.28
C VAL H 73 44.61 15.95 16.55
N GLU H 74 45.89 16.01 16.90
CA GLU H 74 46.82 16.99 16.35
C GLU H 74 48.05 16.25 15.80
N LEU H 75 48.83 16.94 14.96
CA LEU H 75 50.05 16.38 14.42
C LEU H 75 51.10 16.22 15.53
N ALA H 76 50.99 17.00 16.62
CA ALA H 76 51.95 16.93 17.71
C ALA H 76 51.77 15.66 18.53
N ASN H 77 50.68 14.91 18.25
CA ASN H 77 50.36 13.65 18.89
C ASN H 77 50.92 12.46 18.08
N MET H 78 51.56 12.73 16.95
CA MET H 78 51.95 11.68 16.02
C MET H 78 53.19 10.95 16.53
N ASN H 79 53.86 11.54 17.54
CA ASN H 79 54.98 10.89 18.19
C ASN H 79 54.50 9.67 18.98
N ARG H 80 53.20 9.61 19.29
CA ARG H 80 52.62 8.53 20.07
C ARG H 80 51.82 7.62 19.14
N LEU H 81 51.50 6.40 19.61
CA LEU H 81 50.84 5.37 18.81
C LEU H 81 49.35 5.65 18.57
N PHE H 82 48.80 4.89 17.60
CA PHE H 82 47.38 4.77 17.29
C PHE H 82 46.92 5.76 16.21
N PHE H 83 46.72 7.02 16.62
CA PHE H 83 46.26 8.10 15.77
C PHE H 83 47.21 8.34 14.59
N GLN H 84 46.62 8.48 13.40
CA GLN H 84 47.36 8.71 12.18
C GLN H 84 47.14 10.15 11.71
N PRO H 85 48.09 10.71 10.93
CA PRO H 85 48.02 12.12 10.51
C PRO H 85 46.72 12.56 9.84
N HIS H 86 46.12 11.69 9.03
CA HIS H 86 44.86 11.95 8.36
C HIS H 86 43.71 12.14 9.36
N GLN H 87 43.94 11.80 10.64
CA GLN H 87 42.90 11.95 11.64
C GLN H 87 43.09 13.30 12.34
N ALA H 88 44.14 14.03 11.96
CA ALA H 88 44.39 15.37 12.51
C ALA H 88 43.16 16.23 12.28
N GLY H 89 42.60 16.78 13.36
CA GLY H 89 41.45 17.66 13.24
C GLY H 89 40.20 17.03 13.85
N LEU H 90 40.09 15.71 13.74
CA LEU H 90 38.97 14.98 14.33
C LEU H 90 39.12 14.98 15.86
N SER H 91 37.98 14.91 16.54
CA SER H 91 38.01 14.68 17.97
C SER H 91 38.63 13.30 18.26
N LYS H 92 39.32 13.21 19.41
CA LYS H 92 40.00 11.98 19.81
C LYS H 92 39.02 10.80 19.92
N VAL H 93 37.88 11.02 20.62
CA VAL H 93 36.92 9.96 20.81
C VAL H 93 36.35 9.54 19.45
N GLN H 94 36.26 10.48 18.50
CA GLN H 94 35.57 10.21 17.26
C GLN H 94 36.52 9.45 16.34
N ALA H 95 37.80 9.85 16.35
CA ALA H 95 38.78 9.17 15.53
C ALA H 95 38.99 7.75 16.03
N ALA H 96 39.03 7.61 17.36
CA ALA H 96 39.14 6.33 18.05
C ALA H 96 37.99 5.39 17.69
N GLU H 97 36.73 5.81 17.94
CA GLU H 97 35.56 4.98 17.68
C GLU H 97 35.55 4.50 16.23
N HIS H 98 35.88 5.40 15.32
CA HIS H 98 35.91 5.08 13.91
C HIS H 98 36.93 3.98 13.61
N THR H 99 38.17 4.19 14.05
CA THR H 99 39.24 3.22 13.84
C THR H 99 38.86 1.88 14.50
N LEU H 100 38.38 1.95 15.75
CA LEU H 100 38.20 0.76 16.58
C LEU H 100 37.03 -0.05 16.05
N ARG H 101 35.99 0.66 15.62
CA ARG H 101 34.80 0.03 15.06
C ARG H 101 35.20 -0.79 13.82
N ASN H 102 36.21 -0.28 13.10
CA ASN H 102 36.71 -0.96 11.93
C ASN H 102 37.54 -2.19 12.31
N ILE H 103 38.31 -2.07 13.40
CA ILE H 103 39.21 -3.12 13.84
C ILE H 103 38.43 -4.31 14.40
N ASN H 104 37.38 -4.04 15.17
CA ASN H 104 36.56 -5.11 15.70
C ASN H 104 35.10 -4.68 15.77
N PRO H 105 34.27 -5.09 14.79
CA PRO H 105 32.86 -4.73 14.75
C PRO H 105 31.99 -5.28 15.88
N ASP H 106 32.51 -6.27 16.62
CA ASP H 106 31.75 -6.89 17.70
C ASP H 106 31.66 -5.97 18.93
N VAL H 107 32.56 -4.99 19.03
CA VAL H 107 32.65 -4.18 20.23
C VAL H 107 31.65 -3.02 20.18
N LEU H 108 30.88 -2.82 21.27
CA LEU H 108 29.96 -1.68 21.38
C LEU H 108 30.71 -0.44 21.84
N PHE H 109 30.34 0.72 21.28
CA PHE H 109 30.98 1.95 21.69
C PHE H 109 29.94 2.97 22.13
N GLU H 110 30.42 3.90 22.95
CA GLU H 110 29.69 5.06 23.42
C GLU H 110 30.74 6.12 23.70
N VAL H 111 30.76 7.17 22.87
CA VAL H 111 31.79 8.20 22.99
C VAL H 111 31.18 9.51 23.45
N HIS H 112 32.02 10.32 24.12
CA HIS H 112 31.64 11.58 24.74
C HIS H 112 32.76 12.58 24.54
N ASN H 113 32.51 13.61 23.74
CA ASN H 113 33.48 14.64 23.41
C ASN H 113 33.37 15.81 24.37
N TYR H 114 33.68 15.59 25.66
CA TYR H 114 33.56 16.67 26.63
C TYR H 114 34.54 16.52 27.79
N ASN H 115 34.62 17.57 28.59
CA ASN H 115 35.54 17.72 29.69
C ASN H 115 34.84 17.30 30.97
N ILE H 116 35.39 16.24 31.58
CA ILE H 116 34.83 15.52 32.70
C ILE H 116 34.72 16.40 33.95
N THR H 117 35.42 17.53 33.99
CA THR H 117 35.59 18.21 35.27
C THR H 117 34.58 19.34 35.49
N THR H 118 33.84 19.75 34.45
CA THR H 118 32.85 20.83 34.57
C THR H 118 31.57 20.33 35.24
N VAL H 119 30.85 21.22 35.91
CA VAL H 119 29.81 20.84 36.85
C VAL H 119 28.71 20.03 36.16
N GLU H 120 28.30 20.49 34.99
CA GLU H 120 27.23 19.84 34.25
C GLU H 120 27.71 18.48 33.73
N ASN H 121 28.95 18.43 33.23
CA ASN H 121 29.45 17.25 32.56
C ASN H 121 29.75 16.16 33.57
N PHE H 122 30.03 16.55 34.82
CA PHE H 122 30.40 15.64 35.89
C PHE H 122 29.21 14.75 36.24
N GLN H 123 28.03 15.38 36.24
CA GLN H 123 26.76 14.72 36.47
C GLN H 123 26.53 13.63 35.43
N HIS H 124 26.70 13.99 34.15
CA HIS H 124 26.49 13.06 33.05
C HIS H 124 27.44 11.88 33.17
N PHE H 125 28.72 12.20 33.40
CA PHE H 125 29.80 11.25 33.52
C PHE H 125 29.49 10.22 34.60
N MET H 126 29.05 10.70 35.77
CA MET H 126 28.62 9.79 36.82
C MET H 126 27.41 8.94 36.41
N ASP H 127 26.48 9.52 35.64
CA ASP H 127 25.33 8.78 35.13
C ASP H 127 25.82 7.60 34.27
N ARG H 128 26.81 7.88 33.42
CA ARG H 128 27.31 6.89 32.48
C ARG H 128 28.14 5.81 33.18
N ILE H 129 28.86 6.15 34.26
CA ILE H 129 29.61 5.18 35.05
C ILE H 129 28.62 4.19 35.66
N SER H 130 27.46 4.71 36.16
CA SER H 130 26.47 3.97 36.93
C SER H 130 25.56 3.15 36.05
N ASN H 131 25.29 3.63 34.82
CA ASN H 131 24.27 3.05 33.96
C ASN H 131 24.81 2.76 32.57
N GLY H 132 26.11 3.00 32.36
CA GLY H 132 26.70 2.91 31.04
C GLY H 132 27.23 1.51 30.73
N GLY H 133 26.95 0.53 31.60
CA GLY H 133 27.40 -0.84 31.45
C GLY H 133 26.84 -1.49 30.18
N LEU H 134 27.05 -2.80 30.04
CA LEU H 134 26.67 -3.53 28.84
C LEU H 134 25.15 -3.57 28.69
N GLU H 135 24.44 -3.89 29.78
CA GLU H 135 23.01 -3.65 29.88
C GLU H 135 22.82 -2.24 30.42
N GLU H 136 21.93 -1.47 29.79
CA GLU H 136 21.67 -0.12 30.26
C GLU H 136 21.07 -0.18 31.66
N GLY H 137 21.53 0.69 32.56
CA GLY H 137 21.08 0.75 33.94
C GLY H 137 22.02 0.05 34.92
N LYS H 138 22.88 -0.83 34.41
CA LYS H 138 23.92 -1.48 35.19
C LYS H 138 25.22 -0.68 35.04
N PRO H 139 26.11 -0.66 36.05
CA PRO H 139 27.33 0.15 35.99
C PRO H 139 28.38 -0.53 35.12
N VAL H 140 29.40 0.22 34.69
CA VAL H 140 30.53 -0.36 33.99
C VAL H 140 31.36 -1.19 34.98
N ASP H 141 32.00 -2.23 34.45
CA ASP H 141 32.86 -3.12 35.22
C ASP H 141 34.13 -2.43 35.71
N LEU H 142 34.65 -1.42 34.97
CA LEU H 142 35.92 -0.80 35.27
C LEU H 142 35.97 0.57 34.59
N VAL H 143 36.57 1.54 35.29
CA VAL H 143 36.93 2.83 34.71
C VAL H 143 38.45 2.88 34.60
N LEU H 144 38.98 3.40 33.48
CA LEU H 144 40.41 3.58 33.35
C LEU H 144 40.77 5.04 33.17
N SER H 145 41.56 5.58 34.10
CA SER H 145 42.02 6.95 34.02
C SER H 145 43.32 7.00 33.23
N CYS H 146 43.25 7.62 32.06
CA CYS H 146 44.37 7.78 31.15
C CYS H 146 44.52 9.26 30.81
N VAL H 147 44.17 10.12 31.78
CA VAL H 147 44.29 11.57 31.64
C VAL H 147 45.70 11.97 32.06
N ASP H 148 46.04 13.25 31.84
CA ASP H 148 47.41 13.71 31.98
C ASP H 148 47.53 14.76 33.07
N ASN H 149 46.51 14.87 33.95
CA ASN H 149 46.50 15.97 34.90
C ASN H 149 45.82 15.57 36.21
N PHE H 150 46.22 16.25 37.28
CA PHE H 150 45.74 16.04 38.64
C PHE H 150 44.21 16.22 38.71
N GLU H 151 43.72 17.36 38.21
CA GLU H 151 42.32 17.77 38.29
C GLU H 151 41.40 16.62 37.85
N ALA H 152 41.68 16.02 36.70
CA ALA H 152 40.81 15.02 36.08
C ALA H 152 40.88 13.71 36.87
N ARG H 153 42.09 13.41 37.36
CA ARG H 153 42.34 12.23 38.16
C ARG H 153 41.52 12.31 39.44
N MET H 154 41.55 13.51 40.04
CA MET H 154 40.85 13.75 41.28
C MET H 154 39.34 13.70 41.07
N THR H 155 38.87 14.19 39.90
CA THR H 155 37.47 14.13 39.54
C THR H 155 37.03 12.67 39.46
N ILE H 156 37.78 11.86 38.72
CA ILE H 156 37.40 10.47 38.65
C ILE H 156 37.36 9.87 40.07
N ASN H 157 38.32 10.27 40.90
CA ASN H 157 38.45 9.67 42.21
C ASN H 157 37.22 9.98 43.07
N THR H 158 36.75 11.24 42.98
CA THR H 158 35.54 11.67 43.66
C THR H 158 34.35 10.81 43.21
N ALA H 159 34.16 10.67 41.90
CA ALA H 159 33.05 9.93 41.31
C ALA H 159 33.02 8.48 41.79
N CYS H 160 34.18 7.82 41.78
CA CYS H 160 34.27 6.38 42.01
C CYS H 160 34.16 6.06 43.51
N ASN H 161 34.60 6.99 44.37
CA ASN H 161 34.43 6.81 45.80
C ASN H 161 32.97 6.91 46.18
N GLU H 162 32.26 7.83 45.52
CA GLU H 162 30.83 8.00 45.73
C GLU H 162 30.05 6.79 45.21
N LEU H 163 30.45 6.22 44.07
CA LEU H 163 29.69 5.14 43.47
C LEU H 163 30.12 3.77 43.98
N GLY H 164 31.30 3.67 44.57
CA GLY H 164 31.83 2.35 44.92
C GLY H 164 32.35 1.59 43.70
N GLN H 165 33.09 2.30 42.84
CA GLN H 165 33.44 1.82 41.51
C GLN H 165 34.93 1.53 41.43
N THR H 166 35.26 0.28 41.12
CA THR H 166 36.65 -0.09 40.92
C THR H 166 37.19 0.61 39.69
N TRP H 167 38.41 1.12 39.80
CA TRP H 167 39.02 1.73 38.63
C TRP H 167 40.53 1.59 38.68
N MET H 168 41.18 1.87 37.54
CA MET H 168 42.62 1.83 37.44
C MET H 168 43.10 3.17 36.94
N GLU H 169 44.20 3.63 37.55
CA GLU H 169 44.77 4.93 37.25
C GLU H 169 46.12 4.73 36.59
N SER H 170 46.36 5.44 35.49
CA SER H 170 47.63 5.35 34.78
C SER H 170 48.20 6.74 34.49
N GLY H 171 49.52 6.79 34.48
CA GLY H 171 50.22 8.03 34.29
C GLY H 171 51.57 7.77 33.64
N VAL H 172 52.01 8.77 32.88
CA VAL H 172 53.33 8.84 32.29
C VAL H 172 53.91 10.19 32.73
N SER H 173 55.19 10.19 33.09
CA SER H 173 55.86 11.40 33.51
C SER H 173 55.87 12.42 32.39
N GLU H 174 55.92 13.70 32.78
CA GLU H 174 56.11 14.82 31.88
C GLU H 174 57.44 14.72 31.15
N ASN H 175 58.42 13.95 31.67
CA ASN H 175 59.71 13.77 31.00
C ASN H 175 59.81 12.46 30.22
N ALA H 176 58.70 11.69 30.15
CA ALA H 176 58.49 10.57 29.25
C ALA H 176 59.20 9.28 29.69
N VAL H 177 60.06 9.33 30.70
CA VAL H 177 60.89 8.16 30.98
C VAL H 177 60.43 7.41 32.23
N SER H 178 59.20 7.67 32.69
CA SER H 178 58.63 6.88 33.78
C SER H 178 57.11 6.85 33.67
N GLY H 179 56.50 5.85 34.31
CA GLY H 179 55.05 5.70 34.33
C GLY H 179 54.62 4.75 35.44
N HIS H 180 53.30 4.56 35.59
CA HIS H 180 52.76 3.61 36.54
C HIS H 180 51.29 3.28 36.25
N ILE H 181 50.79 2.26 36.95
CA ILE H 181 49.40 1.88 36.98
C ILE H 181 49.07 1.60 38.45
N GLN H 182 47.81 1.84 38.82
CA GLN H 182 47.32 1.67 40.19
C GLN H 182 45.90 1.17 40.14
N LEU H 183 45.63 0.12 40.93
CA LEU H 183 44.29 -0.42 41.06
C LEU H 183 43.65 0.13 42.33
N ILE H 184 42.49 0.79 42.13
CA ILE H 184 41.74 1.44 43.20
C ILE H 184 40.39 0.74 43.34
N ILE H 185 40.26 0.04 44.48
CA ILE H 185 39.02 -0.55 44.94
C ILE H 185 38.64 0.23 46.20
N PRO H 186 37.78 1.27 46.08
CA PRO H 186 37.60 2.24 47.16
C PRO H 186 37.19 1.46 48.40
N GLY H 187 37.89 1.72 49.51
CA GLY H 187 37.61 1.06 50.77
C GLY H 187 38.56 -0.11 51.05
N GLU H 188 38.90 -0.86 50.00
CA GLU H 188 39.73 -2.05 50.10
C GLU H 188 41.18 -1.66 49.81
N SER H 189 41.40 -0.82 48.82
CA SER H 189 42.72 -0.31 48.54
C SER H 189 42.70 1.21 48.58
N ALA H 190 43.89 1.81 48.63
CA ALA H 190 44.07 3.25 48.61
C ALA H 190 43.47 3.87 47.34
N CYS H 191 42.77 5.00 47.54
CA CYS H 191 42.16 5.78 46.47
C CYS H 191 43.19 6.82 46.04
N PHE H 192 42.85 7.61 45.04
CA PHE H 192 43.81 8.58 44.56
C PHE H 192 44.13 9.65 45.60
N ALA H 193 43.24 9.88 46.56
CA ALA H 193 43.45 10.95 47.52
C ALA H 193 44.25 10.46 48.74
N CYS H 194 44.31 9.13 48.90
CA CYS H 194 44.88 8.50 50.07
C CYS H 194 46.40 8.69 50.22
N ALA H 195 47.11 8.99 49.12
CA ALA H 195 48.57 9.12 49.18
C ALA H 195 49.06 10.14 48.15
N PRO H 196 50.10 10.93 48.46
CA PRO H 196 50.50 12.04 47.59
C PRO H 196 51.26 11.55 46.36
N PRO H 197 50.96 12.03 45.13
CA PRO H 197 51.67 11.56 43.94
C PRO H 197 53.20 11.60 43.99
N LEU H 198 53.78 12.61 44.66
CA LEU H 198 55.23 12.78 44.65
C LEU H 198 55.92 11.66 45.42
N VAL H 199 55.24 11.18 46.46
CA VAL H 199 55.72 10.16 47.37
C VAL H 199 55.57 8.79 46.71
N VAL H 200 54.42 8.56 46.05
CA VAL H 200 54.17 7.31 45.37
C VAL H 200 55.24 7.11 44.29
N ALA H 201 55.65 8.20 43.64
CA ALA H 201 56.45 8.15 42.44
C ALA H 201 57.95 8.28 42.76
N ALA H 202 58.30 8.43 44.04
CA ALA H 202 59.61 8.87 44.49
C ALA H 202 60.75 8.03 43.92
N ASN H 203 60.56 6.70 43.88
CA ASN H 203 61.58 5.78 43.41
C ASN H 203 61.63 5.60 41.88
N ILE H 204 60.71 6.17 41.09
CA ILE H 204 60.78 5.93 39.66
C ILE H 204 60.86 7.21 38.84
N ASP H 205 60.53 8.36 39.42
CA ASP H 205 60.44 9.58 38.64
C ASP H 205 61.83 10.22 38.50
N GLU H 206 62.35 10.27 37.28
CA GLU H 206 63.60 10.95 36.96
C GLU H 206 63.37 12.45 37.15
N LYS H 207 64.36 13.19 37.67
CA LYS H 207 64.14 14.60 37.97
C LYS H 207 64.90 15.50 37.00
N THR H 208 64.14 16.24 36.17
CA THR H 208 64.69 17.06 35.11
C THR H 208 64.39 18.55 35.37
N GLY H 213 59.49 21.85 31.27
CA GLY H 213 59.38 21.93 29.81
C GLY H 213 58.66 23.20 29.33
N VAL H 214 58.56 23.31 28.01
CA VAL H 214 57.64 24.23 27.34
C VAL H 214 56.40 23.41 26.99
N CYS H 215 56.62 22.12 26.71
CA CYS H 215 55.58 21.09 26.70
C CYS H 215 56.12 19.84 27.39
N ALA H 216 55.23 18.88 27.70
CA ALA H 216 55.67 17.59 28.18
C ALA H 216 56.32 16.80 27.03
N ALA H 217 57.41 16.09 27.34
CA ALA H 217 57.95 15.11 26.42
C ALA H 217 57.10 13.87 26.52
N SER H 218 56.97 13.15 25.40
CA SER H 218 56.38 11.83 25.42
C SER H 218 57.09 10.93 24.41
N LEU H 219 57.04 9.62 24.67
CA LEU H 219 57.63 8.61 23.80
C LEU H 219 56.60 7.52 23.50
N PRO H 220 56.63 6.92 22.28
CA PRO H 220 55.73 5.83 21.94
C PRO H 220 56.11 4.58 22.72
N THR H 221 57.37 4.50 23.12
CA THR H 221 57.85 3.34 23.84
C THR H 221 57.16 3.29 25.19
N THR H 222 57.28 4.38 25.95
CA THR H 222 56.79 4.40 27.32
C THR H 222 55.27 4.27 27.38
N MET H 223 54.59 4.86 26.39
CA MET H 223 53.14 4.80 26.31
C MET H 223 52.67 3.37 26.07
N GLY H 224 53.29 2.68 25.12
CA GLY H 224 52.92 1.32 24.79
C GLY H 224 53.16 0.38 25.97
N VAL H 225 54.25 0.60 26.72
CA VAL H 225 54.57 -0.17 27.92
C VAL H 225 53.49 0.02 28.98
N VAL H 226 53.23 1.30 29.32
CA VAL H 226 52.24 1.61 30.34
C VAL H 226 50.87 1.07 29.94
N ALA H 227 50.44 1.30 28.68
CA ALA H 227 49.17 0.80 28.19
C ALA H 227 49.09 -0.72 28.31
N GLY H 228 50.19 -1.39 27.91
CA GLY H 228 50.29 -2.83 27.91
C GLY H 228 50.13 -3.40 29.32
N ILE H 229 50.87 -2.83 30.29
CA ILE H 229 50.75 -3.30 31.67
C ILE H 229 49.35 -2.97 32.20
N LEU H 230 48.76 -1.87 31.73
CA LEU H 230 47.46 -1.47 32.21
C LEU H 230 46.40 -2.45 31.71
N VAL H 231 46.46 -2.79 30.42
CA VAL H 231 45.42 -3.65 29.87
C VAL H 231 45.64 -5.07 30.40
N GLN H 232 46.90 -5.42 30.65
CA GLN H 232 47.24 -6.75 31.16
C GLN H 232 46.60 -6.90 32.53
N ASN H 233 46.64 -5.82 33.33
CA ASN H 233 46.01 -5.80 34.64
C ASN H 233 44.50 -5.93 34.52
N VAL H 234 43.94 -5.23 33.54
CA VAL H 234 42.52 -5.27 33.27
C VAL H 234 42.11 -6.72 33.01
N LEU H 235 42.84 -7.37 32.10
CA LEU H 235 42.51 -8.72 31.67
C LEU H 235 42.60 -9.68 32.86
N LYS H 236 43.68 -9.55 33.64
CA LYS H 236 43.89 -10.42 34.79
C LYS H 236 42.77 -10.25 35.81
N PHE H 237 42.31 -9.00 36.01
CA PHE H 237 41.27 -8.67 36.95
C PHE H 237 39.91 -9.21 36.49
N LEU H 238 39.60 -9.10 35.19
CA LEU H 238 38.28 -9.46 34.70
C LEU H 238 38.14 -10.97 34.46
N LEU H 239 39.21 -11.62 33.97
CA LEU H 239 39.12 -13.01 33.53
C LEU H 239 39.68 -13.98 34.56
N ASN H 240 40.22 -13.44 35.67
CA ASN H 240 40.66 -14.16 36.87
C ASN H 240 41.80 -15.13 36.58
N PHE H 241 42.90 -14.59 36.07
CA PHE H 241 44.14 -15.32 35.91
C PHE H 241 45.30 -14.48 36.42
N GLY H 242 46.41 -15.14 36.76
CA GLY H 242 47.62 -14.47 37.23
C GLY H 242 47.37 -13.67 38.50
N THR H 243 48.32 -12.78 38.81
CA THR H 243 48.27 -11.92 39.97
C THR H 243 47.98 -10.48 39.52
N VAL H 244 46.94 -9.88 40.06
CA VAL H 244 46.66 -8.48 39.84
C VAL H 244 47.62 -7.65 40.67
N SER H 245 48.19 -6.62 40.06
CA SER H 245 49.07 -5.68 40.74
C SER H 245 48.22 -4.54 41.31
N PHE H 246 48.48 -4.10 42.54
CA PHE H 246 47.77 -2.93 43.03
C PHE H 246 48.48 -1.64 42.65
N TYR H 247 49.80 -1.75 42.42
CA TYR H 247 50.61 -0.65 41.93
C TYR H 247 51.82 -1.23 41.21
N LEU H 248 52.07 -0.75 39.98
CA LEU H 248 53.21 -1.18 39.19
C LEU H 248 53.81 0.06 38.54
N GLY H 249 55.07 0.31 38.84
CA GLY H 249 55.79 1.46 38.33
C GLY H 249 56.77 1.05 37.24
N TYR H 250 57.38 2.06 36.61
CA TYR H 250 58.18 1.84 35.42
C TYR H 250 59.12 3.02 35.27
N ASN H 251 60.42 2.71 35.37
CA ASN H 251 61.47 3.67 35.12
C ASN H 251 62.23 3.19 33.90
N ALA H 252 62.16 3.96 32.81
CA ALA H 252 62.75 3.58 31.55
C ALA H 252 64.28 3.76 31.55
N MET H 253 64.80 4.65 32.41
CA MET H 253 66.22 4.95 32.43
C MET H 253 67.02 3.73 32.90
N GLN H 254 66.45 3.00 33.87
CA GLN H 254 67.21 1.95 34.55
C GLN H 254 66.46 0.62 34.50
N ASP H 255 65.37 0.53 33.72
CA ASP H 255 64.59 -0.70 33.52
C ASP H 255 64.13 -1.31 34.85
N PHE H 256 63.58 -0.47 35.74
CA PHE H 256 63.16 -0.79 37.09
C PHE H 256 61.64 -0.71 37.18
N PHE H 257 61.02 -1.79 37.68
CA PHE H 257 59.57 -1.97 37.70
C PHE H 257 59.06 -2.28 39.12
N PRO H 258 59.04 -1.32 40.06
CA PRO H 258 58.64 -1.64 41.43
C PRO H 258 57.13 -1.87 41.54
N THR H 259 56.74 -2.87 42.31
CA THR H 259 55.35 -3.09 42.71
C THR H 259 55.20 -2.72 44.17
N MET H 260 53.98 -2.41 44.59
CA MET H 260 53.64 -2.25 46.00
C MET H 260 52.15 -2.37 46.16
N SER H 261 51.70 -2.81 47.33
CA SER H 261 50.29 -2.66 47.60
C SER H 261 50.10 -1.52 48.57
N MET H 262 49.12 -0.65 48.29
CA MET H 262 48.85 0.47 49.18
CA MET H 262 48.84 0.49 49.16
C MET H 262 47.49 0.29 49.84
N LYS H 263 47.52 0.29 51.17
CA LYS H 263 46.33 0.16 52.00
C LYS H 263 45.67 1.53 52.09
N PRO H 264 44.33 1.59 52.32
CA PRO H 264 43.65 2.87 52.45
C PRO H 264 44.12 3.70 53.64
N ASN H 265 44.10 5.02 53.44
CA ASN H 265 44.44 6.00 54.46
C ASN H 265 43.18 6.31 55.27
N PRO H 266 43.15 6.03 56.60
CA PRO H 266 41.96 6.26 57.41
C PRO H 266 41.65 7.74 57.68
N GLN H 267 42.62 8.63 57.44
CA GLN H 267 42.41 10.07 57.48
C GLN H 267 42.34 10.68 56.08
N CYS H 268 41.85 9.92 55.09
CA CYS H 268 41.78 10.35 53.70
C CYS H 268 40.88 11.56 53.55
N ASP H 269 41.31 12.48 52.66
CA ASP H 269 40.60 13.73 52.35
C ASP H 269 39.16 13.46 51.97
N ASP H 270 38.94 12.40 51.18
CA ASP H 270 37.67 12.05 50.59
C ASP H 270 36.81 11.33 51.62
N ARG H 271 35.70 11.97 52.03
CA ARG H 271 34.81 11.47 53.05
C ARG H 271 34.21 10.14 52.60
N ASN H 272 33.98 10.01 51.29
CA ASN H 272 33.40 8.79 50.75
C ASN H 272 34.38 7.63 50.82
N CYS H 273 35.69 7.91 50.65
CA CYS H 273 36.73 6.91 50.82
C CYS H 273 36.66 6.39 52.25
N ARG H 274 36.60 7.31 53.22
CA ARG H 274 36.52 6.95 54.64
C ARG H 274 35.31 6.04 54.88
N LYS H 275 34.15 6.41 54.31
CA LYS H 275 32.88 5.67 54.38
C LYS H 275 33.02 4.29 53.71
N GLN H 276 33.65 4.23 52.53
CA GLN H 276 33.89 2.95 51.88
C GLN H 276 34.77 2.04 52.74
N GLN H 277 35.77 2.63 53.41
CA GLN H 277 36.71 1.91 54.25
C GLN H 277 35.98 1.22 55.40
N GLU H 278 35.12 1.99 56.06
CA GLU H 278 34.29 1.52 57.17
C GLU H 278 33.37 0.40 56.69
N GLU H 279 32.75 0.57 55.53
CA GLU H 279 31.82 -0.42 55.04
C GLU H 279 32.59 -1.70 54.68
N TYR H 280 33.83 -1.56 54.18
CA TYR H 280 34.70 -2.70 53.91
C TYR H 280 35.08 -3.42 55.21
N LYS H 281 35.51 -2.67 56.24
CA LYS H 281 35.92 -3.23 57.52
C LYS H 281 34.73 -3.92 58.21
N LYS H 282 33.50 -3.49 57.91
CA LYS H 282 32.30 -4.03 58.53
C LYS H 282 31.97 -5.41 57.93
N LYS H 283 32.11 -5.54 56.61
CA LYS H 283 31.83 -6.77 55.88
C LYS H 283 32.84 -7.85 56.24
N VAL H 284 34.05 -7.44 56.65
CA VAL H 284 35.01 -8.36 57.26
C VAL H 284 34.59 -8.56 58.73
N GLY I 1 -24.39 7.63 -29.94
CA GLY I 1 -24.47 9.05 -30.32
C GLY I 1 -24.09 9.92 -29.13
N ARG I 2 -23.67 11.15 -29.41
CA ARG I 2 -23.19 12.02 -28.34
C ARG I 2 -24.19 13.17 -28.11
N VAL I 3 -24.59 13.34 -26.86
CA VAL I 3 -25.53 14.39 -26.48
C VAL I 3 -24.77 15.66 -26.14
N ARG I 4 -25.44 16.81 -26.34
CA ARG I 4 -24.90 18.11 -25.97
C ARG I 4 -24.64 18.17 -24.47
N ILE I 5 -23.46 18.68 -24.07
CA ILE I 5 -23.16 18.95 -22.66
C ILE I 5 -23.06 20.46 -22.43
N GLU I 6 -23.92 20.97 -21.51
CA GLU I 6 -24.04 22.38 -21.20
C GLU I 6 -22.85 22.82 -20.35
N LYS I 7 -22.50 22.02 -19.32
CA LYS I 7 -21.35 22.33 -18.47
C LYS I 7 -20.44 21.11 -18.35
N MET I 8 -19.15 21.28 -18.67
CA MET I 8 -18.18 20.20 -18.70
C MET I 8 -18.00 19.66 -17.30
N SER I 9 -17.87 18.34 -17.21
CA SER I 9 -17.88 17.63 -15.93
C SER I 9 -16.64 16.75 -15.82
N SER I 10 -16.10 16.64 -14.59
CA SER I 10 -14.93 15.83 -14.34
C SER I 10 -15.31 14.40 -13.96
N GLU I 11 -16.62 14.12 -13.93
CA GLU I 11 -17.18 12.84 -13.51
C GLU I 11 -16.60 11.72 -14.37
N VAL I 12 -15.94 10.77 -13.71
CA VAL I 12 -15.29 9.65 -14.36
C VAL I 12 -16.33 8.56 -14.57
N VAL I 13 -17.07 8.64 -15.69
CA VAL I 13 -18.01 7.62 -16.15
C VAL I 13 -17.78 7.43 -17.65
N ASP I 14 -18.15 6.24 -18.13
CA ASP I 14 -17.91 5.85 -19.51
C ASP I 14 -18.69 6.73 -20.49
N SER I 15 -19.72 7.44 -20.01
CA SER I 15 -20.56 8.25 -20.90
C SER I 15 -20.07 9.70 -21.06
N ASN I 16 -19.06 10.11 -20.28
CA ASN I 16 -18.58 11.47 -20.25
C ASN I 16 -17.38 11.66 -21.19
N PRO I 17 -17.60 12.36 -22.32
CA PRO I 17 -16.58 12.45 -23.36
C PRO I 17 -15.53 13.49 -22.99
N TYR I 18 -15.70 14.09 -21.79
CA TYR I 18 -14.83 15.16 -21.34
C TYR I 18 -13.96 14.71 -20.15
N SER I 19 -14.27 13.53 -19.58
CA SER I 19 -13.67 13.04 -18.35
C SER I 19 -12.13 13.03 -18.41
N ARG I 20 -11.58 12.57 -19.53
CA ARG I 20 -10.14 12.38 -19.68
C ARG I 20 -9.46 13.69 -20.06
N LEU I 21 -10.23 14.71 -20.42
CA LEU I 21 -9.66 16.04 -20.60
C LEU I 21 -9.72 16.81 -19.28
N MET I 22 -10.83 16.72 -18.56
CA MET I 22 -11.00 17.34 -17.26
C MET I 22 -10.05 16.70 -16.23
N ALA I 23 -9.56 15.50 -16.55
CA ALA I 23 -8.60 14.82 -15.71
C ALA I 23 -7.32 15.66 -15.57
N LEU I 24 -7.02 16.49 -16.57
CA LEU I 24 -5.85 17.36 -16.57
C LEU I 24 -5.91 18.33 -15.40
N LYS I 25 -7.12 18.67 -14.94
CA LYS I 25 -7.31 19.60 -13.83
C LYS I 25 -6.76 18.96 -12.56
N ARG I 26 -7.20 17.73 -12.29
CA ARG I 26 -6.94 17.06 -11.02
C ARG I 26 -5.50 16.55 -10.99
N MET I 27 -4.75 16.76 -12.08
CA MET I 27 -3.38 16.28 -12.15
C MET I 27 -2.42 17.47 -12.22
N GLY I 28 -2.99 18.68 -12.11
CA GLY I 28 -2.24 19.93 -12.05
C GLY I 28 -1.45 20.19 -13.33
N ILE I 29 -1.99 19.76 -14.47
CA ILE I 29 -1.37 20.15 -15.73
C ILE I 29 -2.01 21.44 -16.24
N VAL I 30 -3.34 21.45 -16.27
CA VAL I 30 -4.15 22.58 -16.72
C VAL I 30 -5.06 22.93 -15.56
N SER I 31 -4.97 24.17 -15.03
CA SER I 31 -5.76 24.49 -13.85
C SER I 31 -7.21 24.83 -14.20
N ASP I 32 -7.46 25.29 -15.44
CA ASP I 32 -8.79 25.73 -15.87
C ASP I 32 -9.11 25.20 -17.27
N TYR I 33 -9.46 23.91 -17.38
CA TYR I 33 -9.62 23.28 -18.69
C TYR I 33 -10.88 23.77 -19.41
N GLU I 34 -11.97 23.97 -18.65
CA GLU I 34 -13.28 24.35 -19.18
C GLU I 34 -13.20 25.60 -20.05
N LYS I 35 -12.18 26.46 -19.84
CA LYS I 35 -11.97 27.71 -20.56
C LYS I 35 -11.79 27.51 -22.08
N ILE I 36 -11.52 26.27 -22.52
CA ILE I 36 -11.42 25.94 -23.92
C ILE I 36 -12.73 26.29 -24.66
N ARG I 37 -13.84 26.20 -23.92
CA ARG I 37 -15.18 26.39 -24.45
CA ARG I 37 -15.19 26.39 -24.43
C ARG I 37 -15.43 27.86 -24.79
N THR I 38 -14.60 28.76 -24.24
CA THR I 38 -14.78 30.18 -24.44
C THR I 38 -13.98 30.69 -25.64
N PHE I 39 -13.25 29.82 -26.36
CA PHE I 39 -12.39 30.33 -27.42
C PHE I 39 -12.92 29.96 -28.81
N ALA I 40 -12.61 30.82 -29.78
CA ALA I 40 -12.87 30.59 -31.20
C ALA I 40 -11.56 30.66 -31.98
N VAL I 41 -11.37 29.70 -32.89
CA VAL I 41 -10.17 29.61 -33.69
C VAL I 41 -10.55 29.48 -35.16
N ALA I 42 -9.91 30.29 -36.01
CA ALA I 42 -10.09 30.23 -37.44
C ALA I 42 -9.01 29.34 -38.05
N ILE I 43 -9.42 28.48 -38.98
CA ILE I 43 -8.51 27.56 -39.63
C ILE I 43 -8.56 27.78 -41.14
N VAL I 44 -7.44 28.21 -41.73
CA VAL I 44 -7.38 28.40 -43.16
C VAL I 44 -6.59 27.26 -43.75
N GLY I 45 -7.22 26.54 -44.69
CA GLY I 45 -6.72 25.29 -45.23
C GLY I 45 -7.16 24.14 -44.32
N VAL I 46 -8.08 23.33 -44.83
CA VAL I 46 -8.59 22.19 -44.11
C VAL I 46 -8.17 20.95 -44.90
N GLY I 47 -6.87 20.89 -45.20
CA GLY I 47 -6.26 19.77 -45.90
C GLY I 47 -5.61 18.79 -44.92
N GLY I 48 -4.43 18.30 -45.30
CA GLY I 48 -3.67 17.35 -44.50
C GLY I 48 -3.56 17.77 -43.03
N VAL I 49 -2.96 18.94 -42.80
CA VAL I 49 -2.76 19.41 -41.45
C VAL I 49 -4.07 19.95 -40.89
N GLY I 50 -4.72 20.81 -41.66
CA GLY I 50 -5.91 21.53 -41.25
C GLY I 50 -7.04 20.66 -40.71
N SER I 51 -7.32 19.54 -41.40
CA SER I 51 -8.46 18.71 -41.06
C SER I 51 -8.24 18.05 -39.70
N VAL I 52 -7.01 17.57 -39.47
CA VAL I 52 -6.64 16.93 -38.22
C VAL I 52 -6.57 17.98 -37.11
N THR I 53 -6.12 19.19 -37.47
CA THR I 53 -6.04 20.30 -36.53
C THR I 53 -7.44 20.59 -36.01
N ALA I 54 -8.41 20.58 -36.94
CA ALA I 54 -9.81 20.83 -36.65
C ALA I 54 -10.39 19.72 -35.80
N GLU I 55 -10.12 18.45 -36.18
CA GLU I 55 -10.58 17.31 -35.44
C GLU I 55 -10.07 17.38 -33.99
N MET I 56 -8.79 17.75 -33.83
CA MET I 56 -8.17 17.79 -32.51
C MET I 56 -8.83 18.84 -31.64
N LEU I 57 -9.07 20.04 -32.20
CA LEU I 57 -9.66 21.11 -31.42
C LEU I 57 -11.11 20.80 -31.06
N THR I 58 -11.87 20.23 -32.01
CA THR I 58 -13.22 19.74 -31.81
C THR I 58 -13.26 18.76 -30.64
N ARG I 59 -12.43 17.72 -30.69
CA ARG I 59 -12.44 16.71 -29.64
C ARG I 59 -12.11 17.32 -28.29
N CYS I 60 -11.37 18.44 -28.32
CA CYS I 60 -10.92 19.08 -27.09
C CYS I 60 -12.02 19.93 -26.47
N GLY I 61 -13.08 20.20 -27.26
CA GLY I 61 -14.17 21.07 -26.85
C GLY I 61 -13.90 22.56 -27.06
N ILE I 62 -13.23 22.95 -28.16
CA ILE I 62 -13.09 24.36 -28.49
C ILE I 62 -14.47 24.98 -28.65
N GLY I 63 -14.62 26.28 -28.31
CA GLY I 63 -15.89 27.00 -28.40
C GLY I 63 -16.45 27.09 -29.83
N LYS I 64 -15.63 27.55 -30.78
CA LYS I 64 -16.04 27.70 -32.16
C LYS I 64 -14.86 27.48 -33.10
N LEU I 65 -15.13 26.88 -34.26
CA LEU I 65 -14.18 26.88 -35.36
C LEU I 65 -14.74 27.58 -36.58
N LEU I 66 -13.88 28.33 -37.26
CA LEU I 66 -14.19 28.88 -38.56
C LEU I 66 -13.26 28.21 -39.56
N LEU I 67 -13.82 27.46 -40.50
CA LEU I 67 -12.99 26.84 -41.50
C LEU I 67 -13.08 27.64 -42.80
N PHE I 68 -11.97 27.70 -43.52
CA PHE I 68 -11.91 28.30 -44.84
C PHE I 68 -11.10 27.38 -45.74
N ASP I 69 -11.64 27.09 -46.92
CA ASP I 69 -11.00 26.24 -47.92
C ASP I 69 -11.78 26.38 -49.22
N TYR I 70 -11.09 26.36 -50.35
CA TYR I 70 -11.74 26.47 -51.65
C TYR I 70 -11.88 25.08 -52.30
N ASP I 71 -11.16 24.06 -51.83
CA ASP I 71 -11.06 22.83 -52.61
C ASP I 71 -12.06 21.76 -52.14
N LYS I 72 -12.30 20.81 -53.03
CA LYS I 72 -13.14 19.65 -52.78
C LYS I 72 -12.25 18.46 -52.41
N VAL I 73 -12.81 17.56 -51.59
CA VAL I 73 -12.19 16.29 -51.28
C VAL I 73 -12.07 15.42 -52.52
N GLU I 74 -10.87 14.87 -52.72
CA GLU I 74 -10.51 13.97 -53.81
C GLU I 74 -9.94 12.66 -53.23
N LEU I 75 -9.91 11.60 -54.05
CA LEU I 75 -9.32 10.33 -53.67
C LEU I 75 -7.81 10.44 -53.46
N ALA I 76 -7.17 11.33 -54.18
CA ALA I 76 -5.76 11.59 -53.99
C ALA I 76 -5.46 12.14 -52.59
N ASN I 77 -6.49 12.55 -51.83
CA ASN I 77 -6.27 13.05 -50.48
C ASN I 77 -6.35 11.92 -49.46
N MET I 78 -6.66 10.70 -49.93
CA MET I 78 -6.92 9.59 -49.03
C MET I 78 -5.64 9.03 -48.40
N ASN I 79 -4.47 9.55 -48.78
CA ASN I 79 -3.21 9.17 -48.17
C ASN I 79 -3.07 9.90 -46.84
N ARG I 80 -3.86 10.94 -46.67
CA ARG I 80 -3.79 11.70 -45.44
C ARG I 80 -5.02 11.34 -44.59
N LEU I 81 -4.99 11.72 -43.31
CA LEU I 81 -6.02 11.40 -42.35
C LEU I 81 -7.31 12.19 -42.59
N PHE I 82 -8.37 11.73 -41.91
CA PHE I 82 -9.61 12.44 -41.65
C PHE I 82 -10.66 12.11 -42.72
N PHE I 83 -10.48 12.66 -43.92
CA PHE I 83 -11.40 12.46 -45.01
C PHE I 83 -11.44 10.99 -45.44
N GLN I 84 -12.63 10.54 -45.79
CA GLN I 84 -12.89 9.16 -46.19
C GLN I 84 -13.38 9.22 -47.61
N PRO I 85 -13.18 8.15 -48.42
CA PRO I 85 -13.53 8.14 -49.84
C PRO I 85 -14.96 8.50 -50.23
N HIS I 86 -15.89 8.28 -49.30
CA HIS I 86 -17.30 8.59 -49.53
C HIS I 86 -17.52 10.09 -49.49
N GLN I 87 -16.47 10.82 -49.12
CA GLN I 87 -16.59 12.26 -49.07
C GLN I 87 -16.00 12.86 -50.34
N ALA I 88 -15.58 12.01 -51.29
CA ALA I 88 -15.09 12.52 -52.56
C ALA I 88 -16.21 13.33 -53.23
N GLY I 89 -15.81 14.45 -53.84
CA GLY I 89 -16.73 15.35 -54.52
C GLY I 89 -17.16 16.53 -53.64
N LEU I 90 -17.33 16.28 -52.33
CA LEU I 90 -17.75 17.27 -51.37
C LEU I 90 -16.66 18.32 -51.14
N SER I 91 -17.06 19.52 -50.74
CA SER I 91 -16.09 20.53 -50.37
C SER I 91 -15.45 20.12 -49.05
N LYS I 92 -14.17 20.46 -48.87
CA LYS I 92 -13.51 20.10 -47.63
C LYS I 92 -14.26 20.68 -46.44
N VAL I 93 -14.66 21.96 -46.52
CA VAL I 93 -15.23 22.63 -45.36
C VAL I 93 -16.56 21.96 -44.99
N GLN I 94 -17.25 21.47 -46.02
CA GLN I 94 -18.58 20.92 -45.86
C GLN I 94 -18.48 19.51 -45.27
N ALA I 95 -17.60 18.69 -45.88
CA ALA I 95 -17.35 17.34 -45.39
C ALA I 95 -16.88 17.41 -43.93
N ALA I 96 -15.94 18.33 -43.67
CA ALA I 96 -15.37 18.53 -42.35
C ALA I 96 -16.43 18.94 -41.34
N GLU I 97 -17.20 20.02 -41.63
CA GLU I 97 -18.30 20.42 -40.74
C GLU I 97 -19.17 19.22 -40.37
N HIS I 98 -19.62 18.44 -41.36
CA HIS I 98 -20.50 17.31 -41.13
C HIS I 98 -19.90 16.30 -40.13
N THR I 99 -18.67 15.87 -40.39
CA THR I 99 -18.00 14.91 -39.53
C THR I 99 -17.76 15.49 -38.14
N LEU I 100 -17.22 16.72 -38.07
CA LEU I 100 -16.83 17.34 -36.81
C LEU I 100 -18.03 17.58 -35.91
N ARG I 101 -19.18 17.91 -36.52
CA ARG I 101 -20.40 18.13 -35.77
CA ARG I 101 -20.41 18.12 -35.79
C ARG I 101 -20.83 16.80 -35.16
N ASN I 102 -20.63 15.71 -35.90
CA ASN I 102 -20.97 14.39 -35.38
C ASN I 102 -20.07 14.03 -34.19
N ILE I 103 -18.81 14.48 -34.21
CA ILE I 103 -17.85 14.14 -33.19
C ILE I 103 -18.13 14.93 -31.90
N ASN I 104 -18.37 16.23 -32.02
CA ASN I 104 -18.65 17.04 -30.84
C ASN I 104 -19.75 18.05 -31.15
N PRO I 105 -21.01 17.73 -30.76
CA PRO I 105 -22.13 18.66 -30.94
C PRO I 105 -22.05 20.00 -30.19
N ASP I 106 -21.18 20.12 -29.19
CA ASP I 106 -21.04 21.31 -28.38
C ASP I 106 -20.28 22.42 -29.11
N VAL I 107 -19.65 22.11 -30.23
CA VAL I 107 -18.75 23.05 -30.88
C VAL I 107 -19.54 23.81 -31.95
N LEU I 108 -19.35 25.14 -32.04
CA LEU I 108 -19.98 25.93 -33.10
C LEU I 108 -19.09 25.95 -34.33
N PHE I 109 -19.72 25.98 -35.52
CA PHE I 109 -18.96 26.03 -36.76
C PHE I 109 -19.49 27.13 -37.67
N GLU I 110 -18.59 27.67 -38.46
CA GLU I 110 -18.83 28.65 -39.48
C GLU I 110 -17.87 28.30 -40.63
N VAL I 111 -18.41 27.81 -41.76
CA VAL I 111 -17.60 27.35 -42.88
C VAL I 111 -17.71 28.29 -44.06
N HIS I 112 -16.64 28.36 -44.87
CA HIS I 112 -16.51 29.30 -45.95
C HIS I 112 -15.76 28.63 -47.09
N ASN I 113 -16.49 28.36 -48.18
CA ASN I 113 -16.00 27.58 -49.29
C ASN I 113 -15.47 28.53 -50.36
N TYR I 114 -14.42 29.30 -50.02
CA TYR I 114 -13.84 30.22 -50.99
C TYR I 114 -12.32 30.35 -50.85
N ASN I 115 -11.73 30.92 -51.90
CA ASN I 115 -10.31 31.22 -51.98
C ASN I 115 -10.04 32.53 -51.25
N ILE I 116 -9.17 32.47 -50.25
CA ILE I 116 -8.96 33.56 -49.30
C ILE I 116 -8.20 34.72 -49.94
N THR I 117 -7.57 34.49 -51.09
CA THR I 117 -6.63 35.44 -51.65
C THR I 117 -7.23 36.41 -52.68
N THR I 118 -8.48 36.20 -53.13
CA THR I 118 -9.10 37.07 -54.14
C THR I 118 -9.69 38.31 -53.47
N VAL I 119 -9.70 39.43 -54.23
CA VAL I 119 -9.92 40.79 -53.72
C VAL I 119 -11.13 40.88 -52.78
N GLU I 120 -12.29 40.40 -53.22
CA GLU I 120 -13.53 40.56 -52.46
C GLU I 120 -13.59 39.57 -51.30
N ASN I 121 -13.07 38.36 -51.53
CA ASN I 121 -13.05 37.33 -50.50
C ASN I 121 -12.20 37.75 -49.31
N PHE I 122 -11.13 38.51 -49.58
CA PHE I 122 -10.16 38.97 -48.60
C PHE I 122 -10.79 39.94 -47.61
N GLN I 123 -11.67 40.80 -48.12
CA GLN I 123 -12.48 41.69 -47.29
C GLN I 123 -13.32 40.86 -46.33
N HIS I 124 -13.95 39.80 -46.86
CA HIS I 124 -14.85 38.96 -46.08
C HIS I 124 -14.07 38.24 -44.99
N PHE I 125 -12.96 37.61 -45.41
CA PHE I 125 -12.03 36.93 -44.53
C PHE I 125 -11.63 37.82 -43.36
N MET I 126 -11.21 39.05 -43.67
CA MET I 126 -10.85 40.01 -42.63
C MET I 126 -12.01 40.33 -41.70
N ASP I 127 -13.24 40.41 -42.25
CA ASP I 127 -14.42 40.68 -41.45
C ASP I 127 -14.60 39.57 -40.42
N ARG I 128 -14.50 38.32 -40.89
CA ARG I 128 -14.78 37.18 -40.04
C ARG I 128 -13.69 36.96 -38.97
N ILE I 129 -12.45 37.36 -39.24
CA ILE I 129 -11.40 37.33 -38.23
C ILE I 129 -11.76 38.31 -37.12
N SER I 130 -12.29 39.47 -37.51
CA SER I 130 -12.54 40.61 -36.62
C SER I 130 -13.82 40.43 -35.82
N ASN I 131 -14.82 39.75 -36.43
CA ASN I 131 -16.16 39.67 -35.87
C ASN I 131 -16.67 38.22 -35.73
N GLY I 132 -15.91 37.25 -36.25
CA GLY I 132 -16.39 35.87 -36.25
C GLY I 132 -16.08 35.13 -34.96
N GLY I 133 -15.60 35.85 -33.93
CA GLY I 133 -15.36 35.31 -32.61
C GLY I 133 -16.60 34.63 -32.03
N LEU I 134 -16.48 34.12 -30.80
CA LEU I 134 -17.53 33.31 -30.20
C LEU I 134 -18.81 34.12 -30.06
N GLU I 135 -18.69 35.33 -29.46
CA GLU I 135 -19.70 36.38 -29.53
C GLU I 135 -19.47 37.21 -30.80
N GLU I 136 -20.55 37.41 -31.59
CA GLU I 136 -20.48 38.14 -32.87
C GLU I 136 -20.06 39.58 -32.60
N GLY I 137 -19.15 40.10 -33.43
CA GLY I 137 -18.56 41.41 -33.18
C GLY I 137 -17.15 41.35 -32.61
N LYS I 138 -16.89 40.35 -31.75
CA LYS I 138 -15.57 40.13 -31.15
C LYS I 138 -14.69 39.34 -32.13
N PRO I 139 -13.34 39.49 -32.12
CA PRO I 139 -12.46 38.70 -33.00
C PRO I 139 -12.26 37.24 -32.56
N VAL I 140 -11.85 36.39 -33.50
CA VAL I 140 -11.39 35.05 -33.16
C VAL I 140 -10.13 35.18 -32.29
N ASP I 141 -9.92 34.23 -31.37
CA ASP I 141 -8.80 34.28 -30.44
C ASP I 141 -7.48 33.92 -31.11
N LEU I 142 -7.56 33.11 -32.19
CA LEU I 142 -6.41 32.59 -32.89
C LEU I 142 -6.82 32.26 -34.32
N VAL I 143 -5.91 32.50 -35.27
CA VAL I 143 -6.06 32.04 -36.65
C VAL I 143 -5.00 30.98 -36.91
N LEU I 144 -5.34 29.92 -37.62
CA LEU I 144 -4.34 28.90 -37.90
C LEU I 144 -4.16 28.78 -39.41
N SER I 145 -2.93 28.99 -39.85
CA SER I 145 -2.66 28.86 -41.25
C SER I 145 -2.20 27.42 -41.49
N CYS I 146 -3.00 26.68 -42.26
CA CYS I 146 -2.68 25.32 -42.64
C CYS I 146 -2.82 25.20 -44.13
N VAL I 147 -2.40 26.25 -44.84
CA VAL I 147 -2.43 26.29 -46.29
C VAL I 147 -1.11 25.73 -46.79
N ASP I 148 -0.98 25.54 -48.10
CA ASP I 148 0.16 24.87 -48.71
C ASP I 148 0.88 25.75 -49.72
N ASN I 149 0.71 27.07 -49.64
CA ASN I 149 1.33 27.96 -50.62
C ASN I 149 1.72 29.30 -49.96
N PHE I 150 2.73 29.92 -50.53
CA PHE I 150 3.27 31.19 -50.06
C PHE I 150 2.21 32.30 -50.12
N GLU I 151 1.49 32.42 -51.25
CA GLU I 151 0.55 33.50 -51.47
C GLU I 151 -0.53 33.55 -50.40
N ALA I 152 -1.12 32.39 -50.07
CA ALA I 152 -2.16 32.32 -49.05
C ALA I 152 -1.61 32.69 -47.68
N ARG I 153 -0.34 32.28 -47.42
CA ARG I 153 0.34 32.54 -46.15
C ARG I 153 0.61 34.05 -46.04
N MET I 154 1.02 34.65 -47.17
CA MET I 154 1.32 36.08 -47.20
C MET I 154 0.03 36.87 -47.00
N THR I 155 -1.07 36.36 -47.56
CA THR I 155 -2.37 36.94 -47.36
C THR I 155 -2.73 36.96 -45.87
N ILE I 156 -2.59 35.81 -45.19
CA ILE I 156 -2.98 35.75 -43.78
C ILE I 156 -2.12 36.74 -43.03
N ASN I 157 -0.84 36.82 -43.42
CA ASN I 157 0.13 37.69 -42.77
C ASN I 157 -0.34 39.15 -42.83
N THR I 158 -0.75 39.57 -44.04
CA THR I 158 -1.19 40.93 -44.29
C THR I 158 -2.40 41.25 -43.40
N ALA I 159 -3.40 40.36 -43.44
CA ALA I 159 -4.61 40.56 -42.65
C ALA I 159 -4.25 40.70 -41.17
N CYS I 160 -3.31 39.85 -40.70
CA CYS I 160 -3.07 39.71 -39.28
C CYS I 160 -2.19 40.84 -38.74
N ASN I 161 -1.35 41.39 -39.60
CA ASN I 161 -0.55 42.54 -39.21
C ASN I 161 -1.44 43.76 -39.07
N GLU I 162 -2.35 43.92 -40.03
CA GLU I 162 -3.28 45.03 -40.01
C GLU I 162 -4.15 44.97 -38.75
N LEU I 163 -4.69 43.78 -38.42
CA LEU I 163 -5.67 43.68 -37.34
C LEU I 163 -4.97 43.51 -36.01
N GLY I 164 -3.69 43.15 -36.03
CA GLY I 164 -2.99 42.83 -34.80
C GLY I 164 -3.50 41.51 -34.21
N GLN I 165 -3.66 40.50 -35.08
CA GLN I 165 -4.22 39.21 -34.74
C GLN I 165 -3.10 38.18 -34.59
N THR I 166 -3.04 37.57 -33.39
CA THR I 166 -2.12 36.49 -33.13
C THR I 166 -2.50 35.27 -33.96
N TRP I 167 -1.52 34.65 -34.61
CA TRP I 167 -1.80 33.45 -35.37
C TRP I 167 -0.63 32.47 -35.39
N MET I 168 -0.93 31.23 -35.81
CA MET I 168 0.05 30.20 -35.95
C MET I 168 0.09 29.75 -37.40
N GLU I 169 1.31 29.66 -37.92
CA GLU I 169 1.57 29.22 -39.28
C GLU I 169 2.22 27.83 -39.23
N SER I 170 1.61 26.89 -39.94
CA SER I 170 2.13 25.54 -39.99
C SER I 170 2.30 25.11 -41.44
N GLY I 171 3.31 24.28 -41.70
CA GLY I 171 3.61 23.82 -43.05
C GLY I 171 4.28 22.44 -43.06
N VAL I 172 4.18 21.78 -44.23
CA VAL I 172 4.83 20.51 -44.48
C VAL I 172 5.51 20.61 -45.83
N SER I 173 6.79 20.21 -45.93
CA SER I 173 7.53 20.17 -47.18
C SER I 173 6.81 19.38 -48.28
N GLU I 174 7.12 19.72 -49.53
CA GLU I 174 6.57 19.08 -50.71
C GLU I 174 7.11 17.65 -50.84
N ASN I 175 8.14 17.30 -50.05
CA ASN I 175 8.72 15.96 -50.11
C ASN I 175 8.31 15.14 -48.88
N ALA I 176 7.45 15.72 -48.05
CA ALA I 176 6.68 15.01 -47.04
C ALA I 176 7.49 14.74 -45.77
N VAL I 177 8.79 15.02 -45.77
CA VAL I 177 9.57 14.56 -44.62
C VAL I 177 10.01 15.69 -43.68
N SER I 178 9.45 16.90 -43.80
CA SER I 178 9.73 17.95 -42.84
C SER I 178 8.56 18.89 -42.67
N GLY I 179 8.56 19.65 -41.57
CA GLY I 179 7.50 20.61 -41.30
C GLY I 179 7.76 21.42 -40.04
N HIS I 180 6.91 22.42 -39.79
CA HIS I 180 7.14 23.28 -38.64
C HIS I 180 5.83 23.93 -38.23
N ILE I 181 5.90 24.54 -37.04
CA ILE I 181 4.86 25.42 -36.58
C ILE I 181 5.56 26.69 -36.15
N GLN I 182 4.85 27.82 -36.27
CA GLN I 182 5.40 29.12 -35.96
C GLN I 182 4.33 30.00 -35.32
N LEU I 183 4.62 30.54 -34.13
CA LEU I 183 3.69 31.47 -33.53
C LEU I 183 4.04 32.92 -33.91
N ILE I 184 3.06 33.66 -34.44
CA ILE I 184 3.23 35.07 -34.78
C ILE I 184 2.34 35.95 -33.91
N ILE I 185 2.97 36.77 -33.07
CA ILE I 185 2.26 37.80 -32.32
C ILE I 185 2.71 39.14 -32.91
N PRO I 186 1.94 39.75 -33.84
CA PRO I 186 2.42 40.92 -34.59
C PRO I 186 2.99 41.97 -33.65
N GLY I 187 4.26 42.33 -33.89
CA GLY I 187 4.95 43.32 -33.08
C GLY I 187 5.87 42.72 -32.03
N GLU I 188 5.51 41.55 -31.49
CA GLU I 188 6.24 40.91 -30.39
C GLU I 188 7.18 39.85 -30.96
N SER I 189 6.65 39.05 -31.88
CA SER I 189 7.44 38.04 -32.59
C SER I 189 7.44 38.30 -34.09
N ALA I 190 8.36 37.62 -34.79
CA ALA I 190 8.57 37.83 -36.20
C ALA I 190 7.29 37.49 -36.94
N CYS I 191 6.91 38.32 -37.90
CA CYS I 191 5.79 37.99 -38.78
C CYS I 191 6.34 37.17 -39.93
N PHE I 192 5.44 36.66 -40.77
CA PHE I 192 5.84 35.84 -41.89
C PHE I 192 6.77 36.58 -42.85
N ALA I 193 6.69 37.91 -42.91
CA ALA I 193 7.49 38.59 -43.92
C ALA I 193 8.90 38.92 -43.42
N CYS I 194 9.07 38.85 -42.08
CA CYS I 194 10.27 39.20 -41.33
C CYS I 194 11.51 38.35 -41.70
N ALA I 195 11.33 37.13 -42.20
CA ALA I 195 12.47 36.27 -42.54
C ALA I 195 12.08 35.35 -43.70
N PRO I 196 13.03 34.97 -44.59
CA PRO I 196 12.68 34.18 -45.76
C PRO I 196 12.38 32.74 -45.34
N PRO I 197 11.36 32.08 -45.91
CA PRO I 197 11.08 30.67 -45.66
C PRO I 197 12.27 29.72 -45.85
N LEU I 198 13.06 29.97 -46.89
CA LEU I 198 14.20 29.13 -47.24
C LEU I 198 15.23 29.14 -46.12
N VAL I 199 15.35 30.30 -45.46
CA VAL I 199 16.37 30.45 -44.44
C VAL I 199 15.92 29.76 -43.16
N VAL I 200 14.63 29.94 -42.84
CA VAL I 200 13.97 29.46 -41.65
C VAL I 200 14.09 27.94 -41.59
N ALA I 201 14.01 27.31 -42.78
CA ALA I 201 13.95 25.86 -42.92
C ALA I 201 15.31 25.28 -43.32
N ALA I 202 16.40 26.06 -43.20
CA ALA I 202 17.70 25.64 -43.71
C ALA I 202 18.15 24.34 -43.03
N ASN I 203 17.86 24.24 -41.72
CA ASN I 203 18.35 23.11 -40.96
C ASN I 203 17.39 21.92 -41.00
N ILE I 204 16.24 22.00 -41.70
CA ILE I 204 15.29 20.89 -41.66
C ILE I 204 14.80 20.43 -43.03
N ASP I 205 15.00 21.20 -44.10
CA ASP I 205 14.45 20.81 -45.39
C ASP I 205 15.38 19.83 -46.10
N GLU I 206 14.89 18.61 -46.35
CA GLU I 206 15.60 17.63 -47.17
C GLU I 206 15.62 18.11 -48.61
N LYS I 207 16.81 18.11 -49.23
CA LYS I 207 16.88 18.64 -50.57
C LYS I 207 16.92 17.49 -51.58
N THR I 208 16.00 17.55 -52.53
CA THR I 208 15.79 16.54 -53.56
C THR I 208 16.87 16.66 -54.64
N LEU I 209 17.48 15.53 -54.99
CA LEU I 209 18.64 15.43 -55.86
C LEU I 209 18.23 15.69 -57.32
N CYS I 215 3.51 16.15 -58.86
CA CYS I 215 2.84 16.57 -57.62
C CYS I 215 3.76 16.42 -56.42
N ALA I 216 3.40 17.12 -55.34
CA ALA I 216 4.10 17.02 -54.08
C ALA I 216 3.74 15.68 -53.42
N ALA I 217 4.67 15.16 -52.63
CA ALA I 217 4.37 13.97 -51.85
C ALA I 217 3.79 14.39 -50.51
N SER I 218 3.07 13.49 -49.85
CA SER I 218 2.63 13.73 -48.49
C SER I 218 2.46 12.40 -47.77
N LEU I 219 2.54 12.43 -46.46
CA LEU I 219 2.48 11.25 -45.61
C LEU I 219 1.55 11.56 -44.46
N PRO I 220 0.76 10.58 -43.98
CA PRO I 220 -0.13 10.84 -42.86
C PRO I 220 0.69 11.02 -41.58
N THR I 221 1.86 10.40 -41.53
CA THR I 221 2.68 10.42 -40.33
C THR I 221 3.07 11.87 -40.04
N THR I 222 3.65 12.52 -41.05
CA THR I 222 4.19 13.86 -40.92
C THR I 222 3.07 14.85 -40.66
N MET I 223 1.91 14.62 -41.30
CA MET I 223 0.77 15.50 -41.15
C MET I 223 0.22 15.41 -39.72
N GLY I 224 0.16 14.18 -39.21
CA GLY I 224 -0.31 13.96 -37.85
C GLY I 224 0.63 14.57 -36.81
N VAL I 225 1.95 14.54 -37.07
CA VAL I 225 2.93 15.10 -36.16
C VAL I 225 2.79 16.62 -36.11
N VAL I 226 2.82 17.28 -37.28
CA VAL I 226 2.72 18.73 -37.36
C VAL I 226 1.40 19.22 -36.75
N ALA I 227 0.27 18.58 -37.10
CA ALA I 227 -1.04 18.94 -36.57
C ALA I 227 -1.03 18.79 -35.05
N GLY I 228 -0.43 17.68 -34.60
CA GLY I 228 -0.30 17.42 -33.19
C GLY I 228 0.46 18.54 -32.46
N ILE I 229 1.61 18.93 -33.00
CA ILE I 229 2.38 19.92 -32.26
C ILE I 229 1.67 21.27 -32.36
N LEU I 230 0.98 21.48 -33.48
CA LEU I 230 0.31 22.75 -33.70
C LEU I 230 -0.76 22.92 -32.64
N VAL I 231 -1.60 21.90 -32.46
CA VAL I 231 -2.73 22.06 -31.57
C VAL I 231 -2.25 22.02 -30.13
N GLN I 232 -1.13 21.33 -29.89
CA GLN I 232 -0.55 21.32 -28.56
C GLN I 232 -0.09 22.74 -28.20
N ASN I 233 0.52 23.43 -29.17
CA ASN I 233 0.95 24.80 -29.00
C ASN I 233 -0.28 25.68 -28.76
N VAL I 234 -1.36 25.42 -29.51
CA VAL I 234 -2.61 26.16 -29.35
C VAL I 234 -3.07 26.02 -27.91
N LEU I 235 -3.10 24.77 -27.42
CA LEU I 235 -3.72 24.48 -26.15
C LEU I 235 -2.89 25.13 -25.04
N LYS I 236 -1.57 25.06 -25.19
CA LYS I 236 -0.63 25.65 -24.24
C LYS I 236 -0.75 27.17 -24.23
N PHE I 237 -0.99 27.78 -25.41
CA PHE I 237 -1.14 29.21 -25.56
C PHE I 237 -2.44 29.69 -24.92
N LEU I 238 -3.56 29.01 -25.18
CA LEU I 238 -4.86 29.46 -24.69
C LEU I 238 -5.08 29.12 -23.22
N LEU I 239 -4.59 27.97 -22.75
CA LEU I 239 -4.92 27.51 -21.41
C LEU I 239 -3.79 27.78 -20.41
N ASN I 240 -2.67 28.39 -20.87
CA ASN I 240 -1.52 28.82 -20.06
C ASN I 240 -0.88 27.70 -19.23
N PHE I 241 -0.50 26.60 -19.90
CA PHE I 241 0.31 25.57 -19.28
C PHE I 241 1.51 25.31 -20.18
N GLY I 242 2.61 24.84 -19.58
CA GLY I 242 3.80 24.49 -20.33
C GLY I 242 4.50 25.71 -20.92
N THR I 243 5.40 25.45 -21.88
CA THR I 243 6.14 26.47 -22.61
C THR I 243 5.60 26.53 -24.04
N VAL I 244 5.25 27.74 -24.49
CA VAL I 244 4.80 27.91 -25.84
C VAL I 244 6.03 28.02 -26.72
N SER I 245 6.01 27.35 -27.88
CA SER I 245 7.09 27.47 -28.84
C SER I 245 6.79 28.60 -29.82
N PHE I 246 7.78 29.47 -30.08
CA PHE I 246 7.62 30.49 -31.11
C PHE I 246 7.95 29.90 -32.47
N TYR I 247 8.72 28.81 -32.48
CA TYR I 247 9.00 28.04 -33.68
C TYR I 247 9.42 26.64 -33.30
N LEU I 248 8.90 25.65 -34.03
CA LEU I 248 9.24 24.25 -33.80
C LEU I 248 9.23 23.53 -35.14
N GLY I 249 10.43 23.13 -35.56
CA GLY I 249 10.59 22.39 -36.81
C GLY I 249 10.54 20.89 -36.56
N TYR I 250 10.59 20.15 -37.65
CA TYR I 250 10.58 18.70 -37.56
C TYR I 250 11.24 18.14 -38.81
N ASN I 251 12.31 17.38 -38.61
CA ASN I 251 12.83 16.55 -39.68
C ASN I 251 12.52 15.08 -39.40
N ALA I 252 11.79 14.47 -40.32
CA ALA I 252 11.38 13.07 -40.22
C ALA I 252 12.54 12.12 -40.52
N MET I 253 13.50 12.55 -41.37
CA MET I 253 14.64 11.70 -41.74
C MET I 253 15.55 11.40 -40.55
N GLN I 254 15.85 12.42 -39.73
CA GLN I 254 16.81 12.29 -38.66
C GLN I 254 16.18 12.55 -37.29
N ASP I 255 14.85 12.64 -37.21
CA ASP I 255 14.12 12.80 -35.95
C ASP I 255 14.60 14.03 -35.17
N PHE I 256 14.69 15.16 -35.88
CA PHE I 256 15.30 16.40 -35.40
C PHE I 256 14.19 17.43 -35.24
N PHE I 257 14.12 18.05 -34.05
CA PHE I 257 13.03 18.95 -33.70
C PHE I 257 13.56 20.30 -33.20
N PRO I 258 14.21 21.12 -34.05
CA PRO I 258 14.79 22.39 -33.58
C PRO I 258 13.73 23.41 -33.17
N THR I 259 14.00 24.10 -32.06
CA THR I 259 13.25 25.30 -31.71
C THR I 259 14.11 26.55 -31.92
N MET I 260 13.47 27.70 -32.10
CA MET I 260 14.17 28.98 -32.05
C MET I 260 13.13 30.06 -31.75
N SER I 261 13.55 31.12 -31.08
CA SER I 261 12.66 32.27 -30.96
C SER I 261 13.10 33.30 -31.99
N MET I 262 12.14 33.80 -32.78
CA MET I 262 12.43 34.72 -33.86
CA MET I 262 12.44 34.72 -33.85
C MET I 262 11.89 36.10 -33.49
N LYS I 263 12.77 37.10 -33.49
CA LYS I 263 12.37 38.41 -33.04
C LYS I 263 11.99 39.20 -34.28
N PRO I 264 11.15 40.24 -34.16
CA PRO I 264 10.71 40.96 -35.35
C PRO I 264 11.86 41.67 -36.08
N ASN I 265 11.78 41.71 -37.40
CA ASN I 265 12.72 42.40 -38.27
C ASN I 265 12.31 43.85 -38.39
N PRO I 266 13.11 44.82 -37.89
CA PRO I 266 12.79 46.24 -37.97
C PRO I 266 12.67 46.82 -39.37
N GLN I 267 13.21 46.13 -40.39
CA GLN I 267 13.05 46.57 -41.77
C GLN I 267 12.06 45.68 -42.53
N CYS I 268 11.11 45.09 -41.82
CA CYS I 268 10.16 44.16 -42.41
C CYS I 268 9.40 44.81 -43.57
N ASP I 269 9.10 44.03 -44.61
CA ASP I 269 8.29 44.44 -45.76
C ASP I 269 6.95 45.05 -45.35
N ASP I 270 6.29 44.46 -44.36
CA ASP I 270 4.94 44.84 -43.97
C ASP I 270 5.02 46.06 -43.07
N ARG I 271 4.45 47.17 -43.56
CA ARG I 271 4.40 48.44 -42.85
C ARG I 271 3.64 48.27 -41.53
N ASN I 272 2.72 47.31 -41.51
CA ASN I 272 1.89 47.14 -40.33
C ASN I 272 2.71 46.43 -39.25
N CYS I 273 3.56 45.49 -39.68
CA CYS I 273 4.45 44.80 -38.77
C CYS I 273 5.34 45.85 -38.12
N ARG I 274 5.87 46.77 -38.95
CA ARG I 274 6.71 47.89 -38.50
C ARG I 274 5.95 48.72 -37.46
N LYS I 275 4.72 49.09 -37.80
CA LYS I 275 3.79 49.79 -36.93
C LYS I 275 3.61 49.02 -35.63
N GLN I 276 3.30 47.72 -35.71
CA GLN I 276 3.01 46.90 -34.54
C GLN I 276 4.23 46.81 -33.63
N GLN I 277 5.43 46.78 -34.23
CA GLN I 277 6.68 46.69 -33.48
C GLN I 277 6.88 47.95 -32.65
N GLU I 278 6.67 49.12 -33.28
CA GLU I 278 6.79 50.39 -32.59
C GLU I 278 5.84 50.42 -31.41
N GLU I 279 4.60 49.98 -31.66
CA GLU I 279 3.52 49.91 -30.70
C GLU I 279 3.88 49.01 -29.52
N TYR I 280 4.51 47.86 -29.80
CA TYR I 280 4.86 46.91 -28.75
C TYR I 280 6.00 47.48 -27.89
N LYS I 281 6.96 48.15 -28.54
CA LYS I 281 8.13 48.71 -27.87
C LYS I 281 7.70 49.82 -26.91
N LYS I 282 6.65 50.59 -27.26
CA LYS I 282 6.13 51.67 -26.44
C LYS I 282 5.41 51.10 -25.22
N LYS I 283 4.54 50.10 -25.45
CA LYS I 283 3.81 49.38 -24.41
C LYS I 283 4.75 48.77 -23.36
N VAL I 284 6.04 48.61 -23.70
CA VAL I 284 7.08 48.18 -22.77
C VAL I 284 7.67 49.37 -22.04
N ALA I 285 8.10 50.40 -22.80
CA ALA I 285 8.87 51.50 -22.26
C ALA I 285 7.95 52.70 -21.98
N GLY J 1 -17.52 4.93 -51.62
CA GLY J 1 -16.79 3.63 -51.80
C GLY J 1 -15.66 3.75 -52.82
N ARG J 2 -14.62 2.91 -52.65
CA ARG J 2 -13.41 2.95 -53.44
C ARG J 2 -13.16 1.54 -53.98
N VAL J 3 -12.72 1.43 -55.24
CA VAL J 3 -12.44 0.13 -55.86
C VAL J 3 -10.95 -0.22 -55.69
N ARG J 4 -10.63 -1.52 -55.83
CA ARG J 4 -9.35 -2.07 -55.38
C ARG J 4 -8.25 -1.94 -56.43
N ILE J 5 -7.01 -1.66 -55.96
CA ILE J 5 -5.84 -1.38 -56.78
C ILE J 5 -4.85 -2.54 -56.72
N GLU J 6 -4.54 -3.13 -57.88
CA GLU J 6 -3.79 -4.38 -58.02
C GLU J 6 -2.28 -4.14 -58.03
N LYS J 7 -1.84 -3.02 -58.61
CA LYS J 7 -0.46 -2.56 -58.47
C LYS J 7 -0.48 -1.05 -58.28
N MET J 8 0.18 -0.58 -57.22
CA MET J 8 0.20 0.84 -56.86
C MET J 8 0.69 1.67 -58.04
N SER J 9 -0.06 2.75 -58.36
CA SER J 9 0.24 3.55 -59.53
C SER J 9 0.90 4.88 -59.17
N SER J 10 1.83 5.34 -60.02
CA SER J 10 2.47 6.64 -59.84
C SER J 10 1.64 7.76 -60.46
N GLU J 11 0.57 7.40 -61.18
CA GLU J 11 -0.17 8.31 -62.04
C GLU J 11 -0.73 9.48 -61.23
N VAL J 12 -0.44 10.71 -61.69
CA VAL J 12 -0.86 11.89 -60.95
C VAL J 12 -2.27 12.30 -61.39
N VAL J 13 -3.29 11.60 -60.85
CA VAL J 13 -4.70 11.93 -61.07
C VAL J 13 -5.40 12.02 -59.72
N ASP J 14 -6.56 12.69 -59.72
CA ASP J 14 -7.32 12.94 -58.50
C ASP J 14 -7.97 11.66 -57.99
N SER J 15 -8.04 10.63 -58.85
CA SER J 15 -8.68 9.36 -58.50
C SER J 15 -7.70 8.36 -57.87
N ASN J 16 -6.41 8.73 -57.78
CA ASN J 16 -5.35 7.84 -57.32
C ASN J 16 -5.01 8.13 -55.85
N PRO J 17 -5.43 7.25 -54.91
CA PRO J 17 -5.18 7.48 -53.48
C PRO J 17 -3.74 7.21 -53.07
N TYR J 18 -2.92 6.77 -54.02
CA TYR J 18 -1.53 6.40 -53.77
C TYR J 18 -0.59 7.41 -54.43
N SER J 19 -1.16 8.34 -55.22
CA SER J 19 -0.37 9.23 -56.06
C SER J 19 0.63 10.03 -55.23
N ARG J 20 0.18 10.55 -54.09
CA ARG J 20 1.04 11.39 -53.27
C ARG J 20 2.04 10.56 -52.45
N LEU J 21 1.79 9.24 -52.35
CA LEU J 21 2.71 8.37 -51.63
C LEU J 21 3.82 7.92 -52.58
N MET J 22 3.42 7.57 -53.80
CA MET J 22 4.32 7.06 -54.82
C MET J 22 5.20 8.18 -55.34
N ALA J 23 4.82 9.43 -55.06
CA ALA J 23 5.63 10.61 -55.36
C ALA J 23 6.98 10.59 -54.62
N LEU J 24 7.01 9.98 -53.42
CA LEU J 24 8.24 9.82 -52.66
C LEU J 24 9.28 9.08 -53.49
N LYS J 25 8.83 8.30 -54.50
CA LYS J 25 9.72 7.51 -55.35
C LYS J 25 10.56 8.41 -56.25
N ARG J 26 9.91 9.20 -57.09
CA ARG J 26 10.60 10.02 -58.07
C ARG J 26 11.29 11.19 -57.37
N MET J 27 10.94 11.41 -56.10
CA MET J 27 11.57 12.46 -55.32
C MET J 27 12.81 11.91 -54.61
N GLY J 28 13.06 10.60 -54.78
CA GLY J 28 14.25 9.92 -54.29
C GLY J 28 14.32 9.84 -52.76
N ILE J 29 13.17 9.97 -52.09
CA ILE J 29 13.11 9.91 -50.64
C ILE J 29 13.02 8.46 -50.22
N VAL J 30 12.03 7.76 -50.80
CA VAL J 30 11.83 6.35 -50.57
C VAL J 30 11.94 5.66 -51.93
N SER J 31 13.04 4.94 -52.12
CA SER J 31 13.38 4.32 -53.39
C SER J 31 12.28 3.36 -53.87
N ASP J 32 11.76 2.51 -52.97
CA ASP J 32 10.85 1.43 -53.35
C ASP J 32 9.62 1.42 -52.45
N TYR J 33 8.75 2.42 -52.61
CA TYR J 33 7.60 2.60 -51.73
C TYR J 33 6.60 1.46 -51.88
N GLU J 34 6.43 0.96 -53.13
CA GLU J 34 5.44 -0.07 -53.42
C GLU J 34 5.60 -1.27 -52.48
N LYS J 35 6.79 -1.43 -51.89
CA LYS J 35 7.05 -2.60 -51.07
C LYS J 35 6.25 -2.58 -49.76
N ILE J 36 5.61 -1.44 -49.46
CA ILE J 36 4.79 -1.36 -48.24
C ILE J 36 3.68 -2.41 -48.30
N ARG J 37 3.21 -2.69 -49.52
CA ARG J 37 2.14 -3.62 -49.84
CA ARG J 37 2.14 -3.62 -49.84
C ARG J 37 2.53 -5.04 -49.41
N THR J 38 3.84 -5.27 -49.15
CA THR J 38 4.34 -6.61 -48.88
C THR J 38 4.47 -6.91 -47.38
N PHE J 39 4.22 -5.94 -46.51
CA PHE J 39 4.46 -6.17 -45.10
C PHE J 39 3.15 -6.38 -44.33
N ALA J 40 3.26 -7.10 -43.22
CA ALA J 40 2.18 -7.27 -42.26
C ALA J 40 2.60 -6.73 -40.90
N VAL J 41 1.74 -5.94 -40.27
CA VAL J 41 2.04 -5.40 -38.96
C VAL J 41 0.92 -5.74 -37.99
N ALA J 42 1.31 -6.15 -36.78
CA ALA J 42 0.35 -6.41 -35.73
C ALA J 42 0.34 -5.24 -34.76
N ILE J 43 -0.86 -4.86 -34.30
CA ILE J 43 -1.02 -3.77 -33.34
C ILE J 43 -1.80 -4.27 -32.13
N VAL J 44 -1.18 -4.17 -30.97
CA VAL J 44 -1.84 -4.58 -29.75
C VAL J 44 -2.21 -3.31 -29.00
N GLY J 45 -3.52 -3.14 -28.79
CA GLY J 45 -4.06 -1.93 -28.23
C GLY J 45 -4.49 -0.95 -29.32
N VAL J 46 -5.79 -0.91 -29.62
CA VAL J 46 -6.29 0.02 -30.61
C VAL J 46 -7.05 1.11 -29.86
N GLY J 47 -6.35 1.77 -28.94
CA GLY J 47 -6.85 2.92 -28.24
C GLY J 47 -6.33 4.20 -28.90
N GLY J 48 -5.92 5.16 -28.06
CA GLY J 48 -5.54 6.49 -28.50
C GLY J 48 -4.42 6.42 -29.53
N VAL J 49 -3.33 5.74 -29.17
CA VAL J 49 -2.21 5.64 -30.09
C VAL J 49 -2.50 4.59 -31.17
N GLY J 50 -3.07 3.46 -30.74
CA GLY J 50 -3.25 2.31 -31.60
C GLY J 50 -4.11 2.57 -32.82
N SER J 51 -5.23 3.26 -32.61
CA SER J 51 -6.20 3.46 -33.65
C SER J 51 -5.63 4.37 -34.72
N VAL J 52 -4.98 5.46 -34.30
CA VAL J 52 -4.38 6.40 -35.24
C VAL J 52 -3.25 5.72 -36.02
N THR J 53 -2.48 4.91 -35.30
CA THR J 53 -1.39 4.13 -35.86
C THR J 53 -1.93 3.26 -37.00
N ALA J 54 -3.01 2.54 -36.71
CA ALA J 54 -3.67 1.69 -37.68
C ALA J 54 -4.19 2.51 -38.86
N GLU J 55 -4.72 3.71 -38.58
CA GLU J 55 -5.24 4.59 -39.62
C GLU J 55 -4.11 4.96 -40.57
N MET J 56 -2.98 5.38 -39.97
CA MET J 56 -1.83 5.86 -40.71
C MET J 56 -1.25 4.76 -41.62
N LEU J 57 -1.09 3.54 -41.07
CA LEU J 57 -0.55 2.44 -41.85
C LEU J 57 -1.51 2.05 -42.97
N THR J 58 -2.81 2.07 -42.67
CA THR J 58 -3.84 1.72 -43.62
C THR J 58 -3.81 2.71 -44.79
N ARG J 59 -3.68 4.00 -44.48
CA ARG J 59 -3.65 5.00 -45.54
C ARG J 59 -2.36 4.86 -46.36
N CYS J 60 -1.32 4.33 -45.73
CA CYS J 60 -0.04 4.21 -46.40
C CYS J 60 -0.05 3.06 -47.38
N GLY J 61 -0.97 2.11 -47.19
CA GLY J 61 -1.09 0.96 -48.05
C GLY J 61 -0.41 -0.31 -47.50
N ILE J 62 -0.25 -0.41 -46.18
CA ILE J 62 0.28 -1.63 -45.57
C ILE J 62 -0.43 -2.87 -46.11
N GLY J 63 0.32 -3.95 -46.34
CA GLY J 63 -0.22 -5.21 -46.80
C GLY J 63 -1.38 -5.73 -45.95
N LYS J 64 -1.15 -5.80 -44.62
CA LYS J 64 -2.06 -6.44 -43.69
C LYS J 64 -1.86 -5.88 -42.28
N LEU J 65 -2.98 -5.68 -41.56
CA LEU J 65 -2.92 -5.29 -40.16
C LEU J 65 -3.58 -6.37 -39.30
N LEU J 66 -2.97 -6.70 -38.15
CA LEU J 66 -3.59 -7.54 -37.15
C LEU J 66 -3.85 -6.68 -35.93
N LEU J 67 -5.13 -6.56 -35.57
CA LEU J 67 -5.48 -5.77 -34.41
C LEU J 67 -5.97 -6.68 -33.29
N PHE J 68 -5.47 -6.39 -32.08
CA PHE J 68 -5.87 -7.02 -30.84
C PHE J 68 -6.24 -5.98 -29.81
N ASP J 69 -7.38 -6.20 -29.17
CA ASP J 69 -7.88 -5.34 -28.13
C ASP J 69 -9.09 -6.03 -27.52
N TYR J 70 -9.30 -5.80 -26.23
CA TYR J 70 -10.33 -6.51 -25.49
C TYR J 70 -11.52 -5.57 -25.22
N ASP J 71 -11.39 -4.29 -25.58
CA ASP J 71 -12.24 -3.24 -25.02
C ASP J 71 -13.27 -2.73 -26.05
N LYS J 72 -14.39 -2.17 -25.55
CA LYS J 72 -15.44 -1.55 -26.37
C LYS J 72 -15.22 -0.04 -26.45
N VAL J 73 -15.63 0.57 -27.57
CA VAL J 73 -15.56 2.03 -27.75
C VAL J 73 -16.55 2.71 -26.79
N GLU J 74 -16.10 3.77 -26.15
CA GLU J 74 -16.96 4.47 -25.21
C GLU J 74 -16.95 5.95 -25.55
N LEU J 75 -17.90 6.71 -25.00
CA LEU J 75 -17.96 8.13 -25.26
C LEU J 75 -16.77 8.84 -24.61
N ALA J 76 -16.24 8.28 -23.51
CA ALA J 76 -15.06 8.77 -22.82
C ALA J 76 -13.81 8.68 -23.70
N ASN J 77 -13.88 7.88 -24.78
CA ASN J 77 -12.84 7.78 -25.79
C ASN J 77 -12.89 8.94 -26.78
N MET J 78 -13.95 9.76 -26.75
CA MET J 78 -14.15 10.69 -27.85
C MET J 78 -13.19 11.89 -27.77
N ASN J 79 -12.43 12.02 -26.68
CA ASN J 79 -11.44 13.08 -26.54
C ASN J 79 -10.20 12.80 -27.39
N ARG J 80 -10.06 11.55 -27.86
CA ARG J 80 -8.92 11.13 -28.66
C ARG J 80 -9.40 10.88 -30.09
N LEU J 81 -8.47 10.88 -31.04
CA LEU J 81 -8.82 10.77 -32.45
C LEU J 81 -9.40 9.40 -32.82
N PHE J 82 -9.90 9.33 -34.06
CA PHE J 82 -10.32 8.14 -34.80
C PHE J 82 -11.77 7.76 -34.56
N PHE J 83 -12.05 7.20 -33.38
CA PHE J 83 -13.39 6.72 -33.06
C PHE J 83 -14.39 7.88 -32.95
N GLN J 84 -15.60 7.62 -33.48
CA GLN J 84 -16.67 8.59 -33.58
C GLN J 84 -17.83 8.11 -32.74
N PRO J 85 -18.66 9.03 -32.20
CA PRO J 85 -19.67 8.68 -31.20
C PRO J 85 -20.68 7.60 -31.58
N HIS J 86 -21.00 7.51 -32.88
CA HIS J 86 -21.86 6.47 -33.38
C HIS J 86 -21.23 5.08 -33.31
N GLN J 87 -19.95 5.00 -32.91
CA GLN J 87 -19.30 3.70 -32.81
C GLN J 87 -19.32 3.23 -31.36
N ALA J 88 -19.78 4.09 -30.44
CA ALA J 88 -19.83 3.76 -29.02
C ALA J 88 -20.63 2.49 -28.81
N GLY J 89 -20.02 1.51 -28.11
CA GLY J 89 -20.64 0.21 -27.83
C GLY J 89 -20.06 -0.93 -28.68
N LEU J 90 -19.58 -0.62 -29.89
CA LEU J 90 -18.85 -1.58 -30.69
C LEU J 90 -17.51 -1.91 -30.02
N SER J 91 -16.99 -3.10 -30.31
CA SER J 91 -15.62 -3.40 -29.90
C SER J 91 -14.66 -2.52 -30.70
N LYS J 92 -13.55 -2.16 -30.04
CA LYS J 92 -12.56 -1.32 -30.67
C LYS J 92 -12.11 -1.94 -31.98
N VAL J 93 -11.84 -3.27 -31.97
CA VAL J 93 -11.29 -3.94 -33.14
C VAL J 93 -12.31 -3.95 -34.26
N GLN J 94 -13.59 -4.01 -33.90
CA GLN J 94 -14.60 -4.09 -34.93
C GLN J 94 -14.79 -2.71 -35.54
N ALA J 95 -14.96 -1.70 -34.69
CA ALA J 95 -15.16 -0.33 -35.15
C ALA J 95 -14.02 0.03 -36.09
N ALA J 96 -12.80 -0.29 -35.63
CA ALA J 96 -11.56 0.00 -36.33
C ALA J 96 -11.57 -0.67 -37.71
N GLU J 97 -11.75 -2.00 -37.76
CA GLU J 97 -11.74 -2.71 -39.03
C GLU J 97 -12.79 -2.11 -39.97
N HIS J 98 -13.96 -1.82 -39.42
CA HIS J 98 -15.07 -1.35 -40.22
C HIS J 98 -14.67 -0.06 -40.94
N THR J 99 -14.12 0.88 -40.18
CA THR J 99 -13.71 2.19 -40.67
C THR J 99 -12.55 2.04 -41.65
N LEU J 100 -11.57 1.23 -41.26
CA LEU J 100 -10.33 1.15 -42.02
C LEU J 100 -10.56 0.46 -43.36
N ARG J 101 -11.50 -0.49 -43.42
CA ARG J 101 -11.83 -1.20 -44.65
C ARG J 101 -12.50 -0.24 -45.62
N ASN J 102 -13.22 0.73 -45.05
CA ASN J 102 -13.83 1.78 -45.86
C ASN J 102 -12.75 2.73 -46.37
N ILE J 103 -11.75 3.01 -45.53
CA ILE J 103 -10.68 3.94 -45.88
C ILE J 103 -9.80 3.35 -47.00
N ASN J 104 -9.49 2.06 -46.91
CA ASN J 104 -8.60 1.46 -47.88
C ASN J 104 -8.96 -0.02 -48.07
N PRO J 105 -9.78 -0.37 -49.09
CA PRO J 105 -10.19 -1.76 -49.29
C PRO J 105 -9.08 -2.70 -49.76
N ASP J 106 -7.88 -2.17 -49.99
CA ASP J 106 -6.71 -2.93 -50.44
C ASP J 106 -6.05 -3.70 -49.29
N VAL J 107 -6.27 -3.26 -48.05
CA VAL J 107 -5.54 -3.77 -46.89
C VAL J 107 -6.26 -4.98 -46.31
N LEU J 108 -5.52 -6.05 -45.97
CA LEU J 108 -6.13 -7.22 -45.36
C LEU J 108 -6.20 -6.97 -43.86
N PHE J 109 -7.19 -7.56 -43.19
CA PHE J 109 -7.26 -7.32 -41.76
C PHE J 109 -7.52 -8.61 -41.00
N GLU J 110 -7.02 -8.68 -39.78
CA GLU J 110 -7.34 -9.77 -38.88
C GLU J 110 -7.52 -9.16 -37.50
N VAL J 111 -8.72 -9.29 -36.94
CA VAL J 111 -8.96 -8.62 -35.67
C VAL J 111 -9.32 -9.68 -34.63
N HIS J 112 -8.87 -9.45 -33.40
CA HIS J 112 -9.08 -10.37 -32.29
C HIS J 112 -9.52 -9.56 -31.08
N ASN J 113 -10.73 -9.83 -30.59
CA ASN J 113 -11.29 -9.10 -29.49
C ASN J 113 -11.07 -9.92 -28.22
N TYR J 114 -9.83 -9.89 -27.72
CA TYR J 114 -9.50 -10.54 -26.46
C TYR J 114 -8.31 -9.90 -25.75
N ASN J 115 -8.15 -10.28 -24.49
CA ASN J 115 -7.09 -9.83 -23.60
C ASN J 115 -5.92 -10.78 -23.77
N ILE J 116 -4.76 -10.24 -24.15
CA ILE J 116 -3.63 -11.06 -24.58
C ILE J 116 -2.83 -11.62 -23.40
N THR J 117 -3.22 -11.30 -22.16
CA THR J 117 -2.48 -11.78 -21.00
C THR J 117 -3.03 -13.08 -20.41
N THR J 118 -4.19 -13.57 -20.85
CA THR J 118 -4.69 -14.83 -20.33
C THR J 118 -3.92 -15.99 -20.97
N VAL J 119 -3.92 -17.15 -20.29
CA VAL J 119 -3.11 -18.31 -20.65
C VAL J 119 -3.52 -18.83 -22.03
N GLU J 120 -4.83 -19.01 -22.26
CA GLU J 120 -5.32 -19.57 -23.51
C GLU J 120 -5.04 -18.57 -24.64
N ASN J 121 -5.33 -17.31 -24.34
CA ASN J 121 -5.27 -16.24 -25.33
C ASN J 121 -3.84 -16.02 -25.80
N PHE J 122 -2.89 -16.14 -24.86
CA PHE J 122 -1.49 -15.85 -25.11
C PHE J 122 -0.93 -16.83 -26.13
N GLN J 123 -1.33 -18.09 -25.99
CA GLN J 123 -0.89 -19.12 -26.92
C GLN J 123 -1.29 -18.70 -28.34
N HIS J 124 -2.56 -18.30 -28.51
CA HIS J 124 -3.14 -17.93 -29.80
C HIS J 124 -2.44 -16.69 -30.34
N PHE J 125 -2.18 -15.75 -29.41
CA PHE J 125 -1.53 -14.50 -29.75
C PHE J 125 -0.22 -14.83 -30.43
N MET J 126 0.56 -15.72 -29.80
CA MET J 126 1.87 -16.09 -30.29
C MET J 126 1.76 -16.77 -31.66
N ASP J 127 0.70 -17.56 -31.84
CA ASP J 127 0.49 -18.23 -33.11
C ASP J 127 0.32 -17.22 -34.23
N ARG J 128 -0.38 -16.11 -33.95
CA ARG J 128 -0.69 -15.12 -34.95
C ARG J 128 0.53 -14.24 -35.26
N ILE J 129 1.37 -13.95 -34.27
CA ILE J 129 2.64 -13.31 -34.51
C ILE J 129 3.52 -14.17 -35.42
N SER J 130 3.49 -15.50 -35.19
CA SER J 130 4.33 -16.45 -35.93
C SER J 130 3.78 -16.78 -37.31
N ASN J 131 2.44 -16.78 -37.46
CA ASN J 131 1.83 -17.30 -38.68
C ASN J 131 0.91 -16.30 -39.35
N GLY J 132 0.65 -15.16 -38.68
CA GLY J 132 -0.33 -14.19 -39.15
C GLY J 132 0.27 -13.13 -40.08
N GLY J 133 1.42 -13.44 -40.69
CA GLY J 133 1.99 -12.58 -41.70
C GLY J 133 1.11 -12.54 -42.94
N LEU J 134 1.59 -11.80 -43.95
CA LEU J 134 0.83 -11.55 -45.17
C LEU J 134 0.44 -12.87 -45.79
N GLU J 135 1.44 -13.74 -45.96
CA GLU J 135 1.29 -15.13 -46.36
C GLU J 135 1.10 -15.99 -45.10
N GLU J 136 0.02 -16.78 -45.06
CA GLU J 136 -0.30 -17.58 -43.89
C GLU J 136 0.86 -18.55 -43.63
N GLY J 137 1.30 -18.64 -42.37
CA GLY J 137 2.40 -19.51 -42.00
C GLY J 137 3.71 -18.76 -41.79
N LYS J 138 3.88 -17.59 -42.44
CA LYS J 138 5.05 -16.76 -42.21
C LYS J 138 4.73 -15.75 -41.11
N PRO J 139 5.72 -15.24 -40.33
CA PRO J 139 5.44 -14.32 -39.23
C PRO J 139 5.18 -12.88 -39.69
N VAL J 140 4.63 -12.07 -38.79
CA VAL J 140 4.39 -10.67 -39.08
C VAL J 140 5.74 -9.97 -39.14
N ASP J 141 5.83 -8.91 -39.94
CA ASP J 141 7.08 -8.18 -40.09
C ASP J 141 7.40 -7.33 -38.86
N LEU J 142 6.38 -6.94 -38.09
CA LEU J 142 6.57 -6.05 -36.95
C LEU J 142 5.39 -6.18 -36.01
N VAL J 143 5.65 -6.08 -34.71
CA VAL J 143 4.58 -5.99 -33.74
C VAL J 143 4.63 -4.59 -33.11
N LEU J 144 3.46 -3.98 -32.88
CA LEU J 144 3.42 -2.67 -32.25
C LEU J 144 2.58 -2.76 -30.99
N SER J 145 3.19 -2.36 -29.88
CA SER J 145 2.52 -2.35 -28.61
C SER J 145 2.03 -0.94 -28.33
N CYS J 146 0.71 -0.83 -28.25
CA CYS J 146 0.09 0.45 -28.03
C CYS J 146 -0.88 0.24 -26.88
N VAL J 147 -0.42 -0.52 -25.90
CA VAL J 147 -1.25 -0.82 -24.76
C VAL J 147 -0.94 0.20 -23.66
N ASP J 148 -1.63 0.12 -22.52
CA ASP J 148 -1.58 1.19 -21.56
C ASP J 148 -1.15 0.68 -20.18
N ASN J 149 -0.70 -0.57 -20.09
CA ASN J 149 -0.30 -1.19 -18.83
C ASN J 149 1.00 -2.01 -18.97
N PHE J 150 1.74 -2.12 -17.85
CA PHE J 150 2.99 -2.85 -17.76
C PHE J 150 2.79 -4.35 -18.05
N GLU J 151 1.71 -4.94 -17.51
CA GLU J 151 1.48 -6.36 -17.68
C GLU J 151 1.43 -6.71 -19.16
N ALA J 152 0.68 -5.91 -19.92
CA ALA J 152 0.48 -6.21 -21.33
C ALA J 152 1.79 -6.06 -22.09
N ARG J 153 2.52 -4.99 -21.78
CA ARG J 153 3.81 -4.71 -22.42
C ARG J 153 4.73 -5.90 -22.20
N MET J 154 4.86 -6.32 -20.94
CA MET J 154 5.72 -7.43 -20.55
C MET J 154 5.28 -8.73 -21.22
N THR J 155 3.97 -8.91 -21.41
CA THR J 155 3.48 -10.08 -22.10
C THR J 155 4.01 -10.13 -23.53
N ILE J 156 3.98 -8.99 -24.24
CA ILE J 156 4.39 -8.92 -25.63
C ILE J 156 5.89 -9.16 -25.67
N ASN J 157 6.58 -8.57 -24.68
CA ASN J 157 8.00 -8.76 -24.45
C ASN J 157 8.39 -10.24 -24.39
N THR J 158 7.69 -11.04 -23.56
CA THR J 158 7.87 -12.47 -23.42
C THR J 158 7.67 -13.17 -24.76
N ALA J 159 6.55 -12.87 -25.43
CA ALA J 159 6.28 -13.56 -26.67
C ALA J 159 7.38 -13.28 -27.69
N CYS J 160 7.89 -12.05 -27.65
CA CYS J 160 8.80 -11.55 -28.68
C CYS J 160 10.23 -12.07 -28.49
N ASN J 161 10.66 -12.21 -27.22
CA ASN J 161 11.96 -12.77 -26.87
C ASN J 161 11.98 -14.27 -27.21
N GLU J 162 10.84 -14.95 -26.98
CA GLU J 162 10.70 -16.33 -27.40
C GLU J 162 10.74 -16.47 -28.93
N LEU J 163 10.13 -15.56 -29.69
CA LEU J 163 10.06 -15.77 -31.12
C LEU J 163 11.21 -15.10 -31.85
N GLY J 164 11.99 -14.28 -31.14
CA GLY J 164 12.94 -13.36 -31.78
C GLY J 164 12.26 -12.40 -32.76
N GLN J 165 11.26 -11.68 -32.28
CA GLN J 165 10.40 -10.86 -33.12
C GLN J 165 10.68 -9.38 -32.83
N THR J 166 11.07 -8.61 -33.85
CA THR J 166 11.27 -7.18 -33.72
C THR J 166 9.92 -6.54 -33.40
N TRP J 167 9.90 -5.57 -32.48
CA TRP J 167 8.68 -4.85 -32.17
C TRP J 167 9.00 -3.44 -31.71
N MET J 168 8.00 -2.55 -31.77
CA MET J 168 8.12 -1.22 -31.22
C MET J 168 7.09 -1.03 -30.12
N GLU J 169 7.54 -0.36 -29.07
CA GLU J 169 6.72 -0.17 -27.89
C GLU J 169 6.42 1.32 -27.83
N SER J 170 5.16 1.66 -27.56
CA SER J 170 4.83 3.07 -27.51
C SER J 170 4.05 3.36 -26.25
N GLY J 171 4.16 4.59 -25.75
CA GLY J 171 3.53 4.88 -24.49
C GLY J 171 3.13 6.34 -24.42
N VAL J 172 2.12 6.60 -23.59
CA VAL J 172 1.74 7.95 -23.22
C VAL J 172 1.57 8.01 -21.71
N SER J 173 2.06 9.11 -21.14
CA SER J 173 1.97 9.51 -19.75
C SER J 173 0.52 9.56 -19.27
N GLU J 174 0.31 9.25 -17.99
CA GLU J 174 -1.02 9.32 -17.40
C GLU J 174 -1.43 10.77 -17.22
N ASN J 175 -0.47 11.71 -17.29
CA ASN J 175 -0.77 13.13 -17.28
C ASN J 175 -0.86 13.73 -18.70
N ALA J 176 -0.66 12.90 -19.73
CA ALA J 176 -1.05 13.23 -21.09
C ALA J 176 -0.03 14.10 -21.82
N VAL J 177 1.01 14.62 -21.13
CA VAL J 177 1.89 15.59 -21.76
C VAL J 177 3.26 15.02 -22.15
N SER J 178 3.37 13.69 -22.21
CA SER J 178 4.62 13.10 -22.65
C SER J 178 4.34 11.71 -23.19
N GLY J 179 5.22 11.26 -24.07
CA GLY J 179 5.11 9.95 -24.65
C GLY J 179 6.45 9.53 -25.25
N HIS J 180 6.50 8.33 -25.82
CA HIS J 180 7.72 7.86 -26.45
C HIS J 180 7.40 6.66 -27.31
N ILE J 181 8.42 6.27 -28.06
CA ILE J 181 8.42 5.05 -28.82
C ILE J 181 9.79 4.43 -28.57
N GLN J 182 9.87 3.11 -28.77
CA GLN J 182 11.09 2.35 -28.53
C GLN J 182 11.11 1.13 -29.44
N LEU J 183 12.25 0.94 -30.11
CA LEU J 183 12.42 -0.20 -30.99
C LEU J 183 13.18 -1.31 -30.25
N ILE J 184 12.62 -2.52 -30.28
CA ILE J 184 13.19 -3.69 -29.61
C ILE J 184 13.45 -4.76 -30.66
N ILE J 185 14.74 -5.05 -30.86
CA ILE J 185 15.17 -6.20 -31.62
C ILE J 185 15.82 -7.13 -30.62
N PRO J 186 15.11 -8.19 -30.14
CA PRO J 186 15.58 -8.98 -29.01
C PRO J 186 16.94 -9.60 -29.35
N GLY J 187 17.88 -9.45 -28.42
CA GLY J 187 19.25 -9.89 -28.67
C GLY J 187 20.20 -8.76 -29.06
N GLU J 188 19.71 -7.84 -29.90
CA GLU J 188 20.50 -6.74 -30.42
C GLU J 188 20.33 -5.49 -29.53
N SER J 189 19.10 -5.14 -29.20
CA SER J 189 18.79 -4.01 -28.33
C SER J 189 18.17 -4.52 -27.03
N ALA J 190 18.09 -3.64 -26.02
CA ALA J 190 17.42 -3.92 -24.76
C ALA J 190 15.99 -4.34 -25.04
N CYS J 191 15.53 -5.35 -24.31
CA CYS J 191 14.13 -5.75 -24.37
C CYS J 191 13.45 -4.96 -23.27
N PHE J 192 12.12 -5.13 -23.16
CA PHE J 192 11.36 -4.49 -22.11
C PHE J 192 11.83 -4.89 -20.70
N ALA J 193 12.37 -6.10 -20.53
CA ALA J 193 12.66 -6.58 -19.20
C ALA J 193 14.09 -6.21 -18.79
N CYS J 194 14.97 -5.98 -19.77
CA CYS J 194 16.37 -5.63 -19.58
C CYS J 194 16.59 -4.47 -18.59
N ALA J 195 15.75 -3.43 -18.66
CA ALA J 195 15.91 -2.23 -17.84
C ALA J 195 14.55 -1.78 -17.34
N PRO J 196 14.47 -0.88 -16.33
CA PRO J 196 13.21 -0.23 -15.98
C PRO J 196 12.70 0.63 -17.13
N PRO J 197 11.38 0.89 -17.18
CA PRO J 197 10.82 1.83 -18.16
C PRO J 197 11.50 3.19 -18.21
N LEU J 198 11.89 3.59 -19.43
CA LEU J 198 12.47 4.88 -19.77
C LEU J 198 11.37 5.93 -19.95
N VAL J 199 11.39 6.97 -19.10
CA VAL J 199 10.39 8.04 -19.13
C VAL J 199 11.00 9.32 -19.70
N VAL J 200 10.16 10.33 -20.00
CA VAL J 200 10.67 11.59 -20.50
C VAL J 200 10.12 12.78 -19.70
N ALA J 201 9.57 12.51 -18.51
CA ALA J 201 9.26 13.49 -17.47
C ALA J 201 8.92 12.74 -16.19
N ALA J 202 8.99 13.42 -15.03
CA ALA J 202 8.62 12.80 -13.77
C ALA J 202 7.10 12.67 -13.69
N ASN J 203 6.59 12.08 -12.59
CA ASN J 203 5.22 11.58 -12.56
C ASN J 203 4.49 12.09 -11.32
N ARG J 211 -4.97 5.24 -9.25
CA ARG J 211 -6.07 4.29 -9.06
C ARG J 211 -6.71 4.54 -7.69
N GLU J 212 -7.27 5.76 -7.53
CA GLU J 212 -8.25 6.04 -6.49
C GLU J 212 -9.64 6.08 -7.13
N GLY J 213 -9.85 5.20 -8.13
CA GLY J 213 -11.09 5.14 -8.88
C GLY J 213 -11.25 6.29 -9.86
N VAL J 214 -10.13 6.89 -10.28
CA VAL J 214 -10.12 7.95 -11.29
C VAL J 214 -9.44 7.44 -12.55
N CYS J 215 -9.16 8.33 -13.51
CA CYS J 215 -8.64 7.88 -14.78
C CYS J 215 -7.49 8.80 -15.22
N ALA J 216 -6.70 8.27 -16.17
CA ALA J 216 -5.60 8.98 -16.78
C ALA J 216 -6.18 10.14 -17.59
N ALA J 217 -5.45 11.25 -17.67
CA ALA J 217 -5.75 12.26 -18.66
C ALA J 217 -5.23 11.75 -20.00
N SER J 218 -5.89 12.15 -21.08
CA SER J 218 -5.31 11.95 -22.40
C SER J 218 -5.69 13.13 -23.27
N LEU J 219 -4.87 13.40 -24.29
CA LEU J 219 -5.15 14.47 -25.23
C LEU J 219 -5.06 13.90 -26.64
N PRO J 220 -5.85 14.40 -27.60
CA PRO J 220 -5.74 13.95 -28.99
C PRO J 220 -4.42 14.38 -29.66
N THR J 221 -3.83 15.48 -29.17
CA THR J 221 -2.58 16.06 -29.65
C THR J 221 -1.42 15.11 -29.41
N THR J 222 -1.19 14.74 -28.14
CA THR J 222 -0.11 13.85 -27.73
C THR J 222 -0.28 12.49 -28.40
N MET J 223 -1.49 11.93 -28.38
CA MET J 223 -1.70 10.67 -29.07
C MET J 223 -1.38 10.78 -30.57
N GLY J 224 -1.64 11.95 -31.17
CA GLY J 224 -1.37 12.14 -32.59
C GLY J 224 0.12 12.22 -32.89
N VAL J 225 0.84 12.90 -32.02
CA VAL J 225 2.28 13.00 -32.18
C VAL J 225 2.91 11.62 -32.04
N VAL J 226 2.53 10.88 -31.00
CA VAL J 226 3.16 9.60 -30.69
C VAL J 226 2.91 8.61 -31.83
N ALA J 227 1.65 8.50 -32.25
CA ALA J 227 1.28 7.63 -33.35
C ALA J 227 2.02 8.05 -34.62
N GLY J 228 2.14 9.37 -34.78
CA GLY J 228 2.84 9.96 -35.91
C GLY J 228 4.29 9.48 -35.96
N ILE J 229 4.97 9.60 -34.82
CA ILE J 229 6.38 9.29 -34.79
C ILE J 229 6.57 7.77 -34.82
N LEU J 230 5.62 7.04 -34.22
CA LEU J 230 5.67 5.59 -34.24
C LEU J 230 5.63 5.08 -35.67
N VAL J 231 4.64 5.54 -36.44
CA VAL J 231 4.49 4.98 -37.77
C VAL J 231 5.62 5.44 -38.69
N GLN J 232 6.10 6.65 -38.42
CA GLN J 232 7.21 7.17 -39.20
C GLN J 232 8.40 6.22 -39.03
N ASN J 233 8.60 5.71 -37.81
CA ASN J 233 9.72 4.85 -37.50
C ASN J 233 9.50 3.50 -38.17
N VAL J 234 8.25 3.04 -38.14
CA VAL J 234 7.85 1.83 -38.82
C VAL J 234 8.16 1.94 -40.32
N LEU J 235 7.84 3.09 -40.94
CA LEU J 235 8.08 3.27 -42.37
C LEU J 235 9.59 3.26 -42.66
N LYS J 236 10.35 3.95 -41.80
CA LYS J 236 11.78 4.05 -42.01
C LYS J 236 12.44 2.68 -41.85
N PHE J 237 11.94 1.88 -40.90
CA PHE J 237 12.37 0.51 -40.66
C PHE J 237 12.11 -0.41 -41.85
N LEU J 238 10.85 -0.49 -42.29
CA LEU J 238 10.44 -1.43 -43.32
C LEU J 238 10.95 -1.01 -44.70
N LEU J 239 11.05 0.30 -44.97
CA LEU J 239 11.32 0.76 -46.32
C LEU J 239 12.73 1.32 -46.51
N ASN J 240 13.53 1.36 -45.44
CA ASN J 240 14.95 1.67 -45.50
C ASN J 240 15.22 3.06 -46.06
N PHE J 241 14.76 4.07 -45.33
CA PHE J 241 15.15 5.46 -45.60
C PHE J 241 15.30 6.16 -44.26
N GLY J 242 16.11 7.23 -44.24
CA GLY J 242 16.40 8.01 -43.05
C GLY J 242 17.06 7.20 -41.95
N THR J 243 16.88 7.61 -40.70
CA THR J 243 17.54 6.95 -39.60
C THR J 243 16.47 6.48 -38.63
N VAL J 244 16.46 5.19 -38.34
CA VAL J 244 15.55 4.60 -37.37
C VAL J 244 16.01 5.00 -35.96
N SER J 245 15.09 5.48 -35.12
CA SER J 245 15.41 5.74 -33.72
C SER J 245 15.17 4.45 -32.95
N PHE J 246 16.02 4.20 -31.93
CA PHE J 246 15.79 3.05 -31.06
C PHE J 246 14.91 3.48 -29.89
N TYR J 247 15.01 4.76 -29.57
CA TYR J 247 14.13 5.42 -28.61
C TYR J 247 13.94 6.87 -29.08
N LEU J 248 12.72 7.37 -28.94
CA LEU J 248 12.37 8.75 -29.23
C LEU J 248 11.24 9.17 -28.29
N GLY J 249 11.48 10.25 -27.56
CA GLY J 249 10.50 10.67 -26.60
C GLY J 249 9.88 11.98 -27.01
N TYR J 250 8.70 12.24 -26.47
CA TYR J 250 7.98 13.48 -26.65
C TYR J 250 7.64 14.07 -25.29
N ASN J 251 8.23 15.23 -24.97
CA ASN J 251 7.82 16.01 -23.81
C ASN J 251 7.07 17.22 -24.32
N ALA J 252 5.74 17.21 -24.11
CA ALA J 252 4.83 18.26 -24.58
C ALA J 252 4.97 19.57 -23.79
N MET J 253 5.42 19.50 -22.52
CA MET J 253 5.59 20.69 -21.69
C MET J 253 6.78 21.55 -22.14
N GLN J 254 7.80 20.93 -22.73
CA GLN J 254 9.03 21.62 -23.05
C GLN J 254 9.28 21.62 -24.56
N ASP J 255 8.42 20.92 -25.32
CA ASP J 255 8.63 20.68 -26.75
C ASP J 255 10.00 20.06 -26.96
N PHE J 256 10.20 18.93 -26.29
CA PHE J 256 11.49 18.26 -26.20
C PHE J 256 11.33 16.85 -26.74
N PHE J 257 12.29 16.41 -27.54
CA PHE J 257 12.17 15.12 -28.20
C PHE J 257 13.46 14.32 -28.00
N PRO J 258 13.71 13.76 -26.80
CA PRO J 258 14.99 13.08 -26.56
C PRO J 258 15.07 11.69 -27.20
N THR J 259 16.23 11.38 -27.81
CA THR J 259 16.48 10.04 -28.31
C THR J 259 17.48 9.34 -27.39
N MET J 260 17.57 8.02 -27.56
CA MET J 260 18.42 7.13 -26.78
C MET J 260 18.57 5.84 -27.55
N SER J 261 19.57 5.04 -27.17
CA SER J 261 19.68 3.68 -27.68
C SER J 261 19.98 2.74 -26.51
N MET J 262 19.00 1.95 -26.09
CA MET J 262 19.12 1.12 -24.91
C MET J 262 19.80 -0.20 -25.26
N LYS J 263 20.83 -0.53 -24.46
CA LYS J 263 21.72 -1.62 -24.78
C LYS J 263 21.29 -2.83 -23.94
N PRO J 264 21.44 -4.06 -24.46
CA PRO J 264 21.01 -5.24 -23.69
C PRO J 264 21.72 -5.40 -22.36
N ASN J 265 20.96 -5.75 -21.34
CA ASN J 265 21.45 -6.16 -20.05
C ASN J 265 21.79 -7.65 -20.09
N PRO J 266 23.05 -8.08 -19.85
CA PRO J 266 23.42 -9.50 -19.90
C PRO J 266 22.82 -10.40 -18.80
N GLN J 267 22.27 -9.79 -17.74
CA GLN J 267 21.61 -10.54 -16.67
C GLN J 267 20.13 -10.16 -16.61
N CYS J 268 19.50 -10.11 -17.80
CA CYS J 268 18.09 -9.80 -17.94
C CYS J 268 17.24 -10.91 -17.33
N ASP J 269 16.23 -10.53 -16.52
CA ASP J 269 15.31 -11.50 -15.96
C ASP J 269 14.87 -12.51 -17.02
N ASP J 270 14.68 -12.05 -18.27
CA ASP J 270 14.14 -12.85 -19.36
C ASP J 270 15.23 -13.74 -19.97
N ARG J 271 15.10 -15.06 -19.71
CA ARG J 271 16.02 -16.10 -20.13
CA ARG J 271 16.08 -16.03 -20.12
C ARG J 271 16.15 -16.12 -21.65
N ASN J 272 15.02 -15.87 -22.32
CA ASN J 272 15.00 -15.89 -23.78
C ASN J 272 15.76 -14.68 -24.36
N CYS J 273 15.67 -13.52 -23.69
CA CYS J 273 16.46 -12.35 -24.05
C CYS J 273 17.96 -12.66 -24.01
N ARG J 274 18.44 -13.23 -22.87
CA ARG J 274 19.82 -13.64 -22.71
C ARG J 274 20.19 -14.63 -23.80
N LYS J 275 19.32 -15.62 -24.06
CA LYS J 275 19.57 -16.54 -25.15
C LYS J 275 19.72 -15.79 -26.48
N GLN J 276 18.89 -14.75 -26.69
CA GLN J 276 18.92 -14.00 -27.94
C GLN J 276 20.21 -13.18 -28.05
N GLN J 277 20.72 -12.72 -26.89
CA GLN J 277 21.96 -11.97 -26.81
C GLN J 277 23.16 -12.84 -27.24
N GLU J 278 23.16 -14.10 -26.77
CA GLU J 278 24.21 -15.06 -27.09
C GLU J 278 24.17 -15.29 -28.60
N GLU J 279 22.95 -15.51 -29.10
CA GLU J 279 22.70 -15.81 -30.51
C GLU J 279 23.18 -14.68 -31.41
N TYR J 280 22.99 -13.43 -30.93
CA TYR J 280 23.38 -12.25 -31.68
C TYR J 280 24.90 -12.10 -31.69
N LYS J 281 25.54 -12.33 -30.54
CA LYS J 281 26.97 -12.15 -30.42
C LYS J 281 27.72 -13.12 -31.35
N LYS J 282 27.18 -14.34 -31.51
CA LYS J 282 27.70 -15.37 -32.40
C LYS J 282 27.68 -14.91 -33.85
N LYS J 283 26.49 -14.44 -34.31
CA LYS J 283 26.29 -13.99 -35.68
C LYS J 283 27.25 -12.83 -36.00
N VAL J 284 27.57 -12.03 -34.98
CA VAL J 284 28.46 -10.87 -35.10
C VAL J 284 29.91 -11.32 -35.27
N ALA J 285 30.33 -12.33 -34.49
CA ALA J 285 31.71 -12.79 -34.51
C ALA J 285 32.02 -13.54 -35.81
N ALA J 286 30.99 -14.11 -36.44
CA ALA J 286 31.09 -14.51 -37.84
C ALA J 286 31.07 -13.24 -38.70
N GLY K 1 10.35 -56.19 17.51
CA GLY K 1 10.11 -56.67 18.89
C GLY K 1 10.67 -58.08 19.04
N ARG K 2 11.49 -58.27 20.07
CA ARG K 2 12.19 -59.54 20.27
C ARG K 2 11.85 -60.08 21.67
N VAL K 3 11.20 -61.25 21.69
CA VAL K 3 10.89 -61.95 22.93
C VAL K 3 12.02 -62.95 23.21
N ARG K 4 12.22 -63.26 24.50
CA ARG K 4 13.41 -63.92 25.01
C ARG K 4 13.44 -65.40 24.64
N ILE K 5 14.58 -65.86 24.10
CA ILE K 5 14.77 -67.23 23.61
C ILE K 5 15.57 -68.01 24.66
N GLU K 6 15.10 -69.22 25.03
CA GLU K 6 15.52 -69.92 26.23
C GLU K 6 16.75 -70.82 26.03
N LYS K 7 16.81 -71.53 24.89
CA LYS K 7 18.05 -72.10 24.37
C LYS K 7 18.05 -72.03 22.85
N MET K 8 19.22 -71.66 22.30
CA MET K 8 19.39 -71.23 20.92
C MET K 8 18.85 -72.25 19.93
N SER K 9 18.00 -71.77 19.01
CA SER K 9 17.42 -72.60 17.98
C SER K 9 18.25 -72.56 16.70
N SER K 10 18.31 -73.70 16.01
CA SER K 10 18.97 -73.81 14.72
C SER K 10 18.02 -73.45 13.58
N GLU K 11 16.72 -73.43 13.91
CA GLU K 11 15.60 -73.37 12.98
C GLU K 11 15.74 -72.20 12.01
N VAL K 12 15.61 -72.50 10.72
CA VAL K 12 15.82 -71.49 9.70
C VAL K 12 14.49 -70.80 9.38
N VAL K 13 14.08 -69.88 10.27
CA VAL K 13 12.90 -69.06 10.09
C VAL K 13 13.25 -67.58 10.27
N ASP K 14 12.46 -66.72 9.61
CA ASP K 14 12.63 -65.28 9.59
C ASP K 14 12.59 -64.70 11.01
N SER K 15 11.94 -65.42 11.94
CA SER K 15 11.73 -64.93 13.29
C SER K 15 12.88 -65.30 14.25
N ASN K 16 13.87 -66.07 13.78
CA ASN K 16 14.96 -66.56 14.61
C ASN K 16 16.23 -65.73 14.46
N PRO K 17 16.58 -64.90 15.47
CA PRO K 17 17.76 -64.02 15.38
C PRO K 17 19.10 -64.73 15.59
N TYR K 18 19.04 -66.06 15.71
CA TYR K 18 20.19 -66.91 15.95
C TYR K 18 20.43 -67.87 14.77
N SER K 19 19.48 -67.90 13.83
CA SER K 19 19.49 -68.86 12.73
C SER K 19 20.80 -68.81 11.93
N ARG K 20 21.30 -67.60 11.63
CA ARG K 20 22.50 -67.47 10.80
C ARG K 20 23.77 -67.70 11.61
N LEU K 21 23.63 -67.75 12.94
CA LEU K 21 24.78 -67.99 13.80
C LEU K 21 24.91 -69.50 14.06
N MET K 22 23.79 -70.14 14.42
CA MET K 22 23.75 -71.57 14.67
C MET K 22 24.04 -72.34 13.37
N ALA K 23 23.96 -71.64 12.24
CA ALA K 23 24.28 -72.20 10.94
C ALA K 23 25.77 -72.55 10.90
N LEU K 24 26.54 -71.90 11.77
CA LEU K 24 27.95 -72.21 11.89
C LEU K 24 28.19 -73.64 12.39
N LYS K 25 27.27 -74.22 13.20
CA LYS K 25 27.35 -75.60 13.66
C LYS K 25 27.22 -76.57 12.51
N ARG K 26 26.12 -76.47 11.76
CA ARG K 26 25.83 -77.39 10.66
C ARG K 26 26.91 -77.30 9.59
N MET K 27 27.63 -76.18 9.50
CA MET K 27 28.59 -75.99 8.44
C MET K 27 30.00 -76.39 8.91
N GLY K 28 30.09 -76.92 10.12
CA GLY K 28 31.31 -77.48 10.68
C GLY K 28 32.39 -76.43 10.95
N ILE K 29 31.99 -75.16 11.06
CA ILE K 29 32.94 -74.09 11.30
C ILE K 29 33.11 -73.91 12.79
N VAL K 30 31.98 -73.87 13.50
CA VAL K 30 32.01 -73.77 14.94
C VAL K 30 31.19 -74.93 15.47
N SER K 31 31.89 -75.92 16.02
CA SER K 31 31.31 -77.11 16.60
C SER K 31 30.21 -76.76 17.60
N ASP K 32 30.48 -75.87 18.56
CA ASP K 32 29.59 -75.72 19.70
C ASP K 32 29.23 -74.25 19.96
N TYR K 33 28.41 -73.67 19.08
CA TYR K 33 28.24 -72.24 19.10
C TYR K 33 27.44 -71.78 20.30
N GLU K 34 26.40 -72.55 20.66
CA GLU K 34 25.48 -72.25 21.75
C GLU K 34 26.23 -72.07 23.09
N LYS K 35 27.52 -72.41 23.10
CA LYS K 35 28.38 -72.26 24.26
C LYS K 35 28.64 -70.78 24.55
N ILE K 36 28.45 -69.93 23.55
CA ILE K 36 28.71 -68.50 23.65
C ILE K 36 27.85 -67.92 24.79
N ARG K 37 26.67 -68.49 25.00
CA ARG K 37 25.74 -68.11 26.05
C ARG K 37 26.33 -68.33 27.45
N THR K 38 27.46 -69.05 27.54
CA THR K 38 27.95 -69.41 28.86
C THR K 38 29.11 -68.51 29.29
N PHE K 39 29.57 -67.62 28.39
CA PHE K 39 30.68 -66.74 28.75
C PHE K 39 30.24 -65.35 29.19
N ALA K 40 31.12 -64.71 29.96
CA ALA K 40 31.01 -63.31 30.38
C ALA K 40 32.27 -62.56 29.95
N VAL K 41 32.09 -61.38 29.37
CA VAL K 41 33.25 -60.60 28.96
C VAL K 41 33.11 -59.19 29.52
N ALA K 42 34.21 -58.67 30.08
CA ALA K 42 34.27 -57.32 30.59
C ALA K 42 34.94 -56.42 29.56
N ILE K 43 34.40 -55.22 29.39
CA ILE K 43 34.92 -54.24 28.44
C ILE K 43 35.19 -52.94 29.18
N VAL K 44 36.45 -52.51 29.13
CA VAL K 44 36.85 -51.25 29.73
C VAL K 44 37.10 -50.27 28.59
N GLY K 45 36.30 -49.18 28.57
CA GLY K 45 36.28 -48.18 27.51
C GLY K 45 35.20 -48.51 26.46
N VAL K 46 34.02 -47.89 26.57
CA VAL K 46 32.95 -48.14 25.63
C VAL K 46 32.92 -46.98 24.64
N GLY K 47 34.09 -46.66 24.07
CA GLY K 47 34.25 -45.60 23.09
C GLY K 47 34.14 -46.17 21.68
N GLY K 48 35.02 -45.67 20.77
CA GLY K 48 35.08 -46.08 19.38
C GLY K 48 35.13 -47.60 19.19
N VAL K 49 36.12 -48.25 19.80
CA VAL K 49 36.30 -49.70 19.64
C VAL K 49 35.33 -50.40 20.60
N GLY K 50 35.29 -49.92 21.84
CA GLY K 50 34.51 -50.48 22.93
C GLY K 50 33.06 -50.76 22.58
N SER K 51 32.38 -49.73 22.06
CA SER K 51 30.95 -49.83 21.81
C SER K 51 30.66 -50.84 20.69
N VAL K 52 31.45 -50.80 19.61
CA VAL K 52 31.20 -51.72 18.50
C VAL K 52 31.47 -53.16 18.91
N THR K 53 32.49 -53.33 19.77
CA THR K 53 32.85 -54.61 20.34
C THR K 53 31.67 -55.19 21.11
N ALA K 54 31.10 -54.37 22.00
CA ALA K 54 29.92 -54.73 22.78
C ALA K 54 28.75 -55.08 21.85
N GLU K 55 28.54 -54.30 20.78
CA GLU K 55 27.48 -54.57 19.83
C GLU K 55 27.68 -55.95 19.20
N MET K 56 28.90 -56.22 18.72
CA MET K 56 29.15 -57.48 18.05
C MET K 56 28.91 -58.66 18.99
N LEU K 57 29.41 -58.58 20.23
CA LEU K 57 29.24 -59.66 21.18
C LEU K 57 27.77 -59.83 21.55
N THR K 58 27.04 -58.71 21.64
CA THR K 58 25.63 -58.76 22.00
C THR K 58 24.86 -59.54 20.94
N ARG K 59 25.14 -59.25 19.66
CA ARG K 59 24.43 -59.85 18.54
C ARG K 59 24.83 -61.32 18.37
N CYS K 60 26.00 -61.68 18.90
CA CYS K 60 26.52 -63.04 18.87
C CYS K 60 25.80 -63.93 19.89
N GLY K 61 25.29 -63.28 20.95
CA GLY K 61 24.57 -63.96 22.01
C GLY K 61 25.45 -64.27 23.22
N ILE K 62 26.46 -63.44 23.45
CA ILE K 62 27.28 -63.57 24.65
C ILE K 62 26.38 -63.60 25.89
N GLY K 63 26.81 -64.38 26.88
CA GLY K 63 26.06 -64.59 28.10
C GLY K 63 25.86 -63.31 28.90
N LYS K 64 26.98 -62.60 29.16
CA LYS K 64 27.01 -61.37 29.93
C LYS K 64 28.13 -60.44 29.47
N LEU K 65 27.85 -59.12 29.50
CA LEU K 65 28.85 -58.06 29.34
C LEU K 65 28.92 -57.18 30.59
N LEU K 66 30.14 -56.85 31.03
CA LEU K 66 30.39 -55.84 32.03
C LEU K 66 31.02 -54.64 31.34
N LEU K 67 30.36 -53.48 31.40
CA LEU K 67 30.89 -52.30 30.74
C LEU K 67 31.42 -51.32 31.78
N PHE K 68 32.64 -50.82 31.51
CA PHE K 68 33.24 -49.80 32.35
C PHE K 68 33.65 -48.62 31.48
N ASP K 69 33.39 -47.40 31.98
CA ASP K 69 33.64 -46.14 31.29
C ASP K 69 33.13 -45.02 32.19
N TYR K 70 33.91 -43.92 32.26
CA TYR K 70 33.63 -42.80 33.15
C TYR K 70 32.98 -41.62 32.41
N ASP K 71 32.80 -41.71 31.08
CA ASP K 71 32.54 -40.58 30.18
C ASP K 71 31.14 -40.59 29.56
N LYS K 72 30.70 -39.41 29.11
CA LYS K 72 29.40 -39.18 28.49
C LYS K 72 29.50 -39.22 26.97
N VAL K 73 28.39 -39.59 26.31
CA VAL K 73 28.29 -39.48 24.87
C VAL K 73 28.23 -38.01 24.51
N GLU K 74 29.05 -37.62 23.54
CA GLU K 74 29.07 -36.27 23.01
C GLU K 74 28.79 -36.32 21.51
N LEU K 75 28.62 -35.15 20.88
CA LEU K 75 28.43 -35.09 19.43
C LEU K 75 29.76 -35.28 18.71
N ALA K 76 30.84 -34.96 19.41
CA ALA K 76 32.18 -35.23 18.93
C ALA K 76 32.39 -36.73 18.72
N ASN K 77 31.54 -37.56 19.34
CA ASN K 77 31.61 -39.01 19.19
C ASN K 77 30.83 -39.56 17.99
N MET K 78 30.17 -38.70 17.18
CA MET K 78 29.26 -39.15 16.13
C MET K 78 30.01 -39.51 14.84
N ASN K 79 31.32 -39.25 14.80
CA ASN K 79 32.11 -39.63 13.64
C ASN K 79 32.41 -41.12 13.72
N ARG K 80 32.10 -41.73 14.86
CA ARG K 80 32.34 -43.14 15.10
C ARG K 80 30.99 -43.82 15.26
N LEU K 81 30.98 -45.15 15.10
CA LEU K 81 29.76 -45.95 15.07
C LEU K 81 29.13 -46.11 16.46
N PHE K 82 27.90 -46.66 16.43
CA PHE K 82 27.05 -47.07 17.55
C PHE K 82 26.23 -45.91 18.15
N PHE K 83 26.90 -45.00 18.87
CA PHE K 83 26.23 -43.87 19.51
C PHE K 83 25.54 -42.97 18.48
N GLN K 84 24.26 -42.65 18.76
CA GLN K 84 23.41 -41.80 17.95
C GLN K 84 23.24 -40.42 18.62
N PRO K 85 22.94 -39.36 17.84
CA PRO K 85 22.94 -38.00 18.38
C PRO K 85 21.94 -37.77 19.52
N HIS K 86 20.85 -38.55 19.53
CA HIS K 86 19.87 -38.46 20.61
C HIS K 86 20.38 -39.02 21.92
N GLN K 87 21.58 -39.62 21.90
CA GLN K 87 22.13 -40.22 23.11
C GLN K 87 23.15 -39.26 23.72
N ALA K 88 23.43 -38.17 23.02
CA ALA K 88 24.35 -37.16 23.56
C ALA K 88 23.85 -36.66 24.90
N GLY K 89 24.71 -36.72 25.92
CA GLY K 89 24.34 -36.29 27.25
C GLY K 89 24.32 -37.47 28.21
N LEU K 90 23.89 -38.64 27.71
CA LEU K 90 23.90 -39.88 28.49
C LEU K 90 25.35 -40.36 28.73
N SER K 91 25.54 -41.09 29.83
CA SER K 91 26.79 -41.80 30.02
C SER K 91 26.89 -42.90 28.97
N LYS K 92 28.11 -43.16 28.50
CA LYS K 92 28.36 -44.19 27.52
C LYS K 92 27.83 -45.54 28.00
N VAL K 93 28.16 -45.93 29.24
CA VAL K 93 27.75 -47.24 29.71
C VAL K 93 26.22 -47.32 29.72
N GLN K 94 25.55 -46.23 30.07
CA GLN K 94 24.09 -46.27 30.13
C GLN K 94 23.47 -46.29 28.71
N ALA K 95 24.00 -45.50 27.79
CA ALA K 95 23.44 -45.46 26.44
C ALA K 95 23.64 -46.83 25.78
N ALA K 96 24.85 -47.36 25.95
CA ALA K 96 25.16 -48.65 25.37
C ALA K 96 24.21 -49.71 25.90
N GLU K 97 24.03 -49.78 27.24
CA GLU K 97 23.21 -50.82 27.86
C GLU K 97 21.78 -50.74 27.35
N HIS K 98 21.25 -49.52 27.30
CA HIS K 98 19.90 -49.27 26.80
C HIS K 98 19.71 -49.84 25.39
N THR K 99 20.60 -49.46 24.47
CA THR K 99 20.58 -49.92 23.09
C THR K 99 20.83 -51.42 22.99
N LEU K 100 21.81 -51.91 23.75
CA LEU K 100 22.19 -53.30 23.57
C LEU K 100 21.09 -54.20 24.12
N ARG K 101 20.37 -53.70 25.14
CA ARG K 101 19.26 -54.46 25.70
C ARG K 101 18.14 -54.59 24.67
N ASN K 102 17.97 -53.52 23.90
CA ASN K 102 17.00 -53.49 22.84
C ASN K 102 17.43 -54.45 21.72
N ILE K 103 18.74 -54.48 21.41
CA ILE K 103 19.23 -55.34 20.36
C ILE K 103 19.11 -56.82 20.74
N ASN K 104 19.47 -57.21 21.97
CA ASN K 104 19.36 -58.61 22.36
C ASN K 104 18.97 -58.76 23.83
N PRO K 105 17.67 -58.94 24.12
CA PRO K 105 17.22 -59.08 25.51
C PRO K 105 17.72 -60.29 26.28
N ASP K 106 18.40 -61.22 25.59
CA ASP K 106 18.91 -62.42 26.24
C ASP K 106 20.24 -62.15 26.95
N VAL K 107 20.96 -61.08 26.57
CA VAL K 107 22.28 -60.77 27.11
C VAL K 107 22.18 -60.06 28.47
N LEU K 108 22.99 -60.50 29.44
CA LEU K 108 23.00 -59.90 30.76
C LEU K 108 23.99 -58.74 30.77
N PHE K 109 23.64 -57.65 31.48
CA PHE K 109 24.50 -56.48 31.53
C PHE K 109 24.74 -56.04 32.97
N GLU K 110 25.98 -55.61 33.22
CA GLU K 110 26.40 -54.95 34.44
C GLU K 110 27.30 -53.79 34.03
N VAL K 111 26.89 -52.56 34.31
CA VAL K 111 27.66 -51.42 33.82
C VAL K 111 28.09 -50.56 34.99
N HIS K 112 29.28 -49.96 34.84
CA HIS K 112 29.87 -49.15 35.89
C HIS K 112 30.40 -47.88 35.24
N ASN K 113 29.91 -46.75 35.76
CA ASN K 113 30.22 -45.41 35.30
C ASN K 113 31.25 -44.79 36.23
N TYR K 114 32.51 -45.21 36.09
CA TYR K 114 33.61 -44.70 36.89
C TYR K 114 34.95 -44.94 36.21
N ASN K 115 35.95 -44.23 36.72
CA ASN K 115 37.33 -44.26 36.28
C ASN K 115 38.03 -45.38 37.03
N ILE K 116 38.55 -46.37 36.31
CA ILE K 116 39.11 -47.54 36.95
C ILE K 116 40.49 -47.27 37.59
N THR K 117 41.07 -46.09 37.42
CA THR K 117 42.44 -45.87 37.86
C THR K 117 42.55 -45.30 39.27
N THR K 118 41.45 -44.86 39.87
CA THR K 118 41.55 -44.31 41.22
C THR K 118 41.49 -45.46 42.22
N VAL K 119 42.08 -45.24 43.40
CA VAL K 119 42.30 -46.26 44.42
C VAL K 119 41.04 -47.03 44.82
N GLU K 120 39.91 -46.35 45.07
CA GLU K 120 38.72 -47.03 45.58
C GLU K 120 38.06 -47.88 44.49
N ASN K 121 38.06 -47.31 43.28
CA ASN K 121 37.45 -47.92 42.11
C ASN K 121 38.23 -49.15 41.66
N PHE K 122 39.56 -49.16 41.86
CA PHE K 122 40.41 -50.24 41.40
C PHE K 122 40.10 -51.52 42.18
N GLN K 123 39.88 -51.34 43.48
CA GLN K 123 39.48 -52.43 44.35
C GLN K 123 38.20 -53.04 43.81
N HIS K 124 37.20 -52.20 43.49
CA HIS K 124 35.91 -52.66 42.98
C HIS K 124 36.07 -53.37 41.62
N PHE K 125 36.89 -52.74 40.76
CA PHE K 125 37.21 -53.25 39.43
C PHE K 125 37.69 -54.70 39.53
N MET K 126 38.70 -54.93 40.38
CA MET K 126 39.24 -56.27 40.60
C MET K 126 38.18 -57.23 41.14
N ASP K 127 37.26 -56.73 41.98
CA ASP K 127 36.22 -57.57 42.56
C ASP K 127 35.33 -58.07 41.44
N ARG K 128 35.01 -57.18 40.48
CA ARG K 128 34.08 -57.57 39.44
C ARG K 128 34.73 -58.49 38.41
N ILE K 129 36.05 -58.40 38.21
CA ILE K 129 36.74 -59.29 37.31
CA ILE K 129 36.77 -59.29 37.32
C ILE K 129 36.71 -60.70 37.91
N SER K 130 36.93 -60.77 39.23
CA SER K 130 37.01 -62.01 40.00
C SER K 130 35.65 -62.67 40.17
N ASN K 131 34.57 -61.88 40.34
CA ASN K 131 33.29 -62.38 40.77
C ASN K 131 32.16 -61.96 39.83
N GLY K 132 32.44 -61.10 38.84
CA GLY K 132 31.36 -60.59 37.99
C GLY K 132 31.10 -61.46 36.77
N GLY K 133 31.55 -62.72 36.81
CA GLY K 133 31.26 -63.71 35.79
C GLY K 133 29.77 -64.02 35.71
N LEU K 134 29.44 -64.98 34.82
CA LEU K 134 28.06 -65.33 34.52
C LEU K 134 27.34 -65.81 35.77
N GLU K 135 27.94 -66.77 36.48
CA GLU K 135 27.55 -67.11 37.84
C GLU K 135 28.30 -66.19 38.80
N GLU K 136 27.56 -65.52 39.69
CA GLU K 136 28.18 -64.63 40.68
C GLU K 136 29.17 -65.41 41.55
N GLY K 137 30.35 -64.84 41.76
CA GLY K 137 31.42 -65.47 42.53
C GLY K 137 32.53 -66.01 41.62
N LYS K 138 32.16 -66.38 40.39
CA LYS K 138 33.05 -66.91 39.36
C LYS K 138 33.64 -65.73 38.56
N PRO K 139 34.89 -65.83 38.06
CA PRO K 139 35.50 -64.72 37.32
C PRO K 139 34.99 -64.59 35.88
N VAL K 140 35.25 -63.43 35.27
CA VAL K 140 34.91 -63.24 33.87
C VAL K 140 35.84 -64.09 33.00
N ASP K 141 35.35 -64.50 31.84
CA ASP K 141 36.13 -65.32 30.92
C ASP K 141 37.23 -64.50 30.23
N LEU K 142 37.00 -63.20 30.02
CA LEU K 142 37.91 -62.37 29.26
C LEU K 142 37.69 -60.92 29.69
N VAL K 143 38.76 -60.11 29.67
CA VAL K 143 38.71 -58.67 29.77
C VAL K 143 39.17 -58.07 28.44
N LEU K 144 38.48 -57.04 27.96
CA LEU K 144 38.88 -56.34 26.74
C LEU K 144 39.16 -54.88 27.09
N SER K 145 40.41 -54.49 26.87
CA SER K 145 40.84 -53.12 27.04
C SER K 145 40.60 -52.36 25.73
N CYS K 146 39.67 -51.40 25.79
CA CYS K 146 39.39 -50.55 24.66
C CYS K 146 39.50 -49.10 25.12
N VAL K 147 40.47 -48.87 26.02
CA VAL K 147 40.74 -47.53 26.49
C VAL K 147 41.73 -46.85 25.55
N ASP K 148 42.04 -45.58 25.79
CA ASP K 148 42.77 -44.75 24.85
C ASP K 148 44.05 -44.14 25.45
N ASN K 149 44.52 -44.67 26.58
CA ASN K 149 45.60 -44.05 27.35
C ASN K 149 46.40 -45.12 28.09
N PHE K 150 47.68 -44.82 28.31
CA PHE K 150 48.63 -45.75 28.90
C PHE K 150 48.24 -46.07 30.35
N GLU K 151 47.86 -45.04 31.10
CA GLU K 151 47.57 -45.18 32.51
C GLU K 151 46.50 -46.25 32.75
N ALA K 152 45.43 -46.24 31.94
CA ALA K 152 44.32 -47.16 32.13
C ALA K 152 44.71 -48.57 31.70
N ARG K 153 45.48 -48.65 30.62
CA ARG K 153 45.97 -49.93 30.12
C ARG K 153 46.84 -50.58 31.20
N MET K 154 47.72 -49.77 31.80
CA MET K 154 48.64 -50.27 32.81
C MET K 154 47.87 -50.76 34.03
N THR K 155 46.74 -50.09 34.32
CA THR K 155 45.85 -50.44 35.41
C THR K 155 45.23 -51.82 35.18
N ILE K 156 44.71 -52.05 33.96
CA ILE K 156 44.15 -53.34 33.62
C ILE K 156 45.23 -54.42 33.75
N ASN K 157 46.43 -54.08 33.27
CA ASN K 157 47.58 -54.98 33.30
C ASN K 157 47.89 -55.40 34.74
N THR K 158 47.96 -54.40 35.64
CA THR K 158 48.22 -54.66 37.04
C THR K 158 47.18 -55.61 37.60
N ALA K 159 45.90 -55.39 37.26
CA ALA K 159 44.84 -56.18 37.85
C ALA K 159 44.86 -57.63 37.34
N CYS K 160 45.16 -57.79 36.05
CA CYS K 160 45.14 -59.09 35.40
C CYS K 160 46.37 -59.93 35.78
N ASN K 161 47.52 -59.28 35.98
CA ASN K 161 48.67 -60.01 36.45
C ASN K 161 48.44 -60.53 37.88
N GLU K 162 47.89 -59.70 38.76
CA GLU K 162 47.58 -60.11 40.12
C GLU K 162 46.58 -61.27 40.15
N LEU K 163 45.60 -61.28 39.24
CA LEU K 163 44.50 -62.22 39.32
C LEU K 163 44.73 -63.46 38.45
N GLY K 164 45.71 -63.37 37.53
CA GLY K 164 45.95 -64.41 36.55
C GLY K 164 44.85 -64.48 35.49
N GLN K 165 44.43 -63.29 35.01
CA GLN K 165 43.26 -63.15 34.16
C GLN K 165 43.71 -62.89 32.72
N THR K 166 43.26 -63.75 31.79
CA THR K 166 43.58 -63.55 30.37
C THR K 166 42.78 -62.35 29.87
N TRP K 167 43.41 -61.53 29.03
CA TRP K 167 42.73 -60.35 28.52
C TRP K 167 43.22 -59.99 27.13
N MET K 168 42.44 -59.17 26.42
CA MET K 168 42.89 -58.68 25.14
C MET K 168 42.97 -57.15 25.17
N GLU K 169 44.01 -56.61 24.56
CA GLU K 169 44.22 -55.16 24.52
C GLU K 169 44.05 -54.67 23.07
N SER K 170 43.32 -53.58 22.90
CA SER K 170 43.18 -52.99 21.57
C SER K 170 43.46 -51.49 21.65
N GLY K 171 44.04 -50.99 20.57
CA GLY K 171 44.34 -49.58 20.52
C GLY K 171 44.07 -49.07 19.12
N VAL K 172 43.83 -47.77 19.02
CA VAL K 172 43.84 -47.10 17.73
C VAL K 172 44.75 -45.88 17.82
N SER K 173 45.59 -45.70 16.80
CA SER K 173 46.45 -44.55 16.63
C SER K 173 45.71 -43.22 16.81
N GLU K 174 46.39 -42.23 17.38
CA GLU K 174 45.84 -40.88 17.46
C GLU K 174 45.72 -40.22 16.07
N ASN K 175 46.33 -40.81 15.04
CA ASN K 175 46.17 -40.26 13.71
C ASN K 175 45.16 -41.09 12.92
N ALA K 176 44.50 -42.05 13.58
CA ALA K 176 43.32 -42.71 13.03
C ALA K 176 43.64 -43.75 11.94
N VAL K 177 44.91 -43.88 11.52
CA VAL K 177 45.09 -44.74 10.37
C VAL K 177 45.78 -46.06 10.70
N SER K 178 45.80 -46.43 11.98
CA SER K 178 46.35 -47.72 12.40
C SER K 178 45.83 -48.14 13.77
N GLY K 179 45.86 -49.45 14.01
CA GLY K 179 45.53 -50.02 15.31
C GLY K 179 45.89 -51.50 15.37
N HIS K 180 45.55 -52.13 16.49
CA HIS K 180 46.01 -53.47 16.79
C HIS K 180 45.13 -54.09 17.86
N ILE K 181 45.20 -55.42 17.95
CA ILE K 181 44.74 -56.19 19.09
C ILE K 181 45.89 -57.07 19.55
N GLN K 182 45.86 -57.47 20.83
CA GLN K 182 46.93 -58.23 21.43
C GLN K 182 46.39 -59.08 22.57
N LEU K 183 46.78 -60.36 22.60
CA LEU K 183 46.32 -61.27 23.63
C LEU K 183 47.38 -61.40 24.72
N ILE K 184 47.00 -61.09 25.96
CA ILE K 184 47.85 -61.24 27.15
C ILE K 184 47.30 -62.41 27.98
N ILE K 185 48.10 -63.48 28.05
CA ILE K 185 47.88 -64.55 29.01
C ILE K 185 49.00 -64.44 30.04
N PRO K 186 48.78 -63.78 31.20
CA PRO K 186 49.85 -63.48 32.15
C PRO K 186 50.59 -64.75 32.53
N GLY K 187 51.92 -64.70 32.33
CA GLY K 187 52.78 -65.87 32.54
C GLY K 187 53.21 -66.52 31.23
N GLU K 188 52.25 -66.69 30.31
CA GLU K 188 52.45 -67.40 29.05
C GLU K 188 52.84 -66.41 27.95
N SER K 189 52.22 -65.24 27.91
CA SER K 189 52.63 -64.26 26.92
C SER K 189 53.11 -63.00 27.64
N ALA K 190 53.71 -62.08 26.88
CA ALA K 190 54.11 -60.80 27.39
C ALA K 190 52.90 -60.09 28.01
N CYS K 191 53.10 -59.53 29.20
CA CYS K 191 52.11 -58.62 29.73
C CYS K 191 52.39 -57.27 29.10
N PHE K 192 51.52 -56.30 29.38
CA PHE K 192 51.62 -54.96 28.84
C PHE K 192 52.88 -54.26 29.35
N ALA K 193 53.40 -54.66 30.51
CA ALA K 193 54.58 -54.05 31.09
C ALA K 193 55.88 -54.74 30.62
N CYS K 194 55.80 -55.97 30.12
CA CYS K 194 57.00 -56.68 29.70
C CYS K 194 57.79 -55.90 28.65
N ALA K 195 57.10 -55.24 27.72
CA ALA K 195 57.84 -54.58 26.65
C ALA K 195 57.16 -53.27 26.29
N PRO K 196 57.85 -52.32 25.62
CA PRO K 196 57.18 -51.15 25.03
C PRO K 196 56.07 -51.52 24.03
N PRO K 197 55.06 -50.64 23.83
CA PRO K 197 53.99 -50.93 22.87
C PRO K 197 54.57 -51.23 21.49
N LEU K 198 54.00 -52.28 20.90
CA LEU K 198 54.32 -52.72 19.55
C LEU K 198 53.38 -52.00 18.59
N VAL K 199 53.97 -51.16 17.72
CA VAL K 199 53.23 -50.32 16.79
C VAL K 199 53.40 -50.84 15.36
N VAL K 200 52.62 -50.25 14.44
CA VAL K 200 52.40 -50.83 13.13
C VAL K 200 52.40 -49.73 12.08
N ALA K 201 52.85 -48.53 12.43
CA ALA K 201 52.88 -47.46 11.43
C ALA K 201 54.09 -46.55 11.65
N GLU K 212 42.98 -32.46 25.73
CA GLU K 212 42.17 -31.50 26.46
C GLU K 212 42.06 -30.20 25.66
N GLY K 213 43.18 -29.78 25.06
CA GLY K 213 43.24 -28.63 24.17
C GLY K 213 42.97 -29.05 22.72
N VAL K 214 43.65 -30.12 22.31
CA VAL K 214 43.40 -30.78 21.03
C VAL K 214 42.74 -32.15 21.25
N CYS K 215 42.54 -32.88 20.14
CA CYS K 215 41.90 -34.19 20.17
C CYS K 215 42.57 -35.06 19.12
N ALA K 216 42.54 -36.37 19.34
CA ALA K 216 42.99 -37.31 18.34
C ALA K 216 42.01 -37.38 17.17
N ALA K 217 42.53 -37.70 16.00
CA ALA K 217 41.70 -38.05 14.87
C ALA K 217 41.14 -39.44 15.11
N SER K 218 39.94 -39.68 14.56
CA SER K 218 39.31 -40.98 14.56
C SER K 218 38.45 -41.13 13.31
N LEU K 219 38.38 -42.36 12.82
CA LEU K 219 37.57 -42.70 11.66
C LEU K 219 36.72 -43.89 12.04
N PRO K 220 35.48 -43.98 11.53
CA PRO K 220 34.60 -45.07 11.90
C PRO K 220 35.12 -46.33 11.21
N THR K 221 35.90 -46.15 10.14
CA THR K 221 36.41 -47.27 9.38
C THR K 221 37.38 -48.03 10.27
N THR K 222 38.40 -47.32 10.75
CA THR K 222 39.50 -47.92 11.49
C THR K 222 38.97 -48.60 12.74
N MET K 223 38.07 -47.91 13.44
CA MET K 223 37.41 -48.44 14.63
C MET K 223 36.61 -49.71 14.33
N GLY K 224 35.90 -49.73 13.19
CA GLY K 224 35.13 -50.90 12.80
C GLY K 224 36.03 -52.10 12.52
N VAL K 225 37.16 -51.87 11.86
CA VAL K 225 38.08 -52.95 11.51
C VAL K 225 38.64 -53.56 12.80
N VAL K 226 39.16 -52.70 13.69
CA VAL K 226 39.79 -53.08 14.95
C VAL K 226 38.79 -53.85 15.81
N ALA K 227 37.57 -53.33 16.00
CA ALA K 227 36.59 -54.03 16.80
C ALA K 227 36.27 -55.39 16.17
N GLY K 228 36.13 -55.38 14.85
CA GLY K 228 35.81 -56.58 14.12
C GLY K 228 36.83 -57.68 14.35
N ILE K 229 38.10 -57.36 14.13
CA ILE K 229 39.15 -58.35 14.36
C ILE K 229 39.24 -58.69 15.85
N LEU K 230 39.01 -57.70 16.74
CA LEU K 230 39.05 -57.92 18.17
C LEU K 230 38.07 -59.02 18.58
N VAL K 231 36.82 -58.88 18.10
CA VAL K 231 35.76 -59.78 18.51
C VAL K 231 35.90 -61.12 17.80
N GLN K 232 36.44 -61.09 16.57
CA GLN K 232 36.77 -62.33 15.90
C GLN K 232 37.80 -63.11 16.73
N ASN K 233 38.79 -62.43 17.32
CA ASN K 233 39.72 -63.12 18.19
C ASN K 233 39.02 -63.67 19.43
N VAL K 234 38.09 -62.91 19.98
CA VAL K 234 37.34 -63.30 21.15
C VAL K 234 36.59 -64.60 20.86
N LEU K 235 35.96 -64.63 19.67
CA LEU K 235 35.12 -65.76 19.30
C LEU K 235 35.98 -67.01 19.13
N LYS K 236 37.10 -66.86 18.41
CA LYS K 236 37.98 -67.96 18.10
C LYS K 236 38.54 -68.55 19.40
N PHE K 237 38.79 -67.65 20.36
CA PHE K 237 39.41 -67.99 21.63
C PHE K 237 38.42 -68.73 22.53
N LEU K 238 37.20 -68.22 22.63
CA LEU K 238 36.26 -68.81 23.57
C LEU K 238 35.64 -70.10 23.00
N LEU K 239 35.40 -70.14 21.69
CA LEU K 239 34.63 -71.23 21.10
C LEU K 239 35.52 -72.21 20.34
N ASN K 240 36.86 -71.99 20.44
CA ASN K 240 37.94 -72.86 19.98
C ASN K 240 37.80 -73.23 18.50
N PHE K 241 37.98 -72.25 17.63
CA PHE K 241 38.00 -72.51 16.21
C PHE K 241 39.01 -71.55 15.59
N GLY K 242 39.45 -71.87 14.37
CA GLY K 242 40.54 -71.16 13.72
C GLY K 242 41.73 -70.99 14.67
N THR K 243 42.59 -70.02 14.37
CA THR K 243 43.79 -69.79 15.14
C THR K 243 43.69 -68.42 15.81
N VAL K 244 43.86 -68.43 17.13
CA VAL K 244 43.94 -67.20 17.89
C VAL K 244 45.26 -66.48 17.58
N SER K 245 45.18 -65.17 17.31
CA SER K 245 46.33 -64.30 17.14
C SER K 245 46.78 -63.75 18.49
N PHE K 246 48.10 -63.68 18.71
CA PHE K 246 48.64 -63.11 19.93
C PHE K 246 48.81 -61.61 19.77
N TYR K 247 48.92 -61.21 18.50
CA TYR K 247 49.03 -59.84 18.07
C TYR K 247 48.58 -59.76 16.61
N LEU K 248 47.68 -58.82 16.32
CA LEU K 248 47.33 -58.54 14.95
C LEU K 248 47.13 -57.04 14.81
N GLY K 249 47.91 -56.46 13.90
CA GLY K 249 47.95 -55.04 13.63
C GLY K 249 47.21 -54.70 12.35
N TYR K 250 47.01 -53.40 12.11
CA TYR K 250 46.29 -52.89 10.96
C TYR K 250 46.84 -51.53 10.61
N ASN K 251 47.50 -51.48 9.45
CA ASN K 251 47.94 -50.22 8.89
C ASN K 251 47.01 -49.89 7.73
N ALA K 252 46.19 -48.85 7.89
CA ALA K 252 45.13 -48.55 6.93
C ALA K 252 45.71 -47.90 5.68
N MET K 253 46.83 -47.19 5.83
CA MET K 253 47.52 -46.53 4.73
C MET K 253 47.96 -47.56 3.69
N GLN K 254 48.53 -48.69 4.14
CA GLN K 254 49.12 -49.70 3.26
C GLN K 254 48.24 -50.95 3.14
N ASP K 255 47.11 -51.02 3.84
CA ASP K 255 46.28 -52.21 3.87
C ASP K 255 47.11 -53.43 4.30
N PHE K 256 47.90 -53.26 5.37
CA PHE K 256 48.85 -54.25 5.84
C PHE K 256 48.45 -54.69 7.25
N PHE K 257 48.45 -56.01 7.49
CA PHE K 257 47.99 -56.51 8.78
C PHE K 257 49.05 -57.40 9.47
N PRO K 258 50.13 -56.83 10.06
CA PRO K 258 51.20 -57.66 10.64
C PRO K 258 50.80 -58.44 11.90
N THR K 259 51.25 -59.69 12.03
CA THR K 259 51.02 -60.47 13.25
C THR K 259 52.32 -60.65 14.04
N MET K 260 52.19 -61.00 15.33
CA MET K 260 53.34 -61.33 16.15
C MET K 260 52.90 -62.11 17.38
N SER K 261 53.88 -62.48 18.18
CA SER K 261 53.64 -63.32 19.34
C SER K 261 54.67 -62.92 20.39
N MET K 262 54.24 -62.05 21.30
CA MET K 262 55.14 -61.42 22.25
C MET K 262 55.37 -62.33 23.45
N LYS K 263 56.64 -62.44 23.82
CA LYS K 263 57.11 -63.39 24.82
C LYS K 263 57.44 -62.61 26.08
N PRO K 264 57.17 -63.18 27.27
CA PRO K 264 57.34 -62.44 28.53
C PRO K 264 58.80 -62.15 28.84
N ASN K 265 59.04 -60.91 29.27
CA ASN K 265 60.31 -60.43 29.78
C ASN K 265 60.51 -60.94 31.21
N PRO K 266 61.58 -61.72 31.50
CA PRO K 266 61.83 -62.19 32.86
C PRO K 266 62.26 -61.13 33.89
N GLN K 267 62.65 -59.93 33.44
CA GLN K 267 62.93 -58.82 34.33
C GLN K 267 61.84 -57.74 34.23
N CYS K 268 60.59 -58.18 33.96
CA CYS K 268 59.44 -57.31 33.82
C CYS K 268 59.23 -56.57 35.15
N ASP K 269 59.05 -55.24 35.10
CA ASP K 269 58.80 -54.43 36.30
C ASP K 269 57.65 -54.99 37.13
N ASP K 270 56.65 -55.60 36.48
CA ASP K 270 55.51 -56.18 37.18
C ASP K 270 55.91 -57.51 37.85
N ARG K 271 56.11 -57.45 39.16
CA ARG K 271 56.44 -58.58 40.02
C ARG K 271 55.42 -59.71 39.83
N ASN K 272 54.14 -59.39 39.71
CA ASN K 272 53.17 -60.45 39.49
C ASN K 272 53.36 -61.15 38.14
N CYS K 273 53.79 -60.41 37.10
CA CYS K 273 54.06 -61.02 35.81
C CYS K 273 55.19 -62.06 35.96
N ARG K 274 56.23 -61.67 36.72
CA ARG K 274 57.36 -62.50 37.06
C ARG K 274 56.84 -63.76 37.76
N LYS K 275 55.96 -63.55 38.74
CA LYS K 275 55.36 -64.64 39.50
C LYS K 275 54.60 -65.56 38.56
N GLN K 276 53.85 -65.00 37.61
CA GLN K 276 53.04 -65.79 36.69
C GLN K 276 53.93 -66.60 35.74
N GLN K 277 55.03 -65.99 35.28
CA GLN K 277 56.02 -66.66 34.44
C GLN K 277 56.55 -67.91 35.15
N GLU K 278 56.86 -67.80 36.45
CA GLU K 278 57.37 -68.90 37.27
C GLU K 278 56.33 -70.02 37.31
N GLU K 279 55.08 -69.64 37.61
CA GLU K 279 53.95 -70.54 37.69
C GLU K 279 53.81 -71.32 36.38
N TYR K 280 54.01 -70.62 35.27
CA TYR K 280 53.73 -71.20 33.96
C TYR K 280 54.85 -72.16 33.60
N LYS K 281 56.09 -71.79 33.97
CA LYS K 281 57.27 -72.59 33.67
C LYS K 281 57.21 -73.89 34.47
N LYS K 282 56.61 -73.84 35.66
CA LYS K 282 56.39 -75.00 36.52
C LYS K 282 55.38 -75.96 35.92
N LYS K 283 54.23 -75.44 35.46
CA LYS K 283 53.16 -76.23 34.87
C LYS K 283 53.64 -76.91 33.58
N VAL K 284 54.60 -76.29 32.89
CA VAL K 284 55.18 -76.80 31.65
C VAL K 284 56.05 -78.03 31.96
N ALA K 285 56.82 -77.93 33.05
CA ALA K 285 57.73 -78.98 33.51
C ALA K 285 56.97 -80.15 34.13
N ALA K 286 55.67 -79.97 34.37
CA ALA K 286 54.77 -81.05 34.77
C ALA K 286 53.97 -81.50 33.54
N GLY L 1 19.35 -33.68 19.58
CA GLY L 1 20.20 -34.37 18.57
C GLY L 1 21.11 -33.40 17.81
N ARG L 2 21.09 -33.49 16.48
CA ARG L 2 22.17 -32.94 15.70
C ARG L 2 21.66 -31.87 14.75
N VAL L 3 22.25 -30.67 14.87
CA VAL L 3 21.98 -29.57 13.95
C VAL L 3 22.79 -29.75 12.68
N ARG L 4 22.20 -29.30 11.58
CA ARG L 4 22.85 -29.14 10.30
C ARG L 4 24.09 -28.24 10.43
N ILE L 5 25.14 -28.60 9.68
CA ILE L 5 26.33 -27.77 9.60
C ILE L 5 26.58 -27.42 8.14
N GLU L 6 26.73 -26.11 7.86
CA GLU L 6 26.92 -25.65 6.49
C GLU L 6 28.40 -25.82 6.09
N LYS L 7 29.31 -25.45 6.98
CA LYS L 7 30.73 -25.56 6.67
C LYS L 7 31.39 -26.35 7.81
N MET L 8 32.10 -27.44 7.46
CA MET L 8 32.75 -28.26 8.45
C MET L 8 33.84 -27.47 9.16
N SER L 9 34.10 -27.84 10.41
CA SER L 9 34.93 -27.05 11.28
C SER L 9 35.96 -27.92 11.98
N SER L 10 37.17 -27.40 12.15
CA SER L 10 38.21 -28.09 12.90
C SER L 10 38.14 -27.76 14.40
N GLU L 11 37.22 -26.88 14.79
CA GLU L 11 37.13 -26.42 16.18
C GLU L 11 36.91 -27.61 17.12
N VAL L 12 37.80 -27.73 18.11
CA VAL L 12 37.78 -28.86 19.01
C VAL L 12 36.81 -28.59 20.16
N VAL L 13 35.53 -28.96 19.97
CA VAL L 13 34.49 -28.85 21.00
C VAL L 13 33.57 -30.06 20.93
N ASP L 14 32.94 -30.35 22.06
CA ASP L 14 32.13 -31.55 22.27
C ASP L 14 30.88 -31.50 21.40
N SER L 15 30.52 -30.30 20.93
CA SER L 15 29.33 -30.09 20.12
C SER L 15 29.63 -30.27 18.63
N ASN L 16 30.91 -30.35 18.26
CA ASN L 16 31.32 -30.42 16.86
C ASN L 16 31.46 -31.89 16.44
N PRO L 17 30.51 -32.43 15.64
CA PRO L 17 30.57 -33.84 15.24
C PRO L 17 31.61 -34.14 14.15
N TYR L 18 32.28 -33.10 13.68
CA TYR L 18 33.29 -33.23 12.65
C TYR L 18 34.70 -33.00 13.20
N SER L 19 34.81 -32.60 14.47
CA SER L 19 36.11 -32.26 15.05
C SER L 19 37.16 -33.37 14.91
N ARG L 20 36.79 -34.63 15.11
CA ARG L 20 37.78 -35.70 15.10
C ARG L 20 38.06 -36.15 13.67
N LEU L 21 37.22 -35.69 12.72
CA LEU L 21 37.39 -36.03 11.30
C LEU L 21 38.26 -34.96 10.64
N MET L 22 38.00 -33.70 10.98
CA MET L 22 38.79 -32.59 10.49
C MET L 22 40.16 -32.55 11.16
N ALA L 23 40.33 -33.33 12.24
CA ALA L 23 41.61 -33.47 12.90
C ALA L 23 42.64 -34.07 11.93
N LEU L 24 42.17 -34.90 10.99
CA LEU L 24 43.02 -35.49 9.98
C LEU L 24 43.73 -34.42 9.14
N LYS L 25 43.19 -33.20 9.10
CA LYS L 25 43.82 -32.12 8.35
C LYS L 25 45.06 -31.64 9.11
N ARG L 26 44.91 -31.20 10.36
CA ARG L 26 46.04 -30.62 11.05
C ARG L 26 47.03 -31.70 11.46
N MET L 27 46.88 -32.92 10.92
CA MET L 27 47.80 -34.01 11.18
C MET L 27 48.42 -34.49 9.88
N GLY L 28 48.19 -33.73 8.79
CA GLY L 28 48.72 -34.03 7.46
C GLY L 28 48.37 -35.42 6.90
N ILE L 29 47.29 -36.04 7.39
CA ILE L 29 46.85 -37.32 6.85
C ILE L 29 45.99 -37.09 5.60
N VAL L 30 44.95 -36.26 5.74
CA VAL L 30 44.07 -35.90 4.65
C VAL L 30 44.05 -34.39 4.54
N SER L 31 44.61 -33.87 3.45
CA SER L 31 44.74 -32.44 3.19
C SER L 31 43.38 -31.76 3.06
N ASP L 32 42.47 -32.42 2.35
CA ASP L 32 41.25 -31.82 1.84
C ASP L 32 40.06 -32.66 2.32
N TYR L 33 39.92 -32.83 3.65
CA TYR L 33 38.94 -33.75 4.19
C TYR L 33 37.52 -33.33 3.81
N GLU L 34 37.27 -32.01 3.89
CA GLU L 34 35.94 -31.44 3.71
C GLU L 34 35.40 -31.80 2.33
N LYS L 35 36.27 -32.25 1.42
CA LYS L 35 35.88 -32.55 0.06
C LYS L 35 34.92 -33.72 0.03
N ILE L 36 34.85 -34.46 1.13
CA ILE L 36 34.02 -35.64 1.18
C ILE L 36 32.56 -35.28 0.94
N ARG L 37 32.20 -34.01 1.25
CA ARG L 37 30.85 -33.49 1.17
C ARG L 37 30.42 -33.32 -0.28
N THR L 38 31.39 -33.41 -1.20
CA THR L 38 31.15 -33.16 -2.62
C THR L 38 30.88 -34.45 -3.38
N PHE L 39 30.95 -35.61 -2.73
CA PHE L 39 30.81 -36.86 -3.47
C PHE L 39 29.48 -37.52 -3.19
N ALA L 40 29.01 -38.29 -4.19
CA ALA L 40 27.83 -39.14 -4.09
C ALA L 40 28.23 -40.59 -4.36
N VAL L 41 27.73 -41.47 -3.49
CA VAL L 41 28.06 -42.87 -3.57
C VAL L 41 26.76 -43.67 -3.61
N ALA L 42 26.69 -44.61 -4.56
CA ALA L 42 25.57 -45.53 -4.65
C ALA L 42 25.94 -46.85 -3.97
N ILE L 43 25.03 -47.36 -3.15
CA ILE L 43 25.20 -48.63 -2.46
C ILE L 43 24.08 -49.57 -2.84
N VAL L 44 24.42 -50.64 -3.56
CA VAL L 44 23.46 -51.69 -3.87
C VAL L 44 23.63 -52.81 -2.82
N GLY L 45 22.59 -53.04 -2.04
CA GLY L 45 22.61 -54.07 -1.02
C GLY L 45 22.81 -53.42 0.34
N VAL L 46 21.72 -53.19 1.07
CA VAL L 46 21.82 -52.59 2.39
C VAL L 46 21.49 -53.66 3.43
N GLY L 47 22.21 -54.79 3.32
CA GLY L 47 22.23 -55.82 4.36
C GLY L 47 23.43 -55.69 5.30
N GLY L 48 24.09 -56.83 5.56
CA GLY L 48 25.17 -56.91 6.53
C GLY L 48 26.30 -55.90 6.28
N VAL L 49 26.87 -55.92 5.07
CA VAL L 49 27.98 -55.06 4.68
C VAL L 49 27.46 -53.66 4.31
N GLY L 50 26.43 -53.63 3.46
CA GLY L 50 25.89 -52.39 2.91
C GLY L 50 25.47 -51.39 3.98
N SER L 51 24.73 -51.85 4.99
CA SER L 51 24.19 -50.97 6.00
C SER L 51 25.35 -50.37 6.80
N VAL L 52 26.35 -51.20 7.12
CA VAL L 52 27.48 -50.69 7.89
C VAL L 52 28.29 -49.73 7.02
N THR L 53 28.38 -50.04 5.72
CA THR L 53 29.04 -49.20 4.74
C THR L 53 28.40 -47.80 4.72
N ALA L 54 27.06 -47.79 4.68
CA ALA L 54 26.24 -46.60 4.65
C ALA L 54 26.44 -45.80 5.93
N GLU L 55 26.44 -46.52 7.06
CA GLU L 55 26.59 -45.85 8.35
C GLU L 55 27.93 -45.14 8.40
N MET L 56 28.98 -45.80 7.88
CA MET L 56 30.33 -45.29 7.99
C MET L 56 30.46 -44.03 7.14
N LEU L 57 29.97 -44.11 5.89
CA LEU L 57 30.03 -42.97 5.00
C LEU L 57 29.21 -41.78 5.54
N THR L 58 28.04 -42.07 6.13
CA THR L 58 27.16 -41.04 6.70
C THR L 58 27.93 -40.29 7.79
N ARG L 59 28.52 -41.05 8.72
CA ARG L 59 29.25 -40.46 9.82
C ARG L 59 30.46 -39.70 9.30
N CYS L 60 30.93 -40.07 8.10
CA CYS L 60 32.09 -39.38 7.56
C CYS L 60 31.68 -38.03 6.99
N GLY L 61 30.42 -37.96 6.55
CA GLY L 61 29.87 -36.75 6.00
C GLY L 61 29.90 -36.74 4.47
N ILE L 62 29.63 -37.90 3.89
CA ILE L 62 29.56 -37.98 2.44
C ILE L 62 28.44 -37.03 1.97
N GLY L 63 28.63 -36.44 0.79
CA GLY L 63 27.62 -35.60 0.14
C GLY L 63 26.23 -36.24 0.00
N LYS L 64 26.17 -37.45 -0.57
CA LYS L 64 24.90 -38.12 -0.84
C LYS L 64 25.11 -39.64 -0.94
N LEU L 65 24.07 -40.37 -0.52
CA LEU L 65 24.03 -41.82 -0.68
C LEU L 65 22.78 -42.18 -1.46
N LEU L 66 22.92 -43.09 -2.42
CA LEU L 66 21.78 -43.75 -3.04
C LEU L 66 21.75 -45.21 -2.60
N LEU L 67 20.64 -45.64 -2.02
CA LEU L 67 20.51 -46.97 -1.47
C LEU L 67 19.53 -47.74 -2.33
N PHE L 68 19.93 -48.95 -2.73
CA PHE L 68 19.08 -49.86 -3.48
C PHE L 68 18.98 -51.20 -2.73
N ASP L 69 17.78 -51.74 -2.63
CA ASP L 69 17.58 -53.01 -1.98
C ASP L 69 16.10 -53.34 -2.16
N TYR L 70 15.78 -54.63 -2.25
CA TYR L 70 14.41 -55.06 -2.47
C TYR L 70 13.82 -55.68 -1.20
N ASP L 71 14.62 -55.90 -0.15
CA ASP L 71 14.18 -56.76 0.94
C ASP L 71 13.76 -55.97 2.18
N LYS L 72 13.00 -56.64 3.06
CA LYS L 72 12.60 -56.10 4.35
C LYS L 72 13.56 -56.57 5.45
N VAL L 73 13.68 -55.76 6.50
CA VAL L 73 14.35 -56.14 7.73
C VAL L 73 13.61 -57.29 8.41
N GLU L 74 14.35 -58.34 8.81
CA GLU L 74 13.84 -59.49 9.54
C GLU L 74 14.68 -59.72 10.78
N LEU L 75 14.14 -60.43 11.78
CA LEU L 75 14.88 -60.65 13.01
C LEU L 75 16.11 -61.55 12.76
N ALA L 76 16.08 -62.33 11.67
CA ALA L 76 17.20 -63.15 11.24
C ALA L 76 18.41 -62.29 10.83
N ASN L 77 18.19 -60.98 10.63
CA ASN L 77 19.27 -60.08 10.26
C ASN L 77 19.90 -59.48 11.52
N MET L 78 19.38 -59.87 12.68
CA MET L 78 19.74 -59.25 13.95
C MET L 78 21.10 -59.77 14.44
N ASN L 79 21.69 -60.69 13.68
CA ASN L 79 23.02 -61.16 13.99
C ASN L 79 24.06 -60.22 13.38
N ARG L 80 23.65 -59.42 12.39
CA ARG L 80 24.58 -58.44 11.83
C ARG L 80 24.31 -57.06 12.41
N LEU L 81 25.20 -56.09 12.14
CA LEU L 81 25.14 -54.77 12.74
C LEU L 81 24.02 -53.93 12.13
N PHE L 82 23.78 -52.77 12.77
CA PHE L 82 23.00 -51.65 12.27
C PHE L 82 21.50 -51.76 12.60
N PHE L 83 20.77 -52.61 11.87
CA PHE L 83 19.34 -52.75 12.06
C PHE L 83 19.00 -53.26 13.47
N GLN L 84 17.92 -52.72 14.02
CA GLN L 84 17.47 -53.11 15.34
C GLN L 84 16.12 -53.82 15.23
N PRO L 85 15.78 -54.67 16.24
CA PRO L 85 14.55 -55.47 16.19
C PRO L 85 13.23 -54.73 15.90
N HIS L 86 13.09 -53.49 16.38
CA HIS L 86 11.91 -52.68 16.10
C HIS L 86 11.80 -52.30 14.62
N GLN L 87 12.88 -52.47 13.85
CA GLN L 87 12.84 -52.14 12.45
C GLN L 87 12.37 -53.33 11.62
N ALA L 88 12.08 -54.46 12.28
CA ALA L 88 11.55 -55.64 11.59
C ALA L 88 10.22 -55.32 10.92
N GLY L 89 10.16 -55.63 9.62
CA GLY L 89 8.99 -55.35 8.82
C GLY L 89 9.24 -54.22 7.83
N LEU L 90 10.08 -53.24 8.20
CA LEU L 90 10.35 -52.10 7.34
C LEU L 90 11.26 -52.53 6.21
N SER L 91 11.16 -51.87 5.07
CA SER L 91 12.13 -52.11 4.02
C SER L 91 13.51 -51.66 4.50
N LYS L 92 14.56 -52.34 4.00
CA LYS L 92 15.91 -52.06 4.43
C LYS L 92 16.28 -50.61 4.10
N VAL L 93 16.04 -50.17 2.85
CA VAL L 93 16.41 -48.84 2.40
C VAL L 93 15.71 -47.76 3.25
N GLN L 94 14.47 -48.07 3.65
CA GLN L 94 13.62 -47.15 4.39
C GLN L 94 14.13 -47.02 5.83
N ALA L 95 14.33 -48.15 6.51
CA ALA L 95 14.77 -48.13 7.90
C ALA L 95 16.15 -47.46 7.99
N ALA L 96 16.99 -47.76 6.97
CA ALA L 96 18.32 -47.21 6.90
C ALA L 96 18.23 -45.69 6.70
N GLU L 97 17.43 -45.23 5.72
CA GLU L 97 17.27 -43.80 5.49
C GLU L 97 16.87 -43.10 6.79
N HIS L 98 15.94 -43.66 7.55
CA HIS L 98 15.50 -43.00 8.76
C HIS L 98 16.65 -42.87 9.75
N THR L 99 17.29 -43.99 10.06
CA THR L 99 18.37 -44.00 11.04
C THR L 99 19.49 -43.08 10.57
N LEU L 100 19.88 -43.22 9.30
CA LEU L 100 21.02 -42.48 8.83
C LEU L 100 20.72 -40.99 8.86
N ARG L 101 19.48 -40.61 8.52
CA ARG L 101 19.11 -39.21 8.50
CA ARG L 101 19.06 -39.23 8.52
C ARG L 101 19.28 -38.68 9.93
N ASN L 102 18.92 -39.50 10.91
CA ASN L 102 19.06 -39.17 12.32
C ASN L 102 20.54 -39.02 12.70
N ILE L 103 21.41 -39.87 12.14
CA ILE L 103 22.82 -39.91 12.48
C ILE L 103 23.56 -38.68 11.97
N ASN L 104 23.25 -38.27 10.73
CA ASN L 104 23.85 -37.10 10.14
C ASN L 104 22.87 -36.40 9.20
N PRO L 105 22.24 -35.30 9.66
CA PRO L 105 21.30 -34.53 8.83
C PRO L 105 21.90 -33.77 7.64
N ASP L 106 23.22 -33.73 7.54
CA ASP L 106 23.92 -33.04 6.46
C ASP L 106 23.98 -33.90 5.20
N VAL L 107 23.58 -35.17 5.28
CA VAL L 107 23.79 -36.10 4.17
C VAL L 107 22.50 -36.19 3.37
N LEU L 108 22.61 -36.21 2.03
CA LEU L 108 21.45 -36.41 1.16
C LEU L 108 21.23 -37.89 0.91
N PHE L 109 19.95 -38.29 0.85
CA PHE L 109 19.55 -39.66 0.56
C PHE L 109 18.59 -39.73 -0.62
N GLU L 110 18.69 -40.85 -1.33
CA GLU L 110 17.80 -41.22 -2.40
C GLU L 110 17.69 -42.75 -2.28
N VAL L 111 16.51 -43.25 -1.89
CA VAL L 111 16.38 -44.67 -1.64
C VAL L 111 15.42 -45.31 -2.64
N HIS L 112 15.74 -46.55 -3.02
CA HIS L 112 15.05 -47.28 -4.06
C HIS L 112 14.84 -48.72 -3.61
N ASN L 113 13.57 -49.05 -3.40
CA ASN L 113 13.18 -50.29 -2.77
C ASN L 113 12.77 -51.29 -3.86
N TYR L 114 13.71 -51.62 -4.75
CA TYR L 114 13.39 -52.57 -5.80
C TYR L 114 14.58 -53.46 -6.13
N ASN L 115 14.31 -54.46 -6.98
CA ASN L 115 15.28 -55.46 -7.39
C ASN L 115 15.97 -54.98 -8.68
N ILE L 116 17.30 -54.76 -8.65
CA ILE L 116 17.96 -54.05 -9.73
C ILE L 116 18.11 -54.93 -10.98
N THR L 117 17.70 -56.22 -10.90
CA THR L 117 18.01 -57.14 -11.99
C THR L 117 16.90 -57.31 -13.03
N THR L 118 15.64 -56.99 -12.69
CA THR L 118 14.49 -56.95 -13.60
C THR L 118 14.66 -55.85 -14.66
N VAL L 119 14.07 -56.05 -15.86
CA VAL L 119 14.38 -55.27 -17.06
C VAL L 119 14.03 -53.78 -16.93
N GLU L 120 12.88 -53.45 -16.33
CA GLU L 120 12.47 -52.05 -16.15
C GLU L 120 13.30 -51.37 -15.05
N ASN L 121 13.57 -52.09 -13.95
CA ASN L 121 14.30 -51.55 -12.82
C ASN L 121 15.76 -51.30 -13.16
N PHE L 122 16.28 -52.06 -14.13
CA PHE L 122 17.66 -51.96 -14.55
C PHE L 122 17.90 -50.66 -15.31
N GLN L 123 16.93 -50.29 -16.14
CA GLN L 123 16.96 -49.05 -16.89
C GLN L 123 17.05 -47.88 -15.92
N HIS L 124 16.20 -47.93 -14.88
CA HIS L 124 16.11 -46.89 -13.87
C HIS L 124 17.44 -46.80 -13.13
N PHE L 125 17.90 -47.96 -12.64
CA PHE L 125 19.17 -48.06 -11.94
C PHE L 125 20.29 -47.35 -12.69
N MET L 126 20.43 -47.62 -14.00
CA MET L 126 21.43 -47.02 -14.85
C MET L 126 21.24 -45.51 -14.95
N ASP L 127 19.97 -45.08 -14.97
CA ASP L 127 19.60 -43.67 -14.99
C ASP L 127 20.13 -43.00 -13.72
N ARG L 128 19.87 -43.62 -12.57
CA ARG L 128 20.29 -43.06 -11.29
C ARG L 128 21.83 -43.04 -11.12
N ILE L 129 22.54 -44.00 -11.72
CA ILE L 129 23.99 -44.01 -11.66
C ILE L 129 24.56 -42.84 -12.46
N SER L 130 23.95 -42.55 -13.63
CA SER L 130 24.40 -41.55 -14.60
C SER L 130 24.06 -40.12 -14.16
N ASN L 131 22.93 -39.95 -13.47
CA ASN L 131 22.37 -38.63 -13.21
C ASN L 131 22.10 -38.44 -11.72
N GLY L 132 22.39 -39.47 -10.92
CA GLY L 132 21.99 -39.45 -9.53
C GLY L 132 23.07 -38.87 -8.62
N GLY L 133 24.08 -38.23 -9.22
CA GLY L 133 25.16 -37.57 -8.50
C GLY L 133 24.67 -36.45 -7.56
N LEU L 134 25.63 -35.76 -6.94
CA LEU L 134 25.31 -34.74 -5.95
C LEU L 134 24.49 -33.65 -6.61
N GLU L 135 25.01 -33.14 -7.73
CA GLU L 135 24.32 -32.32 -8.71
C GLU L 135 23.55 -33.23 -9.67
N GLU L 136 22.22 -33.06 -9.74
CA GLU L 136 21.39 -33.85 -10.65
C GLU L 136 21.86 -33.68 -12.10
N GLY L 137 21.89 -34.79 -12.84
CA GLY L 137 22.42 -34.85 -14.19
C GLY L 137 23.87 -35.31 -14.25
N LYS L 138 24.63 -35.10 -13.16
CA LYS L 138 26.00 -35.60 -13.08
C LYS L 138 25.98 -37.00 -12.47
N PRO L 139 26.95 -37.89 -12.79
CA PRO L 139 26.95 -39.26 -12.24
C PRO L 139 27.44 -39.33 -10.80
N VAL L 140 27.10 -40.43 -10.11
CA VAL L 140 27.67 -40.75 -8.81
C VAL L 140 29.17 -40.95 -8.96
N ASP L 141 29.93 -40.66 -7.90
CA ASP L 141 31.37 -40.81 -7.94
C ASP L 141 31.80 -42.27 -7.78
N LEU L 142 30.97 -43.09 -7.12
CA LEU L 142 31.31 -44.48 -6.84
C LEU L 142 30.03 -45.28 -6.67
N VAL L 143 30.03 -46.50 -7.21
CA VAL L 143 29.02 -47.50 -6.88
C VAL L 143 29.67 -48.53 -5.97
N LEU L 144 28.90 -49.04 -5.00
CA LEU L 144 29.41 -50.07 -4.10
C LEU L 144 28.46 -51.25 -4.16
N SER L 145 28.98 -52.38 -4.65
CA SER L 145 28.25 -53.64 -4.64
C SER L 145 28.39 -54.30 -3.26
N CYS L 146 27.27 -54.43 -2.56
CA CYS L 146 27.18 -55.10 -1.28
C CYS L 146 26.04 -56.12 -1.33
N VAL L 147 25.83 -56.69 -2.50
CA VAL L 147 24.84 -57.73 -2.68
C VAL L 147 25.46 -59.08 -2.34
N ASP L 148 24.62 -60.13 -2.23
CA ASP L 148 25.02 -61.46 -1.77
C ASP L 148 24.82 -62.55 -2.81
N ASN L 149 24.84 -62.16 -4.09
CA ASN L 149 24.54 -63.11 -5.15
C ASN L 149 25.22 -62.66 -6.45
N PHE L 150 25.57 -63.66 -7.26
CA PHE L 150 26.32 -63.49 -8.50
C PHE L 150 25.51 -62.66 -9.50
N GLU L 151 24.19 -62.89 -9.58
CA GLU L 151 23.36 -62.29 -10.61
C GLU L 151 23.33 -60.76 -10.45
N ALA L 152 23.13 -60.31 -9.21
CA ALA L 152 23.11 -58.88 -8.94
C ALA L 152 24.48 -58.25 -9.15
N ARG L 153 25.57 -58.98 -8.84
CA ARG L 153 26.92 -58.48 -9.03
C ARG L 153 27.20 -58.31 -10.52
N MET L 154 26.76 -59.27 -11.31
CA MET L 154 26.97 -59.26 -12.75
C MET L 154 26.20 -58.09 -13.36
N THR L 155 24.96 -57.89 -12.89
CA THR L 155 24.14 -56.77 -13.31
C THR L 155 24.90 -55.46 -13.09
N ILE L 156 25.49 -55.26 -11.88
CA ILE L 156 26.15 -54.00 -11.58
C ILE L 156 27.29 -53.80 -12.56
N ASN L 157 28.02 -54.89 -12.81
CA ASN L 157 29.17 -54.93 -13.68
C ASN L 157 28.74 -54.50 -15.09
N THR L 158 27.59 -55.03 -15.54
CA THR L 158 27.13 -54.75 -16.88
C THR L 158 26.92 -53.24 -17.04
N ALA L 159 26.24 -52.66 -16.05
CA ALA L 159 25.91 -51.25 -16.04
C ALA L 159 27.18 -50.40 -16.06
N CYS L 160 28.13 -50.77 -15.20
CA CYS L 160 29.34 -49.98 -15.00
C CYS L 160 30.31 -50.08 -16.18
N ASN L 161 30.31 -51.22 -16.90
CA ASN L 161 31.11 -51.29 -18.10
C ASN L 161 30.50 -50.46 -19.21
N GLU L 162 29.16 -50.41 -19.26
CA GLU L 162 28.46 -49.61 -20.24
C GLU L 162 28.69 -48.13 -19.96
N LEU L 163 28.72 -47.75 -18.68
CA LEU L 163 28.79 -46.34 -18.35
C LEU L 163 30.22 -45.85 -18.09
N GLY L 164 31.19 -46.76 -17.98
CA GLY L 164 32.54 -46.37 -17.55
C GLY L 164 32.55 -45.83 -16.12
N GLN L 165 31.76 -46.49 -15.25
CA GLN L 165 31.62 -46.13 -13.85
C GLN L 165 32.58 -46.94 -12.97
N THR L 166 33.42 -46.23 -12.21
CA THR L 166 34.30 -46.81 -11.21
C THR L 166 33.46 -47.36 -10.05
N TRP L 167 33.71 -48.62 -9.66
CA TRP L 167 32.97 -49.20 -8.55
C TRP L 167 33.81 -50.17 -7.73
N MET L 168 33.26 -50.54 -6.58
CA MET L 168 33.92 -51.42 -5.65
C MET L 168 32.98 -52.57 -5.31
N GLU L 169 33.48 -53.79 -5.49
CA GLU L 169 32.70 -54.98 -5.19
C GLU L 169 33.12 -55.52 -3.83
N SER L 170 32.15 -55.87 -3.00
CA SER L 170 32.47 -56.50 -1.74
C SER L 170 31.61 -57.75 -1.51
N GLY L 171 32.20 -58.75 -0.86
CA GLY L 171 31.53 -60.02 -0.62
C GLY L 171 31.93 -60.65 0.71
N VAL L 172 31.08 -61.55 1.20
CA VAL L 172 31.29 -62.36 2.40
C VAL L 172 30.85 -63.77 2.03
N SER L 173 31.58 -64.77 2.52
CA SER L 173 31.34 -66.17 2.21
C SER L 173 30.05 -66.64 2.89
N GLU L 174 29.42 -67.68 2.32
CA GLU L 174 28.22 -68.26 2.91
C GLU L 174 28.52 -68.92 4.25
N ASN L 175 29.82 -69.05 4.58
CA ASN L 175 30.25 -69.71 5.80
C ASN L 175 30.85 -68.68 6.76
N ALA L 176 30.84 -67.41 6.35
CA ALA L 176 30.96 -66.29 7.27
C ALA L 176 32.41 -65.99 7.68
N VAL L 177 33.36 -66.83 7.29
CA VAL L 177 34.68 -66.62 7.85
C VAL L 177 35.66 -66.13 6.80
N SER L 178 35.15 -65.56 5.69
CA SER L 178 36.01 -64.89 4.75
C SER L 178 35.23 -63.83 3.98
N GLY L 179 35.97 -62.91 3.34
CA GLY L 179 35.40 -61.88 2.51
C GLY L 179 36.46 -61.11 1.76
N HIS L 180 36.01 -60.20 0.88
CA HIS L 180 36.94 -59.42 0.09
C HIS L 180 36.33 -58.08 -0.30
N ILE L 181 37.17 -57.14 -0.73
CA ILE L 181 36.76 -55.98 -1.48
C ILE L 181 37.55 -55.95 -2.79
N GLN L 182 36.99 -55.35 -3.83
CA GLN L 182 37.67 -55.26 -5.11
C GLN L 182 37.36 -53.91 -5.76
N LEU L 183 38.38 -53.18 -6.21
CA LEU L 183 38.16 -51.95 -6.94
C LEU L 183 38.20 -52.21 -8.44
N ILE L 184 37.11 -51.83 -9.13
CA ILE L 184 36.93 -51.95 -10.58
C ILE L 184 36.86 -50.59 -11.27
N ILE L 185 37.92 -50.25 -12.01
CA ILE L 185 37.92 -49.12 -12.93
C ILE L 185 37.85 -49.69 -14.35
N PRO L 186 36.64 -49.78 -14.96
CA PRO L 186 36.47 -50.39 -16.27
C PRO L 186 37.55 -49.93 -17.25
N GLY L 187 38.27 -50.91 -17.80
CA GLY L 187 39.32 -50.67 -18.77
C GLY L 187 40.71 -50.59 -18.16
N GLU L 188 40.79 -50.19 -16.88
CA GLU L 188 42.07 -49.97 -16.22
C GLU L 188 42.36 -51.16 -15.29
N SER L 189 41.38 -51.55 -14.48
CA SER L 189 41.54 -52.77 -13.70
C SER L 189 40.56 -53.82 -14.22
N ALA L 190 40.68 -55.05 -13.68
CA ALA L 190 39.78 -56.14 -14.02
C ALA L 190 38.37 -55.83 -13.55
N CYS L 191 37.41 -56.11 -14.44
CA CYS L 191 35.99 -56.13 -14.09
C CYS L 191 35.61 -57.48 -13.45
N PHE L 192 34.35 -57.55 -13.06
CA PHE L 192 33.79 -58.69 -12.39
C PHE L 192 33.74 -59.92 -13.30
N ALA L 193 33.60 -59.71 -14.63
CA ALA L 193 33.57 -60.79 -15.61
C ALA L 193 34.98 -61.29 -15.99
N CYS L 194 35.99 -60.44 -15.79
CA CYS L 194 37.40 -60.66 -16.14
C CYS L 194 37.99 -61.96 -15.53
N ALA L 195 37.63 -62.31 -14.28
CA ALA L 195 38.23 -63.45 -13.61
C ALA L 195 37.19 -64.22 -12.79
N PRO L 196 37.33 -65.55 -12.63
CA PRO L 196 36.29 -66.32 -11.98
C PRO L 196 36.36 -66.17 -10.46
N PRO L 197 35.22 -65.85 -9.81
CA PRO L 197 35.14 -65.74 -8.35
C PRO L 197 35.84 -66.84 -7.56
N LEU L 198 35.68 -68.09 -8.00
CA LEU L 198 36.25 -69.22 -7.29
C LEU L 198 37.77 -69.21 -7.33
N VAL L 199 38.34 -68.66 -8.41
CA VAL L 199 39.79 -68.62 -8.54
C VAL L 199 40.34 -67.51 -7.65
N VAL L 200 39.63 -66.38 -7.66
CA VAL L 200 40.02 -65.20 -6.91
C VAL L 200 40.01 -65.50 -5.42
N ALA L 201 39.07 -66.33 -4.94
CA ALA L 201 38.88 -66.60 -3.52
C ALA L 201 39.56 -67.88 -3.03
N ALA L 202 40.26 -68.60 -3.92
CA ALA L 202 40.79 -69.94 -3.67
C ALA L 202 41.59 -70.02 -2.36
N ASN L 203 42.33 -68.95 -2.08
CA ASN L 203 43.27 -68.89 -0.97
C ASN L 203 42.63 -68.33 0.31
N ILE L 204 41.36 -67.90 0.32
CA ILE L 204 40.74 -67.45 1.55
C ILE L 204 39.46 -68.19 1.88
N ASP L 205 38.87 -68.84 0.88
CA ASP L 205 37.59 -69.50 1.07
C ASP L 205 37.76 -70.86 1.78
N GLU L 206 37.31 -70.93 3.03
CA GLU L 206 37.24 -72.19 3.75
C GLU L 206 36.14 -73.02 3.11
N LYS L 207 36.36 -74.33 2.94
CA LYS L 207 35.34 -75.18 2.33
C LYS L 207 34.61 -75.97 3.42
N THR L 208 33.29 -76.12 3.25
CA THR L 208 32.44 -76.76 4.24
C THR L 208 31.96 -78.12 3.71
N VAL L 214 19.05 -75.29 4.91
CA VAL L 214 20.17 -74.50 5.40
C VAL L 214 20.01 -73.07 4.85
N CYS L 215 20.74 -72.14 5.47
CA CYS L 215 20.91 -70.79 4.97
C CYS L 215 22.38 -70.45 5.09
N ALA L 216 22.78 -69.32 4.51
CA ALA L 216 24.14 -68.84 4.70
C ALA L 216 24.30 -68.46 6.17
N ALA L 217 25.49 -68.72 6.70
CA ALA L 217 25.84 -68.23 8.02
C ALA L 217 26.44 -66.83 7.86
N SER L 218 26.30 -66.02 8.92
CA SER L 218 26.91 -64.70 8.91
C SER L 218 27.33 -64.28 10.31
N LEU L 219 28.39 -63.48 10.37
CA LEU L 219 28.94 -63.02 11.63
C LEU L 219 28.99 -61.50 11.61
N PRO L 220 28.70 -60.81 12.73
CA PRO L 220 28.83 -59.36 12.80
C PRO L 220 30.28 -58.87 12.70
N THR L 221 31.22 -59.71 13.13
CA THR L 221 32.63 -59.39 13.08
C THR L 221 33.13 -59.23 11.65
N THR L 222 32.91 -60.28 10.84
CA THR L 222 33.39 -60.37 9.48
C THR L 222 32.80 -59.24 8.64
N MET L 223 31.49 -59.02 8.80
CA MET L 223 30.79 -57.94 8.13
C MET L 223 31.36 -56.57 8.51
N GLY L 224 31.63 -56.35 9.81
CA GLY L 224 32.26 -55.14 10.29
C GLY L 224 33.62 -54.91 9.63
N VAL L 225 34.40 -56.00 9.53
CA VAL L 225 35.74 -55.92 8.94
C VAL L 225 35.63 -55.53 7.46
N VAL L 226 34.81 -56.27 6.72
CA VAL L 226 34.72 -56.08 5.27
C VAL L 226 34.25 -54.67 4.97
N ALA L 227 33.16 -54.23 5.61
CA ALA L 227 32.63 -52.88 5.46
C ALA L 227 33.68 -51.83 5.78
N GLY L 228 34.38 -52.03 6.91
CA GLY L 228 35.49 -51.20 7.36
C GLY L 228 36.60 -50.98 6.34
N ILE L 229 37.17 -52.07 5.79
CA ILE L 229 38.21 -51.94 4.80
C ILE L 229 37.62 -51.38 3.49
N LEU L 230 36.33 -51.66 3.23
CA LEU L 230 35.62 -51.20 2.05
C LEU L 230 35.54 -49.68 2.06
N VAL L 231 35.04 -49.13 3.16
CA VAL L 231 34.90 -47.70 3.28
C VAL L 231 36.27 -47.02 3.38
N GLN L 232 37.23 -47.69 4.03
CA GLN L 232 38.57 -47.14 4.07
C GLN L 232 39.09 -47.03 2.63
N ASN L 233 38.79 -48.04 1.80
CA ASN L 233 39.20 -47.96 0.41
C ASN L 233 38.51 -46.78 -0.27
N VAL L 234 37.21 -46.62 -0.01
CA VAL L 234 36.44 -45.53 -0.58
C VAL L 234 37.04 -44.19 -0.16
N LEU L 235 37.39 -44.03 1.12
CA LEU L 235 37.90 -42.76 1.63
C LEU L 235 39.25 -42.45 0.97
N LYS L 236 40.09 -43.48 0.88
CA LYS L 236 41.43 -43.34 0.30
C LYS L 236 41.35 -42.97 -1.17
N PHE L 237 40.35 -43.52 -1.87
CA PHE L 237 40.17 -43.29 -3.30
C PHE L 237 39.70 -41.85 -3.54
N LEU L 238 38.64 -41.45 -2.82
CA LEU L 238 38.01 -40.17 -3.07
C LEU L 238 38.89 -39.05 -2.54
N LEU L 239 39.57 -39.25 -1.39
CA LEU L 239 40.27 -38.15 -0.74
C LEU L 239 41.79 -38.15 -0.94
N ASN L 240 42.34 -39.10 -1.74
CA ASN L 240 43.74 -39.13 -2.19
C ASN L 240 44.77 -39.14 -1.07
N PHE L 241 44.59 -40.06 -0.12
CA PHE L 241 45.64 -40.36 0.84
C PHE L 241 45.86 -41.87 0.81
N GLY L 242 47.05 -42.30 1.27
CA GLY L 242 47.40 -43.70 1.41
C GLY L 242 47.45 -44.42 0.07
N THR L 243 47.41 -45.75 0.13
CA THR L 243 47.45 -46.57 -1.09
C THR L 243 46.10 -47.26 -1.23
N VAL L 244 45.50 -47.16 -2.41
CA VAL L 244 44.26 -47.85 -2.71
C VAL L 244 44.56 -49.32 -3.01
N SER L 245 43.72 -50.22 -2.49
CA SER L 245 43.82 -51.63 -2.83
C SER L 245 42.89 -51.90 -4.01
N PHE L 246 43.41 -52.61 -5.02
CA PHE L 246 42.55 -53.10 -6.09
C PHE L 246 41.85 -54.39 -5.71
N TYR L 247 42.45 -55.11 -4.74
CA TYR L 247 41.87 -56.31 -4.18
C TYR L 247 42.46 -56.47 -2.78
N LEU L 248 41.61 -56.83 -1.81
CA LEU L 248 41.99 -57.08 -0.42
C LEU L 248 41.07 -58.17 0.11
N GLY L 249 41.67 -59.32 0.43
CA GLY L 249 40.92 -60.47 0.93
C GLY L 249 41.04 -60.57 2.44
N TYR L 250 40.26 -61.48 3.02
CA TYR L 250 40.22 -61.63 4.46
C TYR L 250 39.79 -63.06 4.76
N ASN L 251 40.67 -63.79 5.44
CA ASN L 251 40.33 -65.09 5.98
C ASN L 251 40.36 -64.96 7.49
N ALA L 252 39.21 -65.16 8.12
CA ALA L 252 39.06 -64.95 9.54
C ALA L 252 39.66 -66.12 10.32
N MET L 253 39.79 -67.30 9.71
CA MET L 253 40.25 -68.47 10.43
C MET L 253 41.74 -68.32 10.75
N GLN L 254 42.51 -67.80 9.79
CA GLN L 254 43.96 -67.73 9.93
C GLN L 254 44.48 -66.29 9.97
N ASP L 255 43.60 -65.29 10.05
CA ASP L 255 43.96 -63.87 10.12
C ASP L 255 44.87 -63.45 8.96
N PHE L 256 44.46 -63.83 7.74
CA PHE L 256 45.24 -63.67 6.52
C PHE L 256 44.55 -62.66 5.59
N PHE L 257 45.28 -61.63 5.16
CA PHE L 257 44.71 -60.51 4.40
C PHE L 257 45.43 -60.32 3.06
N PRO L 258 45.30 -61.23 2.08
CA PRO L 258 46.04 -61.10 0.82
C PRO L 258 45.58 -59.93 -0.05
N THR L 259 46.54 -59.20 -0.64
CA THR L 259 46.23 -58.18 -1.63
C THR L 259 46.75 -58.60 -3.01
N MET L 260 46.15 -58.05 -4.07
CA MET L 260 46.69 -58.25 -5.41
C MET L 260 46.17 -57.22 -6.38
N SER L 261 46.87 -57.11 -7.51
CA SER L 261 46.45 -56.25 -8.60
C SER L 261 45.77 -57.09 -9.66
N MET L 262 44.64 -56.60 -10.11
CA MET L 262 43.80 -57.36 -11.00
C MET L 262 43.84 -56.65 -12.35
N LYS L 263 44.51 -57.26 -13.30
CA LYS L 263 44.64 -56.63 -14.60
C LYS L 263 43.48 -57.09 -15.47
N PRO L 264 42.94 -56.22 -16.34
CA PRO L 264 41.82 -56.60 -17.19
C PRO L 264 42.19 -57.73 -18.15
N ASN L 265 41.21 -58.60 -18.36
CA ASN L 265 41.27 -59.76 -19.23
C ASN L 265 40.94 -59.32 -20.66
N PRO L 266 41.92 -59.42 -21.59
CA PRO L 266 41.68 -59.02 -22.98
C PRO L 266 40.62 -59.87 -23.69
N GLN L 267 40.28 -61.05 -23.13
CA GLN L 267 39.22 -61.89 -23.69
C GLN L 267 37.98 -61.91 -22.80
N CYS L 268 37.78 -60.86 -22.00
CA CYS L 268 36.64 -60.78 -21.10
C CYS L 268 35.32 -60.96 -21.85
N ASP L 269 34.37 -61.65 -21.19
CA ASP L 269 33.03 -61.93 -21.69
C ASP L 269 32.30 -60.66 -22.10
N ASP L 270 32.46 -59.59 -21.31
CA ASP L 270 31.79 -58.31 -21.47
C ASP L 270 32.44 -57.50 -22.59
N ARG L 271 31.72 -57.29 -23.70
CA ARG L 271 32.17 -56.53 -24.85
C ARG L 271 32.52 -55.10 -24.46
N ASN L 272 31.77 -54.53 -23.50
CA ASN L 272 32.01 -53.17 -23.03
C ASN L 272 33.31 -53.06 -22.24
N CYS L 273 33.66 -54.10 -21.47
CA CYS L 273 34.92 -54.15 -20.75
C CYS L 273 36.05 -54.06 -21.78
N ARG L 274 35.93 -54.88 -22.83
CA ARG L 274 36.93 -55.02 -23.88
C ARG L 274 37.10 -53.67 -24.55
N LYS L 275 35.97 -53.01 -24.83
CA LYS L 275 35.90 -51.67 -25.40
C LYS L 275 36.58 -50.65 -24.47
N GLN L 276 36.32 -50.73 -23.17
CA GLN L 276 36.93 -49.81 -22.22
C GLN L 276 38.44 -50.02 -22.18
N GLN L 277 38.87 -51.26 -22.45
CA GLN L 277 40.27 -51.63 -22.42
C GLN L 277 40.97 -50.93 -23.56
N GLU L 278 40.33 -50.95 -24.75
CA GLU L 278 40.88 -50.29 -25.93
C GLU L 278 41.02 -48.80 -25.62
N GLU L 279 40.00 -48.22 -24.99
CA GLU L 279 39.96 -46.80 -24.71
C GLU L 279 41.07 -46.41 -23.73
N TYR L 280 41.26 -47.22 -22.69
CA TYR L 280 42.30 -46.93 -21.72
C TYR L 280 43.69 -47.00 -22.35
N LYS L 281 43.92 -47.99 -23.23
CA LYS L 281 45.18 -48.20 -23.92
C LYS L 281 45.50 -47.02 -24.83
N LYS L 282 44.48 -46.46 -25.50
CA LYS L 282 44.60 -45.32 -26.40
C LYS L 282 44.95 -44.05 -25.63
N LYS L 283 44.23 -43.84 -24.52
CA LYS L 283 44.41 -42.72 -23.60
C LYS L 283 45.86 -42.67 -23.13
N VAL L 284 46.44 -43.84 -22.81
CA VAL L 284 47.79 -43.97 -22.30
C VAL L 284 48.78 -43.57 -23.39
N ALA L 285 48.66 -44.21 -24.56
CA ALA L 285 49.51 -43.89 -25.69
C ALA L 285 48.77 -42.95 -26.65
N GLY M 1 39.27 1.32 5.13
CA GLY M 1 40.05 1.12 3.87
C GLY M 1 39.36 0.15 2.91
N ARG M 2 39.96 -0.05 1.74
CA ARG M 2 39.30 -0.86 0.73
C ARG M 2 40.08 -2.16 0.45
N VAL M 3 39.33 -3.24 0.22
CA VAL M 3 39.93 -4.49 -0.21
C VAL M 3 39.82 -4.64 -1.72
N ARG M 4 40.78 -5.35 -2.28
CA ARG M 4 40.82 -5.72 -3.69
C ARG M 4 39.61 -6.57 -4.05
N ILE M 5 39.10 -6.32 -5.26
CA ILE M 5 38.02 -7.07 -5.88
C ILE M 5 38.55 -7.70 -7.16
N GLU M 6 38.46 -9.03 -7.26
CA GLU M 6 39.01 -9.71 -8.43
C GLU M 6 38.03 -9.60 -9.60
N LYS M 7 36.72 -9.61 -9.31
CA LYS M 7 35.67 -9.60 -10.31
C LYS M 7 34.64 -8.54 -9.91
N MET M 8 34.43 -7.56 -10.80
CA MET M 8 33.48 -6.50 -10.56
C MET M 8 32.07 -7.08 -10.52
N SER M 9 31.28 -6.62 -9.54
CA SER M 9 29.97 -7.19 -9.22
C SER M 9 28.87 -6.14 -9.29
N SER M 10 27.69 -6.58 -9.73
CA SER M 10 26.49 -5.75 -9.80
C SER M 10 25.74 -5.70 -8.47
N GLU M 11 26.24 -6.37 -7.43
CA GLU M 11 25.52 -6.51 -6.18
C GLU M 11 25.39 -5.16 -5.47
N VAL M 12 24.15 -4.83 -5.11
CA VAL M 12 23.80 -3.56 -4.54
C VAL M 12 23.94 -3.67 -3.03
N VAL M 13 25.17 -3.48 -2.53
CA VAL M 13 25.42 -3.46 -1.09
C VAL M 13 26.29 -2.26 -0.78
N ASP M 14 26.22 -1.80 0.48
CA ASP M 14 26.96 -0.63 0.95
C ASP M 14 28.49 -0.83 0.82
N SER M 15 28.93 -2.09 0.79
CA SER M 15 30.35 -2.41 0.78
C SER M 15 30.90 -2.48 -0.65
N ASN M 16 30.04 -2.43 -1.67
CA ASN M 16 30.47 -2.59 -3.06
C ASN M 16 30.72 -1.22 -3.72
N PRO M 17 31.96 -0.82 -4.00
CA PRO M 17 32.22 0.46 -4.65
C PRO M 17 32.05 0.47 -6.17
N TYR M 18 31.54 -0.63 -6.73
CA TYR M 18 31.28 -0.70 -8.16
C TYR M 18 29.77 -0.80 -8.42
N SER M 19 28.96 -0.86 -7.36
CA SER M 19 27.54 -1.13 -7.54
C SER M 19 26.81 -0.08 -8.39
N ARG M 20 27.08 1.20 -8.16
CA ARG M 20 26.46 2.29 -8.91
C ARG M 20 27.08 2.45 -10.30
N LEU M 21 28.25 1.86 -10.56
CA LEU M 21 28.81 1.87 -11.89
C LEU M 21 28.25 0.71 -12.67
N MET M 22 28.24 -0.47 -12.05
CA MET M 22 27.75 -1.65 -12.73
C MET M 22 26.26 -1.52 -13.01
N ALA M 23 25.57 -0.63 -12.27
CA ALA M 23 24.16 -0.38 -12.43
C ALA M 23 23.83 0.06 -13.86
N LEU M 24 24.81 0.65 -14.57
CA LEU M 24 24.58 1.06 -15.95
C LEU M 24 24.20 -0.12 -16.83
N LYS M 25 24.45 -1.35 -16.37
CA LYS M 25 24.28 -2.53 -17.20
C LYS M 25 22.81 -2.92 -17.28
N ARG M 26 22.07 -2.58 -16.21
CA ARG M 26 20.65 -2.90 -16.06
C ARG M 26 19.86 -1.61 -16.30
N MET M 27 20.55 -0.65 -16.93
CA MET M 27 19.96 0.63 -17.24
C MET M 27 20.14 0.99 -18.72
N GLY M 28 20.55 0.02 -19.54
CA GLY M 28 20.53 0.20 -20.97
C GLY M 28 21.62 1.13 -21.48
N ILE M 29 22.50 1.63 -20.59
CA ILE M 29 23.51 2.60 -20.98
C ILE M 29 24.69 1.92 -21.66
N VAL M 30 25.19 0.83 -21.07
CA VAL M 30 26.24 0.03 -21.67
C VAL M 30 26.06 -1.41 -21.15
N SER M 31 26.12 -2.40 -22.05
CA SER M 31 25.93 -3.80 -21.67
C SER M 31 27.08 -4.33 -20.81
N ASP M 32 28.30 -3.82 -21.02
CA ASP M 32 29.50 -4.49 -20.55
C ASP M 32 30.48 -3.54 -19.84
N TYR M 33 30.01 -2.86 -18.79
CA TYR M 33 30.80 -1.84 -18.09
C TYR M 33 32.14 -2.38 -17.57
N GLU M 34 32.19 -3.65 -17.14
CA GLU M 34 33.37 -4.25 -16.53
C GLU M 34 34.60 -4.19 -17.44
N LYS M 35 34.38 -4.06 -18.74
CA LYS M 35 35.44 -3.94 -19.73
C LYS M 35 36.37 -2.78 -19.38
N ILE M 36 35.90 -1.84 -18.56
CA ILE M 36 36.69 -0.69 -18.15
C ILE M 36 38.03 -1.17 -17.60
N ARG M 37 38.01 -2.36 -16.96
CA ARG M 37 39.15 -2.96 -16.28
C ARG M 37 40.21 -3.38 -17.30
N THR M 38 39.85 -3.45 -18.58
CA THR M 38 40.76 -4.01 -19.56
C THR M 38 41.66 -2.93 -20.18
N PHE M 39 41.45 -1.65 -19.83
CA PHE M 39 42.13 -0.59 -20.56
C PHE M 39 43.18 0.11 -19.70
N ALA M 40 44.25 0.57 -20.37
CA ALA M 40 45.26 1.42 -19.77
C ALA M 40 45.27 2.79 -20.45
N VAL M 41 45.38 3.84 -19.62
CA VAL M 41 45.36 5.22 -20.09
C VAL M 41 46.54 5.97 -19.49
N ALA M 42 47.30 6.65 -20.36
CA ALA M 42 48.42 7.49 -20.00
C ALA M 42 48.00 8.96 -19.91
N ILE M 43 48.36 9.63 -18.81
CA ILE M 43 48.01 11.01 -18.56
C ILE M 43 49.30 11.79 -18.43
N VAL M 44 49.45 12.80 -19.28
CA VAL M 44 50.62 13.66 -19.19
C VAL M 44 50.18 15.02 -18.64
N GLY M 45 50.72 15.38 -17.48
CA GLY M 45 50.36 16.60 -16.78
C GLY M 45 49.35 16.25 -15.70
N VAL M 46 49.79 16.24 -14.44
CA VAL M 46 48.85 15.95 -13.38
C VAL M 46 48.68 17.17 -12.49
N GLY M 47 48.29 18.29 -13.12
CA GLY M 47 47.85 19.51 -12.44
C GLY M 47 46.33 19.57 -12.28
N GLY M 48 45.74 20.74 -12.59
CA GLY M 48 44.31 20.97 -12.40
C GLY M 48 43.41 19.94 -13.09
N VAL M 49 43.56 19.85 -14.41
CA VAL M 49 42.79 18.91 -15.20
C VAL M 49 43.28 17.48 -14.96
N GLY M 50 44.58 17.23 -15.12
CA GLY M 50 45.15 15.90 -15.06
C GLY M 50 44.87 15.14 -13.76
N SER M 51 44.94 15.82 -12.63
CA SER M 51 44.69 15.13 -11.38
C SER M 51 43.23 14.67 -11.27
N VAL M 52 42.29 15.53 -11.70
CA VAL M 52 40.90 15.19 -11.53
C VAL M 52 40.55 14.09 -12.52
N THR M 53 41.18 14.16 -13.70
CA THR M 53 41.02 13.17 -14.75
C THR M 53 41.46 11.80 -14.23
N ALA M 54 42.58 11.77 -13.49
CA ALA M 54 43.10 10.56 -12.88
C ALA M 54 42.14 10.07 -11.79
N GLU M 55 41.62 11.00 -10.95
CA GLU M 55 40.68 10.63 -9.91
C GLU M 55 39.45 9.98 -10.52
N MET M 56 38.95 10.57 -11.61
CA MET M 56 37.70 10.11 -12.19
C MET M 56 37.87 8.69 -12.74
N LEU M 57 38.97 8.46 -13.46
CA LEU M 57 39.22 7.18 -14.12
C LEU M 57 39.44 6.08 -13.09
N THR M 58 40.14 6.44 -11.98
CA THR M 58 40.40 5.55 -10.86
C THR M 58 39.07 5.07 -10.27
N ARG M 59 38.21 6.04 -9.92
CA ARG M 59 36.94 5.74 -9.29
C ARG M 59 36.09 4.89 -10.20
N CYS M 60 36.32 4.98 -11.51
CA CYS M 60 35.56 4.21 -12.48
C CYS M 60 36.08 2.78 -12.58
N GLY M 61 37.33 2.58 -12.14
CA GLY M 61 37.97 1.28 -12.10
C GLY M 61 38.74 0.97 -13.39
N ILE M 62 39.36 2.00 -13.96
CA ILE M 62 40.15 1.75 -15.14
C ILE M 62 41.20 0.68 -14.82
N GLY M 63 41.63 -0.06 -15.85
CA GLY M 63 42.67 -1.06 -15.68
C GLY M 63 43.96 -0.51 -15.11
N LYS M 64 44.51 0.54 -15.75
CA LYS M 64 45.82 1.05 -15.41
C LYS M 64 45.94 2.52 -15.78
N LEU M 65 46.65 3.28 -14.92
CA LEU M 65 47.03 4.65 -15.25
C LEU M 65 48.54 4.81 -15.28
N LEU M 66 49.03 5.52 -16.29
CA LEU M 66 50.41 5.95 -16.40
C LEU M 66 50.42 7.47 -16.20
N LEU M 67 51.08 7.94 -15.13
CA LEU M 67 51.13 9.36 -14.80
C LEU M 67 52.51 9.93 -15.14
N PHE M 68 52.53 11.07 -15.85
CA PHE M 68 53.76 11.79 -16.14
C PHE M 68 53.64 13.26 -15.77
N ASP M 69 54.57 13.74 -14.92
CA ASP M 69 54.73 15.15 -14.56
C ASP M 69 56.12 15.34 -13.96
N TYR M 70 56.69 16.53 -14.10
CA TYR M 70 58.00 16.83 -13.56
C TYR M 70 57.91 17.73 -12.31
N ASP M 71 56.75 18.37 -12.06
CA ASP M 71 56.61 19.41 -11.03
C ASP M 71 56.19 18.81 -9.68
N LYS M 72 56.46 19.58 -8.62
CA LYS M 72 56.06 19.28 -7.26
C LYS M 72 54.74 19.99 -6.92
N VAL M 73 54.02 19.47 -5.93
CA VAL M 73 52.83 20.13 -5.43
C VAL M 73 53.28 21.38 -4.67
N GLU M 74 52.58 22.50 -4.88
CA GLU M 74 52.78 23.74 -4.14
C GLU M 74 51.45 24.23 -3.57
N LEU M 75 51.50 25.11 -2.57
CA LEU M 75 50.28 25.67 -1.99
C LEU M 75 49.50 26.49 -3.01
N ALA M 76 50.20 27.12 -3.97
CA ALA M 76 49.56 27.82 -5.08
C ALA M 76 48.64 26.91 -5.92
N ASN M 77 48.79 25.58 -5.78
CA ASN M 77 47.97 24.62 -6.50
C ASN M 77 46.68 24.30 -5.74
N MET M 78 46.50 24.90 -4.56
CA MET M 78 45.42 24.54 -3.65
C MET M 78 44.07 25.10 -4.11
N ASN M 79 44.08 25.93 -5.15
CA ASN M 79 42.85 26.55 -5.62
C ASN M 79 42.11 25.57 -6.52
N ARG M 80 42.87 24.59 -7.05
CA ARG M 80 42.30 23.52 -7.85
C ARG M 80 42.07 22.29 -6.97
N LEU M 81 41.22 21.36 -7.44
CA LEU M 81 40.84 20.16 -6.71
C LEU M 81 42.03 19.20 -6.57
N PHE M 82 41.77 18.15 -5.76
CA PHE M 82 42.57 16.93 -5.60
C PHE M 82 43.68 17.06 -4.55
N PHE M 83 44.81 17.68 -4.91
CA PHE M 83 45.96 17.82 -4.02
C PHE M 83 45.59 18.61 -2.76
N GLN M 84 46.07 18.12 -1.62
CA GLN M 84 45.78 18.67 -0.30
C GLN M 84 47.04 19.32 0.25
N PRO M 85 46.93 20.34 1.15
CA PRO M 85 48.10 21.06 1.65
C PRO M 85 49.24 20.22 2.23
N HIS M 86 48.93 19.07 2.86
CA HIS M 86 49.96 18.21 3.40
C HIS M 86 50.85 17.63 2.29
N GLN M 87 50.39 17.67 1.03
CA GLN M 87 51.14 17.05 -0.05
C GLN M 87 52.07 18.06 -0.69
N ALA M 88 52.09 19.28 -0.15
CA ALA M 88 53.00 20.29 -0.68
C ALA M 88 54.44 19.86 -0.50
N GLY M 89 55.18 19.82 -1.60
CA GLY M 89 56.60 19.55 -1.55
C GLY M 89 56.88 18.22 -2.22
N LEU M 90 55.88 17.33 -2.21
CA LEU M 90 55.97 16.05 -2.91
C LEU M 90 55.82 16.33 -4.39
N SER M 91 56.34 15.43 -5.23
CA SER M 91 56.04 15.48 -6.64
C SER M 91 54.56 15.11 -6.88
N LYS M 92 54.02 15.72 -7.94
CA LYS M 92 52.62 15.57 -8.29
C LYS M 92 52.30 14.10 -8.55
N VAL M 93 53.15 13.41 -9.33
CA VAL M 93 52.93 12.02 -9.70
C VAL M 93 52.96 11.12 -8.46
N GLN M 94 53.78 11.48 -7.47
CA GLN M 94 53.94 10.69 -6.27
C GLN M 94 52.74 10.95 -5.36
N ALA M 95 52.37 12.23 -5.18
CA ALA M 95 51.17 12.54 -4.40
C ALA M 95 49.93 11.87 -4.99
N ALA M 96 49.75 12.00 -6.31
CA ALA M 96 48.62 11.41 -7.00
C ALA M 96 48.58 9.90 -6.78
N GLU M 97 49.67 9.20 -7.10
CA GLU M 97 49.74 7.76 -6.95
C GLU M 97 49.34 7.37 -5.53
N HIS M 98 49.85 8.09 -4.53
CA HIS M 98 49.52 7.79 -3.15
C HIS M 98 48.01 7.87 -2.93
N THR M 99 47.42 9.01 -3.27
CA THR M 99 46.00 9.21 -3.01
C THR M 99 45.16 8.19 -3.76
N LEU M 100 45.51 7.97 -5.03
CA LEU M 100 44.71 7.18 -5.95
C LEU M 100 44.75 5.69 -5.57
N ARG M 101 45.91 5.21 -5.12
CA ARG M 101 46.05 3.85 -4.63
C ARG M 101 45.09 3.62 -3.46
N ASN M 102 45.02 4.63 -2.57
CA ASN M 102 44.13 4.64 -1.41
C ASN M 102 42.68 4.63 -1.87
N ILE M 103 42.36 5.29 -2.97
CA ILE M 103 40.98 5.41 -3.40
C ILE M 103 40.50 4.10 -4.04
N ASN M 104 41.35 3.50 -4.86
CA ASN M 104 40.99 2.26 -5.53
C ASN M 104 42.24 1.36 -5.64
N PRO M 105 42.37 0.34 -4.76
CA PRO M 105 43.47 -0.62 -4.85
C PRO M 105 43.49 -1.56 -6.05
N ASP M 106 42.41 -1.61 -6.83
CA ASP M 106 42.34 -2.47 -8.00
C ASP M 106 43.13 -1.88 -9.17
N VAL M 107 43.34 -0.57 -9.19
CA VAL M 107 43.91 0.08 -10.37
C VAL M 107 45.42 -0.03 -10.29
N LEU M 108 46.04 -0.40 -11.42
CA LEU M 108 47.49 -0.43 -11.55
C LEU M 108 47.98 0.99 -11.86
N PHE M 109 49.12 1.37 -11.27
CA PHE M 109 49.78 2.65 -11.48
C PHE M 109 51.22 2.47 -11.96
N GLU M 110 51.67 3.44 -12.75
CA GLU M 110 53.03 3.56 -13.22
C GLU M 110 53.29 5.06 -13.26
N VAL M 111 54.12 5.57 -12.35
CA VAL M 111 54.35 7.00 -12.31
C VAL M 111 55.77 7.32 -12.74
N HIS M 112 55.94 8.51 -13.32
CA HIS M 112 57.17 8.93 -13.96
C HIS M 112 57.37 10.40 -13.68
N ASN M 113 58.36 10.71 -12.84
CA ASN M 113 58.54 12.06 -12.34
C ASN M 113 59.52 12.83 -13.23
N TYR M 114 59.10 13.10 -14.48
CA TYR M 114 60.05 13.72 -15.39
C TYR M 114 59.35 14.55 -16.44
N ASN M 115 60.15 15.39 -17.11
CA ASN M 115 59.74 16.27 -18.19
C ASN M 115 59.88 15.51 -19.50
N ILE M 116 58.75 15.32 -20.20
CA ILE M 116 58.67 14.41 -21.33
C ILE M 116 59.37 14.98 -22.55
N THR M 117 59.86 16.23 -22.47
CA THR M 117 60.36 16.89 -23.67
C THR M 117 61.86 16.71 -23.87
N THR M 118 62.60 16.18 -22.87
CA THR M 118 64.03 15.88 -23.02
C THR M 118 64.25 14.62 -23.86
N VAL M 119 65.43 14.49 -24.46
CA VAL M 119 65.74 13.45 -25.44
C VAL M 119 65.51 12.07 -24.85
N GLU M 120 66.03 11.82 -23.65
CA GLU M 120 66.01 10.48 -23.10
C GLU M 120 64.66 10.20 -22.48
N ASN M 121 64.06 11.23 -21.88
CA ASN M 121 62.73 11.13 -21.30
C ASN M 121 61.67 10.85 -22.39
N PHE M 122 61.84 11.49 -23.57
CA PHE M 122 60.91 11.35 -24.68
C PHE M 122 60.94 9.93 -25.25
N GLN M 123 62.13 9.34 -25.31
CA GLN M 123 62.30 7.97 -25.77
C GLN M 123 61.62 7.03 -24.78
N HIS M 124 61.75 7.33 -23.48
CA HIS M 124 61.14 6.53 -22.44
C HIS M 124 59.63 6.63 -22.56
N PHE M 125 59.17 7.87 -22.75
CA PHE M 125 57.76 8.18 -22.88
C PHE M 125 57.15 7.35 -24.02
N MET M 126 57.80 7.38 -25.19
CA MET M 126 57.32 6.63 -26.34
C MET M 126 57.39 5.13 -26.08
N ASP M 127 58.35 4.69 -25.26
CA ASP M 127 58.50 3.29 -24.91
C ASP M 127 57.25 2.84 -24.16
N ARG M 128 56.85 3.65 -23.17
CA ARG M 128 55.75 3.37 -22.25
C ARG M 128 54.39 3.46 -22.94
N ILE M 129 54.29 4.27 -24.01
CA ILE M 129 53.07 4.35 -24.80
C ILE M 129 52.88 3.05 -25.59
N SER M 130 53.98 2.49 -26.12
CA SER M 130 53.93 1.31 -26.97
C SER M 130 53.86 0.01 -26.16
N ASN M 131 54.38 0.03 -24.92
CA ASN M 131 54.55 -1.21 -24.17
C ASN M 131 53.94 -1.10 -22.79
N GLY M 132 53.51 0.12 -22.39
CA GLY M 132 53.03 0.32 -21.04
C GLY M 132 51.54 0.02 -20.87
N GLY M 133 50.92 -0.63 -21.88
CA GLY M 133 49.61 -1.26 -21.75
C GLY M 133 49.46 -2.12 -20.48
N LEU M 134 48.23 -2.59 -20.25
CA LEU M 134 47.86 -3.42 -19.12
C LEU M 134 48.75 -4.66 -19.06
N GLU M 135 48.87 -5.34 -20.20
CA GLU M 135 49.84 -6.41 -20.40
C GLU M 135 51.09 -5.77 -21.02
N GLU M 136 52.25 -5.98 -20.37
CA GLU M 136 53.52 -5.42 -20.83
C GLU M 136 53.82 -5.83 -22.26
N GLY M 137 54.26 -4.86 -23.06
CA GLY M 137 54.59 -5.09 -24.45
C GLY M 137 53.49 -4.62 -25.41
N LYS M 138 52.25 -4.49 -24.90
CA LYS M 138 51.11 -4.01 -25.67
C LYS M 138 50.90 -2.51 -25.41
N PRO M 139 50.39 -1.70 -26.37
CA PRO M 139 50.24 -0.24 -26.18
C PRO M 139 49.15 0.19 -25.20
N VAL M 140 49.25 1.42 -24.67
CA VAL M 140 48.15 2.00 -23.92
C VAL M 140 47.01 2.28 -24.88
N ASP M 141 45.78 2.28 -24.36
CA ASP M 141 44.58 2.42 -25.15
C ASP M 141 44.38 3.87 -25.55
N LEU M 142 44.92 4.79 -24.75
CA LEU M 142 44.64 6.21 -24.87
C LEU M 142 45.72 6.98 -24.12
N VAL M 143 46.20 8.07 -24.74
CA VAL M 143 46.96 9.11 -24.04
C VAL M 143 46.04 10.31 -23.82
N LEU M 144 46.28 11.01 -22.70
CA LEU M 144 45.52 12.22 -22.39
C LEU M 144 46.52 13.33 -22.11
N SER M 145 46.48 14.38 -22.94
CA SER M 145 47.28 15.58 -22.77
C SER M 145 46.57 16.56 -21.85
N CYS M 146 47.15 16.77 -20.68
CA CYS M 146 46.62 17.69 -19.69
C CYS M 146 47.79 18.58 -19.26
N VAL M 147 48.63 18.92 -20.23
CA VAL M 147 49.74 19.80 -19.99
C VAL M 147 49.30 21.25 -20.23
N ASP M 148 50.16 22.22 -19.91
CA ASP M 148 49.75 23.62 -19.94
C ASP M 148 50.54 24.44 -20.95
N ASN M 149 51.20 23.80 -21.92
CA ASN M 149 52.10 24.56 -22.76
C ASN M 149 52.25 23.89 -24.13
N PHE M 150 52.54 24.71 -25.14
CA PHE M 150 52.62 24.34 -26.54
C PHE M 150 53.67 23.24 -26.77
N GLU M 151 54.88 23.40 -26.19
CA GLU M 151 56.02 22.53 -26.49
C GLU M 151 55.75 21.12 -25.98
N ALA M 152 55.02 21.02 -24.88
CA ALA M 152 54.63 19.71 -24.37
C ALA M 152 53.59 19.07 -25.28
N ARG M 153 52.59 19.86 -25.69
CA ARG M 153 51.53 19.43 -26.61
C ARG M 153 52.13 18.95 -27.94
N MET M 154 53.07 19.71 -28.49
CA MET M 154 53.76 19.42 -29.73
C MET M 154 54.46 18.06 -29.60
N THR M 155 55.01 17.82 -28.41
CA THR M 155 55.79 16.63 -28.12
C THR M 155 54.87 15.41 -28.16
N ILE M 156 53.69 15.52 -27.50
CA ILE M 156 52.75 14.41 -27.49
C ILE M 156 52.27 14.17 -28.91
N ASN M 157 51.99 15.26 -29.63
CA ASN M 157 51.58 15.22 -31.03
C ASN M 157 52.56 14.38 -31.85
N THR M 158 53.85 14.73 -31.78
CA THR M 158 54.88 14.04 -32.53
C THR M 158 54.92 12.56 -32.15
N ALA M 159 54.84 12.28 -30.84
CA ALA M 159 54.87 10.91 -30.36
C ALA M 159 53.72 10.08 -30.97
N CYS M 160 52.50 10.63 -30.89
CA CYS M 160 51.31 9.89 -31.30
C CYS M 160 51.18 9.79 -32.82
N ASN M 161 51.74 10.76 -33.55
CA ASN M 161 51.80 10.66 -35.01
C ASN M 161 52.81 9.61 -35.47
N GLU M 162 53.92 9.46 -34.75
CA GLU M 162 54.90 8.43 -35.08
C GLU M 162 54.34 7.04 -34.73
N LEU M 163 53.61 6.94 -33.63
CA LEU M 163 53.14 5.62 -33.19
C LEU M 163 51.76 5.27 -33.75
N GLY M 164 51.02 6.25 -34.28
CA GLY M 164 49.63 5.99 -34.64
C GLY M 164 48.80 5.69 -33.41
N GLN M 165 48.93 6.54 -32.39
CA GLN M 165 48.26 6.37 -31.11
C GLN M 165 47.17 7.41 -30.96
N THR M 166 45.94 6.92 -30.73
CA THR M 166 44.78 7.74 -30.41
C THR M 166 44.99 8.43 -29.07
N TRP M 167 44.75 9.75 -29.05
CA TRP M 167 44.85 10.53 -27.82
C TRP M 167 43.77 11.60 -27.76
N MET M 168 43.62 12.20 -26.57
CA MET M 168 42.72 13.33 -26.36
C MET M 168 43.53 14.44 -25.73
N GLU M 169 43.31 15.67 -26.24
CA GLU M 169 44.00 16.87 -25.80
C GLU M 169 43.03 17.74 -25.02
N SER M 170 43.46 18.30 -23.89
CA SER M 170 42.62 19.19 -23.11
C SER M 170 43.40 20.43 -22.70
N GLY M 171 42.68 21.55 -22.56
CA GLY M 171 43.27 22.84 -22.29
C GLY M 171 42.32 23.72 -21.51
N VAL M 172 42.88 24.60 -20.68
CA VAL M 172 42.15 25.61 -19.96
C VAL M 172 42.84 26.93 -20.27
N SER M 173 42.06 27.98 -20.51
CA SER M 173 42.55 29.31 -20.86
C SER M 173 43.33 29.92 -19.69
N GLU M 174 44.33 30.75 -20.02
CA GLU M 174 45.12 31.51 -19.06
C GLU M 174 44.23 32.40 -18.18
N ASN M 175 43.00 32.69 -18.65
CA ASN M 175 42.09 33.56 -17.93
C ASN M 175 41.02 32.79 -17.16
N ALA M 176 41.04 31.45 -17.26
CA ALA M 176 40.33 30.52 -16.37
C ALA M 176 38.87 30.24 -16.77
N VAL M 177 38.33 30.90 -17.79
CA VAL M 177 36.89 30.80 -17.97
C VAL M 177 36.57 30.15 -19.31
N SER M 178 37.49 29.36 -19.82
CA SER M 178 37.17 28.51 -20.96
C SER M 178 38.17 27.37 -21.08
N GLY M 179 37.73 26.29 -21.72
CA GLY M 179 38.66 25.31 -22.22
C GLY M 179 38.01 24.40 -23.26
N HIS M 180 38.67 23.28 -23.54
CA HIS M 180 38.16 22.34 -24.51
C HIS M 180 38.78 20.97 -24.29
N ILE M 181 38.18 19.96 -24.91
CA ILE M 181 38.78 18.67 -25.13
C ILE M 181 38.78 18.41 -26.64
N GLN M 182 39.76 17.63 -27.09
CA GLN M 182 39.85 17.32 -28.50
C GLN M 182 40.30 15.86 -28.68
N LEU M 183 39.60 15.10 -29.52
CA LEU M 183 40.00 13.74 -29.84
C LEU M 183 40.84 13.70 -31.12
N ILE M 184 42.06 13.14 -31.01
CA ILE M 184 42.96 12.99 -32.15
C ILE M 184 43.17 11.51 -32.48
N ILE M 185 42.67 11.09 -33.66
CA ILE M 185 42.98 9.78 -34.21
C ILE M 185 43.87 10.02 -35.44
N PRO M 186 45.21 9.88 -35.32
CA PRO M 186 46.13 10.33 -36.37
C PRO M 186 45.76 9.71 -37.70
N GLY M 187 45.53 10.59 -38.69
CA GLY M 187 45.17 10.18 -40.05
C GLY M 187 43.67 10.25 -40.31
N GLU M 188 42.86 10.06 -39.27
CA GLU M 188 41.42 10.06 -39.38
C GLU M 188 40.86 11.42 -38.97
N SER M 189 41.35 11.97 -37.87
CA SER M 189 40.98 13.31 -37.45
C SER M 189 42.20 14.22 -37.46
N ALA M 190 41.97 15.53 -37.36
CA ALA M 190 42.99 16.55 -37.21
C ALA M 190 43.89 16.19 -36.03
N CYS M 191 45.21 16.25 -36.28
CA CYS M 191 46.25 16.23 -35.25
C CYS M 191 46.39 17.64 -34.68
N PHE M 192 47.30 17.78 -33.71
CA PHE M 192 47.37 19.03 -32.97
C PHE M 192 48.00 20.11 -33.84
N ALA M 193 48.80 19.69 -34.82
CA ALA M 193 49.53 20.53 -35.76
C ALA M 193 48.68 20.96 -36.96
N CYS M 194 47.61 20.23 -37.26
CA CYS M 194 46.73 20.45 -38.41
C CYS M 194 46.28 21.90 -38.55
N ALA M 195 45.76 22.49 -37.47
CA ALA M 195 45.17 23.82 -37.53
C ALA M 195 45.56 24.65 -36.31
N PRO M 196 46.22 25.83 -36.49
CA PRO M 196 46.55 26.74 -35.38
C PRO M 196 45.54 26.88 -34.25
N PRO M 197 46.00 27.23 -33.01
CA PRO M 197 45.32 26.89 -31.76
C PRO M 197 43.81 26.62 -31.85
N VAL M 214 54.01 36.87 -12.79
CA VAL M 214 52.63 36.61 -13.21
C VAL M 214 52.42 35.10 -13.41
N CYS M 215 51.16 34.69 -13.21
CA CYS M 215 50.69 33.32 -13.40
C CYS M 215 49.36 33.37 -14.15
N ALA M 216 49.00 32.29 -14.81
CA ALA M 216 47.66 32.17 -15.39
C ALA M 216 46.66 32.13 -14.24
N ALA M 217 45.44 32.59 -14.46
CA ALA M 217 44.43 32.38 -13.45
C ALA M 217 43.92 30.95 -13.57
N SER M 218 43.40 30.39 -12.48
CA SER M 218 42.74 29.10 -12.58
C SER M 218 41.60 29.01 -11.58
N LEU M 219 40.59 28.20 -11.92
CA LEU M 219 39.43 28.01 -11.08
C LEU M 219 39.15 26.51 -10.91
N PRO M 220 38.69 26.07 -9.72
CA PRO M 220 38.34 24.67 -9.50
C PRO M 220 37.12 24.22 -10.31
N THR M 221 36.27 25.19 -10.64
CA THR M 221 35.05 24.97 -11.39
C THR M 221 35.36 24.54 -12.81
N THR M 222 36.18 25.34 -13.51
CA THR M 222 36.48 25.16 -14.93
C THR M 222 37.25 23.86 -15.13
N MET M 223 38.25 23.63 -14.27
CA MET M 223 39.04 22.42 -14.33
C MET M 223 38.20 21.18 -13.99
N GLY M 224 37.20 21.34 -13.11
CA GLY M 224 36.25 20.29 -12.80
C GLY M 224 35.39 19.92 -14.00
N VAL M 225 34.99 20.95 -14.77
CA VAL M 225 34.15 20.77 -15.94
C VAL M 225 34.96 20.09 -17.03
N VAL M 226 36.14 20.66 -17.33
CA VAL M 226 36.96 20.16 -18.42
C VAL M 226 37.33 18.70 -18.17
N ALA M 227 37.74 18.35 -16.95
CA ALA M 227 38.09 16.96 -16.64
C ALA M 227 36.87 16.04 -16.75
N GLY M 228 35.74 16.52 -16.23
CA GLY M 228 34.47 15.80 -16.32
C GLY M 228 34.12 15.42 -17.76
N ILE M 229 34.23 16.39 -18.68
CA ILE M 229 33.78 16.12 -20.04
C ILE M 229 34.84 15.29 -20.76
N LEU M 230 36.12 15.49 -20.37
CA LEU M 230 37.26 14.77 -20.92
C LEU M 230 37.09 13.28 -20.58
N VAL M 231 36.79 13.01 -19.30
CA VAL M 231 36.70 11.62 -18.89
C VAL M 231 35.42 10.99 -19.43
N GLN M 232 34.36 11.80 -19.57
CA GLN M 232 33.12 11.29 -20.12
C GLN M 232 33.36 10.85 -21.56
N ASN M 233 34.21 11.62 -22.26
CA ASN M 233 34.57 11.32 -23.63
C ASN M 233 35.41 10.04 -23.66
N VAL M 234 36.34 9.91 -22.70
CA VAL M 234 37.10 8.69 -22.57
C VAL M 234 36.18 7.48 -22.36
N LEU M 235 35.18 7.61 -21.45
CA LEU M 235 34.27 6.49 -21.20
C LEU M 235 33.47 6.11 -22.44
N LYS M 236 32.98 7.12 -23.17
CA LYS M 236 32.13 6.86 -24.31
C LYS M 236 32.94 6.20 -25.41
N PHE M 237 34.21 6.62 -25.53
CA PHE M 237 35.11 6.08 -26.54
C PHE M 237 35.45 4.62 -26.24
N LEU M 238 35.93 4.34 -25.02
CA LEU M 238 36.42 3.02 -24.68
C LEU M 238 35.28 2.03 -24.52
N LEU M 239 34.18 2.46 -23.88
CA LEU M 239 33.15 1.47 -23.62
C LEU M 239 32.06 1.47 -24.70
N ASN M 240 32.23 2.27 -25.78
CA ASN M 240 31.34 2.32 -26.94
C ASN M 240 29.87 2.59 -26.59
N PHE M 241 29.58 3.67 -25.87
CA PHE M 241 28.21 4.10 -25.63
C PHE M 241 28.10 5.61 -25.90
N GLY M 242 26.91 6.06 -26.30
CA GLY M 242 26.66 7.47 -26.59
C GLY M 242 27.44 8.01 -27.79
N THR M 243 27.69 9.31 -27.81
CA THR M 243 28.38 9.89 -28.95
C THR M 243 29.70 10.47 -28.51
N VAL M 244 30.74 10.05 -29.20
CA VAL M 244 32.07 10.61 -29.00
C VAL M 244 32.16 11.97 -29.70
N SER M 245 32.62 12.97 -28.94
CA SER M 245 32.96 14.31 -29.43
C SER M 245 34.41 14.36 -29.87
N PHE M 246 34.64 14.83 -31.11
CA PHE M 246 36.01 15.07 -31.56
C PHE M 246 36.50 16.46 -31.19
N TYR M 247 35.58 17.38 -30.88
CA TYR M 247 35.95 18.65 -30.27
C TYR M 247 34.79 19.10 -29.37
N LEU M 248 35.10 19.50 -28.14
CA LEU M 248 34.06 20.05 -27.31
C LEU M 248 34.66 21.17 -26.50
N GLY M 249 34.14 22.37 -26.75
CA GLY M 249 34.60 23.57 -26.10
C GLY M 249 33.70 23.91 -24.92
N TYR M 250 34.22 24.77 -24.03
CA TYR M 250 33.45 25.25 -22.91
C TYR M 250 33.84 26.69 -22.64
N ASN M 251 32.80 27.54 -22.66
CA ASN M 251 32.89 28.94 -22.34
C ASN M 251 32.09 29.13 -21.06
N ALA M 252 32.80 29.38 -19.97
CA ALA M 252 32.20 29.55 -18.66
C ALA M 252 31.41 30.86 -18.55
N MET M 253 31.75 31.88 -19.35
CA MET M 253 31.09 33.17 -19.26
C MET M 253 29.64 33.10 -19.77
N GLN M 254 29.43 32.47 -20.94
CA GLN M 254 28.15 32.41 -21.61
C GLN M 254 27.49 31.04 -21.53
N ASP M 255 28.11 30.07 -20.85
CA ASP M 255 27.59 28.71 -20.76
C ASP M 255 27.40 28.12 -22.16
N PHE M 256 28.42 28.25 -23.00
CA PHE M 256 28.36 27.86 -24.40
C PHE M 256 29.29 26.67 -24.62
N PHE M 257 28.81 25.62 -25.30
CA PHE M 257 29.54 24.36 -25.39
C PHE M 257 29.61 23.90 -26.84
N PRO M 258 30.39 24.58 -27.71
CA PRO M 258 30.43 24.23 -29.14
C PRO M 258 31.07 22.88 -29.43
N THR M 259 30.52 22.18 -30.44
CA THR M 259 30.97 20.87 -30.90
C THR M 259 31.28 20.93 -32.38
N MET M 260 32.45 20.43 -32.81
CA MET M 260 32.74 20.46 -34.24
C MET M 260 33.48 19.25 -34.80
N SER M 261 33.39 19.15 -36.14
CA SER M 261 34.03 18.19 -37.03
C SER M 261 35.51 18.52 -37.23
N MET M 262 36.37 17.56 -36.93
CA MET M 262 37.80 17.82 -36.98
C MET M 262 38.42 16.95 -38.07
N LYS M 263 38.59 17.55 -39.26
CA LYS M 263 39.14 16.80 -40.38
C LYS M 263 40.62 17.12 -40.47
N PRO M 264 41.46 16.14 -40.86
CA PRO M 264 42.88 16.43 -41.07
C PRO M 264 43.13 17.33 -42.28
N ASN M 265 44.16 18.17 -42.10
CA ASN M 265 44.75 19.10 -43.04
C ASN M 265 45.81 18.35 -43.85
N PRO M 266 45.67 18.20 -45.18
CA PRO M 266 46.62 17.40 -45.97
C PRO M 266 47.94 18.13 -46.18
N GLN M 267 47.96 19.44 -45.89
CA GLN M 267 49.17 20.23 -45.95
C GLN M 267 49.68 20.51 -44.52
N CYS M 268 49.37 19.64 -43.56
CA CYS M 268 49.81 19.80 -42.17
C CYS M 268 51.33 19.80 -42.09
N ASP M 269 51.89 20.68 -41.25
CA ASP M 269 53.33 20.81 -41.05
C ASP M 269 53.94 19.46 -40.70
N ASP M 270 53.30 18.74 -39.77
CA ASP M 270 53.70 17.42 -39.30
C ASP M 270 53.53 16.38 -40.42
N ARG M 271 54.65 15.82 -40.88
CA ARG M 271 54.67 14.94 -42.03
C ARG M 271 54.32 13.53 -41.62
N ASN M 272 54.37 13.26 -40.31
CA ASN M 272 53.89 11.99 -39.77
C ASN M 272 52.40 11.91 -40.05
N CYS M 273 51.73 13.05 -39.79
CA CYS M 273 50.29 13.27 -39.92
C CYS M 273 49.88 13.04 -41.36
N ARG M 274 50.66 13.65 -42.28
CA ARG M 274 50.49 13.44 -43.71
C ARG M 274 50.62 11.96 -44.07
N LYS M 275 51.62 11.28 -43.49
CA LYS M 275 51.78 9.85 -43.71
C LYS M 275 50.59 9.11 -43.11
N GLN M 276 50.15 9.50 -41.91
CA GLN M 276 49.03 8.84 -41.25
C GLN M 276 47.76 8.95 -42.12
N GLN M 277 47.60 10.13 -42.73
CA GLN M 277 46.47 10.43 -43.59
C GLN M 277 46.50 9.55 -44.82
N GLU M 278 47.68 9.41 -45.43
CA GLU M 278 47.88 8.53 -46.58
C GLU M 278 47.46 7.10 -46.20
N GLU M 279 47.99 6.62 -45.07
CA GLU M 279 47.71 5.29 -44.53
C GLU M 279 46.20 5.08 -44.32
N TYR M 280 45.52 6.03 -43.65
CA TYR M 280 44.10 5.92 -43.43
C TYR M 280 43.31 5.86 -44.74
N LYS M 281 43.67 6.70 -45.72
CA LYS M 281 42.95 6.81 -46.99
C LYS M 281 43.02 5.48 -47.73
N LYS M 282 44.15 4.77 -47.57
CA LYS M 282 44.40 3.47 -48.17
C LYS M 282 43.52 2.38 -47.55
N LYS M 283 43.41 2.35 -46.21
CA LYS M 283 42.60 1.37 -45.51
C LYS M 283 41.12 1.54 -45.87
N VAL M 284 40.69 2.78 -46.15
CA VAL M 284 39.32 3.07 -46.52
C VAL M 284 39.02 2.46 -47.90
N ALA M 285 39.93 2.67 -48.86
CA ALA M 285 39.79 2.11 -50.20
C ALA M 285 39.97 0.59 -50.20
N ALA M 286 40.59 0.02 -49.14
CA ALA M 286 40.72 -1.42 -48.98
C ALA M 286 39.68 -1.93 -47.98
N GLY N 1 52.27 22.69 5.83
CA GLY N 1 50.92 23.03 5.32
C GLY N 1 50.67 24.54 5.32
N ARG N 2 49.39 24.91 5.41
CA ARG N 2 48.92 26.26 5.17
C ARG N 2 48.30 26.81 6.45
N VAL N 3 48.87 27.91 6.96
CA VAL N 3 48.34 28.61 8.12
C VAL N 3 47.24 29.56 7.64
N ARG N 4 46.40 30.00 8.58
CA ARG N 4 45.25 30.86 8.34
C ARG N 4 45.74 32.18 7.74
N ILE N 5 44.97 32.74 6.79
CA ILE N 5 45.29 33.98 6.08
C ILE N 5 44.19 35.02 6.33
N GLU N 6 44.59 36.22 6.75
CA GLU N 6 43.63 37.24 7.15
C GLU N 6 43.16 38.08 5.96
N LYS N 7 44.09 38.49 5.07
CA LYS N 7 43.74 39.20 3.85
C LYS N 7 44.30 38.48 2.63
N MET N 8 43.42 38.19 1.67
CA MET N 8 43.79 37.59 0.40
C MET N 8 44.78 38.50 -0.33
N SER N 9 45.89 37.89 -0.77
CA SER N 9 46.99 38.57 -1.43
C SER N 9 47.06 38.05 -2.87
N SER N 10 47.51 38.92 -3.78
CA SER N 10 47.62 38.52 -5.18
C SER N 10 49.09 38.19 -5.52
N GLU N 11 49.94 38.25 -4.48
CA GLU N 11 51.38 38.03 -4.61
C GLU N 11 51.59 36.64 -5.24
N VAL N 12 52.38 36.62 -6.31
CA VAL N 12 52.54 35.40 -7.10
C VAL N 12 53.73 34.63 -6.53
N VAL N 13 53.47 33.85 -5.47
CA VAL N 13 54.47 32.99 -4.87
C VAL N 13 53.83 31.62 -4.67
N ASP N 14 54.67 30.58 -4.68
CA ASP N 14 54.25 29.19 -4.57
C ASP N 14 53.56 28.93 -3.23
N SER N 15 53.74 29.82 -2.23
CA SER N 15 53.20 29.63 -0.89
C SER N 15 51.86 30.33 -0.70
N ASN N 16 51.32 30.95 -1.77
CA ASN N 16 50.06 31.68 -1.74
C ASN N 16 48.95 30.87 -2.43
N PRO N 17 48.01 30.26 -1.67
CA PRO N 17 46.96 29.43 -2.27
C PRO N 17 45.87 30.21 -3.03
N TYR N 18 46.05 31.53 -3.06
CA TYR N 18 45.04 32.42 -3.56
C TYR N 18 45.53 33.14 -4.81
N SER N 19 46.80 32.94 -5.15
CA SER N 19 47.46 33.67 -6.21
C SER N 19 46.80 33.44 -7.57
N ARG N 20 46.40 32.21 -7.90
CA ARG N 20 45.81 31.91 -9.20
C ARG N 20 44.33 32.31 -9.27
N LEU N 21 43.72 32.61 -8.12
CA LEU N 21 42.34 33.08 -8.06
C LEU N 21 42.29 34.59 -8.15
N MET N 22 43.13 35.26 -7.34
CA MET N 22 43.24 36.72 -7.33
C MET N 22 43.77 37.22 -8.67
N ALA N 23 44.39 36.33 -9.45
CA ALA N 23 44.88 36.62 -10.80
C ALA N 23 43.71 36.97 -11.71
N LEU N 24 42.51 36.56 -11.32
CA LEU N 24 41.32 36.92 -12.07
C LEU N 24 41.11 38.43 -12.05
N LYS N 25 41.65 39.12 -11.04
CA LYS N 25 41.55 40.57 -10.94
C LYS N 25 42.37 41.24 -12.05
N ARG N 26 43.68 40.97 -12.10
CA ARG N 26 44.54 41.61 -13.07
C ARG N 26 44.33 41.00 -14.46
N MET N 27 43.22 40.29 -14.65
CA MET N 27 42.92 39.81 -15.98
C MET N 27 41.52 40.28 -16.40
N GLY N 28 40.98 41.24 -15.63
CA GLY N 28 39.70 41.86 -15.89
C GLY N 28 38.58 40.84 -16.11
N ILE N 29 38.61 39.75 -15.34
CA ILE N 29 37.53 38.78 -15.35
C ILE N 29 36.64 39.05 -14.14
N VAL N 30 37.26 39.17 -12.96
CA VAL N 30 36.59 39.51 -11.72
C VAL N 30 37.43 40.60 -11.06
N SER N 31 36.81 41.75 -10.75
CA SER N 31 37.62 42.84 -10.21
C SER N 31 37.62 42.82 -8.68
N ASP N 32 36.61 42.19 -8.08
CA ASP N 32 36.48 42.17 -6.63
C ASP N 32 36.42 40.73 -6.12
N TYR N 33 37.49 39.96 -6.31
CA TYR N 33 37.42 38.53 -6.00
C TYR N 33 37.32 38.28 -4.49
N GLU N 34 38.03 39.08 -3.68
CA GLU N 34 38.12 38.96 -2.23
C GLU N 34 36.74 39.08 -1.59
N LYS N 35 35.74 39.45 -2.39
CA LYS N 35 34.36 39.59 -1.96
C LYS N 35 33.83 38.21 -1.58
N ILE N 36 34.41 37.16 -2.17
CA ILE N 36 34.02 35.78 -1.95
C ILE N 36 34.04 35.43 -0.45
N ARG N 37 34.95 36.07 0.30
CA ARG N 37 35.14 35.83 1.73
CA ARG N 37 35.15 35.84 1.73
C ARG N 37 33.95 36.36 2.54
N THR N 38 33.05 37.10 1.90
CA THR N 38 31.98 37.71 2.66
C THR N 38 30.68 36.93 2.51
N PHE N 39 30.63 35.95 1.60
CA PHE N 39 29.38 35.22 1.44
C PHE N 39 29.37 33.91 2.23
N ALA N 40 28.16 33.49 2.63
CA ALA N 40 27.86 32.21 3.25
C ALA N 40 26.89 31.38 2.39
N VAL N 41 27.21 30.10 2.17
CA VAL N 41 26.39 29.27 1.32
C VAL N 41 26.01 27.99 2.07
N ALA N 42 24.74 27.60 1.93
CA ALA N 42 24.22 26.38 2.51
C ALA N 42 24.12 25.31 1.42
N ILE N 43 24.45 24.06 1.79
CA ILE N 43 24.42 22.96 0.85
C ILE N 43 23.61 21.83 1.48
N VAL N 44 22.51 21.46 0.82
CA VAL N 44 21.67 20.37 1.28
C VAL N 44 21.90 19.16 0.37
N GLY N 45 22.31 18.06 1.00
CA GLY N 45 22.84 16.88 0.35
C GLY N 45 24.32 17.09 0.03
N VAL N 46 25.21 16.50 0.85
CA VAL N 46 26.65 16.57 0.60
C VAL N 46 27.12 15.23 0.04
N GLY N 47 26.44 14.76 -1.02
CA GLY N 47 26.70 13.51 -1.70
C GLY N 47 27.55 13.74 -2.97
N GLY N 48 27.12 13.13 -4.08
CA GLY N 48 27.76 13.22 -5.38
C GLY N 48 28.04 14.65 -5.80
N VAL N 49 26.99 15.48 -5.90
CA VAL N 49 27.16 16.84 -6.38
C VAL N 49 27.62 17.73 -5.22
N GLY N 50 27.04 17.49 -4.04
CA GLY N 50 27.20 18.36 -2.88
C GLY N 50 28.63 18.47 -2.37
N SER N 51 29.29 17.31 -2.26
CA SER N 51 30.64 17.26 -1.70
C SER N 51 31.60 18.04 -2.58
N VAL N 52 31.51 17.83 -3.90
CA VAL N 52 32.41 18.46 -4.86
C VAL N 52 32.12 19.97 -4.90
N THR N 53 30.82 20.31 -4.79
CA THR N 53 30.36 21.67 -4.63
C THR N 53 31.05 22.32 -3.44
N ALA N 54 30.97 21.64 -2.29
CA ALA N 54 31.60 22.11 -1.06
C ALA N 54 33.10 22.30 -1.26
N GLU N 55 33.76 21.32 -1.90
CA GLU N 55 35.19 21.37 -2.16
C GLU N 55 35.49 22.59 -3.01
N MET N 56 34.73 22.74 -4.12
CA MET N 56 34.93 23.84 -5.06
C MET N 56 34.88 25.21 -4.37
N LEU N 57 33.82 25.47 -3.60
CA LEU N 57 33.64 26.73 -2.90
C LEU N 57 34.73 26.94 -1.83
N THR N 58 35.14 25.86 -1.15
CA THR N 58 36.12 25.93 -0.08
C THR N 58 37.46 26.43 -0.63
N ARG N 59 37.90 25.81 -1.72
CA ARG N 59 39.13 26.14 -2.41
C ARG N 59 39.07 27.57 -2.96
N CYS N 60 37.85 28.03 -3.28
CA CYS N 60 37.65 29.38 -3.79
C CYS N 60 37.79 30.41 -2.68
N GLY N 61 37.49 29.99 -1.45
CA GLY N 61 37.72 30.85 -0.30
C GLY N 61 36.43 31.51 0.17
N ILE N 62 35.31 30.79 0.03
CA ILE N 62 33.99 31.20 0.49
C ILE N 62 34.03 31.49 1.99
N GLY N 63 33.26 32.48 2.42
CA GLY N 63 33.25 32.90 3.81
C GLY N 63 32.88 31.80 4.81
N LYS N 64 31.75 31.13 4.54
CA LYS N 64 31.17 30.11 5.40
C LYS N 64 30.39 29.08 4.58
N LEU N 65 30.45 27.80 4.98
CA LEU N 65 29.59 26.78 4.41
C LEU N 65 28.68 26.17 5.49
N LEU N 66 27.43 25.87 5.09
CA LEU N 66 26.47 25.16 5.93
C LEU N 66 26.14 23.85 5.24
N LEU N 67 26.43 22.76 5.93
CA LEU N 67 26.25 21.45 5.34
C LEU N 67 25.13 20.70 6.05
N PHE N 68 24.17 20.22 5.24
CA PHE N 68 23.05 19.42 5.70
C PHE N 68 23.09 18.07 4.98
N ASP N 69 23.00 16.97 5.75
CA ASP N 69 22.90 15.63 5.22
C ASP N 69 22.70 14.62 6.35
N TYR N 70 21.92 13.57 6.10
CA TYR N 70 21.50 12.65 7.15
C TYR N 70 22.30 11.35 7.07
N ASP N 71 23.22 11.24 6.11
CA ASP N 71 23.73 9.95 5.70
C ASP N 71 25.22 9.80 6.02
N LYS N 72 25.68 8.56 6.16
CA LYS N 72 27.09 8.27 6.39
C LYS N 72 27.76 7.85 5.09
N VAL N 73 29.09 8.05 5.01
CA VAL N 73 29.90 7.63 3.88
C VAL N 73 29.97 6.11 3.85
N GLU N 74 29.70 5.56 2.67
CA GLU N 74 29.76 4.14 2.40
C GLU N 74 30.72 3.89 1.22
N LEU N 75 31.14 2.63 1.06
CA LEU N 75 32.05 2.27 -0.01
C LEU N 75 31.36 2.39 -1.37
N ALA N 76 30.04 2.22 -1.39
CA ALA N 76 29.26 2.36 -2.61
C ALA N 76 29.33 3.80 -3.13
N ASN N 77 29.73 4.73 -2.28
CA ASN N 77 29.89 6.13 -2.68
C ASN N 77 31.24 6.41 -3.33
N MET N 78 32.11 5.40 -3.48
CA MET N 78 33.50 5.63 -3.88
C MET N 78 33.63 5.76 -5.39
N ASN N 79 32.53 5.52 -6.13
CA ASN N 79 32.50 5.70 -7.57
C ASN N 79 32.40 7.20 -7.88
N ARG N 80 32.08 8.01 -6.87
CA ARG N 80 32.00 9.45 -6.97
C ARG N 80 33.21 10.07 -6.26
N LEU N 81 33.53 11.34 -6.60
CA LEU N 81 34.68 12.07 -6.09
C LEU N 81 34.51 12.47 -4.62
N PHE N 82 35.64 12.94 -4.04
CA PHE N 82 35.78 13.57 -2.73
C PHE N 82 36.01 12.57 -1.60
N PHE N 83 34.97 11.82 -1.22
CA PHE N 83 35.06 10.89 -0.11
C PHE N 83 36.06 9.77 -0.40
N GLN N 84 36.95 9.49 0.55
CA GLN N 84 37.93 8.41 0.43
C GLN N 84 37.52 7.20 1.26
N PRO N 85 37.98 5.98 0.91
CA PRO N 85 37.52 4.76 1.58
C PRO N 85 37.76 4.73 3.10
N HIS N 86 38.85 5.37 3.55
CA HIS N 86 39.10 5.53 4.97
C HIS N 86 38.02 6.35 5.70
N GLN N 87 37.07 6.95 4.96
CA GLN N 87 36.14 7.82 5.63
C GLN N 87 34.84 7.06 5.82
N ALA N 88 34.85 5.81 5.37
CA ALA N 88 33.64 5.02 5.38
C ALA N 88 33.21 4.83 6.83
N GLY N 89 31.92 5.05 7.10
CA GLY N 89 31.36 4.91 8.43
C GLY N 89 31.07 6.26 9.06
N LEU N 90 31.94 7.25 8.82
CA LEU N 90 31.68 8.63 9.24
C LEU N 90 30.44 9.18 8.53
N SER N 91 29.78 10.18 9.15
CA SER N 91 28.73 10.96 8.51
C SER N 91 29.34 11.82 7.40
N LYS N 92 28.58 12.03 6.31
CA LYS N 92 29.05 12.81 5.17
C LYS N 92 29.33 14.24 5.64
N VAL N 93 28.49 14.77 6.54
CA VAL N 93 28.76 16.14 6.97
C VAL N 93 30.07 16.20 7.75
N GLN N 94 30.34 15.21 8.61
CA GLN N 94 31.48 15.37 9.50
C GLN N 94 32.78 15.03 8.76
N ALA N 95 32.67 14.12 7.80
CA ALA N 95 33.79 13.74 6.96
C ALA N 95 34.14 14.91 6.02
N ALA N 96 33.10 15.58 5.52
CA ALA N 96 33.34 16.69 4.61
C ALA N 96 34.02 17.82 5.37
N GLU N 97 33.47 18.15 6.55
CA GLU N 97 33.96 19.25 7.37
C GLU N 97 35.43 19.04 7.72
N HIS N 98 35.77 17.79 8.09
CA HIS N 98 37.12 17.47 8.47
C HIS N 98 38.08 17.71 7.30
N THR N 99 37.80 17.07 6.17
CA THR N 99 38.58 17.28 4.97
C THR N 99 38.68 18.75 4.59
N LEU N 100 37.53 19.44 4.54
CA LEU N 100 37.46 20.78 4.00
C LEU N 100 38.24 21.74 4.89
N ARG N 101 38.18 21.54 6.21
CA ARG N 101 38.91 22.38 7.14
C ARG N 101 40.42 22.26 6.86
N ASN N 102 40.86 21.06 6.43
CA ASN N 102 42.26 20.81 6.14
C ASN N 102 42.62 21.49 4.82
N ILE N 103 41.70 21.44 3.85
CA ILE N 103 41.92 22.06 2.56
C ILE N 103 42.03 23.59 2.71
N ASN N 104 41.13 24.20 3.49
CA ASN N 104 41.16 25.64 3.68
C ASN N 104 40.73 26.03 5.09
N PRO N 105 41.67 26.38 5.99
CA PRO N 105 41.34 26.75 7.36
C PRO N 105 40.61 28.10 7.50
N ASP N 106 40.48 28.83 6.39
CA ASP N 106 39.89 30.17 6.42
C ASP N 106 38.36 30.07 6.43
N VAL N 107 37.83 28.98 5.86
CA VAL N 107 36.40 28.83 5.62
C VAL N 107 35.70 28.45 6.93
N LEU N 108 34.61 29.13 7.29
CA LEU N 108 33.89 28.74 8.49
C LEU N 108 32.91 27.63 8.14
N PHE N 109 32.65 26.75 9.11
CA PHE N 109 31.77 25.63 8.81
C PHE N 109 30.75 25.48 9.93
N GLU N 110 29.57 25.02 9.49
CA GLU N 110 28.47 24.64 10.35
C GLU N 110 27.84 23.42 9.69
N VAL N 111 27.78 22.31 10.43
CA VAL N 111 27.23 21.10 9.85
C VAL N 111 26.07 20.61 10.70
N HIS N 112 25.13 19.95 10.00
CA HIS N 112 23.92 19.40 10.58
C HIS N 112 23.69 18.01 9.98
N ASN N 113 23.61 17.02 10.87
CA ASN N 113 23.52 15.63 10.45
C ASN N 113 22.08 15.16 10.60
N TYR N 114 21.18 15.74 9.81
CA TYR N 114 19.79 15.38 9.92
C TYR N 114 19.05 15.53 8.59
N ASN N 115 17.89 14.88 8.53
CA ASN N 115 16.97 14.86 7.40
C ASN N 115 16.06 16.09 7.46
N ILE N 116 16.18 16.98 6.46
CA ILE N 116 15.50 18.28 6.51
C ILE N 116 13.98 18.16 6.40
N THR N 117 13.43 16.96 6.11
CA THR N 117 12.03 16.86 5.75
C THR N 117 11.12 16.53 6.94
N THR N 118 11.69 16.12 8.07
CA THR N 118 10.89 15.84 9.25
C THR N 118 10.49 17.16 9.92
N VAL N 119 9.45 17.09 10.75
CA VAL N 119 8.76 18.25 11.29
C VAL N 119 9.73 19.15 12.08
N GLU N 120 10.40 18.59 13.10
CA GLU N 120 11.21 19.41 14.00
C GLU N 120 12.42 19.97 13.25
N ASN N 121 12.99 19.15 12.35
CA ASN N 121 14.19 19.52 11.62
C ASN N 121 13.92 20.69 10.68
N PHE N 122 12.75 20.70 10.03
CA PHE N 122 12.42 21.68 9.02
C PHE N 122 12.38 23.08 9.62
N GLN N 123 11.86 23.17 10.86
CA GLN N 123 11.88 24.38 11.65
C GLN N 123 13.33 24.88 11.79
N HIS N 124 14.22 23.96 12.17
CA HIS N 124 15.60 24.30 12.44
C HIS N 124 16.29 24.77 11.16
N PHE N 125 16.08 23.98 10.11
CA PHE N 125 16.64 24.21 8.79
C PHE N 125 16.36 25.67 8.35
N MET N 126 15.10 26.08 8.52
CA MET N 126 14.66 27.41 8.11
C MET N 126 15.29 28.46 8.99
N ASP N 127 15.41 28.14 10.29
CA ASP N 127 16.05 29.03 11.24
C ASP N 127 17.47 29.34 10.77
N ARG N 128 18.17 28.31 10.27
CA ARG N 128 19.59 28.40 9.96
C ARG N 128 19.81 29.14 8.64
N ILE N 129 18.84 29.00 7.71
CA ILE N 129 18.84 29.75 6.47
C ILE N 129 18.76 31.25 6.78
N SER N 130 17.90 31.62 7.74
CA SER N 130 17.62 33.00 8.12
C SER N 130 18.76 33.63 8.90
N ASN N 131 19.43 32.86 9.77
CA ASN N 131 20.36 33.42 10.74
C ASN N 131 21.76 32.82 10.58
N GLY N 132 21.87 31.79 9.73
CA GLY N 132 23.10 31.02 9.64
C GLY N 132 24.14 31.67 8.75
N GLY N 133 23.95 32.95 8.39
CA GLY N 133 24.86 33.67 7.52
C GLY N 133 26.23 33.88 8.18
N LEU N 134 27.13 34.58 7.46
CA LEU N 134 28.47 34.89 7.95
C LEU N 134 28.41 35.64 9.29
N GLU N 135 27.61 36.72 9.35
CA GLU N 135 27.23 37.33 10.61
C GLU N 135 26.01 36.59 11.16
N GLU N 136 26.10 36.09 12.40
CA GLU N 136 25.00 35.40 13.05
C GLU N 136 23.80 36.35 13.17
N GLY N 137 22.62 35.89 12.73
CA GLY N 137 21.42 36.71 12.73
C GLY N 137 20.99 37.07 11.31
N LYS N 138 21.96 37.25 10.40
CA LYS N 138 21.73 37.58 9.00
C LYS N 138 21.57 36.29 8.20
N PRO N 139 20.91 36.30 7.01
CA PRO N 139 20.66 35.06 6.26
C PRO N 139 21.82 34.64 5.35
N VAL N 140 21.75 33.39 4.87
CA VAL N 140 22.71 32.86 3.92
C VAL N 140 22.45 33.50 2.56
N ASP N 141 23.52 33.76 1.82
CA ASP N 141 23.46 34.44 0.54
C ASP N 141 22.90 33.53 -0.55
N LEU N 142 22.94 32.21 -0.33
CA LEU N 142 22.56 31.21 -1.31
C LEU N 142 22.36 29.88 -0.59
N VAL N 143 21.33 29.15 -1.02
CA VAL N 143 21.12 27.76 -0.67
C VAL N 143 21.33 26.91 -1.93
N LEU N 144 22.03 25.78 -1.79
CA LEU N 144 22.23 24.88 -2.91
C LEU N 144 21.61 23.53 -2.57
N SER N 145 20.64 23.13 -3.38
CA SER N 145 19.99 21.83 -3.28
C SER N 145 20.77 20.84 -4.11
N CYS N 146 21.32 19.83 -3.43
CA CYS N 146 22.06 18.75 -4.06
C CYS N 146 21.55 17.41 -3.53
N VAL N 147 20.25 17.36 -3.27
CA VAL N 147 19.59 16.16 -2.84
C VAL N 147 19.25 15.35 -4.09
N ASP N 148 18.61 14.19 -3.92
CA ASP N 148 18.43 13.23 -5.01
C ASP N 148 16.98 12.78 -5.15
N ASN N 149 16.07 13.46 -4.43
CA ASN N 149 14.68 13.05 -4.36
C ASN N 149 13.77 14.29 -4.39
N PHE N 150 12.53 14.07 -4.84
CA PHE N 150 11.58 15.14 -5.12
C PHE N 150 11.13 15.79 -3.81
N GLU N 151 10.84 14.96 -2.81
CA GLU N 151 10.29 15.40 -1.54
C GLU N 151 11.22 16.44 -0.90
N ALA N 152 12.53 16.20 -0.98
CA ALA N 152 13.53 17.05 -0.33
C ALA N 152 13.64 18.39 -1.06
N ARG N 153 13.63 18.32 -2.40
CA ARG N 153 13.67 19.50 -3.27
C ARG N 153 12.48 20.40 -2.94
N MET N 154 11.29 19.78 -2.87
CA MET N 154 10.04 20.47 -2.57
C MET N 154 10.16 21.18 -1.21
N THR N 155 10.80 20.50 -0.24
CA THR N 155 10.98 21.03 1.10
C THR N 155 11.75 22.35 1.05
N ILE N 156 12.88 22.32 0.33
CA ILE N 156 13.75 23.49 0.22
C ILE N 156 12.94 24.62 -0.42
N ASN N 157 12.12 24.24 -1.41
CA ASN N 157 11.35 25.19 -2.21
C ASN N 157 10.34 25.93 -1.35
N THR N 158 9.63 25.18 -0.50
CA THR N 158 8.65 25.72 0.42
C THR N 158 9.31 26.73 1.35
N ALA N 159 10.49 26.34 1.83
CA ALA N 159 11.21 27.13 2.81
C ALA N 159 11.62 28.45 2.17
N CYS N 160 12.06 28.37 0.91
CA CYS N 160 12.70 29.50 0.26
C CYS N 160 11.63 30.46 -0.26
N ASN N 161 10.46 29.90 -0.59
CA ASN N 161 9.30 30.71 -0.97
C ASN N 161 8.84 31.55 0.22
N GLU N 162 8.75 30.90 1.39
CA GLU N 162 8.40 31.55 2.65
C GLU N 162 9.41 32.62 3.05
N LEU N 163 10.72 32.38 2.89
CA LEU N 163 11.68 33.32 3.43
C LEU N 163 12.15 34.29 2.36
N GLY N 164 11.78 34.03 1.10
CA GLY N 164 12.23 34.81 -0.04
C GLY N 164 13.73 34.67 -0.27
N GLN N 165 14.19 33.41 -0.30
CA GLN N 165 15.60 33.08 -0.29
C GLN N 165 15.98 32.55 -1.67
N THR N 166 16.95 33.24 -2.30
CA THR N 166 17.49 32.85 -3.61
C THR N 166 18.28 31.54 -3.46
N TRP N 167 17.99 30.57 -4.33
CA TRP N 167 18.67 29.29 -4.27
C TRP N 167 18.90 28.68 -5.65
N MET N 168 19.78 27.67 -5.71
CA MET N 168 20.01 26.94 -6.95
C MET N 168 19.73 25.45 -6.70
N GLU N 169 19.10 24.80 -7.66
CA GLU N 169 18.82 23.38 -7.55
C GLU N 169 19.64 22.62 -8.59
N SER N 170 20.22 21.50 -8.17
CA SER N 170 20.99 20.67 -9.08
C SER N 170 20.54 19.22 -8.94
N GLY N 171 20.55 18.52 -10.06
CA GLY N 171 20.17 17.12 -10.05
C GLY N 171 21.01 16.34 -11.06
N VAL N 172 21.04 15.02 -10.84
CA VAL N 172 21.62 14.07 -11.76
C VAL N 172 20.59 12.94 -11.95
N SER N 173 20.42 12.50 -13.19
CA SER N 173 19.52 11.39 -13.50
C SER N 173 19.95 10.09 -12.84
N GLU N 174 18.97 9.23 -12.62
CA GLU N 174 19.17 7.92 -12.01
C GLU N 174 19.98 7.05 -12.98
N ASN N 175 20.13 7.48 -14.23
CA ASN N 175 20.85 6.64 -15.17
C ASN N 175 22.22 7.24 -15.45
N ALA N 176 22.56 8.26 -14.66
CA ALA N 176 23.91 8.81 -14.59
C ALA N 176 24.29 9.68 -15.78
N VAL N 177 23.49 9.74 -16.86
CA VAL N 177 24.03 10.35 -18.07
C VAL N 177 23.45 11.74 -18.37
N SER N 178 22.81 12.36 -17.37
CA SER N 178 22.32 13.71 -17.54
C SER N 178 22.18 14.41 -16.19
N GLY N 179 22.21 15.75 -16.21
CA GLY N 179 22.02 16.56 -15.02
C GLY N 179 21.71 17.99 -15.41
N HIS N 180 21.46 18.84 -14.42
CA HIS N 180 21.11 20.22 -14.69
C HIS N 180 21.38 21.08 -13.45
N ILE N 181 21.39 22.40 -13.65
CA ILE N 181 21.29 23.30 -12.53
C ILE N 181 20.19 24.32 -12.83
N GLN N 182 19.63 24.90 -11.78
CA GLN N 182 18.52 25.84 -11.93
C GLN N 182 18.58 26.90 -10.84
N LEU N 183 18.38 28.15 -11.25
CA LEU N 183 18.38 29.24 -10.31
C LEU N 183 16.95 29.67 -10.03
N ILE N 184 16.58 29.66 -8.75
CA ILE N 184 15.25 30.08 -8.33
C ILE N 184 15.39 31.36 -7.50
N ILE N 185 15.00 32.50 -8.08
CA ILE N 185 14.79 33.73 -7.32
C ILE N 185 13.29 33.91 -7.13
N PRO N 186 12.71 33.57 -5.95
CA PRO N 186 11.25 33.38 -5.82
C PRO N 186 10.50 34.67 -6.13
N GLY N 187 9.56 34.59 -7.08
CA GLY N 187 8.91 35.79 -7.58
C GLY N 187 9.49 36.36 -8.88
N GLU N 188 10.82 36.32 -9.03
CA GLU N 188 11.52 36.81 -10.21
C GLU N 188 11.64 35.68 -11.25
N SER N 189 11.93 34.45 -10.81
CA SER N 189 12.03 33.32 -11.70
C SER N 189 11.15 32.18 -11.19
N ALA N 190 10.92 31.18 -12.06
CA ALA N 190 10.11 30.03 -11.72
C ALA N 190 10.68 29.28 -10.51
N CYS N 191 9.83 29.04 -9.51
CA CYS N 191 10.18 28.20 -8.37
C CYS N 191 10.04 26.74 -8.75
N PHE N 192 10.35 25.85 -7.81
CA PHE N 192 10.41 24.43 -8.11
C PHE N 192 9.00 23.88 -8.38
N ALA N 193 7.97 24.53 -7.82
CA ALA N 193 6.60 24.05 -7.93
C ALA N 193 5.86 24.66 -9.13
N CYS N 194 6.36 25.77 -9.68
CA CYS N 194 5.75 26.48 -10.79
C CYS N 194 5.31 25.54 -11.91
N ALA N 195 6.16 24.59 -12.32
CA ALA N 195 5.80 23.64 -13.36
C ALA N 195 6.17 22.24 -12.87
N PRO N 196 5.71 21.14 -13.50
CA PRO N 196 6.27 19.81 -13.20
C PRO N 196 7.77 19.78 -13.53
N PRO N 197 8.62 18.93 -12.89
CA PRO N 197 10.07 19.02 -13.06
C PRO N 197 10.54 18.87 -14.51
N LEU N 198 11.38 19.81 -14.94
CA LEU N 198 12.04 19.79 -16.25
C LEU N 198 13.04 18.63 -16.36
N VAL N 199 13.16 18.08 -17.57
CA VAL N 199 14.16 17.06 -17.88
C VAL N 199 15.00 17.54 -19.05
N VAL N 200 16.13 16.86 -19.26
CA VAL N 200 17.09 17.24 -20.26
C VAL N 200 17.39 16.03 -21.16
N ALA N 201 16.84 14.87 -20.78
CA ALA N 201 17.02 13.65 -21.57
C ALA N 201 16.21 12.52 -20.96
N ALA N 202 16.12 11.42 -21.70
CA ALA N 202 15.48 10.21 -21.22
C ALA N 202 16.13 9.75 -19.90
N ASN N 203 15.31 9.56 -18.86
CA ASN N 203 15.75 9.05 -17.59
C ASN N 203 15.08 7.70 -17.31
N ILE N 204 15.44 7.05 -16.20
CA ILE N 204 14.77 5.81 -15.83
C ILE N 204 13.65 6.14 -14.83
N ASP N 205 12.63 5.26 -14.75
CA ASP N 205 11.54 5.43 -13.80
C ASP N 205 12.03 5.20 -12.36
N GLU N 206 12.22 6.30 -11.63
CA GLU N 206 12.82 6.25 -10.29
C GLU N 206 11.94 5.45 -9.33
N LYS N 207 10.70 5.17 -9.76
CA LYS N 207 9.71 4.45 -8.96
C LYS N 207 10.06 2.97 -8.96
N THR N 208 10.55 2.49 -10.11
CA THR N 208 10.91 1.10 -10.32
C THR N 208 12.14 0.78 -9.48
N LEU N 209 12.91 1.83 -9.15
CA LEU N 209 14.13 1.68 -8.37
C LEU N 209 13.79 1.50 -6.89
N LYS N 210 12.87 2.33 -6.38
CA LYS N 210 12.38 2.21 -5.01
C LYS N 210 11.79 0.82 -4.79
N ARG N 211 10.98 0.35 -5.75
CA ARG N 211 10.17 -0.85 -5.60
C ARG N 211 11.03 -2.12 -5.65
N GLU N 212 12.08 -2.13 -6.48
CA GLU N 212 12.94 -3.29 -6.63
C GLU N 212 13.99 -3.34 -5.51
N GLY N 213 14.16 -2.23 -4.78
CA GLY N 213 15.20 -2.09 -3.77
C GLY N 213 16.61 -2.22 -4.35
N VAL N 214 16.81 -1.60 -5.54
CA VAL N 214 18.10 -1.45 -6.20
C VAL N 214 18.46 0.03 -6.24
N CYS N 215 19.66 0.37 -6.76
CA CYS N 215 20.20 1.72 -6.66
C CYS N 215 20.28 2.41 -8.03
N ALA N 216 20.35 3.75 -8.01
CA ALA N 216 20.64 4.53 -9.21
C ALA N 216 22.07 4.31 -9.64
N ALA N 217 22.33 4.42 -10.93
CA ALA N 217 23.68 4.59 -11.43
C ALA N 217 24.18 6.02 -11.20
N SER N 218 25.50 6.18 -11.04
CA SER N 218 26.19 7.45 -10.92
C SER N 218 27.59 7.32 -11.50
N LEU N 219 28.08 8.42 -12.09
CA LEU N 219 29.39 8.51 -12.67
C LEU N 219 30.11 9.68 -12.02
N PRO N 220 31.43 9.57 -11.82
CA PRO N 220 32.17 10.65 -11.21
C PRO N 220 32.28 11.78 -12.24
N THR N 221 32.07 11.45 -13.51
CA THR N 221 32.18 12.42 -14.58
C THR N 221 30.99 13.39 -14.51
N THR N 222 29.79 12.83 -14.47
CA THR N 222 28.57 13.61 -14.56
C THR N 222 28.40 14.45 -13.30
N MET N 223 28.71 13.84 -12.17
CA MET N 223 28.77 14.57 -10.92
C MET N 223 29.74 15.76 -10.99
N GLY N 224 30.92 15.58 -11.59
CA GLY N 224 31.93 16.62 -11.64
C GLY N 224 31.56 17.78 -12.58
N VAL N 225 30.83 17.46 -13.65
CA VAL N 225 30.38 18.46 -14.58
C VAL N 225 29.29 19.29 -13.90
N VAL N 226 28.30 18.61 -13.32
CA VAL N 226 27.17 19.27 -12.71
C VAL N 226 27.67 20.18 -11.59
N ALA N 227 28.51 19.66 -10.68
CA ALA N 227 28.97 20.46 -9.58
C ALA N 227 29.77 21.68 -10.07
N GLY N 228 30.56 21.44 -11.12
CA GLY N 228 31.39 22.48 -11.71
C GLY N 228 30.57 23.61 -12.32
N ILE N 229 29.49 23.27 -13.05
CA ILE N 229 28.65 24.31 -13.63
C ILE N 229 27.81 24.97 -12.54
N LEU N 230 27.41 24.19 -11.52
CA LEU N 230 26.67 24.73 -10.39
C LEU N 230 27.49 25.78 -9.66
N VAL N 231 28.78 25.51 -9.45
CA VAL N 231 29.57 26.45 -8.67
C VAL N 231 30.01 27.62 -9.54
N GLN N 232 30.17 27.37 -10.83
CA GLN N 232 30.45 28.45 -11.76
C GLN N 232 29.32 29.47 -11.72
N ASN N 233 28.07 29.00 -11.78
CA ASN N 233 26.90 29.84 -11.68
C ASN N 233 26.89 30.59 -10.35
N VAL N 234 27.19 29.88 -9.24
CA VAL N 234 27.34 30.48 -7.94
C VAL N 234 28.36 31.63 -7.99
N LEU N 235 29.54 31.39 -8.58
CA LEU N 235 30.58 32.41 -8.64
C LEU N 235 30.11 33.62 -9.44
N LYS N 236 29.47 33.39 -10.60
CA LYS N 236 29.07 34.45 -11.50
C LYS N 236 28.01 35.32 -10.83
N PHE N 237 27.16 34.66 -10.04
CA PHE N 237 26.07 35.28 -9.29
C PHE N 237 26.60 36.16 -8.16
N LEU N 238 27.49 35.65 -7.30
CA LEU N 238 27.89 36.38 -6.11
C LEU N 238 28.90 37.49 -6.45
N LEU N 239 29.78 37.23 -7.43
CA LEU N 239 30.89 38.13 -7.75
C LEU N 239 30.60 38.94 -9.02
N ASN N 240 29.40 38.78 -9.63
CA ASN N 240 28.90 39.66 -10.69
C ASN N 240 29.84 39.71 -11.89
N PHE N 241 29.97 38.57 -12.58
CA PHE N 241 30.71 38.50 -13.83
C PHE N 241 30.01 37.47 -14.70
N GLY N 242 30.31 37.50 -16.02
CA GLY N 242 29.64 36.69 -17.03
C GLY N 242 28.12 36.66 -16.90
N THR N 243 27.50 35.62 -17.46
CA THR N 243 26.05 35.57 -17.51
C THR N 243 25.58 34.41 -16.64
N VAL N 244 24.69 34.72 -15.70
CA VAL N 244 24.05 33.71 -14.88
C VAL N 244 23.03 32.97 -15.71
N SER N 245 22.98 31.64 -15.59
CA SER N 245 21.95 30.85 -16.24
C SER N 245 20.83 30.62 -15.24
N PHE N 246 19.60 30.59 -15.75
CA PHE N 246 18.49 30.31 -14.86
C PHE N 246 18.25 28.81 -14.88
N TYR N 247 18.71 28.23 -15.98
CA TYR N 247 18.67 26.79 -16.17
C TYR N 247 19.71 26.43 -17.21
N LEU N 248 20.49 25.41 -16.86
CA LEU N 248 21.46 24.82 -17.75
C LEU N 248 21.45 23.32 -17.48
N GLY N 249 21.08 22.57 -18.51
CA GLY N 249 21.10 21.12 -18.46
C GLY N 249 22.35 20.56 -19.14
N TYR N 250 22.54 19.24 -18.99
CA TYR N 250 23.71 18.56 -19.47
C TYR N 250 23.32 17.16 -19.90
N ASN N 251 23.56 16.85 -21.16
CA ASN N 251 23.27 15.52 -21.67
C ASN N 251 24.61 14.90 -22.09
N ALA N 252 25.04 13.88 -21.34
CA ALA N 252 26.37 13.33 -21.48
C ALA N 252 26.46 12.46 -22.72
N MET N 253 25.35 11.79 -23.06
CA MET N 253 25.31 10.90 -24.21
C MET N 253 25.62 11.66 -25.49
N GLN N 254 25.09 12.89 -25.63
CA GLN N 254 25.18 13.58 -26.90
C GLN N 254 25.88 14.93 -26.77
N ASP N 255 26.35 15.22 -25.56
CA ASP N 255 27.05 16.47 -25.31
C ASP N 255 26.15 17.65 -25.67
N PHE N 256 24.91 17.64 -25.17
CA PHE N 256 24.04 18.80 -25.35
C PHE N 256 23.92 19.52 -24.02
N PHE N 257 23.90 20.84 -24.09
CA PHE N 257 23.74 21.61 -22.87
C PHE N 257 22.59 22.59 -23.01
N PRO N 258 21.32 22.14 -23.10
CA PRO N 258 20.18 23.05 -23.29
C PRO N 258 20.05 24.10 -22.19
N THR N 259 19.75 25.33 -22.62
CA THR N 259 19.60 26.50 -21.76
C THR N 259 18.16 26.97 -21.87
N MET N 260 17.58 27.43 -20.76
CA MET N 260 16.18 27.83 -20.77
C MET N 260 15.94 29.08 -19.93
N SER N 261 14.94 29.86 -20.39
CA SER N 261 14.35 30.99 -19.70
C SER N 261 13.42 30.45 -18.61
N MET N 262 13.40 31.11 -17.44
CA MET N 262 12.62 30.57 -16.34
C MET N 262 11.70 31.65 -15.77
N LYS N 263 10.51 31.77 -16.37
CA LYS N 263 9.53 32.78 -16.00
C LYS N 263 8.47 32.15 -15.10
N PRO N 264 8.10 32.80 -13.97
CA PRO N 264 7.18 32.21 -12.99
C PRO N 264 5.76 31.98 -13.50
N ASN N 265 5.13 30.93 -13.00
CA ASN N 265 3.77 30.59 -13.34
C ASN N 265 2.83 31.24 -12.33
N PRO N 266 1.86 32.07 -12.77
CA PRO N 266 0.99 32.82 -11.85
C PRO N 266 0.00 31.95 -11.07
N GLN N 267 -0.19 30.69 -11.52
CA GLN N 267 -1.12 29.77 -10.89
C GLN N 267 -0.37 28.65 -10.17
N CYS N 268 0.84 28.94 -9.69
CA CYS N 268 1.61 27.98 -8.91
C CYS N 268 0.78 27.51 -7.73
N ASP N 269 0.85 26.21 -7.43
CA ASP N 269 0.17 25.56 -6.32
C ASP N 269 0.64 26.18 -5.00
N ASP N 270 1.85 26.75 -5.01
CA ASP N 270 2.49 27.33 -3.84
C ASP N 270 2.07 28.78 -3.68
N ARG N 271 1.27 29.04 -2.63
CA ARG N 271 0.75 30.35 -2.28
C ARG N 271 1.89 31.38 -2.18
N ASN N 272 3.01 30.97 -1.57
CA ASN N 272 4.09 31.90 -1.29
C ASN N 272 4.84 32.30 -2.57
N CYS N 273 4.82 31.41 -3.58
CA CYS N 273 5.38 31.75 -4.88
C CYS N 273 4.54 32.86 -5.48
N ARG N 274 3.21 32.66 -5.48
CA ARG N 274 2.26 33.63 -6.02
C ARG N 274 2.51 34.98 -5.36
N LYS N 275 2.59 34.97 -4.02
CA LYS N 275 2.80 36.13 -3.16
C LYS N 275 4.10 36.84 -3.50
N GLN N 276 5.17 36.07 -3.71
CA GLN N 276 6.47 36.64 -4.02
C GLN N 276 6.46 37.26 -5.42
N GLN N 277 5.62 36.69 -6.30
CA GLN N 277 5.48 37.15 -7.67
C GLN N 277 4.83 38.53 -7.69
N GLU N 278 3.77 38.70 -6.90
CA GLU N 278 3.03 39.95 -6.83
C GLU N 278 3.85 41.00 -6.09
N GLU N 279 4.62 40.57 -5.08
CA GLU N 279 5.59 41.40 -4.39
C GLU N 279 6.67 41.88 -5.38
N TYR N 280 7.07 41.03 -6.32
CA TYR N 280 8.14 41.38 -7.25
C TYR N 280 7.64 42.33 -8.34
N LYS N 281 6.41 42.11 -8.84
CA LYS N 281 5.81 42.97 -9.85
C LYS N 281 5.66 44.38 -9.28
N LYS N 282 5.41 44.45 -7.98
CA LYS N 282 5.20 45.67 -7.20
C LYS N 282 6.50 46.49 -7.18
N LYS N 283 7.63 45.84 -6.84
CA LYS N 283 8.92 46.53 -6.73
C LYS N 283 9.40 47.02 -8.10
N VAL N 284 8.97 46.33 -9.18
CA VAL N 284 9.34 46.73 -10.54
C VAL N 284 8.61 48.02 -10.90
N ALA N 285 7.35 48.14 -10.49
CA ALA N 285 6.53 49.30 -10.86
C ALA N 285 6.70 50.44 -9.86
N ALA N 286 7.24 50.16 -8.66
CA ALA N 286 7.44 51.17 -7.62
C ALA N 286 8.82 51.83 -7.77
N GLY O 1 21.28 -27.81 19.12
CA GLY O 1 21.82 -27.01 20.25
C GLY O 1 21.38 -25.55 20.17
N ARG O 2 21.28 -24.93 21.36
CA ARG O 2 20.86 -23.56 21.59
C ARG O 2 21.83 -22.98 22.62
N VAL O 3 22.12 -21.68 22.54
CA VAL O 3 23.04 -21.07 23.50
C VAL O 3 22.24 -20.59 24.72
N ARG O 4 22.91 -20.49 25.88
CA ARG O 4 22.32 -19.93 27.09
C ARG O 4 22.09 -18.43 26.91
N ILE O 5 20.98 -17.93 27.47
CA ILE O 5 20.59 -16.52 27.40
C ILE O 5 20.42 -16.01 28.84
N GLU O 6 21.25 -15.04 29.25
CA GLU O 6 21.29 -14.62 30.64
C GLU O 6 20.13 -13.65 30.90
N LYS O 7 19.83 -12.78 29.94
CA LYS O 7 18.76 -11.81 30.08
C LYS O 7 17.84 -11.95 28.86
N MET O 8 16.57 -12.35 29.13
CA MET O 8 15.51 -12.51 28.13
C MET O 8 15.33 -11.21 27.35
N SER O 9 15.22 -11.32 26.03
CA SER O 9 15.21 -10.15 25.18
C SER O 9 13.92 -10.08 24.34
N SER O 10 13.51 -8.84 24.06
CA SER O 10 12.31 -8.56 23.27
C SER O 10 12.61 -8.59 21.77
N GLU O 11 13.91 -8.63 21.43
CA GLU O 11 14.42 -8.41 20.09
C GLU O 11 13.82 -9.41 19.10
N VAL O 12 13.24 -8.88 18.02
CA VAL O 12 12.49 -9.72 17.10
C VAL O 12 13.44 -10.17 15.99
N VAL O 13 14.16 -11.27 16.27
CA VAL O 13 15.08 -11.88 15.32
C VAL O 13 14.92 -13.38 15.38
N ASP O 14 15.31 -14.07 14.30
CA ASP O 14 15.01 -15.49 14.13
C ASP O 14 15.74 -16.34 15.18
N SER O 15 16.84 -15.79 15.72
CA SER O 15 17.69 -16.49 16.66
C SER O 15 17.24 -16.37 18.12
N ASN O 16 16.26 -15.50 18.42
CA ASN O 16 15.78 -15.30 19.77
C ASN O 16 14.58 -16.21 20.06
N PRO O 17 14.71 -17.22 20.95
CA PRO O 17 13.61 -18.14 21.25
C PRO O 17 12.58 -17.59 22.25
N TYR O 18 12.81 -16.36 22.70
CA TYR O 18 11.99 -15.70 23.68
C TYR O 18 11.24 -14.51 23.05
N SER O 19 11.54 -14.18 21.78
CA SER O 19 10.91 -13.07 21.09
C SER O 19 9.36 -13.11 21.09
N ARG O 20 8.74 -14.24 20.73
CA ARG O 20 7.29 -14.31 20.66
C ARG O 20 6.66 -14.39 22.05
N LEU O 21 7.47 -14.59 23.10
CA LEU O 21 6.93 -14.60 24.45
C LEU O 21 7.05 -13.20 25.05
N MET O 22 8.18 -12.55 24.83
CA MET O 22 8.42 -11.24 25.43
C MET O 22 7.57 -10.18 24.72
N ALA O 23 6.96 -10.58 23.58
CA ALA O 23 6.03 -9.79 22.81
C ALA O 23 4.77 -9.43 23.62
N LEU O 24 4.39 -10.30 24.57
CA LEU O 24 3.27 -10.09 25.47
C LEU O 24 3.38 -8.75 26.24
N LYS O 25 4.60 -8.22 26.33
CA LYS O 25 4.92 -7.00 27.08
C LYS O 25 4.51 -5.76 26.29
N ARG O 26 4.56 -5.87 24.96
CA ARG O 26 4.21 -4.76 24.10
C ARG O 26 2.82 -5.02 23.51
N MET O 27 2.03 -5.87 24.17
CA MET O 27 0.69 -6.21 23.68
C MET O 27 -0.34 -6.08 24.80
N GLY O 28 0.10 -5.48 25.90
CA GLY O 28 -0.76 -5.17 27.04
C GLY O 28 -1.15 -6.39 27.86
N ILE O 29 -0.75 -7.60 27.44
CA ILE O 29 -1.14 -8.86 28.07
C ILE O 29 -0.54 -9.01 29.48
N VAL O 30 0.80 -8.88 29.58
CA VAL O 30 1.50 -8.95 30.85
C VAL O 30 2.73 -8.03 30.83
N SER O 31 2.92 -7.29 31.91
CA SER O 31 3.88 -6.21 31.96
C SER O 31 5.31 -6.73 32.04
N ASP O 32 5.52 -7.78 32.84
CA ASP O 32 6.83 -8.20 33.27
C ASP O 32 7.03 -9.71 33.02
N TYR O 33 7.06 -10.12 31.74
CA TYR O 33 7.07 -11.54 31.40
C TYR O 33 8.31 -12.27 31.92
N GLU O 34 9.46 -11.59 31.88
CA GLU O 34 10.74 -12.10 32.32
C GLU O 34 10.69 -12.68 33.75
N LYS O 35 9.73 -12.26 34.59
CA LYS O 35 9.60 -12.78 35.96
C LYS O 35 9.42 -14.30 35.98
N ILE O 36 9.00 -14.89 34.85
CA ILE O 36 8.83 -16.34 34.74
C ILE O 36 10.10 -17.09 35.16
N ARG O 37 11.29 -16.50 34.89
CA ARG O 37 12.59 -17.09 35.15
CA ARG O 37 12.58 -17.11 35.15
C ARG O 37 12.84 -17.16 36.65
N THR O 38 11.98 -16.51 37.45
CA THR O 38 12.27 -16.46 38.88
C THR O 38 11.49 -17.49 39.70
N PHE O 39 10.75 -18.38 39.03
CA PHE O 39 9.88 -19.31 39.73
C PHE O 39 10.36 -20.75 39.55
N ALA O 40 10.15 -21.58 40.58
CA ALA O 40 10.41 -23.01 40.53
C ALA O 40 9.08 -23.74 40.69
N VAL O 41 8.84 -24.75 39.83
CA VAL O 41 7.58 -25.48 39.87
C VAL O 41 7.89 -26.98 39.91
N ALA O 42 7.23 -27.68 40.83
CA ALA O 42 7.43 -29.10 41.02
C ALA O 42 6.28 -29.84 40.37
N ILE O 43 6.62 -30.83 39.53
CA ILE O 43 5.63 -31.64 38.85
C ILE O 43 5.72 -33.08 39.33
N VAL O 44 4.64 -33.57 39.93
CA VAL O 44 4.59 -34.97 40.31
C VAL O 44 3.78 -35.71 39.25
N GLY O 45 4.41 -36.72 38.65
CA GLY O 45 3.78 -37.44 37.56
C GLY O 45 4.16 -36.82 36.22
N VAL O 46 5.10 -37.46 35.53
CA VAL O 46 5.57 -36.99 34.24
C VAL O 46 5.07 -37.95 33.16
N GLY O 47 3.75 -38.16 33.15
CA GLY O 47 3.08 -38.99 32.17
C GLY O 47 2.44 -38.13 31.07
N GLY O 48 1.15 -38.40 30.80
CA GLY O 48 0.41 -37.77 29.72
C GLY O 48 0.37 -36.25 29.89
N VAL O 49 -0.22 -35.82 31.00
CA VAL O 49 -0.34 -34.41 31.33
C VAL O 49 1.03 -33.83 31.72
N GLY O 50 1.70 -34.47 32.70
CA GLY O 50 2.91 -33.94 33.33
C GLY O 50 4.07 -33.71 32.37
N SER O 51 4.24 -34.60 31.39
CA SER O 51 5.28 -34.39 30.39
C SER O 51 5.00 -33.13 29.57
N VAL O 52 3.74 -32.97 29.12
CA VAL O 52 3.37 -31.84 28.29
C VAL O 52 3.41 -30.56 29.13
N THR O 53 2.93 -30.65 30.37
CA THR O 53 3.01 -29.57 31.35
C THR O 53 4.45 -29.09 31.45
N ALA O 54 5.37 -30.04 31.66
CA ALA O 54 6.79 -29.76 31.78
C ALA O 54 7.33 -29.14 30.48
N GLU O 55 6.92 -29.68 29.33
CA GLU O 55 7.38 -29.13 28.06
C GLU O 55 6.95 -27.66 27.91
N MET O 56 5.70 -27.39 28.30
CA MET O 56 5.10 -26.07 28.15
C MET O 56 5.88 -25.08 29.02
N LEU O 57 6.12 -25.44 30.29
CA LEU O 57 6.77 -24.51 31.18
C LEU O 57 8.21 -24.27 30.74
N THR O 58 8.85 -25.32 30.25
CA THR O 58 10.23 -25.28 29.81
C THR O 58 10.34 -24.23 28.70
N ARG O 59 9.49 -24.36 27.66
CA ARG O 59 9.49 -23.48 26.50
C ARG O 59 9.05 -22.06 26.86
N CYS O 60 8.32 -21.90 27.98
CA CYS O 60 8.01 -20.58 28.50
C CYS O 60 9.20 -19.92 29.19
N GLY O 61 10.18 -20.72 29.61
CA GLY O 61 11.38 -20.18 30.23
C GLY O 61 11.26 -20.10 31.75
N ILE O 62 10.50 -21.04 32.34
CA ILE O 62 10.42 -21.18 33.79
C ILE O 62 11.80 -21.30 34.41
N GLY O 63 11.96 -20.75 35.61
CA GLY O 63 13.23 -20.73 36.33
C GLY O 63 13.80 -22.13 36.56
N LYS O 64 12.98 -23.00 37.18
CA LYS O 64 13.36 -24.35 37.59
C LYS O 64 12.15 -25.29 37.58
N LEU O 65 12.38 -26.52 37.11
CA LEU O 65 11.43 -27.61 37.23
C LEU O 65 11.98 -28.72 38.13
N LEU O 66 11.15 -29.22 39.06
CA LEU O 66 11.41 -30.42 39.84
C LEU O 66 10.47 -31.51 39.34
N LEU O 67 11.05 -32.57 38.76
CA LEU O 67 10.26 -33.66 38.20
C LEU O 67 10.32 -34.89 39.11
N PHE O 68 9.15 -35.46 39.39
CA PHE O 68 9.06 -36.65 40.22
C PHE O 68 8.21 -37.70 39.51
N ASP O 69 8.77 -38.91 39.39
CA ASP O 69 8.05 -40.06 38.86
C ASP O 69 8.90 -41.31 39.09
N TYR O 70 8.25 -42.45 39.34
CA TYR O 70 8.95 -43.70 39.61
C TYR O 70 9.02 -44.57 38.34
N ASP O 71 8.18 -44.28 37.34
CA ASP O 71 7.98 -45.16 36.21
C ASP O 71 8.96 -44.87 35.06
N LYS O 72 9.02 -45.84 34.15
CA LYS O 72 9.86 -45.84 32.97
C LYS O 72 8.97 -45.61 31.76
N VAL O 73 9.56 -45.07 30.69
CA VAL O 73 8.81 -44.89 29.46
C VAL O 73 8.59 -46.26 28.83
N GLU O 74 7.35 -46.51 28.36
CA GLU O 74 6.96 -47.73 27.68
C GLU O 74 6.31 -47.39 26.33
N LEU O 75 6.21 -48.41 25.46
CA LEU O 75 5.58 -48.26 24.16
C LEU O 75 4.09 -47.94 24.35
N ALA O 76 3.51 -48.37 25.48
CA ALA O 76 2.10 -48.13 25.73
C ALA O 76 1.81 -46.65 25.99
N ASN O 77 2.86 -45.85 26.18
CA ASN O 77 2.75 -44.43 26.47
C ASN O 77 2.81 -43.62 25.17
N MET O 78 2.93 -44.28 24.02
CA MET O 78 3.24 -43.58 22.78
C MET O 78 1.96 -43.04 22.15
N ASN O 79 0.81 -43.35 22.77
CA ASN O 79 -0.44 -42.75 22.36
C ASN O 79 -0.52 -41.31 22.87
N ARG O 80 0.28 -40.96 23.89
CA ARG O 80 0.33 -39.63 24.46
C ARG O 80 1.56 -38.88 23.95
N LEU O 81 1.54 -37.54 24.05
CA LEU O 81 2.58 -36.67 23.52
C LEU O 81 3.87 -36.69 24.36
N PHE O 82 4.91 -36.12 23.75
CA PHE O 82 6.22 -35.84 24.34
C PHE O 82 7.23 -36.97 24.14
N PHE O 83 7.09 -38.06 24.91
CA PHE O 83 8.04 -39.17 24.88
C PHE O 83 8.00 -39.88 23.53
N GLN O 84 9.18 -40.13 22.97
CA GLN O 84 9.32 -40.81 21.70
C GLN O 84 9.77 -42.26 21.90
N PRO O 85 9.56 -43.19 20.94
CA PRO O 85 9.82 -44.61 21.18
C PRO O 85 11.28 -44.96 21.51
N HIS O 86 12.24 -44.15 21.02
CA HIS O 86 13.65 -44.36 21.33
C HIS O 86 13.91 -44.14 22.83
N GLN O 87 12.94 -43.56 23.53
CA GLN O 87 13.13 -43.35 24.96
C GLN O 87 12.52 -44.50 25.77
N ALA O 88 11.89 -45.46 25.08
CA ALA O 88 11.25 -46.57 25.78
C ALA O 88 12.33 -47.31 26.54
N GLY O 89 12.13 -47.52 27.84
CA GLY O 89 13.15 -48.15 28.66
C GLY O 89 13.77 -47.19 29.67
N LEU O 90 13.93 -45.92 29.30
CA LEU O 90 14.45 -44.94 30.24
C LEU O 90 13.36 -44.61 31.26
N SER O 91 13.79 -44.16 32.43
CA SER O 91 12.91 -43.54 33.40
C SER O 91 12.28 -42.27 32.80
N LYS O 92 11.04 -41.98 33.20
CA LYS O 92 10.32 -40.82 32.68
C LYS O 92 11.06 -39.53 33.02
N VAL O 93 11.42 -39.34 34.29
CA VAL O 93 12.07 -38.11 34.73
C VAL O 93 13.42 -37.91 34.03
N GLN O 94 14.14 -39.00 33.70
CA GLN O 94 15.43 -38.90 33.04
C GLN O 94 15.26 -38.53 31.58
N ALA O 95 14.32 -39.21 30.90
CA ALA O 95 14.01 -38.93 29.50
C ALA O 95 13.54 -37.48 29.34
N ALA O 96 12.60 -37.09 30.20
CA ALA O 96 12.09 -35.73 30.24
C ALA O 96 13.22 -34.72 30.45
N GLU O 97 14.04 -34.88 31.50
CA GLU O 97 15.14 -33.93 31.75
C GLU O 97 16.06 -33.83 30.54
N HIS O 98 16.36 -34.97 29.93
CA HIS O 98 17.22 -35.03 28.76
C HIS O 98 16.66 -34.19 27.61
N THR O 99 15.41 -34.46 27.22
CA THR O 99 14.72 -33.73 26.16
C THR O 99 14.59 -32.24 26.52
N LEU O 100 14.06 -31.94 27.70
CA LEU O 100 13.79 -30.57 28.11
C LEU O 100 15.07 -29.73 28.14
N ARG O 101 16.17 -30.32 28.63
CA ARG O 101 17.45 -29.63 28.67
C ARG O 101 17.88 -29.24 27.26
N ASN O 102 17.57 -30.11 26.29
CA ASN O 102 17.88 -29.85 24.90
C ASN O 102 17.00 -28.70 24.37
N ILE O 103 15.70 -28.76 24.73
CA ILE O 103 14.71 -27.79 24.29
C ILE O 103 15.07 -26.38 24.79
N ASN O 104 15.40 -26.25 26.08
CA ASN O 104 15.71 -24.95 26.64
C ASN O 104 16.81 -25.10 27.68
N PRO O 105 18.09 -24.81 27.35
CA PRO O 105 19.18 -24.96 28.32
C PRO O 105 19.23 -23.94 29.46
N ASP O 106 18.28 -23.00 29.50
CA ASP O 106 18.28 -21.99 30.54
C ASP O 106 17.54 -22.47 31.80
N VAL O 107 16.70 -23.49 31.65
CA VAL O 107 15.85 -23.98 32.72
C VAL O 107 16.65 -24.96 33.61
N LEU O 108 16.62 -24.74 34.92
CA LEU O 108 17.27 -25.62 35.88
C LEU O 108 16.39 -26.83 36.09
N PHE O 109 17.02 -28.01 36.17
CA PHE O 109 16.26 -29.21 36.45
C PHE O 109 16.75 -29.86 37.73
N GLU O 110 15.82 -30.55 38.37
CA GLU O 110 16.04 -31.39 39.53
C GLU O 110 15.07 -32.56 39.36
N VAL O 111 15.59 -33.73 38.98
CA VAL O 111 14.70 -34.86 38.81
C VAL O 111 14.91 -35.89 39.91
N HIS O 112 13.81 -36.54 40.28
CA HIS O 112 13.80 -37.58 41.30
C HIS O 112 13.00 -38.77 40.79
N ASN O 113 13.70 -39.88 40.54
CA ASN O 113 13.14 -41.13 40.03
C ASN O 113 12.63 -42.03 41.17
N TYR O 114 11.54 -41.64 41.83
CA TYR O 114 10.98 -42.44 42.91
C TYR O 114 9.48 -42.19 43.10
N ASN O 115 8.86 -43.10 43.87
CA ASN O 115 7.47 -43.10 44.29
C ASN O 115 7.37 -42.29 45.57
N ILE O 116 6.59 -41.21 45.51
CA ILE O 116 6.56 -40.25 46.59
C ILE O 116 5.79 -40.77 47.81
N THR O 117 5.18 -41.95 47.72
CA THR O 117 4.35 -42.43 48.83
C THR O 117 5.11 -43.31 49.82
N THR O 118 6.40 -43.58 49.60
CA THR O 118 7.17 -44.35 50.58
C THR O 118 7.70 -43.41 51.64
N VAL O 119 7.97 -43.96 52.81
CA VAL O 119 8.25 -43.18 54.00
C VAL O 119 9.41 -42.23 53.76
N GLU O 120 10.51 -42.77 53.22
CA GLU O 120 11.75 -42.02 53.10
C GLU O 120 11.63 -41.02 51.96
N ASN O 121 11.02 -41.45 50.85
CA ASN O 121 10.83 -40.62 49.66
C ASN O 121 9.94 -39.41 49.98
N PHE O 122 8.87 -39.61 50.76
CA PHE O 122 7.93 -38.57 51.12
C PHE O 122 8.63 -37.47 51.92
N GLN O 123 9.45 -37.86 52.90
CA GLN O 123 10.27 -36.92 53.64
C GLN O 123 11.12 -36.11 52.66
N HIS O 124 11.75 -36.81 51.71
CA HIS O 124 12.61 -36.14 50.75
C HIS O 124 11.78 -35.16 49.93
N PHE O 125 10.63 -35.64 49.46
CA PHE O 125 9.69 -34.87 48.65
C PHE O 125 9.30 -33.58 49.37
N MET O 126 8.95 -33.68 50.65
CA MET O 126 8.54 -32.50 51.39
C MET O 126 9.73 -31.57 51.57
N ASP O 127 10.94 -32.12 51.64
CA ASP O 127 12.14 -31.34 51.88
C ASP O 127 12.46 -30.54 50.63
N ARG O 128 12.15 -31.15 49.48
CA ARG O 128 12.37 -30.55 48.17
C ARG O 128 11.30 -29.50 47.89
N ILE O 129 10.06 -29.73 48.35
CA ILE O 129 9.00 -28.74 48.26
C ILE O 129 9.38 -27.49 49.07
N SER O 130 9.98 -27.67 50.25
CA SER O 130 10.28 -26.60 51.19
C SER O 130 11.56 -25.88 50.84
N ASN O 131 12.50 -26.58 50.19
CA ASN O 131 13.85 -26.07 50.01
C ASN O 131 14.30 -26.13 48.55
N GLY O 132 13.50 -26.77 47.69
CA GLY O 132 13.92 -27.01 46.32
C GLY O 132 13.56 -25.87 45.37
N GLY O 133 13.22 -24.71 45.95
CA GLY O 133 13.08 -23.44 45.24
C GLY O 133 14.32 -23.07 44.41
N LEU O 134 14.20 -21.99 43.65
CA LEU O 134 15.26 -21.47 42.79
C LEU O 134 16.49 -21.10 43.62
N GLU O 135 16.30 -20.49 44.79
CA GLU O 135 17.37 -20.36 45.77
C GLU O 135 17.25 -21.53 46.73
N GLU O 136 18.38 -22.19 47.03
CA GLU O 136 18.34 -23.35 47.91
C GLU O 136 17.90 -22.92 49.31
N GLY O 137 16.92 -23.63 49.87
CA GLY O 137 16.41 -23.32 51.20
C GLY O 137 15.08 -22.57 51.16
N LYS O 138 14.73 -22.03 49.99
CA LYS O 138 13.45 -21.38 49.74
C LYS O 138 12.48 -22.40 49.13
N PRO O 139 11.16 -22.26 49.34
CA PRO O 139 10.19 -23.21 48.79
C PRO O 139 9.93 -23.02 47.29
N VAL O 140 9.38 -24.06 46.66
CA VAL O 140 8.92 -24.00 45.29
C VAL O 140 7.69 -23.09 45.28
N ASP O 141 7.50 -22.36 44.18
CA ASP O 141 6.37 -21.45 44.04
C ASP O 141 5.06 -22.23 43.84
N LEU O 142 5.12 -23.47 43.38
CA LEU O 142 3.95 -24.23 42.99
C LEU O 142 4.31 -25.72 42.87
N VAL O 143 3.40 -26.58 43.32
CA VAL O 143 3.42 -28.00 43.00
C VAL O 143 2.31 -28.28 42.00
N LEU O 144 2.61 -29.10 40.98
CA LEU O 144 1.56 -29.55 40.08
C LEU O 144 1.41 -31.06 40.20
N SER O 145 0.19 -31.48 40.51
CA SER O 145 -0.13 -32.88 40.66
C SER O 145 -0.64 -33.42 39.33
N CYS O 146 0.15 -34.31 38.72
CA CYS O 146 -0.22 -34.91 37.45
C CYS O 146 -0.19 -36.44 37.56
N VAL O 147 -0.54 -36.94 38.74
CA VAL O 147 -0.53 -38.36 39.01
C VAL O 147 -1.87 -38.95 38.65
N ASP O 148 -2.01 -40.27 38.72
CA ASP O 148 -3.19 -40.89 38.16
C ASP O 148 -3.88 -41.79 39.19
N ASN O 149 -3.61 -41.57 40.48
CA ASN O 149 -4.18 -42.44 41.51
C ASN O 149 -4.55 -41.63 42.76
N PHE O 150 -5.52 -42.15 43.52
CA PHE O 150 -5.99 -41.51 44.74
C PHE O 150 -4.84 -41.37 45.76
N GLU O 151 -3.99 -42.42 45.86
CA GLU O 151 -3.01 -42.52 46.92
C GLU O 151 -1.95 -41.44 46.78
N ALA O 152 -1.51 -41.20 45.54
CA ALA O 152 -0.49 -40.21 45.25
C ALA O 152 -1.04 -38.80 45.48
N ARG O 153 -2.30 -38.59 45.06
CA ARG O 153 -3.02 -37.33 45.20
C ARG O 153 -3.26 -37.00 46.66
N MET O 154 -3.60 -38.03 47.42
CA MET O 154 -3.79 -37.91 48.85
C MET O 154 -2.46 -37.57 49.51
N THR O 155 -1.37 -38.06 48.92
CA THR O 155 -0.05 -37.84 49.49
C THR O 155 0.36 -36.39 49.26
N ILE O 156 0.21 -35.90 48.02
CA ILE O 156 0.54 -34.50 47.78
C ILE O 156 -0.34 -33.63 48.69
N ASN O 157 -1.63 -33.97 48.84
CA ASN O 157 -2.59 -33.17 49.59
C ASN O 157 -2.10 -32.97 51.03
N THR O 158 -1.69 -34.08 51.65
CA THR O 158 -1.18 -34.12 53.02
C THR O 158 0.08 -33.26 53.12
N ALA O 159 0.98 -33.40 52.15
CA ALA O 159 2.22 -32.62 52.14
C ALA O 159 1.91 -31.12 52.13
N CYS O 160 1.05 -30.73 51.18
CA CYS O 160 0.78 -29.33 50.92
C CYS O 160 -0.01 -28.70 52.07
N ASN O 161 -0.88 -29.51 52.70
CA ASN O 161 -1.63 -29.10 53.88
C ASN O 161 -0.69 -28.88 55.06
N GLU O 162 0.34 -29.72 55.20
CA GLU O 162 1.33 -29.52 56.26
C GLU O 162 2.18 -28.26 56.01
N LEU O 163 2.56 -27.97 54.77
CA LEU O 163 3.54 -26.92 54.59
C LEU O 163 2.87 -25.60 54.26
N GLY O 164 1.56 -25.63 54.01
CA GLY O 164 0.81 -24.48 53.52
C GLY O 164 1.28 -24.04 52.12
N GLN O 165 1.28 -25.00 51.20
CA GLN O 165 1.89 -24.86 49.89
C GLN O 165 0.80 -24.88 48.82
N THR O 166 0.77 -23.84 47.98
CA THR O 166 -0.24 -23.82 46.92
C THR O 166 0.09 -24.83 45.84
N TRP O 167 -0.95 -25.50 45.34
CA TRP O 167 -0.70 -26.45 44.27
C TRP O 167 -1.91 -26.53 43.35
N MET O 168 -1.68 -27.10 42.17
CA MET O 168 -2.77 -27.41 41.26
C MET O 168 -2.80 -28.91 41.00
N GLU O 169 -4.02 -29.43 40.99
CA GLU O 169 -4.34 -30.82 40.81
C GLU O 169 -4.99 -31.00 39.44
N SER O 170 -4.44 -31.92 38.64
CA SER O 170 -4.97 -32.21 37.32
C SER O 170 -5.41 -33.68 37.24
N GLY O 171 -6.46 -33.93 36.47
CA GLY O 171 -6.94 -35.28 36.27
C GLY O 171 -7.55 -35.45 34.89
N VAL O 172 -7.45 -36.69 34.39
CA VAL O 172 -8.07 -37.14 33.16
C VAL O 172 -8.80 -38.44 33.48
N SER O 173 -10.08 -38.51 33.09
CA SER O 173 -10.96 -39.64 33.31
C SER O 173 -10.33 -40.91 32.74
N GLU O 174 -10.71 -42.05 33.31
CA GLU O 174 -10.32 -43.39 32.89
C GLU O 174 -10.78 -43.67 31.45
N ASN O 175 -11.79 -42.96 30.95
CA ASN O 175 -12.30 -43.22 29.61
C ASN O 175 -11.84 -42.16 28.62
N ALA O 176 -10.97 -41.25 29.07
CA ALA O 176 -10.16 -40.41 28.20
C ALA O 176 -10.89 -39.15 27.71
N VAL O 177 -12.17 -39.01 28.01
CA VAL O 177 -12.91 -37.96 27.33
C VAL O 177 -13.37 -36.86 28.30
N SER O 178 -12.79 -36.82 29.50
CA SER O 178 -12.96 -35.67 30.37
C SER O 178 -11.78 -35.48 31.31
N GLY O 179 -11.71 -34.31 31.91
CA GLY O 179 -10.56 -33.85 32.68
C GLY O 179 -10.88 -32.57 33.46
N HIS O 180 -9.98 -32.19 34.35
CA HIS O 180 -10.11 -30.92 35.03
C HIS O 180 -8.75 -30.51 35.54
N ILE O 181 -8.67 -29.27 35.99
CA ILE O 181 -7.62 -28.72 36.81
C ILE O 181 -8.29 -28.09 38.04
N GLN O 182 -7.57 -28.03 39.14
CA GLN O 182 -8.13 -27.42 40.33
C GLN O 182 -7.01 -26.70 41.06
N LEU O 183 -7.26 -25.48 41.54
CA LEU O 183 -6.24 -24.75 42.27
C LEU O 183 -6.51 -24.89 43.77
N ILE O 184 -5.50 -25.38 44.50
CA ILE O 184 -5.62 -25.58 45.94
C ILE O 184 -4.70 -24.63 46.69
N ILE O 185 -5.31 -23.66 47.34
CA ILE O 185 -4.60 -22.82 48.28
C ILE O 185 -5.09 -23.25 49.66
N PRO O 186 -4.33 -24.12 50.36
CA PRO O 186 -4.80 -24.72 51.61
C PRO O 186 -5.24 -23.63 52.59
N GLY O 187 -6.48 -23.77 53.11
CA GLY O 187 -7.05 -22.82 54.04
C GLY O 187 -7.97 -21.79 53.39
N GLU O 188 -7.69 -21.44 52.13
CA GLU O 188 -8.43 -20.44 51.39
C GLU O 188 -9.37 -21.13 50.40
N SER O 189 -8.88 -22.14 49.68
CA SER O 189 -9.76 -22.93 48.84
C SER O 189 -9.86 -24.36 49.35
N ALA O 190 -10.82 -25.10 48.82
CA ALA O 190 -10.98 -26.52 49.07
C ALA O 190 -9.70 -27.29 48.75
N CYS O 191 -9.29 -28.18 49.67
CA CYS O 191 -8.20 -29.11 49.45
C CYS O 191 -8.75 -30.36 48.77
N PHE O 192 -7.90 -31.36 48.54
CA PHE O 192 -8.33 -32.52 47.79
C PHE O 192 -9.24 -33.40 48.66
N ALA O 193 -9.09 -33.33 49.99
CA ALA O 193 -9.92 -34.11 50.89
C ALA O 193 -11.21 -33.38 51.26
N CYS O 194 -11.36 -32.15 50.80
CA CYS O 194 -12.55 -31.40 51.13
C CYS O 194 -13.84 -32.04 50.60
N ALA O 195 -13.82 -32.69 49.44
CA ALA O 195 -15.07 -33.18 48.86
C ALA O 195 -14.80 -34.41 47.98
N PRO O 196 -15.64 -35.46 48.04
CA PRO O 196 -15.45 -36.64 47.18
C PRO O 196 -15.61 -36.28 45.70
N PRO O 197 -14.96 -37.03 44.78
CA PRO O 197 -14.92 -36.71 43.35
C PRO O 197 -16.07 -35.85 42.79
N GLY O 213 -4.64 -56.13 34.84
CA GLY O 213 -5.46 -56.79 33.82
C GLY O 213 -5.78 -55.87 32.64
N VAL O 214 -6.50 -54.77 32.93
CA VAL O 214 -6.94 -53.81 31.91
C VAL O 214 -6.31 -52.44 32.17
N CYS O 215 -6.45 -51.53 31.21
CA CYS O 215 -5.88 -50.20 31.35
C CYS O 215 -6.96 -49.15 31.16
N ALA O 216 -6.75 -47.98 31.77
CA ALA O 216 -7.47 -46.77 31.44
C ALA O 216 -7.21 -46.36 29.99
N ALA O 217 -8.24 -45.90 29.29
CA ALA O 217 -8.03 -45.30 27.98
C ALA O 217 -7.37 -43.93 28.13
N SER O 218 -6.61 -43.53 27.11
CA SER O 218 -6.02 -42.19 27.05
C SER O 218 -5.93 -41.69 25.62
N LEU O 219 -6.00 -40.36 25.43
CA LEU O 219 -5.94 -39.71 24.14
C LEU O 219 -4.96 -38.54 24.19
N PRO O 220 -4.19 -38.27 23.11
CA PRO O 220 -3.21 -37.20 23.08
C PRO O 220 -3.88 -35.82 23.05
N THR O 221 -5.10 -35.80 22.50
CA THR O 221 -5.95 -34.63 22.44
C THR O 221 -6.32 -34.15 23.84
N THR O 222 -6.93 -35.02 24.66
CA THR O 222 -7.43 -34.63 25.96
C THR O 222 -6.28 -34.23 26.89
N MET O 223 -5.17 -34.97 26.78
CA MET O 223 -4.00 -34.68 27.59
C MET O 223 -3.39 -33.34 27.19
N GLY O 224 -3.48 -33.00 25.90
CA GLY O 224 -2.99 -31.74 25.38
C GLY O 224 -3.81 -30.56 25.89
N VAL O 225 -5.13 -30.75 25.96
CA VAL O 225 -6.05 -29.73 26.43
C VAL O 225 -5.80 -29.54 27.93
N VAL O 226 -5.80 -30.63 28.70
CA VAL O 226 -5.69 -30.54 30.14
C VAL O 226 -4.37 -29.87 30.53
N ALA O 227 -3.24 -30.33 29.95
CA ALA O 227 -1.95 -29.70 30.17
C ALA O 227 -1.97 -28.22 29.77
N GLY O 228 -2.57 -27.94 28.62
CA GLY O 228 -2.68 -26.58 28.13
C GLY O 228 -3.35 -25.67 29.14
N ILE O 229 -4.51 -26.11 29.69
CA ILE O 229 -5.27 -25.24 30.58
C ILE O 229 -4.56 -25.15 31.94
N LEU O 230 -3.93 -26.26 32.34
CA LEU O 230 -3.18 -26.29 33.59
C LEU O 230 -2.05 -25.26 33.53
N VAL O 231 -1.30 -25.27 32.43
CA VAL O 231 -0.13 -24.40 32.42
C VAL O 231 -0.59 -22.96 32.25
N GLN O 232 -1.69 -22.78 31.51
CA GLN O 232 -2.25 -21.46 31.32
C GLN O 232 -2.60 -20.86 32.68
N ASN O 233 -3.25 -21.67 33.52
CA ASN O 233 -3.60 -21.29 34.88
C ASN O 233 -2.35 -20.94 35.70
N VAL O 234 -1.25 -21.66 35.47
CA VAL O 234 0.00 -21.44 36.19
C VAL O 234 0.56 -20.07 35.79
N LEU O 235 0.55 -19.78 34.47
CA LEU O 235 1.14 -18.55 33.97
C LEU O 235 0.36 -17.37 34.55
N LYS O 236 -0.97 -17.47 34.49
CA LYS O 236 -1.88 -16.45 34.97
C LYS O 236 -1.68 -16.24 36.47
N PHE O 237 -1.50 -17.34 37.21
CA PHE O 237 -1.26 -17.31 38.65
C PHE O 237 0.07 -16.64 38.99
N LEU O 238 1.16 -17.04 38.31
CA LEU O 238 2.49 -16.58 38.71
C LEU O 238 2.77 -15.18 38.22
N LEU O 239 2.37 -14.85 36.98
CA LEU O 239 2.66 -13.54 36.40
C LEU O 239 1.55 -12.50 36.60
N ASN O 240 0.44 -12.87 37.30
CA ASN O 240 -0.68 -12.02 37.68
CA ASN O 240 -0.68 -12.02 37.69
C ASN O 240 -1.35 -11.33 36.48
N PHE O 241 -1.92 -12.13 35.56
CA PHE O 241 -2.66 -11.59 34.43
C PHE O 241 -3.84 -12.51 34.17
N GLY O 242 -4.89 -11.99 33.50
CA GLY O 242 -6.13 -12.72 33.26
C GLY O 242 -6.83 -13.11 34.56
N THR O 243 -7.69 -14.12 34.50
CA THR O 243 -8.41 -14.60 35.67
C THR O 243 -7.94 -16.02 35.99
N VAL O 244 -7.58 -16.26 37.27
CA VAL O 244 -7.19 -17.60 37.65
C VAL O 244 -8.48 -18.36 37.93
N SER O 245 -8.58 -19.59 37.39
CA SER O 245 -9.67 -20.51 37.69
C SER O 245 -9.34 -21.39 38.89
N PHE O 246 -10.22 -21.45 39.89
CA PHE O 246 -10.06 -22.39 40.99
C PHE O 246 -10.46 -23.82 40.59
N TYR O 247 -11.29 -23.94 39.55
CA TYR O 247 -11.69 -25.23 39.03
C TYR O 247 -12.09 -25.03 37.58
N LEU O 248 -11.56 -25.86 36.70
CA LEU O 248 -11.97 -25.80 35.31
C LEU O 248 -12.02 -27.23 34.79
N GLY O 249 -13.19 -27.58 34.27
CA GLY O 249 -13.45 -28.92 33.78
C GLY O 249 -13.42 -28.92 32.27
N TYR O 250 -13.45 -30.14 31.72
CA TYR O 250 -13.37 -30.36 30.30
C TYR O 250 -14.04 -31.68 29.98
N ASN O 251 -15.14 -31.58 29.23
CA ASN O 251 -15.89 -32.68 28.68
C ASN O 251 -15.69 -32.64 27.17
N ALA O 252 -14.95 -33.63 26.64
CA ALA O 252 -14.59 -33.70 25.23
C ALA O 252 -15.78 -34.10 24.36
N MET O 253 -16.74 -34.82 24.94
CA MET O 253 -17.90 -35.35 24.23
C MET O 253 -18.77 -34.20 23.75
N GLN O 254 -19.01 -33.23 24.64
CA GLN O 254 -20.00 -32.17 24.45
C GLN O 254 -19.30 -30.84 24.14
N ASP O 255 -18.02 -30.74 24.48
CA ASP O 255 -17.30 -29.49 24.36
C ASP O 255 -17.79 -28.53 25.46
N PHE O 256 -17.84 -29.04 26.70
CA PHE O 256 -18.34 -28.34 27.87
C PHE O 256 -17.19 -28.10 28.86
N PHE O 257 -17.01 -26.84 29.29
CA PHE O 257 -15.87 -26.43 30.11
C PHE O 257 -16.33 -25.71 31.37
N PRO O 258 -16.89 -26.41 32.38
CA PRO O 258 -17.43 -25.73 33.56
C PRO O 258 -16.34 -25.18 34.48
N THR O 259 -16.59 -24.00 35.05
CA THR O 259 -15.77 -23.46 36.14
C THR O 259 -16.59 -23.35 37.41
N MET O 260 -15.91 -23.36 38.57
CA MET O 260 -16.57 -23.06 39.84
C MET O 260 -15.63 -22.65 40.94
N SER O 261 -16.29 -22.18 41.99
CA SER O 261 -15.76 -21.72 43.26
C SER O 261 -15.49 -22.97 44.09
N MET O 262 -14.37 -22.98 44.79
CA MET O 262 -14.08 -24.14 45.60
C MET O 262 -13.87 -23.70 47.05
N LYS O 263 -14.92 -23.79 47.85
CA LYS O 263 -14.85 -23.30 49.20
C LYS O 263 -14.38 -24.42 50.13
N PRO O 264 -13.47 -24.13 51.08
CA PRO O 264 -13.07 -25.13 52.06
C PRO O 264 -14.28 -25.69 52.81
N ASN O 265 -14.20 -26.99 53.07
CA ASN O 265 -15.13 -27.73 53.89
C ASN O 265 -14.66 -27.67 55.34
N PRO O 266 -15.39 -26.98 56.26
CA PRO O 266 -14.93 -26.80 57.64
C PRO O 266 -14.84 -28.11 58.44
N GLN O 267 -15.57 -29.12 57.97
CA GLN O 267 -15.59 -30.44 58.57
C GLN O 267 -14.77 -31.44 57.74
N CYS O 268 -13.68 -30.96 57.11
CA CYS O 268 -12.80 -31.75 56.24
C CYS O 268 -12.08 -32.83 57.06
N ASP O 269 -11.97 -34.04 56.48
CA ASP O 269 -11.31 -35.19 57.09
C ASP O 269 -9.88 -34.79 57.50
N ASP O 270 -9.19 -34.11 56.59
CA ASP O 270 -7.83 -33.69 56.77
C ASP O 270 -7.77 -32.57 57.81
N ARG O 271 -7.31 -32.90 59.02
CA ARG O 271 -7.28 -31.94 60.10
C ARG O 271 -6.21 -30.87 59.87
N ASN O 272 -5.28 -31.11 58.94
CA ASN O 272 -4.30 -30.11 58.57
C ASN O 272 -4.98 -28.97 57.81
N CYS O 273 -5.93 -29.36 56.96
CA CYS O 273 -6.78 -28.48 56.18
C CYS O 273 -7.58 -27.57 57.10
N ARG O 274 -8.21 -28.14 58.13
CA ARG O 274 -8.99 -27.34 59.08
C ARG O 274 -8.08 -26.40 59.87
N LYS O 275 -6.87 -26.84 60.23
CA LYS O 275 -5.94 -25.92 60.86
C LYS O 275 -5.64 -24.77 59.92
N GLN O 276 -5.39 -25.08 58.63
CA GLN O 276 -5.07 -24.05 57.65
C GLN O 276 -6.23 -23.06 57.52
N GLN O 277 -7.47 -23.59 57.58
CA GLN O 277 -8.70 -22.81 57.50
C GLN O 277 -8.78 -21.77 58.60
N GLU O 278 -8.50 -22.19 59.84
CA GLU O 278 -8.52 -21.33 61.02
C GLU O 278 -7.48 -20.23 60.88
N GLU O 279 -6.28 -20.60 60.41
CA GLU O 279 -5.18 -19.66 60.20
C GLU O 279 -5.61 -18.61 59.19
N TYR O 280 -6.30 -19.05 58.13
CA TYR O 280 -6.69 -18.15 57.07
C TYR O 280 -7.72 -17.17 57.60
N LYS O 281 -8.67 -17.67 58.40
CA LYS O 281 -9.77 -16.86 58.88
C LYS O 281 -9.25 -15.84 59.89
N LYS O 282 -8.19 -16.20 60.63
CA LYS O 282 -7.52 -15.31 61.57
C LYS O 282 -6.84 -14.14 60.85
N LYS O 283 -6.09 -14.45 59.78
CA LYS O 283 -5.40 -13.46 58.98
C LYS O 283 -6.39 -12.43 58.44
N VAL O 284 -7.60 -12.89 58.09
CA VAL O 284 -8.64 -12.06 57.47
C VAL O 284 -9.15 -11.06 58.51
N ALA O 285 -9.36 -11.51 59.75
CA ALA O 285 -9.87 -10.66 60.83
C ALA O 285 -8.81 -9.67 61.30
N ALA O 286 -7.53 -9.94 61.01
CA ALA O 286 -6.43 -9.04 61.33
C ALA O 286 -6.07 -8.19 60.10
N GLY P 1 12.90 -48.71 20.38
CA GLY P 1 12.03 -48.12 19.32
C GLY P 1 10.75 -48.93 19.09
N ARG P 2 9.98 -48.49 18.07
CA ARG P 2 8.65 -49.02 17.86
C ARG P 2 8.54 -49.84 16.56
N VAL P 3 7.89 -51.02 16.68
CA VAL P 3 7.67 -51.96 15.60
C VAL P 3 6.44 -51.57 14.79
N ARG P 4 6.51 -51.79 13.47
CA ARG P 4 5.34 -51.71 12.61
C ARG P 4 4.25 -52.65 13.15
N ILE P 5 2.98 -52.23 13.06
CA ILE P 5 1.88 -53.11 13.43
C ILE P 5 0.90 -53.17 12.26
N GLU P 6 0.45 -54.38 11.92
CA GLU P 6 -0.47 -54.62 10.82
C GLU P 6 -1.92 -54.48 11.31
N LYS P 7 -2.26 -55.21 12.38
CA LYS P 7 -3.59 -55.10 12.98
C LYS P 7 -3.47 -54.52 14.39
N MET P 8 -4.05 -53.33 14.59
CA MET P 8 -4.15 -52.72 15.91
C MET P 8 -4.75 -53.72 16.89
N SER P 9 -4.21 -53.77 18.11
CA SER P 9 -4.63 -54.80 19.03
C SER P 9 -5.14 -54.18 20.32
N SER P 10 -6.13 -54.82 20.95
CA SER P 10 -6.67 -54.37 22.23
C SER P 10 -5.94 -55.00 23.41
N GLU P 11 -4.89 -55.79 23.12
CA GLU P 11 -4.08 -56.45 24.13
C GLU P 11 -3.39 -55.42 25.03
N VAL P 12 -3.60 -55.55 26.35
CA VAL P 12 -3.05 -54.62 27.32
C VAL P 12 -1.64 -55.04 27.76
N VAL P 13 -0.62 -54.70 26.96
CA VAL P 13 0.75 -54.95 27.36
C VAL P 13 1.56 -53.67 27.14
N ASP P 14 2.63 -53.55 27.92
CA ASP P 14 3.54 -52.42 27.91
C ASP P 14 4.15 -52.19 26.52
N SER P 15 4.09 -53.21 25.66
CA SER P 15 4.71 -53.19 24.35
C SER P 15 3.73 -52.79 23.23
N ASN P 16 2.44 -52.60 23.56
CA ASN P 16 1.40 -52.23 22.63
C ASN P 16 1.15 -50.72 22.66
N PRO P 17 1.63 -49.94 21.67
CA PRO P 17 1.41 -48.50 21.66
C PRO P 17 -0.02 -48.08 21.35
N TYR P 18 -0.91 -49.06 21.07
CA TYR P 18 -2.32 -48.80 20.77
C TYR P 18 -3.28 -49.28 21.86
N SER P 19 -2.76 -49.88 22.93
CA SER P 19 -3.61 -50.47 23.95
C SER P 19 -4.56 -49.45 24.61
N ARG P 20 -4.04 -48.27 24.98
CA ARG P 20 -4.86 -47.25 25.65
C ARG P 20 -5.77 -46.51 24.67
N LEU P 21 -5.54 -46.69 23.35
CA LEU P 21 -6.46 -46.18 22.34
C LEU P 21 -7.58 -47.20 22.10
N MET P 22 -7.23 -48.48 21.95
CA MET P 22 -8.27 -49.47 21.73
C MET P 22 -9.03 -49.74 23.02
N ALA P 23 -8.53 -49.20 24.14
CA ALA P 23 -9.24 -49.25 25.41
C ALA P 23 -10.58 -48.53 25.25
N LEU P 24 -10.66 -47.68 24.23
CA LEU P 24 -11.87 -46.91 23.98
C LEU P 24 -12.99 -47.83 23.49
N LYS P 25 -12.63 -48.97 22.88
CA LYS P 25 -13.63 -49.93 22.46
C LYS P 25 -14.29 -50.60 23.65
N ARG P 26 -13.48 -51.16 24.57
CA ARG P 26 -14.01 -51.84 25.75
C ARG P 26 -14.84 -50.85 26.56
N MET P 27 -14.47 -49.57 26.49
CA MET P 27 -15.05 -48.61 27.39
C MET P 27 -16.29 -47.97 26.78
N GLY P 28 -16.64 -48.43 25.57
CA GLY P 28 -17.84 -48.03 24.86
C GLY P 28 -17.88 -46.53 24.53
N ILE P 29 -16.71 -45.93 24.33
CA ILE P 29 -16.63 -44.56 23.87
C ILE P 29 -16.52 -44.55 22.34
N VAL P 30 -15.61 -45.36 21.80
CA VAL P 30 -15.48 -45.45 20.36
C VAL P 30 -15.72 -46.89 19.94
N SER P 31 -16.77 -47.09 19.14
CA SER P 31 -17.19 -48.42 18.75
C SER P 31 -16.08 -49.15 18.03
N ASP P 32 -15.61 -48.58 16.91
CA ASP P 32 -14.59 -49.23 16.10
C ASP P 32 -13.42 -48.27 15.86
N TYR P 33 -12.51 -48.23 16.85
CA TYR P 33 -11.41 -47.27 16.85
C TYR P 33 -10.48 -47.47 15.65
N GLU P 34 -10.21 -48.74 15.28
CA GLU P 34 -9.19 -49.04 14.30
C GLU P 34 -9.48 -48.38 12.96
N LYS P 35 -10.70 -47.88 12.78
CA LYS P 35 -11.09 -47.24 11.53
C LYS P 35 -10.17 -46.04 11.24
N ILE P 36 -9.52 -45.52 12.28
CA ILE P 36 -8.67 -44.33 12.20
C ILE P 36 -7.56 -44.55 11.17
N ARG P 37 -7.20 -45.83 10.96
CA ARG P 37 -6.13 -46.20 10.06
C ARG P 37 -6.58 -46.07 8.60
N THR P 38 -7.88 -45.87 8.38
CA THR P 38 -8.42 -45.88 7.04
C THR P 38 -8.54 -44.47 6.47
N PHE P 39 -8.23 -43.45 7.29
CA PHE P 39 -8.43 -42.05 6.89
C PHE P 39 -7.11 -41.38 6.53
N ALA P 40 -7.17 -40.42 5.60
CA ALA P 40 -6.04 -39.54 5.25
C ALA P 40 -6.43 -38.09 5.49
N VAL P 41 -5.50 -37.32 6.06
CA VAL P 41 -5.81 -35.96 6.48
C VAL P 41 -4.69 -35.02 6.05
N ALA P 42 -5.06 -33.91 5.41
CA ALA P 42 -4.10 -32.91 4.98
C ALA P 42 -4.02 -31.78 6.01
N ILE P 43 -2.79 -31.37 6.34
CA ILE P 43 -2.57 -30.26 7.25
C ILE P 43 -1.81 -29.18 6.50
N VAL P 44 -2.37 -27.98 6.54
CA VAL P 44 -1.75 -26.84 5.91
C VAL P 44 -1.37 -25.88 7.02
N GLY P 45 -0.06 -25.67 7.14
CA GLY P 45 0.59 -24.93 8.22
C GLY P 45 1.06 -25.88 9.33
N VAL P 46 2.35 -26.25 9.32
CA VAL P 46 2.85 -27.13 10.34
C VAL P 46 3.67 -26.33 11.34
N GLY P 47 3.12 -25.19 11.75
CA GLY P 47 3.68 -24.37 12.82
C GLY P 47 3.12 -24.76 14.18
N GLY P 48 2.79 -23.74 14.98
CA GLY P 48 2.27 -23.87 16.33
C GLY P 48 1.15 -24.90 16.47
N VAL P 49 0.06 -24.69 15.74
CA VAL P 49 -1.09 -25.57 15.83
C VAL P 49 -0.86 -26.81 14.96
N GLY P 50 -0.35 -26.61 13.74
CA GLY P 50 -0.20 -27.69 12.77
C GLY P 50 0.73 -28.83 13.23
N SER P 51 1.82 -28.49 13.92
CA SER P 51 2.77 -29.51 14.31
C SER P 51 2.17 -30.35 15.43
N VAL P 52 1.57 -29.68 16.41
CA VAL P 52 0.98 -30.42 17.51
C VAL P 52 -0.21 -31.24 17.00
N THR P 53 -0.90 -30.70 15.98
CA THR P 53 -2.00 -31.39 15.30
C THR P 53 -1.50 -32.66 14.62
N ALA P 54 -0.41 -32.54 13.86
CA ALA P 54 0.24 -33.67 13.20
C ALA P 54 0.67 -34.75 14.21
N GLU P 55 1.30 -34.32 15.31
CA GLU P 55 1.78 -35.24 16.33
C GLU P 55 0.59 -36.06 16.84
N MET P 56 -0.49 -35.35 17.20
CA MET P 56 -1.61 -35.94 17.89
C MET P 56 -2.26 -37.01 17.03
N LEU P 57 -2.48 -36.69 15.74
CA LEU P 57 -3.09 -37.58 14.76
C LEU P 57 -2.18 -38.79 14.48
N THR P 58 -0.86 -38.54 14.39
CA THR P 58 0.15 -39.57 14.22
C THR P 58 0.13 -40.57 15.39
N ARG P 59 0.13 -40.06 16.62
CA ARG P 59 0.06 -40.93 17.79
C ARG P 59 -1.24 -41.71 17.83
N CYS P 60 -2.27 -41.20 17.14
CA CYS P 60 -3.59 -41.78 17.18
C CYS P 60 -3.66 -42.92 16.17
N GLY P 61 -2.79 -42.85 15.19
CA GLY P 61 -2.69 -43.95 14.25
C GLY P 61 -3.48 -43.64 13.00
N ILE P 62 -3.58 -42.35 12.66
CA ILE P 62 -4.11 -41.91 11.39
C ILE P 62 -3.39 -42.66 10.26
N GLY P 63 -4.14 -42.99 9.20
CA GLY P 63 -3.64 -43.79 8.11
C GLY P 63 -2.60 -43.07 7.26
N LYS P 64 -2.83 -41.78 6.98
CA LYS P 64 -1.92 -40.97 6.19
C LYS P 64 -2.08 -39.49 6.54
N LEU P 65 -0.97 -38.76 6.47
CA LEU P 65 -0.95 -37.31 6.65
C LEU P 65 -0.31 -36.68 5.44
N LEU P 66 -0.83 -35.50 5.05
CA LEU P 66 -0.26 -34.67 4.00
C LEU P 66 0.11 -33.32 4.62
N LEU P 67 1.39 -32.98 4.54
CA LEU P 67 1.86 -31.79 5.23
C LEU P 67 2.25 -30.74 4.20
N PHE P 68 1.75 -29.52 4.38
CA PHE P 68 2.03 -28.38 3.52
C PHE P 68 2.56 -27.22 4.36
N ASP P 69 3.74 -26.72 4.02
CA ASP P 69 4.28 -25.52 4.64
C ASP P 69 5.49 -25.06 3.83
N TYR P 70 5.71 -23.74 3.83
CA TYR P 70 6.78 -23.20 3.03
C TYR P 70 7.98 -22.84 3.92
N ASP P 71 7.77 -22.72 5.23
CA ASP P 71 8.73 -22.07 6.13
C ASP P 71 9.76 -23.08 6.64
N LYS P 72 10.90 -22.56 7.11
CA LYS P 72 11.89 -23.38 7.80
C LYS P 72 11.78 -23.18 9.32
N VAL P 73 12.23 -24.17 10.11
CA VAL P 73 12.18 -24.14 11.56
C VAL P 73 13.22 -23.14 12.07
N GLU P 74 12.82 -22.31 13.03
CA GLU P 74 13.72 -21.30 13.57
C GLU P 74 13.74 -21.33 15.11
N LEU P 75 14.73 -20.69 15.75
CA LEU P 75 14.80 -20.68 17.20
C LEU P 75 13.65 -19.86 17.80
N ALA P 76 13.10 -18.94 16.99
CA ALA P 76 11.99 -18.10 17.43
C ALA P 76 10.72 -18.91 17.64
N ASN P 77 10.69 -20.10 17.02
CA ASN P 77 9.61 -21.06 17.09
C ASN P 77 9.73 -21.95 18.34
N MET P 78 10.78 -21.77 19.15
CA MET P 78 11.04 -22.73 20.21
C MET P 78 10.16 -22.48 21.43
N ASN P 79 9.36 -21.41 21.37
CA ASN P 79 8.41 -21.08 22.41
C ASN P 79 7.17 -21.95 22.28
N ARG P 80 6.96 -22.54 21.09
CA ARG P 80 5.87 -23.46 20.85
C ARG P 80 6.36 -24.91 20.86
N LEU P 81 5.41 -25.84 21.00
CA LEU P 81 5.75 -27.24 21.14
C LEU P 81 6.29 -27.84 19.83
N PHE P 82 6.70 -29.12 19.94
CA PHE P 82 7.05 -30.06 18.89
C PHE P 82 8.49 -29.92 18.39
N PHE P 83 8.81 -28.85 17.65
CA PHE P 83 10.16 -28.70 17.09
C PHE P 83 11.20 -28.45 18.18
N GLN P 84 12.41 -28.94 17.92
CA GLN P 84 13.50 -28.87 18.89
C GLN P 84 14.61 -28.04 18.27
N PRO P 85 15.47 -27.40 19.08
CA PRO P 85 16.47 -26.46 18.57
C PRO P 85 17.39 -27.07 17.53
N HIS P 86 17.64 -28.38 17.61
CA HIS P 86 18.57 -28.95 16.67
C HIS P 86 17.94 -29.06 15.29
N GLN P 87 16.65 -28.76 15.19
CA GLN P 87 15.96 -28.87 13.91
C GLN P 87 16.01 -27.55 13.18
N ALA P 88 16.64 -26.53 13.80
CA ALA P 88 16.65 -25.18 13.23
C ALA P 88 17.42 -25.14 11.92
N GLY P 89 16.79 -24.53 10.91
CA GLY P 89 17.33 -24.43 9.57
C GLY P 89 16.68 -25.44 8.62
N LEU P 90 16.10 -26.52 9.16
CA LEU P 90 15.38 -27.50 8.36
C LEU P 90 14.02 -26.93 7.99
N SER P 91 13.42 -27.43 6.90
CA SER P 91 12.03 -27.16 6.62
C SER P 91 11.16 -27.84 7.66
N LYS P 92 10.02 -27.21 7.95
CA LYS P 92 9.11 -27.68 8.98
C LYS P 92 8.59 -29.06 8.57
N VAL P 93 8.33 -29.20 7.26
CA VAL P 93 7.73 -30.40 6.75
C VAL P 93 8.70 -31.56 6.87
N GLN P 94 10.00 -31.35 6.60
CA GLN P 94 10.89 -32.50 6.68
C GLN P 94 11.28 -32.80 8.13
N ALA P 95 11.30 -31.76 8.96
CA ALA P 95 11.61 -31.97 10.37
C ALA P 95 10.46 -32.71 11.01
N ALA P 96 9.25 -32.27 10.66
CA ALA P 96 8.04 -32.91 11.17
C ALA P 96 8.02 -34.35 10.70
N GLU P 97 8.22 -34.55 9.39
CA GLU P 97 8.11 -35.89 8.83
C GLU P 97 9.05 -36.84 9.55
N HIS P 98 10.31 -36.41 9.75
CA HIS P 98 11.30 -37.23 10.43
C HIS P 98 10.87 -37.60 11.85
N THR P 99 10.48 -36.59 12.64
CA THR P 99 10.03 -36.85 13.98
C THR P 99 8.82 -37.77 13.97
N LEU P 100 7.87 -37.52 13.08
CA LEU P 100 6.59 -38.23 13.16
C LEU P 100 6.74 -39.69 12.74
N ARG P 101 7.57 -39.94 11.71
CA ARG P 101 7.92 -41.27 11.24
C ARG P 101 8.52 -42.06 12.40
N ASN P 102 9.32 -41.36 13.20
CA ASN P 102 9.89 -41.92 14.41
C ASN P 102 8.79 -42.31 15.39
N ILE P 103 7.79 -41.43 15.60
CA ILE P 103 6.77 -41.61 16.62
C ILE P 103 5.91 -42.80 16.24
N ASN P 104 5.49 -42.84 14.99
CA ASN P 104 4.64 -43.92 14.53
C ASN P 104 5.09 -44.35 13.13
N PRO P 105 5.83 -45.48 13.01
CA PRO P 105 6.28 -45.97 11.71
C PRO P 105 5.15 -46.49 10.82
N ASP P 106 3.92 -46.53 11.36
CA ASP P 106 2.76 -47.08 10.72
C ASP P 106 2.13 -46.04 9.78
N VAL P 107 2.36 -44.76 10.05
CA VAL P 107 1.63 -43.66 9.44
C VAL P 107 2.31 -43.33 8.12
N LEU P 108 1.53 -43.20 7.04
CA LEU P 108 2.06 -42.78 5.75
C LEU P 108 2.13 -41.27 5.73
N PHE P 109 3.15 -40.73 5.06
CA PHE P 109 3.34 -39.29 4.97
C PHE P 109 3.58 -38.87 3.54
N GLU P 110 3.39 -37.58 3.33
CA GLU P 110 3.56 -36.95 2.06
C GLU P 110 3.72 -35.48 2.40
N VAL P 111 4.91 -34.94 2.14
CA VAL P 111 5.16 -33.58 2.58
C VAL P 111 5.47 -32.71 1.37
N HIS P 112 4.98 -31.47 1.43
CA HIS P 112 5.13 -30.50 0.36
C HIS P 112 5.67 -29.20 0.96
N ASN P 113 6.86 -28.81 0.50
CA ASN P 113 7.55 -27.63 0.98
C ASN P 113 7.29 -26.45 0.05
N TYR P 114 6.06 -25.93 0.04
CA TYR P 114 5.74 -24.78 -0.80
C TYR P 114 4.60 -23.92 -0.26
N ASN P 115 4.49 -22.72 -0.82
CA ASN P 115 3.42 -21.77 -0.54
C ASN P 115 2.19 -22.17 -1.36
N ILE P 116 1.03 -22.33 -0.72
CA ILE P 116 -0.14 -22.87 -1.42
C ILE P 116 -0.85 -21.78 -2.24
N THR P 117 -0.43 -20.52 -2.11
CA THR P 117 -1.16 -19.40 -2.70
C THR P 117 -0.57 -18.91 -4.03
N THR P 118 0.59 -19.44 -4.46
CA THR P 118 1.06 -19.16 -5.81
C THR P 118 0.25 -20.03 -6.78
N VAL P 119 0.07 -19.53 -8.02
CA VAL P 119 -0.94 -20.04 -8.94
C VAL P 119 -0.61 -21.49 -9.33
N GLU P 120 0.67 -21.78 -9.56
CA GLU P 120 1.05 -23.11 -10.02
C GLU P 120 1.01 -24.10 -8.86
N ASN P 121 1.32 -23.63 -7.64
CA ASN P 121 1.35 -24.49 -6.46
C ASN P 121 -0.07 -24.83 -6.02
N PHE P 122 -1.01 -23.90 -6.25
CA PHE P 122 -2.42 -24.06 -5.91
C PHE P 122 -3.02 -25.25 -6.65
N GLN P 123 -2.67 -25.36 -7.93
CA GLN P 123 -3.14 -26.44 -8.80
C GLN P 123 -2.70 -27.77 -8.17
N HIS P 124 -1.45 -27.80 -7.70
CA HIS P 124 -0.86 -29.03 -7.17
C HIS P 124 -1.54 -29.37 -5.86
N PHE P 125 -1.70 -28.36 -5.01
CA PHE P 125 -2.39 -28.49 -3.74
C PHE P 125 -3.74 -29.17 -3.95
N MET P 126 -4.48 -28.66 -4.94
CA MET P 126 -5.81 -29.16 -5.29
C MET P 126 -5.73 -30.60 -5.80
N ASP P 127 -4.66 -30.91 -6.56
CA ASP P 127 -4.45 -32.25 -7.09
C ASP P 127 -4.37 -33.24 -5.94
N ARG P 128 -3.69 -32.82 -4.87
CA ARG P 128 -3.31 -33.70 -3.78
C ARG P 128 -4.50 -33.93 -2.84
N ILE P 129 -5.36 -32.92 -2.70
CA ILE P 129 -6.60 -33.05 -1.96
C ILE P 129 -7.54 -34.04 -2.66
N SER P 130 -7.59 -34.01 -4.00
CA SER P 130 -8.49 -34.82 -4.81
C SER P 130 -8.00 -36.26 -4.91
N ASN P 131 -6.68 -36.46 -4.94
CA ASN P 131 -6.13 -37.76 -5.30
C ASN P 131 -5.16 -38.29 -4.24
N GLY P 132 -4.85 -37.47 -3.24
CA GLY P 132 -3.79 -37.80 -2.30
C GLY P 132 -4.31 -38.51 -1.05
N GLY P 133 -5.50 -39.11 -1.17
CA GLY P 133 -6.10 -39.85 -0.07
C GLY P 133 -5.30 -41.12 0.21
N LEU P 134 -5.76 -41.92 1.18
CA LEU P 134 -5.01 -43.09 1.59
C LEU P 134 -4.85 -44.02 0.39
N GLU P 135 -5.96 -44.22 -0.35
CA GLU P 135 -5.92 -44.88 -1.63
C GLU P 135 -5.70 -43.82 -2.71
N GLU P 136 -4.66 -44.01 -3.54
CA GLU P 136 -4.30 -43.09 -4.61
C GLU P 136 -5.48 -42.93 -5.58
N GLY P 137 -5.83 -41.67 -5.88
CA GLY P 137 -6.91 -41.36 -6.80
C GLY P 137 -8.20 -40.97 -6.07
N LYS P 138 -8.35 -41.44 -4.83
CA LYS P 138 -9.46 -41.07 -3.97
C LYS P 138 -9.10 -39.78 -3.23
N PRO P 139 -10.05 -39.00 -2.67
CA PRO P 139 -9.71 -37.74 -2.02
C PRO P 139 -9.37 -37.90 -0.53
N VAL P 140 -8.69 -36.90 0.04
CA VAL P 140 -8.42 -36.85 1.47
C VAL P 140 -9.74 -36.71 2.21
N ASP P 141 -9.80 -37.27 3.41
CA ASP P 141 -11.04 -37.32 4.17
C ASP P 141 -11.29 -35.98 4.86
N LEU P 142 -10.20 -35.26 5.16
CA LEU P 142 -10.27 -33.99 5.88
C LEU P 142 -9.08 -33.13 5.52
N VAL P 143 -9.31 -31.82 5.51
CA VAL P 143 -8.25 -30.84 5.37
C VAL P 143 -8.25 -29.98 6.62
N LEU P 144 -7.05 -29.78 7.20
CA LEU P 144 -6.92 -28.99 8.41
C LEU P 144 -6.11 -27.74 8.10
N SER P 145 -6.75 -26.59 8.32
CA SER P 145 -6.10 -25.32 8.08
C SER P 145 -5.50 -24.82 9.37
N CYS P 146 -4.17 -24.75 9.41
CA CYS P 146 -3.47 -24.31 10.59
C CYS P 146 -2.45 -23.24 10.20
N VAL P 147 -2.84 -22.38 9.24
CA VAL P 147 -2.05 -21.26 8.81
C VAL P 147 -2.37 -20.03 9.66
N ASP P 148 -1.72 -18.90 9.38
CA ASP P 148 -1.78 -17.76 10.28
C ASP P 148 -2.24 -16.51 9.52
N ASN P 149 -2.75 -16.67 8.30
CA ASN P 149 -3.04 -15.51 7.48
C ASN P 149 -4.34 -15.72 6.69
N PHE P 150 -5.05 -14.61 6.44
CA PHE P 150 -6.33 -14.60 5.75
C PHE P 150 -6.15 -15.22 4.35
N GLU P 151 -5.13 -14.75 3.61
CA GLU P 151 -4.90 -15.14 2.22
C GLU P 151 -4.90 -16.66 2.08
N ALA P 152 -4.17 -17.37 2.95
CA ALA P 152 -3.99 -18.80 2.81
C ALA P 152 -5.29 -19.52 3.17
N ARG P 153 -5.99 -18.98 4.19
CA ARG P 153 -7.28 -19.47 4.65
C ARG P 153 -8.31 -19.39 3.51
N MET P 154 -8.32 -18.25 2.81
CA MET P 154 -9.22 -18.01 1.69
C MET P 154 -8.90 -18.96 0.54
N THR P 155 -7.61 -19.25 0.36
CA THR P 155 -7.15 -20.17 -0.67
C THR P 155 -7.72 -21.56 -0.42
N ILE P 156 -7.65 -22.01 0.84
CA ILE P 156 -8.15 -23.32 1.20
C ILE P 156 -9.65 -23.35 0.94
N ASN P 157 -10.32 -22.24 1.26
CA ASN P 157 -11.76 -22.12 1.16
C ASN P 157 -12.21 -22.34 -0.29
N THR P 158 -11.51 -21.65 -1.20
CA THR P 158 -11.80 -21.67 -2.62
C THR P 158 -11.68 -23.10 -3.16
N ALA P 159 -10.63 -23.78 -2.71
CA ALA P 159 -10.32 -25.12 -3.20
C ALA P 159 -11.38 -26.11 -2.72
N CYS P 160 -11.96 -25.84 -1.54
CA CYS P 160 -12.78 -26.85 -0.90
C CYS P 160 -14.22 -26.73 -1.39
N ASN P 161 -14.60 -25.51 -1.75
CA ASN P 161 -15.91 -25.28 -2.32
C ASN P 161 -15.98 -25.90 -3.72
N GLU P 162 -14.88 -25.76 -4.47
CA GLU P 162 -14.78 -26.27 -5.82
C GLU P 162 -14.84 -27.80 -5.80
N LEU P 163 -14.28 -28.41 -4.75
CA LEU P 163 -14.12 -29.86 -4.73
C LEU P 163 -15.16 -30.53 -3.85
N GLY P 164 -15.87 -29.74 -3.02
CA GLY P 164 -16.81 -30.28 -2.05
C GLY P 164 -16.10 -31.09 -0.97
N GLN P 165 -15.15 -30.43 -0.32
CA GLN P 165 -14.20 -31.07 0.58
C GLN P 165 -14.41 -30.51 1.99
N THR P 166 -14.83 -31.39 2.90
CA THR P 166 -15.03 -31.00 4.29
C THR P 166 -13.67 -30.59 4.87
N TRP P 167 -13.64 -29.49 5.63
CA TRP P 167 -12.41 -29.09 6.28
C TRP P 167 -12.66 -28.40 7.61
N MET P 168 -11.59 -28.31 8.43
CA MET P 168 -11.62 -27.56 9.68
C MET P 168 -10.55 -26.48 9.64
N GLU P 169 -10.95 -25.31 10.15
CA GLU P 169 -10.09 -24.15 10.18
C GLU P 169 -9.80 -23.85 11.64
N SER P 170 -8.53 -23.54 11.94
CA SER P 170 -8.12 -23.26 13.30
C SER P 170 -7.23 -22.03 13.30
N GLY P 171 -7.36 -21.21 14.33
CA GLY P 171 -6.54 -20.04 14.44
C GLY P 171 -6.21 -19.68 15.89
N VAL P 172 -5.18 -18.84 16.03
CA VAL P 172 -4.82 -18.30 17.32
C VAL P 172 -4.57 -16.82 17.13
N SER P 173 -5.04 -16.03 18.09
CA SER P 173 -4.88 -14.60 18.04
C SER P 173 -3.40 -14.22 18.12
N GLU P 174 -3.08 -13.02 17.59
CA GLU P 174 -1.75 -12.45 17.56
C GLU P 174 -1.31 -12.01 18.95
N ASN P 175 -2.26 -11.94 19.91
CA ASN P 175 -1.88 -11.62 21.28
C ASN P 175 -1.85 -12.86 22.16
N ALA P 176 -1.94 -14.03 21.52
CA ALA P 176 -1.56 -15.31 22.13
C ALA P 176 -2.66 -15.86 23.02
N VAL P 177 -3.61 -15.02 23.45
CA VAL P 177 -4.49 -15.43 24.54
C VAL P 177 -5.88 -15.89 24.06
N SER P 178 -6.04 -16.15 22.77
CA SER P 178 -7.31 -16.69 22.29
C SER P 178 -7.12 -17.47 20.99
N GLY P 179 -8.09 -18.37 20.72
CA GLY P 179 -8.15 -19.11 19.46
C GLY P 179 -9.49 -19.79 19.26
N HIS P 180 -9.61 -20.54 18.15
CA HIS P 180 -10.87 -21.22 17.84
C HIS P 180 -10.63 -22.37 16.86
N ILE P 181 -11.67 -23.18 16.68
CA ILE P 181 -11.74 -24.15 15.61
C ILE P 181 -13.11 -24.02 14.95
N GLN P 182 -13.18 -24.39 13.67
CA GLN P 182 -14.40 -24.22 12.89
C GLN P 182 -14.47 -25.33 11.84
N LEU P 183 -15.63 -25.98 11.75
CA LEU P 183 -15.79 -27.09 10.82
C LEU P 183 -16.58 -26.63 9.61
N ILE P 184 -16.00 -26.79 8.43
CA ILE P 184 -16.64 -26.34 7.21
C ILE P 184 -16.97 -27.53 6.31
N ILE P 185 -18.27 -27.86 6.23
CA ILE P 185 -18.79 -28.78 5.22
C ILE P 185 -19.45 -27.93 4.13
N PRO P 186 -18.82 -27.73 2.95
CA PRO P 186 -19.35 -26.80 1.95
C PRO P 186 -20.78 -27.14 1.58
N GLY P 187 -21.67 -26.15 1.72
CA GLY P 187 -23.08 -26.38 1.41
C GLY P 187 -23.93 -26.63 2.65
N GLU P 188 -23.35 -27.28 3.67
CA GLU P 188 -24.11 -27.65 4.85
C GLU P 188 -23.88 -26.67 5.99
N SER P 189 -22.62 -26.23 6.14
CA SER P 189 -22.26 -25.25 7.15
C SER P 189 -21.65 -24.04 6.44
N ALA P 190 -21.60 -22.91 7.16
CA ALA P 190 -20.98 -21.70 6.61
C ALA P 190 -19.55 -21.99 6.18
N CYS P 191 -19.19 -21.45 5.01
CA CYS P 191 -17.83 -21.49 4.52
C CYS P 191 -17.06 -20.30 5.11
N PHE P 192 -15.77 -20.20 4.76
CA PHE P 192 -14.93 -19.16 5.29
C PHE P 192 -15.42 -17.81 4.78
N ALA P 193 -15.91 -17.79 3.53
CA ALA P 193 -16.25 -16.58 2.82
C ALA P 193 -17.63 -16.05 3.25
N CYS P 194 -18.53 -16.95 3.66
CA CYS P 194 -19.93 -16.70 3.99
C CYS P 194 -20.17 -15.43 4.83
N ALA P 195 -19.40 -15.25 5.91
CA ALA P 195 -19.52 -14.13 6.82
C ALA P 195 -18.13 -13.59 7.14
N PRO P 196 -17.95 -12.35 7.63
CA PRO P 196 -16.64 -11.91 8.14
C PRO P 196 -16.18 -12.84 9.27
N PRO P 197 -14.85 -13.06 9.46
CA PRO P 197 -14.37 -14.01 10.47
C PRO P 197 -14.86 -13.64 11.87
N LEU P 198 -15.28 -14.65 12.64
CA LEU P 198 -15.78 -14.47 14.00
C LEU P 198 -14.66 -14.22 15.01
N VAL P 199 -14.97 -13.43 16.06
CA VAL P 199 -14.02 -13.20 17.14
C VAL P 199 -14.58 -13.81 18.42
N VAL P 200 -13.67 -14.09 19.37
CA VAL P 200 -14.06 -14.66 20.66
C VAL P 200 -13.40 -13.86 21.76
N ALA P 201 -12.49 -12.97 21.37
CA ALA P 201 -11.95 -12.03 22.34
C ALA P 201 -11.37 -10.86 21.60
N ALA P 202 -11.00 -9.83 22.36
CA ALA P 202 -10.27 -8.71 21.83
C ALA P 202 -8.90 -9.20 21.38
N ASN P 203 -8.61 -9.00 20.10
CA ASN P 203 -7.36 -9.36 19.48
C ASN P 203 -6.56 -8.08 19.25
N ILE P 204 -5.26 -8.23 18.94
CA ILE P 204 -4.42 -7.14 18.53
C ILE P 204 -4.63 -6.91 17.02
N ASP P 205 -4.54 -5.65 16.60
CA ASP P 205 -4.54 -5.27 15.20
C ASP P 205 -3.32 -5.83 14.47
N GLU P 206 -3.51 -6.87 13.64
CA GLU P 206 -2.41 -7.53 12.94
C GLU P 206 -1.82 -6.65 11.83
N LYS P 207 -2.39 -5.45 11.63
CA LYS P 207 -1.84 -4.52 10.65
C LYS P 207 -0.71 -3.72 11.27
N THR P 208 -0.87 -3.31 12.54
CA THR P 208 0.16 -2.56 13.23
C THR P 208 1.42 -3.42 13.33
N LEU P 209 1.22 -4.74 13.29
CA LEU P 209 2.32 -5.68 13.41
C LEU P 209 3.09 -5.72 12.10
N LYS P 210 2.39 -5.93 10.98
CA LYS P 210 3.04 -5.94 9.67
C LYS P 210 3.81 -4.64 9.46
N ARG P 211 3.20 -3.50 9.82
CA ARG P 211 3.74 -2.19 9.47
C ARG P 211 4.93 -1.81 10.37
N GLU P 212 4.99 -2.36 11.59
CA GLU P 212 6.07 -2.01 12.50
C GLU P 212 7.25 -2.96 12.42
N GLY P 213 7.11 -4.06 11.65
CA GLY P 213 8.13 -5.09 11.57
C GLY P 213 8.44 -5.76 12.93
N VAL P 214 7.40 -6.01 13.75
CA VAL P 214 7.48 -6.79 14.97
C VAL P 214 6.72 -8.11 14.75
N CYS P 215 6.72 -9.00 15.76
CA CYS P 215 6.07 -10.31 15.61
C CYS P 215 4.83 -10.46 16.50
N ALA P 216 3.97 -11.44 16.17
CA ALA P 216 2.84 -11.82 17.04
C ALA P 216 3.35 -12.54 18.27
N ALA P 217 2.63 -12.39 19.40
CA ALA P 217 2.93 -13.17 20.59
C ALA P 217 2.41 -14.59 20.39
N SER P 218 3.08 -15.58 20.98
CA SER P 218 2.53 -16.92 21.01
C SER P 218 2.93 -17.65 22.29
N LEU P 219 2.11 -18.60 22.69
CA LEU P 219 2.28 -19.36 23.92
C LEU P 219 2.11 -20.84 23.58
N PRO P 220 2.88 -21.75 24.21
CA PRO P 220 2.76 -23.17 23.94
C PRO P 220 1.42 -23.72 24.48
N THR P 221 0.86 -23.00 25.47
CA THR P 221 -0.39 -23.33 26.14
C THR P 221 -1.59 -23.24 25.20
N THR P 222 -1.75 -22.08 24.59
CA THR P 222 -2.90 -21.83 23.74
C THR P 222 -2.80 -22.73 22.51
N MET P 223 -1.60 -22.87 21.96
CA MET P 223 -1.50 -23.70 20.78
C MET P 223 -1.75 -25.14 21.17
N GLY P 224 -1.39 -25.50 22.40
CA GLY P 224 -1.69 -26.82 22.92
C GLY P 224 -3.20 -27.06 23.00
N VAL P 225 -3.92 -26.12 23.63
CA VAL P 225 -5.37 -26.21 23.78
C VAL P 225 -6.05 -26.29 22.41
N VAL P 226 -5.65 -25.41 21.48
CA VAL P 226 -6.33 -25.30 20.21
C VAL P 226 -6.16 -26.59 19.42
N ALA P 227 -4.90 -27.03 19.22
CA ALA P 227 -4.64 -28.21 18.43
C ALA P 227 -5.33 -29.41 19.09
N GLY P 228 -5.44 -29.35 20.41
CA GLY P 228 -6.11 -30.38 21.18
C GLY P 228 -7.58 -30.50 20.83
N ILE P 229 -8.31 -29.37 20.90
CA ILE P 229 -9.74 -29.39 20.62
C ILE P 229 -9.98 -29.64 19.13
N LEU P 230 -9.05 -29.17 18.28
CA LEU P 230 -9.05 -29.39 16.83
C LEU P 230 -9.02 -30.88 16.51
N VAL P 231 -8.01 -31.58 16.99
CA VAL P 231 -7.89 -33.00 16.68
C VAL P 231 -9.01 -33.76 17.39
N GLN P 232 -9.46 -33.24 18.54
CA GLN P 232 -10.54 -33.92 19.24
C GLN P 232 -11.76 -33.92 18.35
N ASN P 233 -11.96 -32.79 17.66
CA ASN P 233 -13.08 -32.62 16.75
C ASN P 233 -12.92 -33.57 15.57
N VAL P 234 -11.70 -33.64 15.02
CA VAL P 234 -11.35 -34.53 13.92
C VAL P 234 -11.70 -35.98 14.27
N LEU P 235 -11.33 -36.40 15.49
CA LEU P 235 -11.57 -37.74 15.97
C LEU P 235 -13.07 -38.03 16.04
N LYS P 236 -13.83 -37.08 16.60
CA LYS P 236 -15.27 -37.27 16.78
C LYS P 236 -15.94 -37.35 15.41
N PHE P 237 -15.44 -36.56 14.46
CA PHE P 237 -15.97 -36.49 13.12
C PHE P 237 -15.68 -37.77 12.34
N LEU P 238 -14.42 -38.22 12.30
CA LEU P 238 -14.07 -39.36 11.48
C LEU P 238 -14.62 -40.65 12.10
N LEU P 239 -14.65 -40.73 13.43
CA LEU P 239 -14.93 -41.98 14.12
C LEU P 239 -16.34 -42.03 14.69
N ASN P 240 -17.12 -40.95 14.53
CA ASN P 240 -18.54 -40.89 14.85
C ASN P 240 -18.83 -41.25 16.31
N PHE P 241 -18.32 -40.44 17.24
CA PHE P 241 -18.72 -40.51 18.65
C PHE P 241 -18.83 -39.06 19.10
N GLY P 242 -19.50 -38.83 20.23
CA GLY P 242 -19.65 -37.50 20.81
C GLY P 242 -20.36 -36.51 19.88
N THR P 243 -20.20 -35.23 20.20
CA THR P 243 -20.84 -34.14 19.47
C THR P 243 -19.77 -33.36 18.72
N VAL P 244 -19.90 -33.32 17.39
CA VAL P 244 -19.05 -32.47 16.58
C VAL P 244 -19.51 -31.02 16.76
N SER P 245 -18.55 -30.10 16.94
CA SER P 245 -18.77 -28.67 17.01
C SER P 245 -18.54 -28.07 15.64
N PHE P 246 -19.36 -27.09 15.25
CA PHE P 246 -19.16 -26.39 13.98
C PHE P 246 -18.25 -25.20 14.24
N TYR P 247 -18.25 -24.76 15.50
CA TYR P 247 -17.39 -23.69 15.94
C TYR P 247 -17.20 -23.80 17.45
N LEU P 248 -15.92 -23.72 17.87
CA LEU P 248 -15.56 -23.70 19.28
C LEU P 248 -14.43 -22.69 19.48
N GLY P 249 -14.67 -21.71 20.34
CA GLY P 249 -13.65 -20.72 20.61
C GLY P 249 -13.03 -20.93 21.99
N TYR P 250 -11.92 -20.22 22.25
CA TYR P 250 -11.21 -20.34 23.51
C TYR P 250 -10.62 -18.97 23.84
N ASN P 251 -11.05 -18.42 24.98
CA ASN P 251 -10.52 -17.19 25.53
C ASN P 251 -9.76 -17.56 26.79
N ALA P 252 -8.44 -17.43 26.72
CA ALA P 252 -7.56 -17.89 27.78
C ALA P 252 -7.62 -16.96 28.99
N MET P 253 -7.87 -15.67 28.76
CA MET P 253 -7.86 -14.73 29.86
C MET P 253 -8.96 -15.05 30.88
N GLN P 254 -10.14 -15.46 30.39
CA GLN P 254 -11.35 -15.59 31.21
C GLN P 254 -11.87 -17.03 31.24
N ASP P 255 -11.22 -17.93 30.49
CA ASP P 255 -11.56 -19.34 30.49
C ASP P 255 -12.95 -19.56 29.93
N PHE P 256 -13.22 -18.93 28.78
CA PHE P 256 -14.51 -19.05 28.12
C PHE P 256 -14.31 -19.86 26.85
N PHE P 257 -15.30 -20.69 26.53
CA PHE P 257 -15.24 -21.55 25.38
C PHE P 257 -16.56 -21.45 24.61
N PRO P 258 -16.85 -20.33 23.94
CA PRO P 258 -18.15 -20.15 23.29
C PRO P 258 -18.29 -21.07 22.08
N THR P 259 -19.50 -21.64 21.96
CA THR P 259 -19.86 -22.60 20.94
C THR P 259 -21.02 -22.03 20.12
N MET P 260 -20.75 -21.62 18.88
CA MET P 260 -21.75 -21.07 17.97
C MET P 260 -22.02 -22.02 16.82
N SER P 261 -23.10 -21.75 16.06
CA SER P 261 -23.42 -22.55 14.89
C SER P 261 -23.16 -21.73 13.63
N MET P 262 -22.93 -22.43 12.52
CA MET P 262 -22.53 -21.81 11.28
C MET P 262 -23.50 -22.24 10.18
N LYS P 263 -24.66 -21.57 10.10
CA LYS P 263 -25.56 -21.80 8.98
C LYS P 263 -24.99 -21.05 7.78
N PRO P 264 -25.03 -21.63 6.55
CA PRO P 264 -24.51 -20.93 5.38
C PRO P 264 -25.29 -19.66 5.07
N ASN P 265 -24.56 -18.63 4.64
CA ASN P 265 -25.15 -17.43 4.06
C ASN P 265 -25.50 -17.72 2.60
N PRO P 266 -26.79 -17.61 2.20
CA PRO P 266 -27.19 -17.93 0.82
C PRO P 266 -26.58 -17.01 -0.24
N GLN P 267 -26.16 -15.79 0.18
CA GLN P 267 -25.57 -14.78 -0.69
C GLN P 267 -24.07 -14.64 -0.45
N CYS P 268 -23.39 -15.78 -0.38
CA CYS P 268 -21.94 -15.79 -0.23
C CYS P 268 -21.29 -15.37 -1.55
N ASP P 269 -20.17 -14.64 -1.44
CA ASP P 269 -19.43 -14.12 -2.58
C ASP P 269 -18.77 -15.27 -3.34
N ASP P 270 -18.53 -16.40 -2.66
CA ASP P 270 -17.97 -17.57 -3.28
C ASP P 270 -19.09 -18.30 -4.03
N ARG P 271 -18.99 -18.29 -5.37
CA ARG P 271 -19.99 -18.83 -6.28
C ARG P 271 -20.21 -20.31 -5.98
N ASN P 272 -19.13 -21.00 -5.64
CA ASN P 272 -19.15 -22.46 -5.48
C ASN P 272 -19.75 -22.84 -4.13
N CYS P 273 -19.70 -21.92 -3.19
CA CYS P 273 -20.38 -22.14 -1.92
C CYS P 273 -21.87 -22.19 -2.20
N ARG P 274 -22.35 -21.18 -2.95
CA ARG P 274 -23.73 -21.08 -3.39
C ARG P 274 -24.15 -22.35 -4.12
N LYS P 275 -23.35 -22.78 -5.11
CA LYS P 275 -23.60 -24.01 -5.85
C LYS P 275 -23.66 -25.22 -4.91
N GLN P 276 -22.81 -25.23 -3.88
CA GLN P 276 -22.78 -26.37 -2.97
C GLN P 276 -24.01 -26.35 -2.06
N GLN P 277 -24.51 -25.15 -1.75
CA GLN P 277 -25.70 -24.96 -0.93
C GLN P 277 -26.90 -25.57 -1.65
N GLU P 278 -26.96 -25.32 -2.96
CA GLU P 278 -28.08 -25.70 -3.81
C GLU P 278 -28.03 -27.21 -4.09
N GLU P 279 -26.83 -27.75 -4.31
CA GLU P 279 -26.65 -29.18 -4.52
C GLU P 279 -27.00 -29.93 -3.23
N TYR P 280 -26.76 -29.28 -2.09
CA TYR P 280 -27.03 -29.85 -0.77
C TYR P 280 -28.54 -29.91 -0.51
N LYS P 281 -29.26 -28.84 -0.88
CA LYS P 281 -30.70 -28.78 -0.64
C LYS P 281 -31.44 -29.82 -1.49
N LYS P 282 -30.91 -30.10 -2.70
CA LYS P 282 -31.50 -31.10 -3.57
C LYS P 282 -31.39 -32.48 -2.92
N LYS P 283 -30.22 -32.79 -2.33
CA LYS P 283 -29.96 -34.06 -1.67
C LYS P 283 -30.81 -34.21 -0.40
N VAL P 284 -31.17 -33.10 0.25
CA VAL P 284 -32.02 -33.13 1.43
C VAL P 284 -33.46 -33.47 1.02
N ALA P 285 -33.92 -32.90 -0.11
CA ALA P 285 -35.25 -33.17 -0.65
C ALA P 285 -35.35 -34.61 -1.17
N ALA P 286 -34.21 -35.20 -1.54
CA ALA P 286 -34.14 -36.57 -2.03
C ALA P 286 -33.91 -37.54 -0.87
#